data_9D57
#
_entry.id   9D57
#
_cell.length_a   76.501
_cell.length_b   109.924
_cell.length_c   214.309
_cell.angle_alpha   90
_cell.angle_beta   100.255
_cell.angle_gamma   90
#
_symmetry.space_group_name_H-M   'P 1 21 1'
#
loop_
_entity.id
_entity.type
_entity.pdbx_description
1 polymer 'ABC transporter substrate-binding protein, Circular permuted superfolder GFP fusion'
2 non-polymer 'GAMMA-AMINO-BUTANOIC ACID'
3 water water
#
_entity_poly.entity_id   1
_entity_poly.type   'polypeptide(L)'
_entity_poly.pdbx_seq_one_letter_code
;MHHHHHHESINFVSWGGSTQDAQKQAWADPFSKASGITVVQDGPTDYGKLKAMVESGNVQWDVVDVEADFALRAAAEGLL
EPLDFSVIQRDKIDPRFVSDHGVGAFLYSYVLGYNEGKLGASKPQDWTALFDTKTYPGKRALYKWPSPGVLELALLADGV
PADKLYPLDLDRAFKKLDTIKKDIVWWGGGAQSQQLLASGEVSMGQFWNGRIHALQEDGAPVGVSWKQNLVMADILVVPK
GTKNKAAAMKFLASASSAKGQDDFSALTAYAPVNIDSVQRLDLAQVRITADKQKNGIMANFKIRHNVEDGSVQSADHYQQ
NTPIGDGPVLLPDNHYLSTQSVLSKDPNEKRDHMVLLEFVTAAGITLGMDELYKGGTGGSMSKGEELFTGVVPILVELDG
DVNGHKFSVRGEGEGDATNGKLTLKFICTTGKLPVPWPTLVTTL(CRO)VQCFSRYPDHMKQHDFFKSAMPEGYVQERTI
SFKDDGTYKTRAEVKFEGDTLVNRIELKGIDFKEDGNILGHKLEYNWNANLAPNLPTAYVKDQITLDFAYWAKNGPAIAT
RWNEWLVK
;
_entity_poly.pdbx_strand_id   A,B,D,F,C,E
#
# COMPACT_ATOMS: atom_id res chain seq x y z
N HIS A 7 -9.53 55.80 -4.22
CA HIS A 7 -9.32 54.35 -4.08
C HIS A 7 -7.82 54.06 -4.05
N GLU A 8 -7.42 53.27 -3.04
CA GLU A 8 -6.03 52.89 -2.85
C GLU A 8 -5.85 51.39 -3.03
N SER A 9 -4.66 51.03 -3.53
CA SER A 9 -4.33 49.65 -3.83
C SER A 9 -2.86 49.40 -3.52
N ILE A 10 -2.57 48.23 -2.93
CA ILE A 10 -1.19 47.79 -2.70
C ILE A 10 -0.93 46.50 -3.44
N ASN A 11 0.32 46.32 -3.88
CA ASN A 11 0.81 45.09 -4.47
C ASN A 11 1.60 44.32 -3.41
N PHE A 12 1.14 43.11 -3.06
CA PHE A 12 1.76 42.23 -2.06
C PHE A 12 2.49 41.07 -2.75
N VAL A 13 3.77 40.89 -2.41
CA VAL A 13 4.62 39.96 -3.15
C VAL A 13 5.13 38.89 -2.19
N SER A 14 4.90 37.62 -2.56
CA SER A 14 5.32 36.54 -1.69
C SER A 14 5.80 35.36 -2.52
N TRP A 15 5.73 34.16 -1.93
CA TRP A 15 6.42 33.01 -2.51
C TRP A 15 5.46 32.14 -3.34
N GLY A 16 4.24 32.60 -3.56
CA GLY A 16 3.30 31.89 -4.40
C GLY A 16 2.71 30.65 -3.72
N GLY A 17 1.83 29.96 -4.45
CA GLY A 17 1.28 28.68 -4.06
C GLY A 17 0.47 28.75 -2.77
N SER A 18 0.47 27.63 -2.04
CA SER A 18 -0.33 27.47 -0.84
C SER A 18 0.03 28.51 0.22
N THR A 19 1.30 28.93 0.28
CA THR A 19 1.67 29.88 1.33
C THR A 19 1.04 31.24 1.02
N GLN A 20 1.06 31.63 -0.27
CA GLN A 20 0.59 32.95 -0.61
C GLN A 20 -0.93 32.99 -0.57
N ASP A 21 -1.55 31.88 -0.95
CA ASP A 21 -3.00 31.71 -0.82
C ASP A 21 -3.39 31.93 0.65
N ALA A 22 -2.68 31.28 1.58
CA ALA A 22 -2.92 31.49 3.00
C ALA A 22 -2.71 32.96 3.40
N GLN A 23 -1.70 33.62 2.83
CA GLN A 23 -1.49 35.02 3.20
C GLN A 23 -2.61 35.90 2.68
N LYS A 24 -3.11 35.58 1.47
CA LYS A 24 -4.26 36.30 0.93
C LYS A 24 -5.47 36.11 1.86
N GLN A 25 -5.71 34.86 2.25
CA GLN A 25 -6.90 34.52 3.01
C GLN A 25 -6.81 35.10 4.42
N ALA A 26 -5.63 35.03 5.07
CA ALA A 26 -5.54 35.41 6.46
C ALA A 26 -5.19 36.90 6.63
N TRP A 27 -4.52 37.52 5.65
CA TRP A 27 -4.07 38.90 5.78
C TRP A 27 -4.83 39.84 4.85
N ALA A 28 -4.86 39.55 3.55
CA ALA A 28 -5.33 40.52 2.55
C ALA A 28 -6.83 40.72 2.68
N ASP A 29 -7.58 39.62 2.72
CA ASP A 29 -9.03 39.66 2.70
C ASP A 29 -9.56 40.43 3.92
N PRO A 30 -9.20 40.05 5.17
CA PRO A 30 -9.63 40.81 6.34
C PRO A 30 -9.26 42.30 6.29
N PHE A 31 -8.04 42.56 5.77
CA PHE A 31 -7.56 43.93 5.72
C PHE A 31 -8.36 44.77 4.72
N SER A 32 -8.71 44.17 3.56
CA SER A 32 -9.51 44.86 2.55
C SER A 32 -10.90 45.15 3.09
N LYS A 33 -11.53 44.11 3.67
CA LYS A 33 -12.84 44.26 4.28
C LYS A 33 -12.84 45.48 5.21
N ALA A 34 -11.85 45.54 6.11
CA ALA A 34 -11.78 46.61 7.12
C ALA A 34 -11.44 47.98 6.53
N SER A 35 -10.58 48.05 5.51
CA SER A 35 -9.95 49.32 5.18
C SER A 35 -10.39 49.85 3.82
N GLY A 36 -10.96 48.97 2.98
CA GLY A 36 -11.35 49.37 1.63
C GLY A 36 -10.18 49.48 0.66
N ILE A 37 -8.98 49.09 1.11
CA ILE A 37 -7.77 49.11 0.28
C ILE A 37 -7.64 47.76 -0.43
N THR A 38 -7.50 47.81 -1.76
CA THR A 38 -7.33 46.62 -2.57
C THR A 38 -5.93 46.05 -2.36
N VAL A 39 -5.83 44.72 -2.33
CA VAL A 39 -4.52 44.09 -2.29
C VAL A 39 -4.42 43.19 -3.51
N VAL A 40 -3.46 43.46 -4.38
CA VAL A 40 -3.25 42.63 -5.56
C VAL A 40 -2.09 41.68 -5.27
N GLN A 41 -2.26 40.40 -5.59
CA GLN A 41 -1.25 39.39 -5.29
C GLN A 41 -0.27 39.29 -6.43
N ASP A 42 1.03 39.42 -6.13
CA ASP A 42 2.04 39.34 -7.17
C ASP A 42 3.22 38.50 -6.66
N GLY A 43 4.27 38.37 -7.48
CA GLY A 43 5.45 37.63 -7.10
C GLY A 43 5.90 36.71 -8.23
N PRO A 44 6.85 35.78 -7.99
CA PRO A 44 7.35 35.51 -6.63
C PRO A 44 8.43 36.48 -6.18
N THR A 45 8.67 36.53 -4.86
CA THR A 45 9.78 37.26 -4.31
C THR A 45 11.04 36.89 -5.08
N ASP A 46 11.75 37.95 -5.48
CA ASP A 46 12.98 37.86 -6.22
C ASP A 46 13.80 39.05 -5.79
N TYR A 47 14.93 38.79 -5.16
CA TYR A 47 15.74 39.85 -4.56
C TYR A 47 16.34 40.75 -5.62
N GLY A 48 16.75 40.17 -6.76
CA GLY A 48 17.24 40.92 -7.89
C GLY A 48 16.20 41.94 -8.36
N LYS A 49 14.96 41.47 -8.62
CA LYS A 49 13.92 42.33 -9.15
C LYS A 49 13.64 43.48 -8.16
N LEU A 50 13.75 43.20 -6.85
CA LEU A 50 13.49 44.18 -5.81
C LEU A 50 14.55 45.29 -5.86
N LYS A 51 15.83 44.89 -5.88
CA LYS A 51 16.94 45.83 -5.95
C LYS A 51 16.78 46.69 -7.21
N ALA A 52 16.51 46.04 -8.34
CA ALA A 52 16.43 46.72 -9.62
C ALA A 52 15.34 47.80 -9.61
N MET A 53 14.13 47.48 -9.17
CA MET A 53 13.05 48.46 -9.24
C MET A 53 13.30 49.62 -8.26
N VAL A 54 14.03 49.34 -7.18
CA VAL A 54 14.32 50.37 -6.19
C VAL A 54 15.32 51.34 -6.80
N GLU A 55 16.36 50.77 -7.45
CA GLU A 55 17.42 51.53 -8.08
C GLU A 55 16.89 52.37 -9.25
N SER A 56 15.93 51.83 -10.00
CA SER A 56 15.37 52.51 -11.16
C SER A 56 14.41 53.63 -10.76
N GLY A 57 13.95 53.61 -9.50
CA GLY A 57 12.98 54.59 -9.02
C GLY A 57 11.55 54.30 -9.50
N ASN A 58 11.32 53.17 -10.20
CA ASN A 58 9.98 52.78 -10.58
C ASN A 58 9.61 51.50 -9.82
N VAL A 59 9.08 51.68 -8.60
CA VAL A 59 8.76 50.57 -7.71
C VAL A 59 7.31 50.12 -7.97
N GLN A 60 7.15 48.83 -8.30
CA GLN A 60 5.85 48.23 -8.58
C GLN A 60 5.37 47.40 -7.38
N TRP A 61 6.28 47.12 -6.41
CA TRP A 61 6.03 46.25 -5.26
C TRP A 61 5.91 47.04 -3.96
N ASP A 62 4.81 46.85 -3.22
CA ASP A 62 4.54 47.68 -2.07
C ASP A 62 4.89 46.98 -0.76
N VAL A 63 4.53 45.70 -0.67
CA VAL A 63 4.83 44.90 0.51
C VAL A 63 5.42 43.59 0.01
N VAL A 64 6.58 43.21 0.55
CA VAL A 64 7.28 42.02 0.09
C VAL A 64 7.64 41.15 1.28
N ASP A 65 7.38 39.85 1.14
CA ASP A 65 7.80 38.81 2.06
C ASP A 65 9.20 38.32 1.69
N VAL A 66 10.17 38.47 2.59
CA VAL A 66 11.56 38.10 2.32
C VAL A 66 12.12 37.28 3.48
N GLU A 67 13.21 36.55 3.24
CA GLU A 67 13.93 35.86 4.32
C GLU A 67 14.71 36.88 5.18
N ALA A 68 14.88 36.56 6.46
CA ALA A 68 15.52 37.48 7.42
C ALA A 68 16.91 37.91 6.95
N ASP A 69 17.68 37.00 6.35
CA ASP A 69 19.03 37.36 5.92
C ASP A 69 18.95 38.51 4.91
N PHE A 70 18.02 38.41 3.97
CA PHE A 70 17.85 39.44 2.96
C PHE A 70 17.34 40.73 3.59
N ALA A 71 16.45 40.62 4.57
CA ALA A 71 15.91 41.82 5.20
C ALA A 71 17.04 42.66 5.82
N LEU A 72 18.01 41.99 6.45
CA LEU A 72 19.13 42.70 7.04
C LEU A 72 19.98 43.35 5.96
N ARG A 73 20.32 42.57 4.92
CA ARG A 73 21.20 43.04 3.85
C ARG A 73 20.56 44.24 3.16
N ALA A 74 19.26 44.11 2.82
CA ALA A 74 18.54 45.15 2.11
C ALA A 74 18.43 46.42 2.96
N ALA A 75 18.24 46.27 4.27
CA ALA A 75 18.22 47.45 5.13
C ALA A 75 19.59 48.14 5.08
N ALA A 76 20.67 47.35 5.12
CA ALA A 76 22.02 47.90 5.08
C ALA A 76 22.33 48.58 3.75
N GLU A 77 21.76 48.07 2.64
CA GLU A 77 22.03 48.57 1.31
C GLU A 77 21.09 49.75 0.98
N GLY A 78 20.25 50.18 1.92
CA GLY A 78 19.38 51.34 1.75
C GLY A 78 18.18 51.08 0.82
N LEU A 79 17.74 49.81 0.69
CA LEU A 79 16.71 49.42 -0.26
C LEU A 79 15.29 49.54 0.30
N LEU A 80 15.13 49.79 1.61
CA LEU A 80 13.82 49.63 2.24
C LEU A 80 13.35 50.93 2.91
N GLU A 81 12.03 51.12 2.96
CA GLU A 81 11.42 52.21 3.71
C GLU A 81 11.56 51.93 5.20
N PRO A 82 11.90 52.93 6.04
CA PRO A 82 11.83 52.74 7.50
C PRO A 82 10.35 52.59 7.83
N LEU A 83 10.03 51.68 8.77
CA LEU A 83 8.65 51.38 9.08
C LEU A 83 8.08 52.47 9.96
N ASP A 84 6.77 52.65 9.91
CA ASP A 84 6.09 53.67 10.71
C ASP A 84 5.46 53.02 11.94
N PHE A 85 6.13 53.23 13.08
CA PHE A 85 5.71 52.61 14.33
C PHE A 85 4.66 53.45 15.04
N SER A 86 4.13 54.50 14.37
CA SER A 86 2.91 55.12 14.87
C SER A 86 1.70 54.25 14.51
N VAL A 87 1.88 53.32 13.56
CA VAL A 87 0.77 52.55 13.00
C VAL A 87 0.99 51.08 13.33
N ILE A 88 2.24 50.60 13.19
CA ILE A 88 2.57 49.23 13.58
C ILE A 88 2.91 49.20 15.06
N GLN A 89 2.25 48.31 15.81
CA GLN A 89 2.50 48.15 17.23
C GLN A 89 3.80 47.36 17.45
N ARG A 90 4.91 48.08 17.56
CA ARG A 90 6.23 47.48 17.65
C ARG A 90 6.37 46.57 18.87
N ASP A 91 5.70 46.93 19.98
CA ASP A 91 5.89 46.29 21.26
C ASP A 91 5.28 44.89 21.25
N LYS A 92 4.44 44.58 20.26
CA LYS A 92 3.70 43.33 20.26
C LYS A 92 4.41 42.26 19.42
N ILE A 93 5.53 42.65 18.80
CA ILE A 93 6.20 41.75 17.89
C ILE A 93 7.35 41.07 18.62
N ASP A 94 7.52 39.77 18.36
CA ASP A 94 8.67 39.05 18.91
C ASP A 94 9.88 39.95 18.76
N PRO A 95 10.59 40.28 19.87
CA PRO A 95 11.72 41.21 19.80
C PRO A 95 12.82 40.78 18.81
N ARG A 96 12.90 39.48 18.53
CA ARG A 96 13.91 38.94 17.64
C ARG A 96 13.64 39.33 16.18
N PHE A 97 12.37 39.55 15.82
CA PHE A 97 12.02 39.68 14.42
C PHE A 97 11.34 41.03 14.11
N VAL A 98 11.84 42.12 14.71
CA VAL A 98 11.41 43.45 14.35
C VAL A 98 12.64 44.34 14.28
N SER A 99 12.61 45.32 13.37
CA SER A 99 13.72 46.26 13.23
C SER A 99 13.17 47.52 12.61
N ASP A 100 14.03 48.50 12.31
CA ASP A 100 13.57 49.75 11.74
C ASP A 100 12.99 49.54 10.34
N HIS A 101 13.39 48.44 9.67
CA HIS A 101 13.03 48.27 8.27
C HIS A 101 12.22 46.99 8.01
N GLY A 102 11.71 46.31 9.06
CA GLY A 102 11.05 45.04 8.84
C GLY A 102 10.21 44.59 10.03
N VAL A 103 9.12 43.87 9.74
CA VAL A 103 8.37 43.18 10.79
C VAL A 103 8.32 41.70 10.44
N GLY A 104 8.37 40.85 11.47
CA GLY A 104 8.25 39.41 11.29
C GLY A 104 6.97 39.03 10.56
N ALA A 105 7.12 38.12 9.60
CA ALA A 105 5.96 37.59 8.90
C ALA A 105 5.53 36.29 9.57
N PHE A 106 6.49 35.41 9.84
CA PHE A 106 6.23 34.12 10.45
C PHE A 106 7.55 33.37 10.66
N LEU A 107 7.49 32.33 11.50
CA LEU A 107 8.63 31.49 11.79
C LEU A 107 8.42 30.15 11.10
N TYR A 108 9.50 29.56 10.58
CA TYR A 108 9.36 28.25 9.98
C TYR A 108 10.65 27.45 10.14
N SER A 109 10.61 26.20 9.68
CA SER A 109 11.77 25.31 9.72
C SER A 109 11.93 24.64 8.37
N TYR A 110 13.18 24.42 7.98
CA TYR A 110 13.47 23.34 7.05
C TYR A 110 13.38 22.03 7.84
N VAL A 111 12.61 21.08 7.30
CA VAL A 111 12.40 19.77 7.89
C VAL A 111 12.68 18.73 6.81
N LEU A 112 12.88 17.48 7.25
CA LEU A 112 13.12 16.39 6.33
C LEU A 112 11.80 15.74 5.97
N GLY A 113 11.40 15.90 4.70
CA GLY A 113 10.18 15.29 4.18
C GLY A 113 10.52 14.04 3.38
N TYR A 114 9.60 13.06 3.44
CA TYR A 114 9.74 11.80 2.69
C TYR A 114 8.37 11.26 2.26
N ASN A 115 8.38 10.40 1.22
CA ASN A 115 7.18 9.68 0.80
C ASN A 115 6.86 8.45 1.67
N LYS A 123 10.49 6.03 7.50
CA LYS A 123 11.81 5.41 7.85
C LYS A 123 12.89 6.45 8.16
N PRO A 124 13.07 7.57 7.38
CA PRO A 124 14.22 8.46 7.58
C PRO A 124 14.14 9.37 8.80
N GLN A 125 15.28 9.60 9.47
CA GLN A 125 15.28 10.14 10.82
C GLN A 125 15.96 11.50 10.86
N ASP A 126 17.15 11.63 10.27
CA ASP A 126 17.80 12.94 10.30
C ASP A 126 18.49 13.19 8.98
N TRP A 127 19.19 14.31 8.87
CA TRP A 127 19.75 14.71 7.60
C TRP A 127 20.72 13.64 7.05
N THR A 128 21.30 12.78 7.91
CA THR A 128 22.24 11.78 7.43
C THR A 128 21.55 10.90 6.38
N ALA A 129 20.22 10.76 6.49
CA ALA A 129 19.43 9.93 5.57
C ALA A 129 19.54 10.42 4.14
N LEU A 130 19.71 11.74 3.91
CA LEU A 130 19.88 12.26 2.57
C LEU A 130 21.17 11.72 1.95
N PHE A 131 22.08 11.21 2.78
CA PHE A 131 23.40 10.85 2.28
C PHE A 131 23.55 9.34 2.17
N ASP A 132 22.54 8.57 2.54
CA ASP A 132 22.62 7.12 2.51
C ASP A 132 21.69 6.59 1.43
N THR A 133 22.17 6.56 0.18
CA THR A 133 21.35 6.10 -0.95
C THR A 133 21.15 4.57 -0.89
N LYS A 134 22.03 3.88 -0.17
CA LYS A 134 21.93 2.42 -0.02
C LYS A 134 20.71 2.06 0.83
N THR A 135 20.59 2.66 2.02
CA THR A 135 19.49 2.35 2.91
C THR A 135 18.18 2.95 2.39
N TYR A 136 18.24 4.20 1.90
CA TYR A 136 17.04 4.92 1.49
C TYR A 136 17.19 5.31 0.02
N PRO A 137 16.63 4.55 -0.94
CA PRO A 137 16.83 4.85 -2.37
C PRO A 137 16.05 6.06 -2.84
N GLY A 138 16.44 6.65 -3.98
CA GLY A 138 15.65 7.68 -4.62
C GLY A 138 16.40 9.01 -4.76
N LYS A 139 15.84 9.93 -5.55
CA LYS A 139 16.41 11.27 -5.70
C LYS A 139 16.15 12.07 -4.43
N ARG A 140 16.99 13.08 -4.16
CA ARG A 140 16.83 13.92 -2.97
C ARG A 140 16.56 15.38 -3.39
N ALA A 141 15.56 16.01 -2.77
CA ALA A 141 15.15 17.37 -3.10
C ALA A 141 15.86 18.38 -2.18
N LEU A 142 16.53 19.37 -2.79
CA LEU A 142 17.22 20.42 -2.03
C LEU A 142 16.99 21.77 -2.71
N TYR A 143 17.10 22.85 -1.92
CA TYR A 143 16.80 24.18 -2.43
C TYR A 143 17.91 24.67 -3.33
N LYS A 144 17.56 25.18 -4.52
CA LYS A 144 18.47 25.56 -5.59
C LYS A 144 19.20 26.88 -5.26
N TRP A 145 18.55 27.79 -4.55
CA TRP A 145 19.11 29.13 -4.32
C TRP A 145 20.06 29.18 -3.13
N PRO A 146 21.17 29.94 -3.26
CA PRO A 146 22.17 30.04 -2.20
C PRO A 146 21.52 30.80 -1.04
N SER A 147 21.42 30.13 0.11
CA SER A 147 20.47 30.58 1.10
C SER A 147 20.61 29.70 2.33
N PRO A 148 20.37 30.19 3.58
CA PRO A 148 20.57 29.34 4.75
C PRO A 148 19.82 28.04 4.55
N GLY A 149 20.44 26.90 4.89
CA GLY A 149 19.76 25.62 4.88
C GLY A 149 20.64 24.47 4.39
N VAL A 150 20.93 24.41 3.09
CA VAL A 150 21.58 23.26 2.48
C VAL A 150 22.97 23.06 3.05
N LEU A 151 23.80 24.11 3.01
CA LEU A 151 25.14 24.03 3.55
C LEU A 151 25.11 23.59 5.02
N GLU A 152 24.21 24.18 5.82
CA GLU A 152 24.15 23.83 7.24
C GLU A 152 23.79 22.35 7.41
N LEU A 153 22.79 21.84 6.65
CA LEU A 153 22.32 20.50 6.89
C LEU A 153 23.37 19.50 6.39
N ALA A 154 24.17 19.92 5.41
CA ALA A 154 25.27 19.10 4.93
C ALA A 154 26.30 18.93 6.04
N LEU A 155 26.64 20.04 6.71
CA LEU A 155 27.62 20.02 7.76
C LEU A 155 27.12 19.16 8.94
N LEU A 156 25.84 19.31 9.28
CA LEU A 156 25.24 18.50 10.34
C LEU A 156 25.33 17.02 10.01
N ALA A 157 25.04 16.66 8.75
CA ALA A 157 25.05 15.28 8.33
C ALA A 157 26.49 14.74 8.34
N ASP A 158 27.46 15.65 8.29
CA ASP A 158 28.86 15.26 8.25
C ASP A 158 29.45 15.24 9.66
N GLY A 159 28.61 15.42 10.67
CA GLY A 159 29.03 15.25 12.06
C GLY A 159 29.37 16.54 12.81
N VAL A 160 29.28 17.72 12.14
CA VAL A 160 29.49 18.99 12.82
C VAL A 160 28.38 19.19 13.84
N PRO A 161 28.70 19.46 15.13
CA PRO A 161 27.66 19.70 16.15
C PRO A 161 27.00 21.06 15.95
N ALA A 162 25.72 21.15 16.33
CA ALA A 162 24.87 22.34 16.18
C ALA A 162 25.60 23.63 16.53
N ASP A 163 26.26 23.65 17.69
CA ASP A 163 26.78 24.87 18.27
C ASP A 163 28.08 25.30 17.57
N LYS A 164 28.56 24.51 16.58
CA LYS A 164 29.83 24.81 15.95
C LYS A 164 29.69 24.97 14.43
N LEU A 165 28.48 25.31 13.95
CA LEU A 165 28.21 25.46 12.53
C LEU A 165 28.94 26.67 11.93
N TYR A 166 28.97 27.78 12.69
CA TYR A 166 29.35 29.06 12.14
C TYR A 166 30.74 29.48 12.63
N PRO A 167 31.59 30.05 11.75
CA PRO A 167 31.25 30.23 10.33
C PRO A 167 31.31 28.92 9.53
N LEU A 168 30.57 28.88 8.42
CA LEU A 168 30.41 27.66 7.65
C LEU A 168 31.76 27.26 7.09
N ASP A 169 32.13 26.00 7.35
CA ASP A 169 33.24 25.34 6.65
C ASP A 169 32.76 24.90 5.27
N LEU A 170 32.92 25.80 4.30
CA LEU A 170 32.36 25.62 2.96
C LEU A 170 32.97 24.44 2.22
N ASP A 171 34.30 24.29 2.32
CA ASP A 171 34.99 23.19 1.64
C ASP A 171 34.38 21.86 2.07
N ARG A 172 34.19 21.71 3.38
CA ARG A 172 33.65 20.48 3.96
C ARG A 172 32.22 20.25 3.51
N ALA A 173 31.42 21.34 3.44
CA ALA A 173 30.03 21.24 3.05
C ALA A 173 29.87 20.81 1.59
N PHE A 174 30.67 21.40 0.70
CA PHE A 174 30.62 21.02 -0.71
C PHE A 174 31.08 19.56 -0.91
N LYS A 175 32.12 19.16 -0.18
CA LYS A 175 32.64 17.81 -0.25
C LYS A 175 31.54 16.82 0.14
N LYS A 176 30.72 17.17 1.13
CA LYS A 176 29.68 16.27 1.60
C LYS A 176 28.55 16.18 0.56
N LEU A 177 28.25 17.32 -0.07
CA LEU A 177 27.20 17.39 -1.07
C LEU A 177 27.64 16.61 -2.33
N ASP A 178 28.94 16.66 -2.63
CA ASP A 178 29.54 15.96 -3.76
C ASP A 178 29.15 14.48 -3.74
N THR A 179 29.16 13.88 -2.56
CA THR A 179 28.89 12.45 -2.42
C THR A 179 27.50 12.07 -2.95
N ILE A 180 26.64 13.05 -3.27
CA ILE A 180 25.31 12.72 -3.77
C ILE A 180 24.90 13.61 -4.95
N LYS A 181 25.86 14.36 -5.53
CA LYS A 181 25.51 15.40 -6.49
C LYS A 181 24.58 14.85 -7.58
N LYS A 182 24.85 13.62 -8.03
CA LYS A 182 24.11 13.00 -9.12
C LYS A 182 22.65 12.75 -8.74
N ASP A 183 22.37 12.62 -7.45
CA ASP A 183 21.05 12.22 -6.98
C ASP A 183 20.23 13.40 -6.46
N ILE A 184 20.73 14.63 -6.65
CA ILE A 184 20.02 15.80 -6.15
C ILE A 184 19.13 16.33 -7.25
N VAL A 185 17.88 16.63 -6.87
CA VAL A 185 16.99 17.39 -7.74
C VAL A 185 16.75 18.73 -7.06
N TRP A 186 17.17 19.82 -7.73
CA TRP A 186 17.01 21.15 -7.16
C TRP A 186 15.59 21.64 -7.27
N TRP A 187 15.05 22.22 -6.18
CA TRP A 187 13.81 22.97 -6.28
C TRP A 187 14.05 24.46 -6.15
N GLY A 188 13.43 25.24 -7.05
CA GLY A 188 13.63 26.69 -7.11
C GLY A 188 12.51 27.46 -6.41
N GLY A 189 11.41 26.78 -6.05
CA GLY A 189 10.25 27.43 -5.49
C GLY A 189 9.45 26.44 -4.67
N GLY A 190 8.51 26.94 -3.85
CA GLY A 190 7.76 26.08 -2.95
C GLY A 190 6.92 25.08 -3.72
N ALA A 191 6.23 25.57 -4.78
CA ALA A 191 5.33 24.76 -5.57
C ALA A 191 6.09 23.57 -6.18
N GLN A 192 7.28 23.85 -6.73
CA GLN A 192 8.04 22.81 -7.37
C GLN A 192 8.43 21.76 -6.33
N SER A 193 8.82 22.23 -5.14
CA SER A 193 9.22 21.27 -4.13
C SER A 193 8.06 20.33 -3.80
N GLN A 194 6.84 20.89 -3.77
CA GLN A 194 5.66 20.12 -3.45
C GLN A 194 5.38 19.09 -4.55
N GLN A 195 5.54 19.51 -5.80
CA GLN A 195 5.31 18.63 -6.92
C GLN A 195 6.34 17.50 -6.90
N LEU A 196 7.60 17.83 -6.59
CA LEU A 196 8.66 16.84 -6.63
C LEU A 196 8.36 15.74 -5.63
N LEU A 197 7.81 16.11 -4.47
CA LEU A 197 7.57 15.11 -3.44
C LEU A 197 6.23 14.42 -3.64
N ALA A 198 5.19 15.16 -4.04
CA ALA A 198 3.84 14.62 -4.14
C ALA A 198 3.78 13.57 -5.23
N SER A 199 4.43 13.80 -6.37
CA SER A 199 4.70 12.72 -7.31
C SER A 199 5.91 11.97 -6.73
N GLY A 200 6.31 10.85 -7.31
CA GLY A 200 7.40 10.22 -6.58
C GLY A 200 8.76 10.63 -7.13
N GLU A 201 8.89 11.85 -7.66
CA GLU A 201 10.07 12.21 -8.43
C GLU A 201 11.29 12.20 -7.50
N VAL A 202 11.10 12.60 -6.24
CA VAL A 202 12.11 12.43 -5.20
C VAL A 202 11.48 11.58 -4.09
N SER A 203 12.31 10.96 -3.25
CA SER A 203 11.78 10.14 -2.18
C SER A 203 11.84 10.84 -0.83
N MET A 204 12.58 11.95 -0.80
CA MET A 204 13.08 12.55 0.43
C MET A 204 13.62 13.95 0.08
N GLY A 205 13.67 14.85 1.08
CA GLY A 205 14.43 16.07 0.89
C GLY A 205 14.26 17.08 2.02
N GLN A 206 14.75 18.30 1.77
CA GLN A 206 14.65 19.45 2.64
C GLN A 206 13.48 20.32 2.13
N PHE A 207 12.53 20.63 3.02
CA PHE A 207 11.36 21.40 2.61
C PHE A 207 11.03 22.40 3.71
N TRP A 208 10.42 23.52 3.29
CA TRP A 208 9.74 24.41 4.21
C TRP A 208 8.57 23.65 4.83
N ASN A 209 8.46 23.68 6.17
CA ASN A 209 7.54 22.77 6.86
C ASN A 209 6.10 22.97 6.37
N GLY A 210 5.70 24.24 6.20
CA GLY A 210 4.35 24.58 5.78
C GLY A 210 3.97 23.96 4.43
N ARG A 211 4.96 23.77 3.56
CA ARG A 211 4.68 23.20 2.25
C ARG A 211 4.32 21.73 2.43
N ILE A 212 4.97 21.06 3.40
CA ILE A 212 4.68 19.66 3.66
C ILE A 212 3.29 19.56 4.30
N HIS A 213 3.02 20.46 5.25
CA HIS A 213 1.69 20.55 5.82
C HIS A 213 0.62 20.63 4.72
N ALA A 214 0.79 21.57 3.78
CA ALA A 214 -0.15 21.73 2.68
C ALA A 214 -0.39 20.42 1.94
N LEU A 215 0.70 19.68 1.63
CA LEU A 215 0.58 18.39 0.97
C LEU A 215 -0.22 17.40 1.80
N GLN A 216 0.07 17.31 3.10
CA GLN A 216 -0.59 16.37 3.99
C GLN A 216 -2.10 16.62 3.99
N GLU A 217 -2.50 17.90 4.09
CA GLU A 217 -3.91 18.22 4.14
C GLU A 217 -4.62 17.89 2.82
N ASP A 218 -3.85 17.73 1.73
CA ASP A 218 -4.37 17.45 0.40
C ASP A 218 -4.39 15.94 0.18
N GLY A 219 -4.04 15.18 1.22
CA GLY A 219 -4.20 13.74 1.17
C GLY A 219 -2.99 13.04 0.61
N ALA A 220 -1.93 13.79 0.25
CA ALA A 220 -0.67 13.15 -0.14
C ALA A 220 -0.07 12.36 1.02
N PRO A 221 0.56 11.19 0.76
CA PRO A 221 1.10 10.36 1.84
C PRO A 221 2.55 10.72 2.15
N VAL A 222 2.74 11.81 2.91
CA VAL A 222 4.10 12.31 3.14
C VAL A 222 4.40 12.37 4.64
N GLY A 223 5.64 12.08 5.02
CA GLY A 223 6.03 12.15 6.42
C GLY A 223 7.12 13.21 6.64
N VAL A 224 7.34 13.53 7.92
CA VAL A 224 8.29 14.56 8.31
C VAL A 224 9.07 14.04 9.52
N SER A 225 10.38 14.30 9.55
CA SER A 225 11.11 14.24 10.80
C SER A 225 11.55 15.64 11.20
N TRP A 226 11.35 15.98 12.48
CA TRP A 226 11.71 17.28 13.02
C TRP A 226 13.10 17.25 13.67
N LYS A 227 13.82 16.13 13.56
CA LYS A 227 15.18 16.07 14.10
C LYS A 227 16.04 17.10 13.40
N GLN A 228 16.73 17.95 14.17
CA GLN A 228 17.65 18.95 13.63
C GLN A 228 16.92 19.88 12.65
N ASN A 229 15.68 20.27 13.00
CA ASN A 229 14.92 21.15 12.15
C ASN A 229 15.58 22.52 12.17
N LEU A 230 15.66 23.18 11.00
CA LEU A 230 16.42 24.41 10.87
C LEU A 230 15.49 25.62 10.84
N VAL A 231 15.58 26.45 11.88
CA VAL A 231 14.64 27.54 12.10
C VAL A 231 15.11 28.80 11.40
N MET A 232 14.13 29.49 10.80
CA MET A 232 14.36 30.77 10.12
C MET A 232 13.07 31.58 10.23
N ALA A 233 13.17 32.87 9.94
CA ALA A 233 11.99 33.72 9.92
C ALA A 233 11.90 34.45 8.59
N ASP A 234 10.67 34.72 8.15
CA ASP A 234 10.43 35.63 7.04
C ASP A 234 10.01 36.98 7.59
N ILE A 235 10.34 38.05 6.83
CA ILE A 235 10.09 39.42 7.23
C ILE A 235 9.28 40.13 6.15
N LEU A 236 8.29 40.92 6.57
CA LEU A 236 7.60 41.83 5.67
C LEU A 236 8.40 43.11 5.58
N VAL A 237 8.72 43.55 4.35
CA VAL A 237 9.41 44.80 4.13
C VAL A 237 8.66 45.62 3.09
N VAL A 238 8.95 46.92 3.05
CA VAL A 238 8.33 47.85 2.12
C VAL A 238 9.41 48.48 1.26
N PRO A 239 9.57 48.12 -0.04
CA PRO A 239 10.68 48.65 -0.87
C PRO A 239 10.73 50.18 -0.92
N LYS A 240 11.95 50.76 -0.82
CA LYS A 240 12.08 52.21 -0.84
C LYS A 240 11.57 52.74 -2.19
N GLY A 241 10.71 53.78 -2.12
CA GLY A 241 10.17 54.47 -3.27
C GLY A 241 8.75 54.02 -3.59
N THR A 242 8.16 53.18 -2.72
CA THR A 242 6.82 52.68 -2.93
C THR A 242 5.88 53.86 -3.11
N LYS A 243 4.91 53.69 -4.02
CA LYS A 243 3.96 54.75 -4.33
C LYS A 243 2.77 54.64 -3.39
N ASN A 244 2.80 53.69 -2.44
CA ASN A 244 1.65 53.46 -1.56
C ASN A 244 2.10 53.27 -0.10
N LYS A 245 3.06 54.09 0.34
CA LYS A 245 3.67 53.95 1.65
C LYS A 245 2.63 53.77 2.74
N ALA A 246 1.71 54.73 2.86
CA ALA A 246 0.77 54.76 3.96
C ALA A 246 -0.04 53.45 4.03
N ALA A 247 -0.52 53.00 2.85
CA ALA A 247 -1.34 51.82 2.77
C ALA A 247 -0.54 50.55 3.13
N ALA A 248 0.72 50.50 2.65
CA ALA A 248 1.62 49.40 2.97
C ALA A 248 1.75 49.25 4.49
N MET A 249 1.97 50.37 5.18
CA MET A 249 2.17 50.34 6.62
C MET A 249 0.93 49.79 7.31
N LYS A 250 -0.26 50.18 6.85
CA LYS A 250 -1.49 49.74 7.48
C LYS A 250 -1.62 48.22 7.31
N PHE A 251 -1.09 47.71 6.19
CA PHE A 251 -1.11 46.30 5.89
C PHE A 251 -0.18 45.55 6.85
N LEU A 252 1.06 46.04 6.98
CA LEU A 252 1.99 45.47 7.94
C LEU A 252 1.37 45.42 9.33
N ALA A 253 0.63 46.47 9.71
CA ALA A 253 0.00 46.51 11.03
C ALA A 253 -0.95 45.33 11.19
N SER A 254 -1.72 45.10 10.13
CA SER A 254 -2.77 44.09 10.15
C SER A 254 -2.12 42.69 10.14
N ALA A 255 -1.14 42.48 9.25
CA ALA A 255 -0.57 41.15 9.07
C ALA A 255 0.24 40.74 10.31
N SER A 256 0.77 41.73 11.05
CA SER A 256 1.65 41.38 12.15
C SER A 256 0.90 41.35 13.47
N SER A 257 -0.41 41.63 13.45
CA SER A 257 -1.24 41.62 14.64
C SER A 257 -1.47 40.17 15.09
N ALA A 258 -1.92 40.01 16.34
CA ALA A 258 -2.13 38.69 16.93
C ALA A 258 -3.09 37.89 16.07
N LYS A 259 -4.17 38.54 15.58
CA LYS A 259 -5.20 37.85 14.84
C LYS A 259 -4.65 37.38 13.49
N GLY A 260 -3.96 38.28 12.77
CA GLY A 260 -3.40 37.95 11.48
C GLY A 260 -2.40 36.80 11.59
N GLN A 261 -1.57 36.85 12.63
CA GLN A 261 -0.56 35.83 12.88
C GLN A 261 -1.23 34.48 13.19
N ASP A 262 -2.26 34.51 14.02
CA ASP A 262 -2.97 33.31 14.43
C ASP A 262 -3.62 32.68 13.21
N ASP A 263 -4.29 33.50 12.39
CA ASP A 263 -5.04 32.96 11.29
C ASP A 263 -4.08 32.37 10.25
N PHE A 264 -2.96 33.05 9.98
CA PHE A 264 -2.00 32.57 9.03
C PHE A 264 -1.40 31.25 9.53
N SER A 265 -1.10 31.19 10.84
CA SER A 265 -0.56 29.98 11.44
C SER A 265 -1.51 28.78 11.25
N ALA A 266 -2.79 29.02 11.50
CA ALA A 266 -3.84 28.00 11.42
C ALA A 266 -3.96 27.46 10.00
N LEU A 267 -3.62 28.25 8.98
CA LEU A 267 -3.78 27.81 7.60
C LEU A 267 -2.54 27.07 7.07
N THR A 268 -1.38 27.20 7.73
CA THR A 268 -0.12 26.78 7.12
C THR A 268 0.72 25.90 8.04
N ALA A 269 0.56 26.01 9.36
CA ALA A 269 1.45 25.32 10.30
C ALA A 269 2.81 26.01 10.36
N TYR A 270 2.86 27.28 9.94
CA TYR A 270 3.98 28.13 10.29
C TYR A 270 3.71 28.70 11.69
N ALA A 271 4.74 29.21 12.35
CA ALA A 271 4.60 29.70 13.72
C ALA A 271 4.43 31.22 13.76
N PRO A 272 3.51 31.75 14.56
CA PRO A 272 3.25 33.20 14.61
C PRO A 272 4.35 33.94 15.38
N VAL A 273 4.46 35.26 15.16
CA VAL A 273 5.58 36.00 15.70
C VAL A 273 5.07 37.20 16.50
N ASN A 274 3.80 37.14 16.93
CA ASN A 274 3.25 38.17 17.79
C ASN A 274 3.19 37.61 19.20
N ILE A 275 3.65 38.39 20.21
CA ILE A 275 3.72 37.86 21.56
C ILE A 275 2.32 37.54 22.10
N ASP A 276 1.26 38.12 21.51
CA ASP A 276 -0.10 37.88 21.98
C ASP A 276 -0.75 36.73 21.21
N SER A 277 -0.02 36.10 20.31
CA SER A 277 -0.59 34.96 19.59
C SER A 277 -0.66 33.76 20.54
N VAL A 278 -1.68 32.92 20.40
CA VAL A 278 -1.76 31.72 21.22
C VAL A 278 -0.66 30.78 20.76
N GLN A 279 0.16 30.28 21.67
CA GLN A 279 1.30 29.51 21.21
C GLN A 279 1.02 28.02 21.37
N ARG A 280 0.20 27.49 20.46
CA ARG A 280 -0.16 26.08 20.43
C ARG A 280 1.03 25.25 19.96
N LEU A 281 0.96 23.95 20.22
CA LEU A 281 1.97 22.98 19.80
C LEU A 281 1.47 22.26 18.56
N ASP A 282 0.16 22.28 18.31
CA ASP A 282 -0.42 21.49 17.25
C ASP A 282 -1.74 22.12 16.83
N LEU A 283 -2.05 22.04 15.54
CA LEU A 283 -3.23 22.69 15.01
C LEU A 283 -4.50 21.95 15.46
N ALA A 284 -4.35 20.72 15.97
CA ALA A 284 -5.49 19.98 16.48
C ALA A 284 -5.90 20.45 17.87
N GLN A 285 -5.06 21.26 18.55
CA GLN A 285 -5.47 21.80 19.83
C GLN A 285 -6.46 22.96 19.67
N VAL A 286 -7.52 22.93 20.49
CA VAL A 286 -8.63 23.88 20.40
C VAL A 286 -8.15 25.26 20.82
N ARG A 287 -8.12 26.22 19.89
CA ARG A 287 -7.76 27.60 20.18
C ARG A 287 -9.04 28.33 20.54
N ILE A 288 -9.04 28.95 21.73
CA ILE A 288 -10.24 29.53 22.28
C ILE A 288 -10.06 31.04 22.35
N THR A 289 -11.08 31.77 21.93
CA THR A 289 -11.09 33.22 21.97
C THR A 289 -12.47 33.69 22.42
N ALA A 290 -12.53 34.86 23.04
CA ALA A 290 -13.79 35.41 23.54
C ALA A 290 -14.62 35.93 22.38
N ASP A 291 -15.94 35.78 22.52
CA ASP A 291 -16.90 36.40 21.63
C ASP A 291 -17.76 37.35 22.46
N LYS A 292 -17.25 38.58 22.65
CA LYS A 292 -17.88 39.57 23.51
C LYS A 292 -19.34 39.80 23.10
N GLN A 293 -19.57 39.94 21.78
CA GLN A 293 -20.87 40.30 21.23
C GLN A 293 -21.94 39.28 21.58
N LYS A 294 -21.61 37.99 21.59
CA LYS A 294 -22.59 36.94 21.88
C LYS A 294 -22.44 36.45 23.34
N ASN A 295 -21.52 37.07 24.09
CA ASN A 295 -21.35 36.78 25.50
C ASN A 295 -20.86 35.34 25.69
N GLY A 296 -19.99 34.89 24.81
CA GLY A 296 -19.54 33.50 24.81
C GLY A 296 -18.13 33.39 24.23
N ILE A 297 -17.87 32.30 23.52
CA ILE A 297 -16.54 32.06 22.99
C ILE A 297 -16.67 31.53 21.59
N MET A 298 -15.55 31.61 20.85
CA MET A 298 -15.38 30.93 19.58
C MET A 298 -14.11 30.08 19.66
N ALA A 299 -14.07 29.02 18.87
CA ALA A 299 -12.88 28.20 18.82
C ALA A 299 -12.64 27.70 17.40
N ASN A 300 -11.40 27.30 17.13
CA ASN A 300 -10.96 26.84 15.84
C ASN A 300 -9.93 25.75 16.07
N PHE A 301 -9.95 24.70 15.26
CA PHE A 301 -8.87 23.72 15.32
C PHE A 301 -9.02 22.77 14.13
N LYS A 302 -7.95 22.02 13.83
CA LYS A 302 -7.94 21.13 12.69
C LYS A 302 -7.57 19.73 13.18
N ILE A 303 -8.55 18.84 13.22
CA ILE A 303 -8.34 17.46 13.62
C ILE A 303 -7.81 16.69 12.41
N ARG A 304 -6.96 15.68 12.66
CA ARG A 304 -6.47 14.82 11.59
C ARG A 304 -6.85 13.37 11.87
N HIS A 305 -7.18 12.61 10.82
CA HIS A 305 -7.59 11.22 10.91
C HIS A 305 -6.81 10.37 9.91
N ASN A 306 -6.19 9.28 10.36
CA ASN A 306 -5.48 8.36 9.48
C ASN A 306 -6.49 7.63 8.59
N VAL A 307 -6.21 7.64 7.28
CA VAL A 307 -6.95 6.89 6.27
C VAL A 307 -6.23 5.56 6.08
N GLU A 308 -7.00 4.51 5.77
CA GLU A 308 -6.46 3.15 5.63
C GLU A 308 -5.48 3.08 4.44
N ASP A 309 -5.62 3.96 3.44
CA ASP A 309 -4.77 3.97 2.26
C ASP A 309 -3.39 4.54 2.61
N GLY A 310 -3.24 5.06 3.83
CA GLY A 310 -1.95 5.55 4.31
C GLY A 310 -1.88 7.07 4.40
N SER A 311 -2.87 7.78 3.85
CA SER A 311 -2.87 9.23 3.92
C SER A 311 -3.50 9.69 5.25
N VAL A 312 -3.73 11.01 5.35
CA VAL A 312 -4.31 11.63 6.53
C VAL A 312 -5.40 12.59 6.05
N GLN A 313 -6.60 12.49 6.63
CA GLN A 313 -7.69 13.37 6.24
C GLN A 313 -7.96 14.40 7.33
N SER A 314 -8.07 15.66 6.90
CA SER A 314 -8.22 16.81 7.77
C SER A 314 -9.68 17.08 8.02
N ALA A 315 -9.96 17.61 9.22
CA ALA A 315 -11.30 18.02 9.59
C ALA A 315 -11.23 19.39 10.23
N ASP A 316 -11.68 20.40 9.49
CA ASP A 316 -11.49 21.77 9.94
C ASP A 316 -12.68 22.13 10.81
N HIS A 317 -12.41 22.53 12.06
CA HIS A 317 -13.49 22.80 13.00
C HIS A 317 -13.62 24.31 13.25
N TYR A 318 -14.86 24.80 13.19
CA TYR A 318 -15.25 26.14 13.64
C TYR A 318 -16.35 25.98 14.68
N GLN A 319 -16.16 26.63 15.83
CA GLN A 319 -17.02 26.42 16.98
C GLN A 319 -17.45 27.77 17.56
N GLN A 320 -18.70 27.84 18.02
CA GLN A 320 -19.26 28.98 18.71
C GLN A 320 -20.08 28.48 19.90
N ASN A 321 -19.81 29.01 21.10
CA ASN A 321 -20.54 28.64 22.29
C ASN A 321 -21.21 29.85 22.90
N THR A 322 -22.50 29.72 23.23
CA THR A 322 -23.34 30.79 23.77
C THR A 322 -24.03 30.27 25.02
N PRO A 323 -24.04 31.04 26.13
CA PRO A 323 -24.73 30.59 27.35
C PRO A 323 -26.23 30.46 27.12
N ILE A 324 -26.84 29.47 27.77
CA ILE A 324 -28.29 29.31 27.77
C ILE A 324 -28.89 30.28 28.79
N GLY A 325 -28.29 30.35 29.98
CA GLY A 325 -28.81 31.16 31.08
C GLY A 325 -28.55 32.65 30.87
N ASP A 326 -29.14 33.45 31.76
CA ASP A 326 -29.04 34.90 31.70
C ASP A 326 -27.91 35.36 32.62
N GLY A 327 -27.34 34.42 33.38
CA GLY A 327 -26.42 34.76 34.45
C GLY A 327 -25.11 35.31 33.91
N PRO A 328 -24.21 35.83 34.79
CA PRO A 328 -22.93 36.36 34.33
C PRO A 328 -21.97 35.20 34.06
N VAL A 329 -21.11 35.35 33.05
CA VAL A 329 -20.23 34.26 32.65
C VAL A 329 -18.81 34.79 32.57
N LEU A 330 -17.84 33.88 32.61
CA LEU A 330 -16.43 34.23 32.45
C LEU A 330 -16.09 34.29 30.95
N LEU A 331 -15.66 35.46 30.48
CA LEU A 331 -15.16 35.61 29.12
C LEU A 331 -13.64 35.52 29.17
N PRO A 332 -13.03 34.47 28.58
CA PRO A 332 -11.58 34.26 28.69
C PRO A 332 -10.67 35.14 27.85
N ASP A 333 -9.41 35.24 28.28
CA ASP A 333 -8.33 35.64 27.42
C ASP A 333 -8.00 34.46 26.50
N ASN A 334 -7.32 34.73 25.40
CA ASN A 334 -7.01 33.70 24.43
C ASN A 334 -6.18 32.61 25.09
N HIS A 335 -6.48 31.34 24.79
CA HIS A 335 -5.68 30.21 25.26
C HIS A 335 -6.04 28.99 24.42
N TYR A 336 -5.60 27.79 24.82
CA TYR A 336 -5.95 26.59 24.08
C TYR A 336 -6.20 25.41 25.01
N LEU A 337 -6.75 24.32 24.47
CA LEU A 337 -6.97 23.08 25.20
C LEU A 337 -6.10 21.99 24.61
N SER A 338 -5.46 21.20 25.46
CA SER A 338 -4.63 20.08 25.05
C SER A 338 -5.37 18.77 25.39
N THR A 339 -5.58 17.91 24.37
CA THR A 339 -6.38 16.72 24.54
C THR A 339 -5.57 15.48 24.19
N GLN A 340 -5.64 14.45 25.05
CA GLN A 340 -5.15 13.13 24.66
C GLN A 340 -6.38 12.23 24.59
N SER A 341 -6.57 11.49 23.49
CA SER A 341 -7.74 10.64 23.39
C SER A 341 -7.31 9.20 23.10
N VAL A 342 -7.99 8.21 23.72
CA VAL A 342 -7.75 6.80 23.37
C VAL A 342 -9.10 6.13 23.05
N LEU A 343 -9.18 5.56 21.85
CA LEU A 343 -10.36 4.85 21.39
C LEU A 343 -10.12 3.35 21.58
N SER A 344 -11.13 2.62 22.06
CA SER A 344 -11.00 1.19 22.24
C SER A 344 -12.36 0.50 22.11
N LYS A 345 -12.35 -0.83 22.21
CA LYS A 345 -13.58 -1.62 22.11
C LYS A 345 -13.82 -2.40 23.39
N ASP A 346 -15.09 -2.54 23.77
CA ASP A 346 -15.52 -3.43 24.83
C ASP A 346 -15.76 -4.82 24.25
N PRO A 347 -14.95 -5.84 24.62
CA PRO A 347 -15.04 -7.16 23.98
C PRO A 347 -16.40 -7.83 24.17
N ASN A 348 -17.16 -7.38 25.16
CA ASN A 348 -18.43 -7.99 25.52
C ASN A 348 -19.60 -7.24 24.88
N GLU A 349 -19.31 -6.21 24.07
CA GLU A 349 -20.34 -5.36 23.48
C GLU A 349 -20.52 -5.74 22.01
N LYS A 350 -21.74 -6.17 21.66
CA LYS A 350 -22.03 -6.78 20.37
C LYS A 350 -22.49 -5.69 19.41
N ARG A 351 -22.96 -4.55 19.95
CA ARG A 351 -23.40 -3.44 19.10
C ARG A 351 -22.19 -2.63 18.63
N ASP A 352 -22.38 -1.87 17.54
CA ASP A 352 -21.45 -0.86 17.05
C ASP A 352 -21.26 0.21 18.13
N HIS A 353 -20.02 0.41 18.58
CA HIS A 353 -19.82 1.18 19.81
C HIS A 353 -18.40 1.76 19.86
N MET A 354 -18.20 2.70 20.80
CA MET A 354 -16.88 3.25 21.01
C MET A 354 -16.65 3.46 22.50
N VAL A 355 -15.52 2.96 23.00
CA VAL A 355 -15.05 3.29 24.35
C VAL A 355 -14.00 4.38 24.18
N LEU A 356 -14.19 5.49 24.90
CA LEU A 356 -13.33 6.65 24.78
C LEU A 356 -12.79 7.05 26.15
N LEU A 357 -11.48 7.27 26.22
CA LEU A 357 -10.84 7.81 27.41
C LEU A 357 -10.09 9.09 27.02
N GLU A 358 -10.33 10.19 27.74
CA GLU A 358 -9.81 11.49 27.34
C GLU A 358 -9.22 12.24 28.53
N PHE A 359 -8.14 12.97 28.27
CA PHE A 359 -7.62 13.98 29.19
C PHE A 359 -7.58 15.33 28.50
N VAL A 360 -8.18 16.34 29.12
CA VAL A 360 -8.24 17.69 28.59
C VAL A 360 -7.62 18.63 29.62
N THR A 361 -6.64 19.44 29.18
CA THR A 361 -6.03 20.44 30.03
C THR A 361 -5.98 21.77 29.28
N ALA A 362 -6.26 22.87 29.99
CA ALA A 362 -6.12 24.21 29.44
C ALA A 362 -4.67 24.66 29.55
N ALA A 363 -4.20 25.41 28.57
CA ALA A 363 -2.81 25.84 28.53
C ALA A 363 -2.68 27.14 27.72
N GLY A 364 -1.43 27.57 27.51
CA GLY A 364 -1.09 28.66 26.61
C GLY A 364 -1.03 30.02 27.29
N ILE A 365 -1.21 30.07 28.61
CA ILE A 365 -0.81 31.24 29.36
C ILE A 365 0.18 30.76 30.42
N THR A 366 1.35 31.40 30.46
CA THR A 366 2.44 30.87 31.29
C THR A 366 2.14 31.22 32.74
N LEU A 367 2.44 30.29 33.65
CA LEU A 367 2.26 30.54 35.06
C LEU A 367 3.15 31.73 35.46
N GLY A 368 2.51 32.77 36.02
CA GLY A 368 3.15 33.99 36.47
C GLY A 368 2.45 34.56 37.70
N MET A 369 3.12 35.44 38.45
CA MET A 369 2.57 36.06 39.65
C MET A 369 1.39 36.98 39.32
N ASP A 370 1.42 37.59 38.13
CA ASP A 370 0.50 38.64 37.76
C ASP A 370 -0.77 37.96 37.22
N GLU A 371 -0.71 36.63 37.01
CA GLU A 371 -1.84 35.96 36.39
C GLU A 371 -2.85 35.46 37.44
N LEU A 372 -2.46 35.43 38.74
CA LEU A 372 -3.34 34.94 39.79
C LEU A 372 -4.08 36.12 40.46
N SER A 380 -12.40 30.68 44.44
CA SER A 380 -13.20 30.03 43.35
C SER A 380 -14.00 31.07 42.55
N MET A 381 -13.99 30.88 41.22
CA MET A 381 -14.16 31.98 40.26
C MET A 381 -15.60 32.07 39.75
N SER A 382 -16.37 30.98 39.87
CA SER A 382 -17.77 31.01 39.48
C SER A 382 -18.51 30.01 40.34
N LYS A 383 -19.84 30.20 40.44
CA LYS A 383 -20.69 29.30 41.19
C LYS A 383 -20.70 27.93 40.50
N GLY A 384 -20.70 27.94 39.17
CA GLY A 384 -20.74 26.71 38.39
C GLY A 384 -19.47 25.86 38.52
N GLU A 385 -18.33 26.52 38.77
CA GLU A 385 -17.09 25.81 39.03
C GLU A 385 -17.30 24.75 40.12
N GLU A 386 -18.17 25.05 41.11
CA GLU A 386 -18.32 24.21 42.30
C GLU A 386 -19.02 22.89 41.99
N LEU A 387 -19.69 22.82 40.84
CA LEU A 387 -20.44 21.64 40.42
C LEU A 387 -19.52 20.53 39.93
N PHE A 388 -18.23 20.84 39.74
CA PHE A 388 -17.30 19.93 39.06
C PHE A 388 -16.18 19.45 39.99
N THR A 389 -16.28 19.73 41.30
CA THR A 389 -15.20 19.39 42.22
C THR A 389 -15.10 17.87 42.43
N GLY A 390 -16.20 17.15 42.18
CA GLY A 390 -16.19 15.70 42.29
C GLY A 390 -16.41 15.03 40.95
N VAL A 391 -16.57 13.70 40.96
CA VAL A 391 -16.89 12.94 39.77
C VAL A 391 -18.35 13.17 39.42
N VAL A 392 -18.62 13.40 38.13
CA VAL A 392 -19.94 13.81 37.65
C VAL A 392 -20.36 12.84 36.54
N PRO A 393 -21.56 12.21 36.65
CA PRO A 393 -22.08 11.36 35.58
C PRO A 393 -22.44 12.19 34.34
N ILE A 394 -22.21 11.59 33.17
CA ILE A 394 -22.42 12.24 31.88
C ILE A 394 -23.39 11.38 31.07
N LEU A 395 -24.25 12.07 30.30
CA LEU A 395 -25.10 11.45 29.30
C LEU A 395 -24.98 12.26 28.01
N VAL A 396 -24.68 11.51 26.92
CA VAL A 396 -24.59 12.08 25.60
C VAL A 396 -25.63 11.39 24.72
N GLU A 397 -26.49 12.19 24.08
CA GLU A 397 -27.42 11.70 23.08
C GLU A 397 -27.23 12.51 21.80
N LEU A 398 -27.06 11.83 20.67
CA LEU A 398 -26.89 12.48 19.40
C LEU A 398 -27.86 11.88 18.38
N ASP A 399 -28.60 12.77 17.69
CA ASP A 399 -29.40 12.42 16.53
C ASP A 399 -28.73 12.99 15.29
N GLY A 400 -28.42 12.09 14.35
CA GLY A 400 -27.67 12.47 13.18
C GLY A 400 -28.38 12.16 11.87
N ASP A 401 -27.98 12.88 10.82
CA ASP A 401 -28.42 12.72 9.45
C ASP A 401 -27.26 13.09 8.53
N VAL A 402 -26.68 12.11 7.84
CA VAL A 402 -25.59 12.39 6.93
C VAL A 402 -26.00 11.87 5.55
N ASN A 403 -26.15 12.80 4.58
CA ASN A 403 -26.55 12.46 3.23
C ASN A 403 -27.83 11.65 3.25
N GLY A 404 -28.69 11.89 4.26
CA GLY A 404 -29.97 11.19 4.32
C GLY A 404 -29.92 9.88 5.12
N HIS A 405 -28.73 9.39 5.49
CA HIS A 405 -28.60 8.25 6.38
C HIS A 405 -28.85 8.72 7.82
N LYS A 406 -29.96 8.26 8.43
CA LYS A 406 -30.31 8.62 9.79
C LYS A 406 -29.68 7.64 10.77
N PHE A 407 -29.31 8.14 11.97
CA PHE A 407 -28.72 7.29 13.00
C PHE A 407 -28.76 8.00 14.34
N SER A 408 -28.68 7.20 15.41
CA SER A 408 -28.67 7.74 16.77
C SER A 408 -27.53 7.15 17.56
N VAL A 409 -26.96 7.95 18.47
CA VAL A 409 -25.89 7.51 19.35
C VAL A 409 -26.23 7.94 20.77
N ARG A 410 -26.02 7.02 21.73
CA ARG A 410 -26.17 7.31 23.14
C ARG A 410 -24.87 6.92 23.84
N GLY A 411 -24.37 7.79 24.71
CA GLY A 411 -23.22 7.43 25.51
C GLY A 411 -23.45 7.79 26.98
N GLU A 412 -22.75 7.05 27.86
CA GLU A 412 -22.78 7.25 29.30
C GLU A 412 -21.37 7.08 29.85
N GLY A 413 -21.08 7.76 30.96
CA GLY A 413 -19.84 7.57 31.70
C GLY A 413 -19.68 8.68 32.75
N GLU A 414 -18.42 8.99 33.09
CA GLU A 414 -18.14 9.96 34.15
C GLU A 414 -17.07 10.96 33.69
N GLY A 415 -17.17 12.16 34.28
CA GLY A 415 -16.22 13.23 34.04
C GLY A 415 -15.65 13.70 35.38
N ASP A 416 -14.33 13.95 35.38
CA ASP A 416 -13.62 14.39 36.55
C ASP A 416 -12.79 15.64 36.19
N ALA A 417 -13.39 16.81 36.39
CA ALA A 417 -12.79 18.06 35.97
C ALA A 417 -11.46 18.34 36.68
N THR A 418 -11.30 17.77 37.88
CA THR A 418 -10.12 18.03 38.69
C THR A 418 -8.89 17.52 37.95
N ASN A 419 -9.02 16.38 37.27
CA ASN A 419 -7.93 15.76 36.54
C ASN A 419 -8.13 15.91 35.04
N GLY A 420 -9.27 16.48 34.66
CA GLY A 420 -9.67 16.62 33.27
C GLY A 420 -9.89 15.28 32.58
N LYS A 421 -10.44 14.29 33.29
CA LYS A 421 -10.55 12.91 32.82
C LYS A 421 -11.99 12.64 32.39
N LEU A 422 -12.16 12.09 31.18
CA LEU A 422 -13.45 11.64 30.66
C LEU A 422 -13.34 10.15 30.38
N THR A 423 -14.34 9.37 30.82
CA THR A 423 -14.43 7.96 30.46
C THR A 423 -15.87 7.66 30.02
N LEU A 424 -16.03 7.22 28.77
CA LEU A 424 -17.35 7.16 28.14
C LEU A 424 -17.47 5.92 27.25
N LYS A 425 -18.66 5.31 27.24
CA LYS A 425 -19.01 4.31 26.24
C LYS A 425 -20.19 4.83 25.40
N PHE A 426 -20.04 4.75 24.09
CA PHE A 426 -21.06 5.19 23.14
C PHE A 426 -21.58 3.99 22.37
N ILE A 427 -22.91 3.92 22.24
CA ILE A 427 -23.59 2.92 21.44
C ILE A 427 -24.27 3.62 20.27
N CYS A 428 -24.17 3.05 19.07
CA CYS A 428 -25.11 3.39 18.01
C CYS A 428 -26.40 2.58 18.22
N THR A 429 -27.49 3.29 18.52
CA THR A 429 -28.72 2.64 18.92
C THR A 429 -29.52 2.18 17.70
N THR A 430 -29.14 2.58 16.48
CA THR A 430 -29.98 2.37 15.30
C THR A 430 -29.38 1.29 14.39
N GLY A 431 -28.32 0.60 14.84
CA GLY A 431 -27.72 -0.42 13.99
C GLY A 431 -26.24 -0.13 13.72
N LYS A 432 -25.84 -0.19 12.44
CA LYS A 432 -24.48 0.14 12.01
C LYS A 432 -24.38 1.67 11.89
N LEU A 433 -23.27 2.21 12.42
CA LEU A 433 -23.00 3.64 12.33
C LEU A 433 -22.56 3.96 10.89
N PRO A 434 -23.28 4.84 10.18
CA PRO A 434 -22.96 5.10 8.77
C PRO A 434 -21.70 5.92 8.50
N VAL A 435 -21.08 6.42 9.57
CA VAL A 435 -19.83 7.17 9.50
C VAL A 435 -18.83 6.51 10.44
N PRO A 436 -17.51 6.81 10.32
CA PRO A 436 -16.52 6.29 11.27
C PRO A 436 -16.61 6.97 12.63
N TRP A 437 -16.48 6.17 13.70
CA TRP A 437 -16.50 6.69 15.06
C TRP A 437 -15.55 7.86 15.25
N PRO A 438 -14.27 7.79 14.81
CA PRO A 438 -13.35 8.94 14.97
C PRO A 438 -13.93 10.30 14.58
N THR A 439 -14.81 10.32 13.57
CA THR A 439 -15.29 11.60 13.06
C THR A 439 -16.35 12.17 13.99
N LEU A 440 -16.77 11.40 15.01
CA LEU A 440 -17.84 11.83 15.91
C LEU A 440 -17.25 12.25 17.27
N VAL A 441 -15.98 11.90 17.50
CA VAL A 441 -15.35 12.16 18.79
C VAL A 441 -15.60 13.60 19.25
N THR A 442 -15.27 14.59 18.42
CA THR A 442 -15.27 15.98 18.88
C THR A 442 -16.69 16.49 19.10
N THR A 443 -17.67 15.91 18.38
CA THR A 443 -19.07 16.29 18.57
C THR A 443 -19.59 15.71 19.88
N LEU A 444 -19.34 14.40 20.08
CA LEU A 444 -19.77 13.66 21.25
C LEU A 444 -19.07 14.25 22.48
N VAL A 446 -17.69 17.82 25.79
CA VAL A 446 -18.10 18.38 27.12
C VAL A 446 -16.90 19.08 27.72
N GLN A 447 -16.60 20.25 27.17
CA GLN A 447 -15.35 20.93 27.47
C GLN A 447 -15.40 21.51 28.87
N CYS A 448 -16.57 21.41 29.50
CA CYS A 448 -16.72 21.82 30.89
C CYS A 448 -15.93 20.89 31.81
N PHE A 449 -15.40 19.78 31.25
CA PHE A 449 -14.60 18.87 32.07
C PHE A 449 -13.08 19.10 31.95
N SER A 450 -12.63 20.16 31.24
CA SER A 450 -11.20 20.41 31.15
C SER A 450 -10.64 20.81 32.52
N ARG A 451 -9.41 20.39 32.80
CA ARG A 451 -8.69 20.90 33.94
C ARG A 451 -8.13 22.28 33.60
N TYR A 452 -8.68 23.30 34.28
CA TYR A 452 -8.07 24.64 34.23
C TYR A 452 -7.09 24.78 35.39
N PRO A 453 -5.79 25.02 35.15
CA PRO A 453 -4.82 25.29 36.23
C PRO A 453 -5.30 26.49 37.02
N ASP A 454 -4.87 26.60 38.28
CA ASP A 454 -5.32 27.64 39.19
C ASP A 454 -5.19 29.04 38.59
N HIS A 455 -4.06 29.33 37.93
CA HIS A 455 -3.81 30.67 37.39
C HIS A 455 -4.71 30.95 36.19
N MET A 456 -5.53 29.96 35.77
CA MET A 456 -6.34 30.13 34.58
C MET A 456 -7.83 29.97 34.88
N LYS A 457 -8.20 29.77 36.15
CA LYS A 457 -9.59 29.42 36.46
C LYS A 457 -10.54 30.54 36.04
N GLN A 458 -10.02 31.76 35.94
CA GLN A 458 -10.73 32.97 35.53
C GLN A 458 -11.13 32.89 34.05
N HIS A 459 -10.61 31.91 33.31
CA HIS A 459 -10.80 31.81 31.87
C HIS A 459 -11.65 30.59 31.50
N ASP A 460 -12.35 30.03 32.48
CA ASP A 460 -13.14 28.82 32.25
C ASP A 460 -14.59 29.22 32.00
N PHE A 461 -14.87 29.51 30.74
CA PHE A 461 -16.20 29.85 30.30
C PHE A 461 -17.15 28.68 30.55
N PHE A 462 -16.68 27.47 30.21
CA PHE A 462 -17.53 26.28 30.15
C PHE A 462 -18.21 26.05 31.50
N LYS A 463 -17.42 26.02 32.58
CA LYS A 463 -17.99 25.78 33.90
C LYS A 463 -18.83 26.97 34.35
N SER A 464 -18.47 28.19 33.91
CA SER A 464 -19.14 29.38 34.42
C SER A 464 -20.60 29.42 33.98
N ALA A 465 -20.92 28.83 32.82
CA ALA A 465 -22.27 28.87 32.30
C ALA A 465 -23.18 27.82 32.95
N MET A 466 -22.61 26.95 33.80
CA MET A 466 -23.40 25.91 34.43
C MET A 466 -24.14 26.50 35.64
N PRO A 467 -25.31 25.95 36.06
CA PRO A 467 -25.86 24.71 35.48
C PRO A 467 -26.81 24.93 34.31
N GLU A 468 -27.14 26.19 34.04
CA GLU A 468 -28.12 26.48 33.00
C GLU A 468 -27.60 25.92 31.68
N GLY A 469 -26.28 26.02 31.47
CA GLY A 469 -25.60 25.37 30.35
C GLY A 469 -25.26 26.33 29.21
N TYR A 470 -24.83 25.76 28.08
CA TYR A 470 -24.49 26.53 26.90
C TYR A 470 -24.91 25.75 25.65
N VAL A 471 -25.06 26.48 24.54
CA VAL A 471 -25.27 25.92 23.21
C VAL A 471 -23.90 25.83 22.53
N GLN A 472 -23.60 24.69 21.90
CA GLN A 472 -22.36 24.52 21.18
C GLN A 472 -22.67 24.21 19.72
N GLU A 473 -22.21 25.09 18.82
CA GLU A 473 -22.45 24.95 17.40
C GLU A 473 -21.11 24.75 16.70
N ARG A 474 -21.08 23.90 15.68
CA ARG A 474 -19.85 23.71 14.93
C ARG A 474 -20.15 23.51 13.46
N THR A 475 -19.19 23.86 12.62
CA THR A 475 -19.05 23.41 11.24
C THR A 475 -17.78 22.55 11.23
N ILE A 476 -17.87 21.33 10.71
CA ILE A 476 -16.68 20.52 10.53
C ILE A 476 -16.56 20.18 9.04
N SER A 477 -15.52 20.70 8.39
CA SER A 477 -15.29 20.47 6.96
C SER A 477 -14.20 19.43 6.76
N PHE A 478 -14.54 18.31 6.10
CA PHE A 478 -13.56 17.29 5.76
C PHE A 478 -12.96 17.60 4.39
N LYS A 479 -11.64 17.70 4.30
CA LYS A 479 -10.98 18.03 3.03
C LYS A 479 -11.44 17.05 1.95
N ASP A 480 -11.95 17.59 0.82
CA ASP A 480 -12.29 16.80 -0.36
C ASP A 480 -13.45 15.86 -0.04
N ASP A 481 -14.35 16.31 0.85
CA ASP A 481 -15.51 15.53 1.21
C ASP A 481 -16.55 16.48 1.80
N GLY A 482 -17.52 15.96 2.57
CA GLY A 482 -18.63 16.77 3.02
C GLY A 482 -18.36 17.56 4.30
N THR A 483 -19.45 18.12 4.83
CA THR A 483 -19.42 18.96 6.02
C THR A 483 -20.44 18.44 7.06
N TYR A 484 -20.03 18.40 8.33
CA TYR A 484 -20.97 18.26 9.43
C TYR A 484 -21.34 19.64 9.96
N LYS A 485 -22.62 19.84 10.26
CA LYS A 485 -23.14 20.99 10.99
C LYS A 485 -23.79 20.45 12.26
N THR A 486 -23.42 21.02 13.41
CA THR A 486 -23.75 20.46 14.73
C THR A 486 -24.36 21.56 15.58
N ARG A 487 -25.35 21.20 16.38
CA ARG A 487 -25.94 22.09 17.38
C ARG A 487 -26.21 21.24 18.62
N ALA A 488 -25.59 21.61 19.74
CA ALA A 488 -25.70 20.84 20.97
C ALA A 488 -26.08 21.76 22.15
N GLU A 489 -26.85 21.20 23.09
CA GLU A 489 -27.06 21.83 24.38
C GLU A 489 -26.32 21.00 25.42
N VAL A 490 -25.47 21.69 26.19
CA VAL A 490 -24.74 21.08 27.29
C VAL A 490 -25.23 21.75 28.57
N LYS A 491 -25.89 20.97 29.43
CA LYS A 491 -26.53 21.49 30.62
C LYS A 491 -26.66 20.36 31.64
N PHE A 492 -26.82 20.72 32.91
CA PHE A 492 -27.19 19.78 33.96
C PHE A 492 -28.68 19.47 33.89
N GLU A 493 -28.99 18.19 34.01
CA GLU A 493 -30.35 17.72 34.25
C GLU A 493 -30.26 16.86 35.51
N GLY A 494 -30.67 17.45 36.64
CA GLY A 494 -30.40 16.88 37.95
C GLY A 494 -28.89 16.85 38.20
N ASP A 495 -28.35 15.66 38.41
CA ASP A 495 -26.95 15.47 38.76
C ASP A 495 -26.12 15.15 37.52
N THR A 496 -26.79 14.94 36.39
CA THR A 496 -26.09 14.48 35.20
C THR A 496 -25.78 15.66 34.28
N LEU A 497 -24.53 15.70 33.80
CA LEU A 497 -24.21 16.63 32.74
C LEU A 497 -24.64 16.00 31.42
N VAL A 498 -25.49 16.72 30.69
CA VAL A 498 -26.07 16.15 29.49
C VAL A 498 -25.61 16.97 28.29
N ASN A 499 -25.17 16.23 27.26
CA ASN A 499 -24.83 16.77 25.96
C ASN A 499 -25.79 16.18 24.93
N ARG A 500 -26.77 16.98 24.48
CA ARG A 500 -27.75 16.55 23.50
C ARG A 500 -27.45 17.23 22.15
N ILE A 501 -27.32 16.45 21.09
CA ILE A 501 -26.76 16.95 19.84
C ILE A 501 -27.65 16.60 18.66
N GLU A 502 -27.88 17.57 17.76
CA GLU A 502 -28.39 17.35 16.43
C GLU A 502 -27.25 17.55 15.44
N LEU A 503 -27.00 16.56 14.56
CA LEU A 503 -25.95 16.69 13.56
C LEU A 503 -26.53 16.50 12.16
N LYS A 504 -26.23 17.43 11.24
CA LYS A 504 -26.62 17.32 9.84
C LYS A 504 -25.36 17.34 8.96
N GLY A 505 -25.16 16.29 8.16
CA GLY A 505 -24.02 16.21 7.26
C GLY A 505 -24.51 16.24 5.81
N ILE A 506 -23.80 16.99 4.96
CA ILE A 506 -24.21 17.19 3.57
C ILE A 506 -22.98 17.10 2.67
N ASP A 507 -23.21 16.63 1.44
CA ASP A 507 -22.27 16.69 0.32
C ASP A 507 -21.12 15.71 0.51
N PHE A 508 -21.42 14.55 1.11
CA PHE A 508 -20.39 13.53 1.25
C PHE A 508 -20.40 12.65 0.01
N LYS A 509 -19.23 12.12 -0.36
CA LYS A 509 -19.12 11.06 -1.35
C LYS A 509 -19.48 9.72 -0.71
N GLU A 510 -20.42 9.01 -1.34
CA GLU A 510 -20.91 7.71 -0.87
C GLU A 510 -19.76 6.72 -0.81
N ASP A 511 -18.73 6.90 -1.65
CA ASP A 511 -17.60 5.99 -1.71
C ASP A 511 -16.36 6.65 -1.12
N GLY A 512 -16.53 7.77 -0.41
CA GLY A 512 -15.42 8.51 0.17
C GLY A 512 -14.90 7.90 1.49
N ASN A 513 -13.98 8.61 2.14
CA ASN A 513 -13.35 8.12 3.36
C ASN A 513 -14.35 7.96 4.50
N ILE A 514 -15.39 8.79 4.50
CA ILE A 514 -16.37 8.87 5.57
C ILE A 514 -17.46 7.83 5.33
N LEU A 515 -18.24 8.01 4.25
CA LEU A 515 -19.40 7.15 4.07
C LEU A 515 -18.97 5.75 3.68
N GLY A 516 -17.72 5.59 3.19
CA GLY A 516 -17.20 4.29 2.78
C GLY A 516 -16.24 3.67 3.81
N HIS A 517 -16.18 4.25 5.02
CA HIS A 517 -15.45 3.71 6.17
C HIS A 517 -14.01 3.37 5.83
N LYS A 518 -13.20 4.38 5.53
CA LYS A 518 -11.80 4.12 5.16
C LYS A 518 -10.85 4.71 6.20
N LEU A 519 -11.36 5.06 7.39
CA LEU A 519 -10.54 5.68 8.43
C LEU A 519 -10.17 4.64 9.49
N GLU A 520 -8.92 4.68 9.94
CA GLU A 520 -8.47 3.79 11.00
C GLU A 520 -9.21 4.12 12.29
N TYR A 521 -9.36 3.10 13.14
CA TYR A 521 -10.04 3.28 14.41
C TYR A 521 -9.01 3.67 15.47
N ASN A 522 -8.58 4.93 15.43
CA ASN A 522 -7.63 5.43 16.42
C ASN A 522 -7.58 6.97 16.35
N TRP A 523 -6.60 7.55 17.06
CA TRP A 523 -6.40 8.97 17.14
C TRP A 523 -4.93 9.31 16.84
N ASN A 524 -4.25 8.41 16.13
CA ASN A 524 -2.79 8.41 16.00
C ASN A 524 -2.30 9.65 15.23
N ALA A 525 -3.07 10.11 14.23
CA ALA A 525 -2.69 11.26 13.43
C ALA A 525 -2.52 12.50 14.29
N ASN A 526 -3.06 12.48 15.51
CA ASN A 526 -3.06 13.65 16.36
C ASN A 526 -1.90 13.60 17.35
N LEU A 527 -1.11 12.53 17.34
CA LEU A 527 -0.09 12.30 18.38
C LEU A 527 1.15 13.15 18.12
N ALA A 528 1.68 13.12 16.89
CA ALA A 528 2.80 13.95 16.49
C ALA A 528 2.35 15.40 16.21
N PRO A 529 2.82 16.38 17.02
CA PRO A 529 2.50 17.79 16.80
C PRO A 529 3.03 18.26 15.44
N ASN A 530 2.45 19.34 14.91
CA ASN A 530 2.74 19.74 13.53
C ASN A 530 3.18 21.21 13.44
N LEU A 531 3.32 21.90 14.60
CA LEU A 531 3.83 23.26 14.63
C LEU A 531 5.29 23.27 15.06
N PRO A 532 6.10 24.21 14.53
CA PRO A 532 7.52 24.31 14.88
C PRO A 532 7.78 24.49 16.37
N THR A 533 6.81 25.09 17.07
CA THR A 533 7.00 25.44 18.46
C THR A 533 7.01 24.19 19.34
N ALA A 534 6.62 23.03 18.79
CA ALA A 534 6.59 21.82 19.58
C ALA A 534 7.92 21.10 19.55
N TYR A 535 8.89 21.62 18.78
CA TYR A 535 10.13 20.90 18.58
C TYR A 535 11.33 21.80 18.89
N VAL A 536 11.19 22.66 19.91
CA VAL A 536 12.27 23.54 20.30
C VAL A 536 13.54 22.73 20.61
N LYS A 537 13.39 21.59 21.30
CA LYS A 537 14.51 20.76 21.69
C LYS A 537 15.33 20.35 20.46
N ASP A 538 14.67 20.19 19.30
CA ASP A 538 15.35 19.70 18.11
C ASP A 538 15.74 20.83 17.16
N GLN A 539 15.40 22.08 17.49
CA GLN A 539 15.63 23.20 16.61
C GLN A 539 17.13 23.52 16.58
N ILE A 540 17.57 24.01 15.42
CA ILE A 540 18.85 24.65 15.25
C ILE A 540 18.60 26.01 14.59
N THR A 541 19.12 27.07 15.19
CA THR A 541 18.90 28.42 14.70
C THR A 541 19.85 28.70 13.53
N LEU A 542 19.27 28.97 12.35
CA LEU A 542 20.07 29.37 11.20
C LEU A 542 20.52 30.81 11.42
N ASP A 543 21.80 31.08 11.09
CA ASP A 543 22.35 32.34 11.53
C ASP A 543 22.16 33.37 10.43
N PHE A 544 21.09 34.17 10.57
CA PHE A 544 20.73 35.04 9.49
C PHE A 544 21.62 36.28 9.46
N ALA A 545 22.28 36.59 10.59
CA ALA A 545 23.23 37.70 10.60
C ALA A 545 24.48 37.30 9.84
N TYR A 546 24.91 36.04 10.03
CA TYR A 546 26.00 35.49 9.25
C TYR A 546 25.66 35.55 7.76
N TRP A 547 24.43 35.18 7.40
CA TRP A 547 24.06 35.15 5.99
C TRP A 547 23.87 36.55 5.45
N ALA A 548 23.46 37.50 6.30
CA ALA A 548 23.38 38.87 5.82
C ALA A 548 24.75 39.34 5.33
N LYS A 549 25.80 39.07 6.12
CA LYS A 549 27.15 39.55 5.82
C LYS A 549 27.75 38.74 4.68
N ASN A 550 27.59 37.41 4.69
CA ASN A 550 28.43 36.56 3.84
C ASN A 550 27.70 36.05 2.60
N GLY A 551 26.37 36.24 2.56
CA GLY A 551 25.50 35.77 1.49
C GLY A 551 26.09 35.92 0.08
N PRO A 552 26.36 37.17 -0.39
CA PRO A 552 26.95 37.38 -1.72
C PRO A 552 28.17 36.52 -2.03
N ALA A 553 29.11 36.42 -1.09
CA ALA A 553 30.33 35.64 -1.31
C ALA A 553 30.02 34.15 -1.40
N ILE A 554 29.09 33.66 -0.58
CA ILE A 554 28.70 32.26 -0.63
C ILE A 554 28.02 31.98 -1.96
N ALA A 555 27.11 32.88 -2.37
CA ALA A 555 26.41 32.75 -3.63
C ALA A 555 27.39 32.50 -4.77
N THR A 556 28.42 33.36 -4.88
CA THR A 556 29.46 33.20 -5.89
C THR A 556 30.03 31.78 -5.81
N ARG A 557 30.45 31.35 -4.62
CA ARG A 557 31.04 30.03 -4.46
C ARG A 557 30.04 28.92 -4.82
N TRP A 558 28.77 29.12 -4.47
CA TRP A 558 27.70 28.14 -4.67
C TRP A 558 27.40 27.96 -6.16
N ASN A 559 27.28 29.09 -6.89
CA ASN A 559 27.02 29.12 -8.32
C ASN A 559 28.16 28.44 -9.07
N GLU A 560 29.41 28.73 -8.71
CA GLU A 560 30.59 28.08 -9.28
C GLU A 560 30.49 26.57 -9.10
N TRP A 561 30.11 26.13 -7.89
CA TRP A 561 30.09 24.72 -7.55
C TRP A 561 28.96 23.99 -8.30
N LEU A 562 28.02 24.76 -8.84
CA LEU A 562 26.73 24.21 -9.21
C LEU A 562 26.83 23.65 -10.62
N VAL A 563 27.93 23.99 -11.32
CA VAL A 563 28.11 23.60 -12.70
C VAL A 563 29.45 22.89 -12.84
N LYS A 564 29.99 22.42 -11.71
CA LYS A 564 31.25 21.67 -11.68
C LYS A 564 30.95 20.15 -11.70
N GLU B 8 10.50 -55.19 -29.87
CA GLU B 8 9.83 -54.17 -30.73
C GLU B 8 8.74 -53.46 -29.93
N SER B 9 7.94 -54.20 -29.15
CA SER B 9 6.64 -53.70 -28.71
C SER B 9 6.28 -54.20 -27.31
N ILE B 10 5.70 -53.32 -26.50
CA ILE B 10 5.27 -53.59 -25.13
C ILE B 10 3.76 -53.37 -25.04
N ASN B 11 3.10 -54.18 -24.23
CA ASN B 11 1.67 -54.09 -23.98
C ASN B 11 1.46 -53.42 -22.62
N PHE B 12 0.79 -52.25 -22.60
CA PHE B 12 0.51 -51.51 -21.38
C PHE B 12 -0.98 -51.63 -21.02
N VAL B 13 -1.26 -52.04 -19.77
CA VAL B 13 -2.60 -52.41 -19.36
C VAL B 13 -3.06 -51.49 -18.23
N SER B 14 -4.19 -50.82 -18.42
CA SER B 14 -4.68 -49.91 -17.40
C SER B 14 -6.20 -49.94 -17.37
N TRP B 15 -6.81 -48.85 -16.91
CA TRP B 15 -8.21 -48.85 -16.53
C TRP B 15 -9.10 -48.26 -17.62
N GLY B 16 -8.53 -48.01 -18.80
CA GLY B 16 -9.29 -47.56 -19.96
C GLY B 16 -9.77 -46.11 -19.83
N GLY B 17 -10.43 -45.64 -20.89
CA GLY B 17 -11.11 -44.35 -20.92
C GLY B 17 -10.12 -43.19 -20.84
N SER B 18 -10.59 -42.08 -20.28
CA SER B 18 -9.83 -40.84 -20.16
C SER B 18 -8.55 -41.05 -19.38
N THR B 19 -8.52 -41.95 -18.39
CA THR B 19 -7.30 -42.10 -17.62
C THR B 19 -6.22 -42.77 -18.47
N GLN B 20 -6.63 -43.76 -19.26
CA GLN B 20 -5.64 -44.51 -20.01
C GLN B 20 -5.18 -43.69 -21.21
N ASP B 21 -6.11 -42.90 -21.78
CA ASP B 21 -5.78 -41.94 -22.83
C ASP B 21 -4.71 -40.98 -22.30
N ALA B 22 -4.90 -40.44 -21.10
CA ALA B 22 -3.90 -39.59 -20.47
C ALA B 22 -2.57 -40.32 -20.30
N GLN B 23 -2.61 -41.60 -19.91
CA GLN B 23 -1.37 -42.34 -19.72
C GLN B 23 -0.68 -42.56 -21.06
N LYS B 24 -1.45 -42.81 -22.12
CA LYS B 24 -0.88 -42.91 -23.46
C LYS B 24 -0.20 -41.59 -23.84
N GLN B 25 -0.89 -40.48 -23.62
CA GLN B 25 -0.41 -39.18 -24.04
C GLN B 25 0.81 -38.75 -23.23
N ALA B 26 0.79 -39.00 -21.92
CA ALA B 26 1.83 -38.48 -21.04
C ALA B 26 2.99 -39.45 -20.90
N TRP B 27 2.75 -40.76 -21.05
CA TRP B 27 3.79 -41.76 -20.82
C TRP B 27 4.23 -42.44 -22.12
N ALA B 28 3.27 -43.01 -22.87
CA ALA B 28 3.61 -43.90 -23.97
C ALA B 28 4.22 -43.13 -25.13
N ASP B 29 3.58 -42.03 -25.54
CA ASP B 29 4.02 -41.26 -26.68
C ASP B 29 5.46 -40.76 -26.49
N PRO B 30 5.78 -40.01 -25.40
CA PRO B 30 7.16 -39.59 -25.15
C PRO B 30 8.16 -40.74 -25.15
N PHE B 31 7.75 -41.86 -24.54
CA PHE B 31 8.64 -43.01 -24.41
C PHE B 31 8.93 -43.64 -25.77
N SER B 32 7.91 -43.75 -26.63
CA SER B 32 8.06 -44.29 -27.98
C SER B 32 8.98 -43.42 -28.82
N LYS B 33 8.68 -42.10 -28.81
CA LYS B 33 9.49 -41.13 -29.51
C LYS B 33 10.96 -41.33 -29.15
N ALA B 34 11.26 -41.42 -27.85
CA ALA B 34 12.63 -41.52 -27.39
C ALA B 34 13.28 -42.89 -27.70
N SER B 35 12.51 -43.98 -27.61
CA SER B 35 13.16 -45.29 -27.51
C SER B 35 12.89 -46.15 -28.73
N GLY B 36 11.86 -45.80 -29.53
CA GLY B 36 11.50 -46.57 -30.70
C GLY B 36 10.76 -47.86 -30.36
N ILE B 37 10.41 -48.04 -29.07
CA ILE B 37 9.58 -49.16 -28.64
C ILE B 37 8.10 -48.77 -28.79
N THR B 38 7.33 -49.60 -29.50
CA THR B 38 5.90 -49.39 -29.66
C THR B 38 5.20 -49.73 -28.34
N VAL B 39 4.17 -48.94 -28.02
CA VAL B 39 3.37 -49.28 -26.85
C VAL B 39 1.94 -49.50 -27.32
N VAL B 40 1.43 -50.71 -27.09
CA VAL B 40 0.06 -51.01 -27.46
C VAL B 40 -0.79 -50.90 -26.20
N GLN B 41 -1.94 -50.22 -26.29
CA GLN B 41 -2.82 -50.01 -25.16
C GLN B 41 -3.79 -51.18 -25.04
N ASP B 42 -3.82 -51.82 -23.88
CA ASP B 42 -4.70 -52.95 -23.66
C ASP B 42 -5.36 -52.84 -22.29
N GLY B 43 -6.25 -53.80 -22.01
CA GLY B 43 -6.95 -53.83 -20.74
C GLY B 43 -8.45 -54.00 -20.93
N PRO B 44 -9.27 -53.81 -19.88
CA PRO B 44 -8.83 -53.20 -18.61
C PRO B 44 -8.12 -54.15 -17.66
N THR B 45 -7.38 -53.58 -16.71
CA THR B 45 -6.78 -54.35 -15.64
C THR B 45 -7.81 -55.29 -15.05
N ASP B 46 -7.39 -56.55 -14.91
CA ASP B 46 -8.20 -57.63 -14.43
C ASP B 46 -7.24 -58.57 -13.72
N TYR B 47 -7.40 -58.69 -12.40
CA TYR B 47 -6.45 -59.41 -11.57
C TYR B 47 -6.46 -60.91 -11.90
N GLY B 48 -7.65 -61.45 -12.19
CA GLY B 48 -7.80 -62.83 -12.61
C GLY B 48 -6.97 -63.13 -13.85
N LYS B 49 -7.15 -62.31 -14.91
CA LYS B 49 -6.48 -62.53 -16.18
C LYS B 49 -4.95 -62.46 -15.97
N LEU B 50 -4.49 -61.59 -15.05
CA LEU B 50 -3.08 -61.43 -14.77
C LEU B 50 -2.51 -62.70 -14.12
N LYS B 51 -3.19 -63.20 -13.07
CA LYS B 51 -2.77 -64.40 -12.38
C LYS B 51 -2.73 -65.56 -13.39
N ALA B 52 -3.78 -65.67 -14.20
CA ALA B 52 -3.90 -66.78 -15.14
C ALA B 52 -2.73 -66.82 -16.12
N MET B 53 -2.43 -65.68 -16.77
CA MET B 53 -1.39 -65.69 -17.80
C MET B 53 -0.02 -65.92 -17.17
N VAL B 54 0.15 -65.51 -15.90
CA VAL B 54 1.43 -65.67 -15.23
C VAL B 54 1.63 -67.15 -14.93
N GLU B 55 0.56 -67.80 -14.45
CA GLU B 55 0.59 -69.20 -14.06
C GLU B 55 0.79 -70.08 -15.29
N SER B 56 0.18 -69.70 -16.43
CA SER B 56 0.27 -70.47 -17.65
C SER B 56 1.64 -70.32 -18.33
N GLY B 57 2.41 -69.29 -17.94
CA GLY B 57 3.71 -69.01 -18.54
C GLY B 57 3.60 -68.33 -19.91
N ASN B 58 2.37 -67.99 -20.36
CA ASN B 58 2.21 -67.26 -21.61
C ASN B 58 1.67 -65.86 -21.31
N VAL B 59 2.58 -64.94 -20.97
CA VAL B 59 2.25 -63.63 -20.45
C VAL B 59 2.21 -62.64 -21.60
N GLN B 60 1.05 -62.01 -21.81
CA GLN B 60 0.80 -61.14 -22.94
C GLN B 60 0.80 -59.67 -22.50
N TRP B 61 0.83 -59.41 -21.18
CA TRP B 61 0.84 -58.09 -20.57
C TRP B 61 2.21 -57.75 -19.99
N ASP B 62 2.77 -56.60 -20.39
CA ASP B 62 4.14 -56.27 -20.04
C ASP B 62 4.20 -55.30 -18.86
N VAL B 63 3.35 -54.28 -18.89
CA VAL B 63 3.28 -53.29 -17.83
C VAL B 63 1.83 -53.13 -17.47
N VAL B 64 1.52 -53.23 -16.16
CA VAL B 64 0.14 -53.20 -15.72
C VAL B 64 0.03 -52.20 -14.58
N ASP B 65 -1.02 -51.38 -14.67
CA ASP B 65 -1.42 -50.45 -13.64
C ASP B 65 -2.40 -51.15 -12.70
N VAL B 66 -2.02 -51.26 -11.41
CA VAL B 66 -2.84 -51.98 -10.43
C VAL B 66 -3.00 -51.13 -9.17
N GLU B 67 -3.99 -51.47 -8.34
CA GLU B 67 -4.14 -50.84 -7.03
C GLU B 67 -3.08 -51.37 -6.07
N ALA B 68 -2.67 -50.52 -5.12
CA ALA B 68 -1.59 -50.85 -4.19
C ALA B 68 -1.85 -52.18 -3.46
N ASP B 69 -3.10 -52.42 -3.04
CA ASP B 69 -3.39 -53.63 -2.28
C ASP B 69 -3.04 -54.86 -3.12
N PHE B 70 -3.41 -54.83 -4.42
CA PHE B 70 -3.11 -55.93 -5.30
C PHE B 70 -1.61 -56.05 -5.55
N ALA B 71 -0.91 -54.92 -5.66
CA ALA B 71 0.52 -54.98 -5.91
C ALA B 71 1.22 -55.73 -4.79
N LEU B 72 0.79 -55.51 -3.53
CA LEU B 72 1.39 -56.19 -2.39
C LEU B 72 1.09 -57.68 -2.46
N ARG B 73 -0.19 -58.02 -2.70
CA ARG B 73 -0.64 -59.40 -2.71
C ARG B 73 0.09 -60.15 -3.82
N ALA B 74 0.13 -59.56 -5.02
CA ALA B 74 0.77 -60.18 -6.18
C ALA B 74 2.27 -60.39 -5.94
N ALA B 75 2.93 -59.44 -5.29
CA ALA B 75 4.34 -59.62 -4.97
C ALA B 75 4.50 -60.81 -4.03
N ALA B 76 3.61 -60.93 -3.04
CA ALA B 76 3.67 -62.02 -2.07
C ALA B 76 3.39 -63.37 -2.73
N GLU B 77 2.54 -63.40 -3.77
CA GLU B 77 2.13 -64.64 -4.43
C GLU B 77 3.12 -65.01 -5.54
N GLY B 78 4.21 -64.23 -5.70
CA GLY B 78 5.28 -64.50 -6.66
C GLY B 78 4.88 -64.23 -8.12
N LEU B 79 3.93 -63.30 -8.35
CA LEU B 79 3.34 -63.05 -9.67
C LEU B 79 4.12 -62.00 -10.45
N LEU B 80 5.10 -61.32 -9.83
CA LEU B 80 5.68 -60.13 -10.44
C LEU B 80 7.19 -60.26 -10.62
N GLU B 81 7.71 -59.61 -11.68
CA GLU B 81 9.14 -59.46 -11.86
C GLU B 81 9.70 -58.48 -10.83
N PRO B 82 10.88 -58.76 -10.23
CA PRO B 82 11.56 -57.76 -9.41
C PRO B 82 11.98 -56.65 -10.36
N LEU B 83 11.86 -55.40 -9.92
CA LEU B 83 12.15 -54.26 -10.76
C LEU B 83 13.67 -54.09 -10.84
N ASP B 84 14.14 -53.51 -11.95
CA ASP B 84 15.57 -53.28 -12.14
C ASP B 84 15.91 -51.82 -11.81
N PHE B 85 16.53 -51.65 -10.63
CA PHE B 85 16.84 -50.32 -10.14
C PHE B 85 18.17 -49.80 -10.68
N SER B 86 18.77 -50.51 -11.65
CA SER B 86 19.84 -49.90 -12.40
C SER B 86 19.27 -48.95 -13.46
N VAL B 87 17.96 -49.07 -13.74
CA VAL B 87 17.34 -48.29 -14.79
C VAL B 87 16.29 -47.35 -14.19
N ILE B 88 15.52 -47.85 -13.22
CA ILE B 88 14.57 -47.03 -12.49
C ILE B 88 15.27 -46.31 -11.34
N GLN B 89 15.12 -44.98 -11.29
CA GLN B 89 15.79 -44.18 -10.26
C GLN B 89 14.98 -44.26 -8.97
N ARG B 90 15.33 -45.25 -8.11
CA ARG B 90 14.53 -45.56 -6.94
C ARG B 90 14.43 -44.37 -5.97
N ASP B 91 15.51 -43.58 -5.92
CA ASP B 91 15.68 -42.52 -4.94
C ASP B 91 14.70 -41.37 -5.20
N LYS B 92 14.12 -41.33 -6.41
CA LYS B 92 13.32 -40.18 -6.81
C LYS B 92 11.84 -40.45 -6.59
N ILE B 93 11.51 -41.65 -6.11
CA ILE B 93 10.12 -42.02 -5.95
C ILE B 93 9.70 -41.84 -4.50
N ASP B 94 8.50 -41.28 -4.30
CA ASP B 94 7.96 -41.19 -2.95
C ASP B 94 8.26 -42.51 -2.23
N PRO B 95 8.97 -42.49 -1.08
CA PRO B 95 9.36 -43.72 -0.41
C PRO B 95 8.19 -44.65 -0.03
N ARG B 96 6.99 -44.08 0.08
CA ARG B 96 5.80 -44.85 0.44
C ARG B 96 5.35 -45.76 -0.71
N PHE B 97 5.65 -45.38 -1.96
CA PHE B 97 5.07 -46.07 -3.11
C PHE B 97 6.13 -46.67 -4.04
N VAL B 98 7.19 -47.24 -3.47
CA VAL B 98 8.16 -47.99 -4.24
C VAL B 98 8.52 -49.24 -3.46
N SER B 99 8.79 -50.34 -4.15
CA SER B 99 9.16 -51.60 -3.51
C SER B 99 9.94 -52.40 -4.52
N ASP B 100 10.32 -53.62 -4.16
CA ASP B 100 11.10 -54.45 -5.07
C ASP B 100 10.28 -54.85 -6.29
N HIS B 101 8.95 -54.81 -6.19
CA HIS B 101 8.11 -55.32 -7.26
C HIS B 101 7.13 -54.29 -7.84
N GLY B 102 7.32 -52.99 -7.52
CA GLY B 102 6.38 -52.00 -8.01
C GLY B 102 6.88 -50.57 -7.86
N VAL B 103 6.46 -49.70 -8.79
CA VAL B 103 6.70 -48.27 -8.64
C VAL B 103 5.35 -47.55 -8.69
N GLY B 104 5.20 -46.48 -7.89
CA GLY B 104 3.99 -45.68 -7.86
C GLY B 104 3.62 -45.17 -9.24
N ALA B 105 2.34 -45.30 -9.60
CA ALA B 105 1.83 -44.76 -10.85
C ALA B 105 1.26 -43.36 -10.62
N PHE B 106 0.44 -43.23 -9.55
CA PHE B 106 -0.16 -41.94 -9.20
C PHE B 106 -0.98 -42.10 -7.92
N LEU B 107 -1.31 -40.97 -7.30
CA LEU B 107 -2.10 -40.90 -6.08
C LEU B 107 -3.48 -40.39 -6.48
N TYR B 108 -4.54 -40.95 -5.87
CA TYR B 108 -5.87 -40.42 -6.15
C TYR B 108 -6.77 -40.57 -4.94
N SER B 109 -7.99 -40.03 -5.06
CA SER B 109 -8.98 -40.10 -3.99
C SER B 109 -10.31 -40.59 -4.56
N TYR B 110 -11.03 -41.38 -3.78
CA TYR B 110 -12.48 -41.44 -3.91
C TYR B 110 -13.05 -40.16 -3.31
N VAL B 111 -13.90 -39.49 -4.09
CA VAL B 111 -14.56 -38.26 -3.71
C VAL B 111 -16.05 -38.43 -3.97
N LEU B 112 -16.87 -37.55 -3.38
CA LEU B 112 -18.31 -37.58 -3.55
C LEU B 112 -18.67 -36.67 -4.71
N GLY B 113 -19.17 -37.27 -5.80
CA GLY B 113 -19.66 -36.53 -6.95
C GLY B 113 -21.17 -36.49 -6.97
N TYR B 114 -21.73 -35.38 -7.51
CA TYR B 114 -23.17 -35.19 -7.60
C TYR B 114 -23.53 -34.35 -8.81
N ASN B 115 -24.78 -34.48 -9.29
CA ASN B 115 -25.35 -33.63 -10.33
C ASN B 115 -25.84 -32.30 -9.77
N GLU B 116 -25.27 -31.19 -10.27
CA GLU B 116 -25.57 -29.84 -9.83
C GLU B 116 -26.87 -29.39 -10.52
N LYS B 123 -26.86 -28.83 -1.60
CA LYS B 123 -25.61 -29.40 -2.17
C LYS B 123 -24.93 -30.32 -1.15
N PRO B 124 -24.59 -31.58 -1.51
CA PRO B 124 -24.11 -32.59 -0.55
C PRO B 124 -22.68 -32.40 -0.06
N GLN B 125 -22.40 -32.82 1.18
CA GLN B 125 -21.20 -32.38 1.87
C GLN B 125 -20.29 -33.56 2.21
N ASP B 126 -20.86 -34.63 2.78
CA ASP B 126 -20.14 -35.75 3.41
C ASP B 126 -20.66 -37.05 2.81
N TRP B 127 -19.99 -38.17 3.12
CA TRP B 127 -20.55 -39.47 2.74
C TRP B 127 -21.96 -39.70 3.29
N THR B 128 -22.33 -39.00 4.38
CA THR B 128 -23.66 -39.20 4.96
C THR B 128 -24.73 -38.93 3.92
N ALA B 129 -24.42 -38.04 2.96
CA ALA B 129 -25.37 -37.64 1.94
C ALA B 129 -25.80 -38.83 1.06
N LEU B 130 -24.92 -39.81 0.86
CA LEU B 130 -25.30 -41.01 0.12
C LEU B 130 -26.41 -41.76 0.84
N PHE B 131 -26.60 -41.49 2.14
CA PHE B 131 -27.52 -42.31 2.93
C PHE B 131 -28.81 -41.56 3.23
N ASP B 132 -28.94 -40.33 2.72
CA ASP B 132 -30.15 -39.54 2.94
C ASP B 132 -30.93 -39.41 1.63
N THR B 133 -31.76 -40.43 1.34
CA THR B 133 -32.56 -40.46 0.12
C THR B 133 -33.71 -39.45 0.21
N LYS B 134 -34.07 -39.05 1.44
CA LYS B 134 -35.15 -38.09 1.66
C LYS B 134 -34.73 -36.70 1.18
N THR B 135 -33.55 -36.24 1.65
CA THR B 135 -33.06 -34.91 1.30
C THR B 135 -32.59 -34.88 -0.14
N TYR B 136 -31.86 -35.93 -0.56
CA TYR B 136 -31.25 -35.95 -1.88
C TYR B 136 -31.75 -37.18 -2.63
N PRO B 137 -32.76 -37.02 -3.52
CA PRO B 137 -33.32 -38.17 -4.25
C PRO B 137 -32.38 -38.69 -5.33
N GLY B 138 -32.61 -39.93 -5.78
CA GLY B 138 -31.93 -40.48 -6.95
C GLY B 138 -31.09 -41.72 -6.62
N LYS B 139 -30.62 -42.40 -7.67
CA LYS B 139 -29.79 -43.59 -7.48
C LYS B 139 -28.39 -43.14 -7.03
N ARG B 140 -27.67 -44.03 -6.33
CA ARG B 140 -26.32 -43.73 -5.84
C ARG B 140 -25.32 -44.68 -6.50
N ALA B 141 -24.20 -44.12 -7.01
CA ALA B 141 -23.18 -44.86 -7.74
C ALA B 141 -22.07 -45.30 -6.79
N LEU B 142 -21.77 -46.60 -6.80
CA LEU B 142 -20.71 -47.15 -5.97
C LEU B 142 -19.94 -48.19 -6.75
N TYR B 143 -18.68 -48.41 -6.36
CA TYR B 143 -17.80 -49.29 -7.10
C TYR B 143 -18.16 -50.74 -6.80
N LYS B 144 -18.28 -51.55 -7.86
CA LYS B 144 -18.79 -52.92 -7.84
C LYS B 144 -17.81 -53.91 -7.19
N TRP B 145 -16.51 -53.68 -7.40
CA TRP B 145 -15.49 -54.68 -7.06
C TRP B 145 -15.06 -54.57 -5.60
N PRO B 146 -14.85 -55.72 -4.91
CA PRO B 146 -14.45 -55.71 -3.50
C PRO B 146 -13.04 -55.15 -3.44
N SER B 147 -12.88 -54.03 -2.73
CA SER B 147 -11.72 -53.17 -2.97
C SER B 147 -11.81 -52.00 -2.01
N PRO B 148 -10.68 -51.43 -1.53
CA PRO B 148 -10.78 -50.34 -0.54
C PRO B 148 -11.73 -49.28 -1.06
N GLY B 149 -12.62 -48.78 -0.21
CA GLY B 149 -13.47 -47.64 -0.59
C GLY B 149 -14.87 -47.69 0.01
N VAL B 150 -15.71 -48.59 -0.53
CA VAL B 150 -17.14 -48.60 -0.20
C VAL B 150 -17.34 -48.91 1.28
N LEU B 151 -16.74 -50.02 1.75
CA LEU B 151 -16.89 -50.41 3.15
C LEU B 151 -16.43 -49.27 4.06
N GLU B 152 -15.27 -48.65 3.73
CA GLU B 152 -14.76 -47.57 4.57
C GLU B 152 -15.72 -46.39 4.62
N LEU B 153 -16.28 -46.00 3.46
CA LEU B 153 -17.09 -44.79 3.43
C LEU B 153 -18.42 -45.06 4.13
N ALA B 154 -18.85 -46.34 4.11
CA ALA B 154 -20.05 -46.73 4.82
C ALA B 154 -19.85 -46.55 6.32
N LEU B 155 -18.69 -47.01 6.81
CA LEU B 155 -18.38 -46.93 8.22
C LEU B 155 -18.28 -45.47 8.66
N LEU B 156 -17.63 -44.64 7.83
CA LEU B 156 -17.50 -43.22 8.13
C LEU B 156 -18.87 -42.56 8.22
N ALA B 157 -19.78 -42.92 7.31
CA ALA B 157 -21.10 -42.32 7.28
C ALA B 157 -21.90 -42.80 8.50
N ASP B 158 -21.48 -43.92 9.09
CA ASP B 158 -22.19 -44.48 10.23
C ASP B 158 -21.56 -44.00 11.54
N GLY B 159 -20.62 -43.05 11.45
CA GLY B 159 -20.09 -42.39 12.64
C GLY B 159 -18.74 -42.93 13.15
N VAL B 160 -18.16 -43.94 12.49
CA VAL B 160 -16.84 -44.43 12.87
C VAL B 160 -15.81 -43.32 12.59
N PRO B 161 -14.97 -42.92 13.57
CA PRO B 161 -13.93 -41.93 13.34
C PRO B 161 -12.79 -42.48 12.47
N ALA B 162 -12.17 -41.59 11.68
CA ALA B 162 -11.12 -41.91 10.71
C ALA B 162 -10.09 -42.88 11.29
N ASP B 163 -9.59 -42.58 12.48
CA ASP B 163 -8.43 -43.27 13.01
C ASP B 163 -8.80 -44.64 13.56
N LYS B 164 -10.09 -45.02 13.48
CA LYS B 164 -10.54 -46.26 14.10
C LYS B 164 -11.26 -47.16 13.10
N LEU B 165 -10.99 -46.97 11.79
CA LEU B 165 -11.65 -47.74 10.74
C LEU B 165 -11.21 -49.21 10.76
N TYR B 166 -9.93 -49.45 11.05
CA TYR B 166 -9.32 -50.75 10.83
C TYR B 166 -9.10 -51.48 12.16
N PRO B 167 -9.34 -52.80 12.23
CA PRO B 167 -9.90 -53.55 11.10
C PRO B 167 -11.39 -53.28 10.86
N LEU B 168 -11.83 -53.51 9.61
CA LEU B 168 -13.17 -53.14 9.20
C LEU B 168 -14.17 -53.98 9.98
N ASP B 169 -15.12 -53.27 10.60
CA ASP B 169 -16.31 -53.89 11.17
C ASP B 169 -17.32 -54.15 10.04
N LEU B 170 -17.19 -55.34 9.45
CA LEU B 170 -17.93 -55.70 8.24
C LEU B 170 -19.44 -55.74 8.48
N ASP B 171 -19.86 -56.33 9.62
CA ASP B 171 -21.29 -56.45 9.94
C ASP B 171 -21.92 -55.06 9.92
N ARG B 172 -21.27 -54.09 10.57
CA ARG B 172 -21.76 -52.73 10.67
C ARG B 172 -21.80 -52.06 9.30
N ALA B 173 -20.78 -52.33 8.47
CA ALA B 173 -20.70 -51.72 7.14
C ALA B 173 -21.81 -52.23 6.22
N PHE B 174 -22.08 -53.54 6.24
CA PHE B 174 -23.14 -54.12 5.43
C PHE B 174 -24.50 -53.60 5.90
N LYS B 175 -24.68 -53.50 7.22
CA LYS B 175 -25.93 -52.99 7.81
C LYS B 175 -26.19 -51.59 7.27
N LYS B 176 -25.14 -50.77 7.16
CA LYS B 176 -25.28 -49.39 6.74
C LYS B 176 -25.63 -49.33 5.25
N LEU B 177 -25.01 -50.21 4.46
CA LEU B 177 -25.24 -50.29 3.03
C LEU B 177 -26.66 -50.77 2.74
N ASP B 178 -27.16 -51.69 3.59
CA ASP B 178 -28.49 -52.25 3.48
C ASP B 178 -29.53 -51.12 3.40
N THR B 179 -29.34 -50.06 4.18
CA THR B 179 -30.30 -48.97 4.25
C THR B 179 -30.52 -48.31 2.88
N ILE B 180 -29.68 -48.65 1.88
CA ILE B 180 -29.84 -48.02 0.57
C ILE B 180 -29.70 -49.05 -0.56
N LYS B 181 -29.69 -50.35 -0.25
CA LYS B 181 -29.32 -51.37 -1.21
C LYS B 181 -30.12 -51.19 -2.51
N LYS B 182 -31.40 -50.87 -2.36
CA LYS B 182 -32.33 -50.74 -3.47
C LYS B 182 -31.92 -49.61 -4.42
N ASP B 183 -31.18 -48.61 -3.89
CA ASP B 183 -30.92 -47.38 -4.62
C ASP B 183 -29.49 -47.38 -5.18
N ILE B 184 -28.76 -48.50 -5.08
CA ILE B 184 -27.37 -48.52 -5.51
C ILE B 184 -27.27 -48.97 -6.95
N VAL B 185 -26.51 -48.22 -7.76
CA VAL B 185 -26.14 -48.67 -9.08
C VAL B 185 -24.63 -48.90 -9.06
N TRP B 186 -24.22 -50.14 -9.32
CA TRP B 186 -22.81 -50.49 -9.30
C TRP B 186 -22.12 -50.01 -10.58
N TRP B 187 -20.94 -49.39 -10.43
CA TRP B 187 -20.06 -49.19 -11.58
C TRP B 187 -18.86 -50.12 -11.49
N GLY B 188 -18.52 -50.72 -12.65
CA GLY B 188 -17.42 -51.67 -12.73
C GLY B 188 -16.15 -51.06 -13.31
N GLY B 189 -16.28 -49.90 -13.95
CA GLY B 189 -15.18 -49.26 -14.66
C GLY B 189 -15.33 -47.74 -14.61
N GLY B 190 -14.23 -47.03 -14.88
CA GLY B 190 -14.24 -45.58 -14.80
C GLY B 190 -15.21 -44.96 -15.81
N ALA B 191 -15.16 -45.44 -17.06
CA ALA B 191 -15.99 -44.91 -18.13
C ALA B 191 -17.47 -45.02 -17.77
N GLN B 192 -17.86 -46.18 -17.24
CA GLN B 192 -19.25 -46.41 -16.88
C GLN B 192 -19.63 -45.42 -15.78
N SER B 193 -18.74 -45.23 -14.81
CA SER B 193 -19.08 -44.33 -13.72
C SER B 193 -19.35 -42.92 -14.27
N GLN B 194 -18.57 -42.52 -15.27
CA GLN B 194 -18.70 -41.20 -15.87
C GLN B 194 -20.04 -41.08 -16.60
N GLN B 195 -20.40 -42.15 -17.32
CA GLN B 195 -21.66 -42.16 -18.05
C GLN B 195 -22.83 -42.12 -17.06
N LEU B 196 -22.72 -42.87 -15.96
CA LEU B 196 -23.80 -42.94 -14.99
C LEU B 196 -24.09 -41.56 -14.44
N LEU B 197 -23.03 -40.77 -14.22
CA LEU B 197 -23.22 -39.47 -13.59
C LEU B 197 -23.57 -38.41 -14.62
N ALA B 198 -22.90 -38.45 -15.79
CA ALA B 198 -23.07 -37.41 -16.79
C ALA B 198 -24.50 -37.40 -17.33
N SER B 199 -25.06 -38.59 -17.58
CA SER B 199 -26.49 -38.69 -17.77
C SER B 199 -27.11 -38.66 -16.38
N GLY B 200 -28.43 -38.61 -16.26
CA GLY B 200 -28.89 -38.47 -14.89
C GLY B 200 -29.15 -39.82 -14.21
N GLU B 201 -28.46 -40.88 -14.64
CA GLU B 201 -28.84 -42.22 -14.23
C GLU B 201 -28.65 -42.35 -12.71
N VAL B 202 -27.61 -41.72 -12.16
CA VAL B 202 -27.44 -41.55 -10.72
C VAL B 202 -27.40 -40.06 -10.42
N SER B 203 -27.67 -39.67 -9.18
CA SER B 203 -27.63 -38.27 -8.81
C SER B 203 -26.37 -37.92 -8.02
N MET B 204 -25.62 -38.95 -7.61
CA MET B 204 -24.64 -38.86 -6.54
C MET B 204 -23.81 -40.15 -6.54
N GLY B 205 -22.57 -40.10 -6.02
CA GLY B 205 -21.89 -41.34 -5.74
C GLY B 205 -20.42 -41.15 -5.34
N GLN B 206 -19.71 -42.29 -5.29
CA GLN B 206 -18.28 -42.39 -5.00
C GLN B 206 -17.56 -42.55 -6.34
N PHE B 207 -16.57 -41.70 -6.61
CA PHE B 207 -15.89 -41.69 -7.90
C PHE B 207 -14.40 -41.47 -7.68
N TRP B 208 -13.61 -42.00 -8.60
CA TRP B 208 -12.22 -41.61 -8.74
C TRP B 208 -12.18 -40.15 -9.15
N ASN B 209 -11.37 -39.33 -8.43
CA ASN B 209 -11.44 -37.88 -8.59
C ASN B 209 -11.19 -37.48 -10.03
N GLY B 210 -10.18 -38.11 -10.67
CA GLY B 210 -9.78 -37.79 -12.03
C GLY B 210 -10.94 -37.94 -13.03
N ARG B 211 -11.83 -38.90 -12.74
CA ARG B 211 -12.94 -39.13 -13.64
C ARG B 211 -13.90 -37.96 -13.57
N ILE B 212 -14.07 -37.40 -12.37
CA ILE B 212 -14.96 -36.27 -12.17
C ILE B 212 -14.33 -35.04 -12.81
N HIS B 213 -13.01 -34.86 -12.60
CA HIS B 213 -12.29 -33.80 -13.27
C HIS B 213 -12.56 -33.84 -14.78
N ALA B 214 -12.41 -35.01 -15.41
CA ALA B 214 -12.67 -35.16 -16.83
C ALA B 214 -14.04 -34.62 -17.21
N LEU B 215 -15.07 -35.01 -16.46
CA LEU B 215 -16.44 -34.55 -16.69
C LEU B 215 -16.54 -33.02 -16.59
N GLN B 216 -15.95 -32.44 -15.54
CA GLN B 216 -16.04 -31.01 -15.29
C GLN B 216 -15.42 -30.24 -16.45
N GLU B 217 -14.26 -30.70 -16.94
CA GLU B 217 -13.60 -29.94 -17.99
C GLU B 217 -14.35 -30.08 -19.32
N ASP B 218 -15.29 -31.03 -19.40
CA ASP B 218 -16.12 -31.24 -20.59
C ASP B 218 -17.42 -30.45 -20.45
N GLY B 219 -17.52 -29.66 -19.38
CA GLY B 219 -18.63 -28.74 -19.23
C GLY B 219 -19.85 -29.38 -18.58
N ALA B 220 -19.73 -30.67 -18.19
CA ALA B 220 -20.84 -31.35 -17.55
C ALA B 220 -21.13 -30.69 -16.21
N PRO B 221 -22.41 -30.61 -15.76
CA PRO B 221 -22.75 -29.92 -14.52
C PRO B 221 -22.68 -30.87 -13.33
N VAL B 222 -21.45 -31.15 -12.88
CA VAL B 222 -21.21 -32.07 -11.78
C VAL B 222 -20.39 -31.33 -10.72
N GLY B 223 -20.71 -31.63 -9.46
CA GLY B 223 -19.97 -31.07 -8.34
C GLY B 223 -19.26 -32.17 -7.57
N VAL B 224 -18.32 -31.74 -6.71
CA VAL B 224 -17.48 -32.63 -5.94
C VAL B 224 -17.37 -32.07 -4.53
N SER B 225 -17.46 -32.94 -3.52
CA SER B 225 -17.01 -32.55 -2.20
C SER B 225 -15.77 -33.37 -1.83
N TRP B 226 -14.75 -32.68 -1.29
CA TRP B 226 -13.52 -33.31 -0.89
C TRP B 226 -13.53 -33.71 0.58
N LYS B 227 -14.64 -33.48 1.29
CA LYS B 227 -14.73 -33.87 2.69
C LYS B 227 -14.55 -35.39 2.79
N GLN B 228 -13.65 -35.83 3.66
CA GLN B 228 -13.39 -37.24 3.91
C GLN B 228 -13.01 -37.96 2.62
N ASN B 229 -12.17 -37.32 1.81
CA ASN B 229 -11.75 -37.93 0.55
C ASN B 229 -10.82 -39.10 0.89
N LEU B 230 -10.95 -40.21 0.17
CA LEU B 230 -10.27 -41.45 0.51
C LEU B 230 -9.07 -41.66 -0.42
N VAL B 231 -7.86 -41.58 0.14
CA VAL B 231 -6.65 -41.62 -0.64
C VAL B 231 -6.19 -43.08 -0.88
N MET B 232 -5.73 -43.33 -2.11
CA MET B 232 -5.18 -44.60 -2.52
C MET B 232 -4.11 -44.33 -3.58
N ALA B 233 -3.26 -45.32 -3.84
CA ALA B 233 -2.27 -45.20 -4.89
C ALA B 233 -2.38 -46.37 -5.86
N ASP B 234 -2.07 -46.09 -7.13
CA ASP B 234 -1.89 -47.14 -8.13
C ASP B 234 -0.39 -47.39 -8.30
N ILE B 235 -0.05 -48.62 -8.66
CA ILE B 235 1.32 -49.07 -8.83
C ILE B 235 1.48 -49.68 -10.22
N LEU B 236 2.61 -49.37 -10.88
CA LEU B 236 3.01 -50.03 -12.10
C LEU B 236 3.76 -51.30 -11.72
N VAL B 237 3.33 -52.44 -12.25
CA VAL B 237 3.99 -53.72 -12.03
C VAL B 237 4.25 -54.41 -13.36
N VAL B 238 5.20 -55.34 -13.35
CA VAL B 238 5.62 -56.06 -14.55
C VAL B 238 5.38 -57.55 -14.33
N PRO B 239 4.36 -58.18 -14.94
CA PRO B 239 4.01 -59.58 -14.66
C PRO B 239 5.18 -60.55 -14.86
N LYS B 240 5.36 -61.51 -13.94
CA LYS B 240 6.44 -62.49 -14.07
C LYS B 240 6.26 -63.29 -15.37
N GLY B 241 7.35 -63.35 -16.16
CA GLY B 241 7.39 -64.12 -17.39
C GLY B 241 7.20 -63.24 -18.62
N THR B 242 7.20 -61.93 -18.42
CA THR B 242 7.02 -61.00 -19.55
C THR B 242 8.11 -61.27 -20.58
N LYS B 243 7.76 -61.17 -21.87
CA LYS B 243 8.71 -61.41 -22.95
C LYS B 243 9.44 -60.10 -23.30
N ASN B 244 9.19 -59.02 -22.53
CA ASN B 244 9.80 -57.74 -22.83
C ASN B 244 10.33 -57.07 -21.56
N LYS B 245 10.94 -57.83 -20.65
CA LYS B 245 11.38 -57.32 -19.35
C LYS B 245 12.15 -56.00 -19.50
N ALA B 246 13.23 -56.00 -20.28
CA ALA B 246 14.09 -54.83 -20.39
C ALA B 246 13.31 -53.58 -20.80
N ALA B 247 12.43 -53.74 -21.80
CA ALA B 247 11.66 -52.63 -22.34
C ALA B 247 10.63 -52.14 -21.31
N ALA B 248 10.00 -53.08 -20.59
CA ALA B 248 9.06 -52.74 -19.53
C ALA B 248 9.75 -51.83 -18.50
N MET B 249 10.96 -52.20 -18.09
CA MET B 249 11.66 -51.43 -17.07
C MET B 249 11.93 -50.02 -17.58
N LYS B 250 12.29 -49.87 -18.86
CA LYS B 250 12.59 -48.56 -19.41
C LYS B 250 11.32 -47.70 -19.37
N PHE B 251 10.18 -48.35 -19.53
CA PHE B 251 8.88 -47.70 -19.51
C PHE B 251 8.57 -47.21 -18.10
N LEU B 252 8.72 -48.10 -17.10
CA LEU B 252 8.58 -47.71 -15.71
C LEU B 252 9.46 -46.49 -15.40
N ALA B 253 10.70 -46.49 -15.91
CA ALA B 253 11.60 -45.37 -15.67
C ALA B 253 10.98 -44.07 -16.16
N SER B 254 10.39 -44.15 -17.34
CA SER B 254 9.85 -42.99 -18.03
C SER B 254 8.59 -42.49 -17.31
N ALA B 255 7.68 -43.42 -17.01
CA ALA B 255 6.40 -43.06 -16.45
C ALA B 255 6.55 -42.54 -15.02
N SER B 256 7.60 -42.98 -14.32
CA SER B 256 7.72 -42.61 -12.91
C SER B 256 8.65 -41.41 -12.73
N SER B 257 9.19 -40.88 -13.84
CA SER B 257 10.05 -39.70 -13.78
C SER B 257 9.22 -38.45 -13.47
N ALA B 258 9.92 -37.38 -13.06
CA ALA B 258 9.27 -36.14 -12.68
C ALA B 258 8.39 -35.64 -13.82
N LYS B 259 8.92 -35.71 -15.04
CA LYS B 259 8.22 -35.18 -16.21
C LYS B 259 6.96 -36.00 -16.50
N GLY B 260 7.08 -37.32 -16.51
CA GLY B 260 5.94 -38.19 -16.78
C GLY B 260 4.85 -38.00 -15.74
N GLN B 261 5.25 -37.86 -14.45
CA GLN B 261 4.33 -37.70 -13.36
C GLN B 261 3.62 -36.34 -13.48
N ASP B 262 4.38 -35.30 -13.82
CA ASP B 262 3.84 -33.96 -13.95
C ASP B 262 2.85 -33.93 -15.10
N ASP B 263 3.22 -34.52 -16.23
CA ASP B 263 2.37 -34.45 -17.40
C ASP B 263 1.07 -35.19 -17.17
N PHE B 264 1.17 -36.37 -16.55
CA PHE B 264 0.00 -37.17 -16.28
C PHE B 264 -0.90 -36.43 -15.29
N SER B 265 -0.31 -35.81 -14.28
CA SER B 265 -1.06 -35.04 -13.30
C SER B 265 -1.85 -33.91 -13.97
N ALA B 266 -1.19 -33.19 -14.88
CA ALA B 266 -1.77 -32.04 -15.56
C ALA B 266 -2.96 -32.46 -16.42
N LEU B 267 -2.99 -33.71 -16.90
CA LEU B 267 -4.05 -34.15 -17.78
C LEU B 267 -5.25 -34.73 -17.00
N THR B 268 -5.08 -35.08 -15.72
CA THR B 268 -6.11 -35.87 -15.04
C THR B 268 -6.51 -35.28 -13.69
N ALA B 269 -5.62 -34.54 -13.03
CA ALA B 269 -5.85 -34.04 -11.67
C ALA B 269 -5.60 -35.17 -10.67
N TYR B 270 -4.87 -36.21 -11.10
CA TYR B 270 -4.28 -37.14 -10.15
C TYR B 270 -3.00 -36.53 -9.61
N ALA B 271 -2.51 -37.05 -8.48
CA ALA B 271 -1.33 -36.49 -7.84
C ALA B 271 -0.07 -37.30 -8.17
N PRO B 272 1.05 -36.61 -8.48
CA PRO B 272 2.29 -37.28 -8.85
C PRO B 272 3.01 -37.91 -7.67
N VAL B 273 3.90 -38.88 -7.93
CA VAL B 273 4.53 -39.64 -6.87
C VAL B 273 6.05 -39.54 -6.95
N ASN B 274 6.56 -38.55 -7.69
CA ASN B 274 8.00 -38.35 -7.78
C ASN B 274 8.37 -37.17 -6.90
N ILE B 275 9.44 -37.28 -6.11
CA ILE B 275 9.83 -36.23 -5.17
C ILE B 275 10.20 -34.96 -5.93
N ASP B 276 10.57 -35.06 -7.21
CA ASP B 276 10.96 -33.89 -7.98
C ASP B 276 9.76 -33.29 -8.72
N SER B 277 8.59 -33.89 -8.59
CA SER B 277 7.41 -33.34 -9.25
C SER B 277 6.96 -32.10 -8.48
N VAL B 278 6.45 -31.11 -9.21
CA VAL B 278 5.92 -29.93 -8.57
C VAL B 278 4.67 -30.31 -7.80
N GLN B 279 4.60 -29.93 -6.52
CA GLN B 279 3.42 -30.30 -5.77
C GLN B 279 2.47 -29.11 -5.68
N ARG B 280 1.80 -28.80 -6.80
CA ARG B 280 0.86 -27.69 -6.88
C ARG B 280 -0.43 -28.07 -6.14
N LEU B 281 -1.23 -27.05 -5.83
CA LEU B 281 -2.52 -27.25 -5.20
C LEU B 281 -3.65 -27.20 -6.23
N ASP B 282 -3.34 -26.60 -7.39
CA ASP B 282 -4.38 -26.38 -8.39
C ASP B 282 -3.73 -26.28 -9.76
N LEU B 283 -4.44 -26.76 -10.79
CA LEU B 283 -3.92 -26.79 -12.14
C LEU B 283 -3.82 -25.37 -12.72
N ALA B 284 -4.46 -24.39 -12.08
CA ALA B 284 -4.35 -23.00 -12.51
C ALA B 284 -3.03 -22.36 -12.08
N GLN B 285 -2.28 -23.01 -11.15
CA GLN B 285 -1.00 -22.43 -10.74
C GLN B 285 0.09 -22.74 -11.78
N VAL B 286 0.91 -21.74 -12.11
CA VAL B 286 1.90 -21.85 -13.17
C VAL B 286 3.00 -22.82 -12.72
N ARG B 287 3.12 -23.95 -13.42
CA ARG B 287 4.21 -24.89 -13.19
C ARG B 287 5.37 -24.49 -14.09
N ILE B 288 6.55 -24.27 -13.49
CA ILE B 288 7.70 -23.76 -14.18
C ILE B 288 8.78 -24.83 -14.20
N THR B 289 9.40 -25.02 -15.37
CA THR B 289 10.47 -25.98 -15.56
C THR B 289 11.51 -25.33 -16.46
N ALA B 290 12.76 -25.76 -16.30
CA ALA B 290 13.86 -25.21 -17.08
C ALA B 290 13.79 -25.73 -18.51
N ASP B 291 14.20 -24.88 -19.45
CA ASP B 291 14.40 -25.25 -20.84
C ASP B 291 15.87 -25.04 -21.15
N LYS B 292 16.67 -26.08 -20.88
CA LYS B 292 18.12 -26.02 -21.05
C LYS B 292 18.47 -25.63 -22.49
N GLN B 293 17.78 -26.24 -23.47
CA GLN B 293 18.10 -26.07 -24.88
C GLN B 293 17.98 -24.61 -25.33
N LYS B 294 17.00 -23.87 -24.81
CA LYS B 294 16.78 -22.48 -25.21
C LYS B 294 17.36 -21.53 -24.16
N ASN B 295 17.93 -22.10 -23.09
CA ASN B 295 18.55 -21.33 -22.01
C ASN B 295 17.51 -20.46 -21.32
N GLY B 296 16.30 -21.03 -21.13
CA GLY B 296 15.14 -20.31 -20.64
C GLY B 296 14.24 -21.22 -19.79
N ILE B 297 12.92 -21.00 -19.83
CA ILE B 297 11.99 -21.81 -19.06
C ILE B 297 10.78 -22.12 -19.93
N MET B 298 10.02 -23.14 -19.52
CA MET B 298 8.71 -23.45 -20.04
C MET B 298 7.73 -23.52 -18.88
N ALA B 299 6.47 -23.23 -19.18
CA ALA B 299 5.46 -23.31 -18.14
C ALA B 299 4.16 -23.81 -18.73
N ASN B 300 3.33 -24.38 -17.86
CA ASN B 300 2.04 -24.94 -18.24
C ASN B 300 1.07 -24.65 -17.09
N PHE B 301 -0.18 -24.33 -17.44
CA PHE B 301 -1.21 -24.21 -16.43
C PHE B 301 -2.56 -24.09 -17.13
N LYS B 302 -3.64 -24.33 -16.39
CA LYS B 302 -5.00 -24.31 -16.95
C LYS B 302 -5.84 -23.35 -16.13
N ILE B 303 -6.11 -22.17 -16.69
CA ILE B 303 -6.91 -21.15 -16.05
C ILE B 303 -8.38 -21.50 -16.26
N ARG B 304 -9.23 -21.14 -15.31
CA ARG B 304 -10.67 -21.35 -15.43
C ARG B 304 -11.38 -20.00 -15.32
N HIS B 305 -12.47 -19.85 -16.08
CA HIS B 305 -13.27 -18.63 -16.12
C HIS B 305 -14.75 -18.98 -15.95
N ASN B 306 -15.42 -18.28 -15.02
CA ASN B 306 -16.86 -18.45 -14.83
C ASN B 306 -17.58 -17.89 -16.04
N VAL B 307 -18.52 -18.70 -16.57
CA VAL B 307 -19.44 -18.30 -17.63
C VAL B 307 -20.72 -17.83 -16.94
N GLU B 308 -21.44 -16.87 -17.57
CA GLU B 308 -22.62 -16.24 -17.00
C GLU B 308 -23.72 -17.26 -16.73
N ASP B 309 -23.78 -18.32 -17.54
CA ASP B 309 -24.83 -19.31 -17.45
C ASP B 309 -24.59 -20.24 -16.26
N GLY B 310 -23.44 -20.09 -15.59
CA GLY B 310 -23.10 -20.85 -14.39
C GLY B 310 -22.07 -21.96 -14.63
N SER B 311 -21.69 -22.20 -15.89
CA SER B 311 -20.64 -23.17 -16.16
C SER B 311 -19.25 -22.55 -16.01
N VAL B 312 -18.23 -23.32 -16.42
CA VAL B 312 -16.83 -22.91 -16.27
C VAL B 312 -16.12 -23.19 -17.58
N GLN B 313 -15.42 -22.19 -18.13
CA GLN B 313 -14.67 -22.40 -19.36
C GLN B 313 -13.18 -22.44 -19.07
N SER B 314 -12.50 -23.45 -19.62
CA SER B 314 -11.10 -23.71 -19.38
C SER B 314 -10.24 -22.96 -20.40
N ALA B 315 -9.01 -22.60 -19.99
CA ALA B 315 -8.05 -21.97 -20.89
C ALA B 315 -6.68 -22.61 -20.67
N ASP B 316 -6.27 -23.44 -21.61
CA ASP B 316 -5.06 -24.25 -21.39
C ASP B 316 -3.87 -23.44 -21.88
N HIS B 317 -2.91 -23.19 -20.98
CA HIS B 317 -1.78 -22.32 -21.31
C HIS B 317 -0.49 -23.12 -21.48
N TYR B 318 0.24 -22.84 -22.56
CA TYR B 318 1.59 -23.33 -22.81
C TYR B 318 2.48 -22.12 -23.04
N GLN B 319 3.61 -22.06 -22.33
CA GLN B 319 4.44 -20.89 -22.29
C GLN B 319 5.90 -21.29 -22.46
N GLN B 320 6.66 -20.45 -23.19
CA GLN B 320 8.09 -20.58 -23.39
C GLN B 320 8.70 -19.20 -23.24
N ASN B 321 9.75 -19.08 -22.39
CA ASN B 321 10.46 -17.83 -22.20
C ASN B 321 11.92 -18.00 -22.55
N THR B 322 12.46 -17.06 -23.34
CA THR B 322 13.83 -17.07 -23.84
C THR B 322 14.46 -15.72 -23.52
N PRO B 323 15.70 -15.67 -23.00
CA PRO B 323 16.36 -14.38 -22.74
C PRO B 323 16.65 -13.65 -24.05
N ILE B 324 16.53 -12.31 -24.00
CA ILE B 324 16.91 -11.46 -25.13
C ILE B 324 18.43 -11.29 -25.12
N GLY B 325 19.02 -11.04 -23.95
CA GLY B 325 20.44 -10.77 -23.81
C GLY B 325 21.30 -12.02 -23.97
N ASP B 326 22.62 -11.79 -24.03
CA ASP B 326 23.62 -12.84 -24.16
C ASP B 326 24.13 -13.22 -22.76
N GLY B 327 23.70 -12.49 -21.74
CA GLY B 327 24.28 -12.61 -20.42
C GLY B 327 23.95 -13.96 -19.78
N PRO B 328 24.52 -14.27 -18.60
CA PRO B 328 24.20 -15.54 -17.91
C PRO B 328 22.85 -15.42 -17.21
N VAL B 329 22.10 -16.54 -17.18
CA VAL B 329 20.77 -16.52 -16.61
C VAL B 329 20.65 -17.65 -15.60
N LEU B 330 19.68 -17.53 -14.69
CA LEU B 330 19.38 -18.58 -13.72
C LEU B 330 18.39 -19.55 -14.34
N LEU B 331 18.79 -20.83 -14.45
CA LEU B 331 17.90 -21.87 -14.88
C LEU B 331 17.35 -22.58 -13.65
N PRO B 332 16.01 -22.49 -13.39
CA PRO B 332 15.43 -23.03 -12.17
C PRO B 332 15.25 -24.53 -12.05
N ASP B 333 15.19 -25.03 -10.82
CA ASP B 333 14.59 -26.31 -10.54
C ASP B 333 13.08 -26.14 -10.66
N ASN B 334 12.37 -27.26 -10.79
CA ASN B 334 10.93 -27.21 -10.96
C ASN B 334 10.31 -26.54 -9.74
N HIS B 335 9.30 -25.68 -9.97
CA HIS B 335 8.53 -25.07 -8.91
C HIS B 335 7.26 -24.49 -9.51
N TYR B 336 6.49 -23.70 -8.73
CA TYR B 336 5.27 -23.10 -9.25
C TYR B 336 5.06 -21.69 -8.72
N LEU B 337 4.10 -20.97 -9.31
CA LEU B 337 3.74 -19.64 -8.85
C LEU B 337 2.30 -19.69 -8.34
N SER B 338 2.10 -19.03 -7.19
CA SER B 338 0.78 -18.93 -6.59
C SER B 338 0.29 -17.49 -6.76
N THR B 339 -0.88 -17.32 -7.40
CA THR B 339 -1.33 -15.99 -7.79
C THR B 339 -2.71 -15.74 -7.21
N GLN B 340 -2.90 -14.57 -6.60
CA GLN B 340 -4.24 -14.13 -6.24
C GLN B 340 -4.49 -12.88 -7.08
N SER B 341 -5.63 -12.84 -7.79
CA SER B 341 -5.89 -11.73 -8.67
C SER B 341 -7.24 -11.13 -8.31
N VAL B 342 -7.33 -9.79 -8.28
CA VAL B 342 -8.61 -9.12 -8.09
C VAL B 342 -8.82 -8.12 -9.22
N LEU B 343 -9.94 -8.30 -9.93
CA LEU B 343 -10.36 -7.42 -10.99
C LEU B 343 -11.39 -6.43 -10.40
N SER B 344 -11.29 -5.16 -10.81
CA SER B 344 -12.25 -4.18 -10.35
C SER B 344 -12.37 -3.07 -11.40
N LYS B 345 -13.26 -2.10 -11.12
CA LYS B 345 -13.46 -0.96 -12.00
C LYS B 345 -13.10 0.34 -11.25
N ASP B 346 -12.58 1.29 -12.02
CA ASP B 346 -12.36 2.65 -11.56
C ASP B 346 -13.64 3.44 -11.81
N PRO B 347 -14.35 3.90 -10.75
CA PRO B 347 -15.66 4.54 -10.93
C PRO B 347 -15.59 5.82 -11.76
N ASN B 348 -14.40 6.40 -11.88
CA ASN B 348 -14.21 7.68 -12.55
C ASN B 348 -13.79 7.45 -14.01
N GLU B 349 -13.67 6.20 -14.46
CA GLU B 349 -13.16 5.87 -15.78
C GLU B 349 -14.31 5.49 -16.71
N LYS B 350 -14.45 6.23 -17.80
CA LYS B 350 -15.59 6.12 -18.70
C LYS B 350 -15.26 5.11 -19.80
N ARG B 351 -13.96 4.86 -20.04
CA ARG B 351 -13.54 3.96 -21.11
C ARG B 351 -13.59 2.51 -20.62
N ASP B 352 -13.64 1.56 -21.58
CA ASP B 352 -13.53 0.13 -21.32
C ASP B 352 -12.16 -0.17 -20.71
N HIS B 353 -12.14 -0.76 -19.51
CA HIS B 353 -10.92 -0.78 -18.74
C HIS B 353 -10.94 -1.90 -17.69
N MET B 354 -9.76 -2.20 -17.14
CA MET B 354 -9.65 -3.17 -16.08
C MET B 354 -8.63 -2.69 -15.06
N VAL B 355 -9.04 -2.65 -13.78
CA VAL B 355 -8.12 -2.42 -12.68
C VAL B 355 -7.80 -3.79 -12.11
N LEU B 356 -6.49 -4.08 -12.00
CA LEU B 356 -6.02 -5.39 -11.60
C LEU B 356 -5.06 -5.23 -10.44
N LEU B 357 -5.28 -6.02 -9.39
CA LEU B 357 -4.38 -6.12 -8.25
C LEU B 357 -3.98 -7.59 -8.12
N GLU B 358 -2.66 -7.84 -8.08
CA GLU B 358 -2.17 -9.21 -8.08
C GLU B 358 -1.09 -9.40 -7.03
N PHE B 359 -1.11 -10.58 -6.40
CA PHE B 359 -0.01 -11.05 -5.58
C PHE B 359 0.51 -12.36 -6.15
N VAL B 360 1.81 -12.41 -6.43
CA VAL B 360 2.42 -13.59 -7.01
C VAL B 360 3.56 -14.03 -6.09
N THR B 361 3.53 -15.29 -5.67
CA THR B 361 4.58 -15.85 -4.84
C THR B 361 5.05 -17.17 -5.44
N ALA B 362 6.37 -17.38 -5.44
CA ALA B 362 6.95 -18.63 -5.88
C ALA B 362 6.90 -19.63 -4.72
N ALA B 363 6.68 -20.90 -5.06
CA ALA B 363 6.49 -21.92 -4.04
C ALA B 363 6.89 -23.28 -4.62
N GLY B 364 6.71 -24.34 -3.81
CA GLY B 364 6.92 -25.71 -4.23
C GLY B 364 8.35 -26.18 -3.96
N ILE B 365 9.21 -25.36 -3.37
CA ILE B 365 10.45 -25.87 -2.82
C ILE B 365 10.47 -25.54 -1.32
N THR B 366 10.65 -26.58 -0.50
CA THR B 366 10.55 -26.46 0.95
C THR B 366 11.76 -25.68 1.47
N LEU B 367 11.50 -24.80 2.44
CA LEU B 367 12.57 -24.04 3.08
C LEU B 367 13.58 -24.99 3.71
N GLY B 368 14.84 -24.85 3.27
CA GLY B 368 15.95 -25.72 3.65
C GLY B 368 17.28 -24.96 3.60
N MET B 369 18.36 -25.57 4.13
CA MET B 369 19.66 -24.91 4.24
C MET B 369 20.30 -24.71 2.85
N SER B 380 22.61 -12.17 -2.98
CA SER B 380 22.35 -11.49 -4.29
C SER B 380 22.76 -12.41 -5.44
N MET B 381 21.78 -13.05 -6.10
CA MET B 381 21.99 -14.17 -7.00
C MET B 381 22.15 -13.75 -8.46
N SER B 382 21.66 -12.55 -8.80
CA SER B 382 21.82 -12.03 -10.14
C SER B 382 22.00 -10.52 -10.06
N LYS B 383 22.62 -9.94 -11.08
CA LYS B 383 22.74 -8.49 -11.16
C LYS B 383 21.34 -7.89 -11.38
N GLY B 384 20.52 -8.59 -12.16
CA GLY B 384 19.16 -8.16 -12.46
C GLY B 384 18.24 -8.18 -11.23
N GLU B 385 18.51 -9.07 -10.29
CA GLU B 385 17.79 -9.09 -9.03
C GLU B 385 17.77 -7.68 -8.38
N GLU B 386 18.86 -6.92 -8.55
CA GLU B 386 19.05 -5.64 -7.87
C GLU B 386 18.10 -4.56 -8.40
N LEU B 387 17.55 -4.79 -9.60
CA LEU B 387 16.67 -3.84 -10.27
C LEU B 387 15.27 -3.85 -9.68
N PHE B 388 14.98 -4.81 -8.80
CA PHE B 388 13.62 -5.04 -8.33
C PHE B 388 13.47 -4.82 -6.83
N THR B 389 14.49 -4.27 -6.17
CA THR B 389 14.45 -4.20 -4.71
C THR B 389 13.45 -3.13 -4.26
N GLY B 390 13.14 -2.15 -5.13
CA GLY B 390 12.13 -1.16 -4.81
C GLY B 390 10.93 -1.25 -5.75
N VAL B 391 10.06 -0.23 -5.69
CA VAL B 391 8.89 -0.14 -6.55
C VAL B 391 9.35 0.24 -7.94
N VAL B 392 8.81 -0.46 -8.95
CA VAL B 392 9.20 -0.28 -10.33
C VAL B 392 7.96 0.04 -11.17
N PRO B 393 7.94 1.18 -11.90
CA PRO B 393 6.81 1.50 -12.78
C PRO B 393 6.76 0.54 -13.97
N ILE B 394 5.54 0.22 -14.42
CA ILE B 394 5.27 -0.76 -15.45
C ILE B 394 4.49 -0.09 -16.57
N LEU B 395 4.80 -0.49 -17.81
CA LEU B 395 4.02 -0.14 -18.98
C LEU B 395 3.76 -1.40 -19.80
N VAL B 396 2.48 -1.61 -20.10
CA VAL B 396 2.02 -2.75 -20.90
C VAL B 396 1.31 -2.20 -22.12
N GLU B 397 1.78 -2.63 -23.30
CA GLU B 397 1.17 -2.28 -24.57
C GLU B 397 0.87 -3.58 -25.31
N LEU B 398 -0.37 -3.76 -25.75
CA LEU B 398 -0.79 -4.98 -26.42
C LEU B 398 -1.53 -4.61 -27.69
N ASP B 399 -1.10 -5.21 -28.81
CA ASP B 399 -1.78 -5.12 -30.09
C ASP B 399 -2.38 -6.48 -30.39
N GLY B 400 -3.70 -6.52 -30.56
CA GLY B 400 -4.41 -7.77 -30.68
C GLY B 400 -5.22 -7.83 -31.98
N ASP B 401 -5.45 -9.06 -32.42
CA ASP B 401 -6.29 -9.40 -33.55
C ASP B 401 -6.97 -10.74 -33.25
N VAL B 402 -8.29 -10.69 -33.04
CA VAL B 402 -9.01 -11.93 -32.78
C VAL B 402 -10.08 -12.08 -33.86
N ASN B 403 -9.96 -13.13 -34.66
CA ASN B 403 -10.86 -13.40 -35.78
C ASN B 403 -10.96 -12.17 -36.66
N GLY B 404 -9.89 -11.38 -36.76
CA GLY B 404 -9.90 -10.23 -37.66
C GLY B 404 -10.33 -8.94 -36.97
N HIS B 405 -10.89 -9.01 -35.76
CA HIS B 405 -11.23 -7.82 -34.98
C HIS B 405 -9.97 -7.26 -34.33
N LYS B 406 -9.55 -6.06 -34.76
CA LYS B 406 -8.34 -5.42 -34.24
C LYS B 406 -8.67 -4.58 -33.00
N PHE B 407 -7.72 -4.53 -32.06
CA PHE B 407 -7.90 -3.74 -30.86
C PHE B 407 -6.55 -3.55 -30.18
N SER B 408 -6.47 -2.52 -29.32
CA SER B 408 -5.26 -2.24 -28.58
C SER B 408 -5.56 -2.08 -27.10
N VAL B 409 -4.60 -2.47 -26.26
CA VAL B 409 -4.68 -2.24 -24.84
C VAL B 409 -3.39 -1.56 -24.36
N ARG B 410 -3.54 -0.53 -23.52
CA ARG B 410 -2.43 0.08 -22.82
C ARG B 410 -2.68 -0.02 -21.32
N GLY B 411 -1.68 -0.45 -20.56
CA GLY B 411 -1.80 -0.41 -19.11
C GLY B 411 -0.57 0.24 -18.48
N GLU B 412 -0.79 0.83 -17.29
CA GLU B 412 0.24 1.51 -16.52
C GLU B 412 -0.01 1.19 -15.05
N GLY B 413 1.07 1.16 -14.25
CA GLY B 413 1.00 0.98 -12.81
C GLY B 413 2.38 0.63 -12.26
N GLU B 414 2.43 -0.13 -11.15
CA GLU B 414 3.69 -0.35 -10.46
C GLU B 414 3.76 -1.82 -10.01
N GLY B 415 5.00 -2.29 -9.90
CA GLY B 415 5.30 -3.63 -9.42
C GLY B 415 6.28 -3.56 -8.26
N ASP B 416 6.04 -4.42 -7.27
CA ASP B 416 6.88 -4.50 -6.08
C ASP B 416 7.27 -5.95 -5.85
N ALA B 417 8.42 -6.36 -6.41
CA ALA B 417 8.83 -7.75 -6.37
C ALA B 417 9.06 -8.24 -4.95
N THR B 418 9.40 -7.32 -4.02
CA THR B 418 9.73 -7.71 -2.66
C THR B 418 8.50 -8.32 -2.00
N ASN B 419 7.31 -7.78 -2.30
CA ASN B 419 6.04 -8.23 -1.76
C ASN B 419 5.26 -9.03 -2.80
N GLY B 420 5.78 -9.05 -4.04
CA GLY B 420 5.10 -9.68 -5.17
C GLY B 420 3.77 -9.03 -5.51
N LYS B 421 3.70 -7.69 -5.37
CA LYS B 421 2.45 -6.94 -5.57
C LYS B 421 2.48 -6.23 -6.93
N LEU B 422 1.40 -6.40 -7.71
CA LEU B 422 1.19 -5.68 -8.96
C LEU B 422 -0.09 -4.86 -8.83
N THR B 423 -0.03 -3.60 -9.26
CA THR B 423 -1.24 -2.76 -9.31
C THR B 423 -1.24 -2.05 -10.67
N LEU B 424 -2.27 -2.31 -11.48
CA LEU B 424 -2.29 -1.87 -12.88
C LEU B 424 -3.69 -1.43 -13.30
N LYS B 425 -3.74 -0.41 -14.17
CA LYS B 425 -4.98 -0.06 -14.88
C LYS B 425 -4.74 -0.25 -16.38
N PHE B 426 -5.64 -1.00 -17.02
CA PHE B 426 -5.58 -1.26 -18.44
C PHE B 426 -6.76 -0.58 -19.13
N ILE B 427 -6.46 0.11 -20.23
CA ILE B 427 -7.44 0.78 -21.07
C ILE B 427 -7.43 0.07 -22.41
N CYS B 428 -8.63 -0.21 -22.96
CA CYS B 428 -8.76 -0.48 -24.36
C CYS B 428 -8.74 0.85 -25.14
N THR B 429 -7.69 1.06 -25.93
CA THR B 429 -7.45 2.35 -26.56
C THR B 429 -8.24 2.49 -27.85
N THR B 430 -8.86 1.40 -28.33
CA THR B 430 -9.47 1.42 -29.66
C THR B 430 -11.00 1.46 -29.57
N GLY B 431 -11.56 1.57 -28.37
CA GLY B 431 -13.01 1.54 -28.25
C GLY B 431 -13.46 0.43 -27.30
N LYS B 432 -14.44 -0.39 -27.75
CA LYS B 432 -14.95 -1.50 -26.94
C LYS B 432 -14.02 -2.70 -27.14
N LEU B 433 -13.68 -3.38 -26.05
CA LEU B 433 -12.82 -4.55 -26.09
C LEU B 433 -13.62 -5.72 -26.66
N PRO B 434 -13.19 -6.32 -27.79
CA PRO B 434 -13.98 -7.37 -28.42
C PRO B 434 -13.96 -8.73 -27.73
N VAL B 435 -13.14 -8.85 -26.68
CA VAL B 435 -13.05 -10.05 -25.86
C VAL B 435 -13.29 -9.64 -24.41
N PRO B 436 -13.59 -10.59 -23.49
CA PRO B 436 -13.68 -10.29 -22.06
C PRO B 436 -12.31 -10.04 -21.43
N TRP B 437 -12.26 -9.02 -20.56
CA TRP B 437 -11.03 -8.70 -19.85
C TRP B 437 -10.38 -9.92 -19.21
N PRO B 438 -11.12 -10.76 -18.44
CA PRO B 438 -10.48 -11.95 -17.84
C PRO B 438 -9.58 -12.77 -18.77
N THR B 439 -9.91 -12.83 -20.06
CA THR B 439 -9.17 -13.69 -20.95
C THR B 439 -7.84 -13.05 -21.32
N LEU B 440 -7.62 -11.78 -20.90
CA LEU B 440 -6.40 -11.07 -21.26
C LEU B 440 -5.44 -10.99 -20.06
N VAL B 441 -5.94 -11.33 -18.86
CA VAL B 441 -5.19 -11.18 -17.63
C VAL B 441 -3.80 -11.76 -17.77
N THR B 442 -3.70 -13.04 -18.17
CA THR B 442 -2.44 -13.76 -18.11
C THR B 442 -1.47 -13.22 -19.17
N THR B 443 -1.99 -12.69 -20.28
CA THR B 443 -1.14 -12.12 -21.32
C THR B 443 -0.60 -10.77 -20.85
N LEU B 444 -1.48 -9.92 -20.32
CA LEU B 444 -1.15 -8.58 -19.86
C LEU B 444 -0.20 -8.70 -18.67
N VAL B 446 3.94 -10.17 -16.19
CA VAL B 446 5.30 -9.65 -15.85
C VAL B 446 5.78 -10.45 -14.64
N GLN B 447 6.17 -11.69 -14.91
CA GLN B 447 6.44 -12.66 -13.87
C GLN B 447 7.73 -12.30 -13.16
N CYS B 448 8.44 -11.30 -13.68
CA CYS B 448 9.63 -10.80 -13.00
C CYS B 448 9.25 -10.11 -11.67
N PHE B 449 7.95 -9.92 -11.45
CA PHE B 449 7.50 -9.29 -10.21
C PHE B 449 7.03 -10.29 -9.17
N SER B 450 7.24 -11.60 -9.38
CA SER B 450 6.87 -12.55 -8.34
C SER B 450 7.84 -12.40 -7.18
N ARG B 451 7.32 -12.60 -5.95
CA ARG B 451 8.17 -12.72 -4.78
C ARG B 451 8.77 -14.12 -4.82
N TYR B 452 10.09 -14.17 -5.01
CA TYR B 452 10.83 -15.38 -4.71
C TYR B 452 11.32 -15.32 -3.27
N PRO B 453 10.92 -16.28 -2.40
CA PRO B 453 11.50 -16.35 -1.05
C PRO B 453 13.02 -16.51 -1.17
N ASP B 454 13.74 -16.09 -0.12
CA ASP B 454 15.19 -16.05 -0.14
C ASP B 454 15.80 -17.39 -0.56
N HIS B 455 15.27 -18.51 -0.04
CA HIS B 455 15.83 -19.83 -0.33
C HIS B 455 15.56 -20.25 -1.77
N MET B 456 14.84 -19.42 -2.54
CA MET B 456 14.50 -19.79 -3.92
C MET B 456 15.04 -18.77 -4.92
N LYS B 457 15.77 -17.76 -4.46
CA LYS B 457 16.21 -16.68 -5.33
C LYS B 457 17.12 -17.23 -6.44
N GLN B 458 17.72 -18.39 -6.22
CA GLN B 458 18.55 -19.11 -7.19
C GLN B 458 17.73 -19.58 -8.39
N HIS B 459 16.40 -19.55 -8.29
CA HIS B 459 15.49 -20.13 -9.28
C HIS B 459 14.65 -19.06 -9.97
N ASP B 460 15.09 -17.80 -9.86
CA ASP B 460 14.33 -16.71 -10.44
C ASP B 460 14.91 -16.35 -11.81
N PHE B 461 14.41 -17.06 -12.83
CA PHE B 461 14.85 -16.81 -14.19
C PHE B 461 14.48 -15.39 -14.60
N PHE B 462 13.25 -14.98 -14.27
CA PHE B 462 12.66 -13.76 -14.82
C PHE B 462 13.55 -12.56 -14.51
N LYS B 463 13.92 -12.39 -13.23
CA LYS B 463 14.75 -11.25 -12.84
C LYS B 463 16.17 -11.39 -13.41
N SER B 464 16.65 -12.63 -13.57
CA SER B 464 18.03 -12.84 -13.96
C SER B 464 18.27 -12.31 -15.37
N ALA B 465 17.25 -12.36 -16.25
CA ALA B 465 17.43 -11.94 -17.62
C ALA B 465 17.35 -10.42 -17.77
N MET B 466 17.05 -9.68 -16.69
CA MET B 466 16.95 -8.22 -16.78
C MET B 466 18.35 -7.61 -16.74
N PRO B 467 18.59 -6.43 -17.34
CA PRO B 467 17.54 -5.60 -17.93
C PRO B 467 17.29 -5.86 -19.40
N GLU B 468 18.11 -6.70 -20.02
CA GLU B 468 18.00 -6.93 -21.45
C GLU B 468 16.61 -7.48 -21.73
N GLY B 469 16.11 -8.33 -20.82
CA GLY B 469 14.75 -8.83 -20.84
C GLY B 469 14.63 -10.25 -21.42
N TYR B 470 13.38 -10.65 -21.67
CA TYR B 470 13.10 -11.96 -22.24
C TYR B 470 11.92 -11.84 -23.18
N VAL B 471 11.78 -12.86 -24.06
CA VAL B 471 10.62 -13.03 -24.91
C VAL B 471 9.72 -14.04 -24.23
N GLN B 472 8.40 -13.73 -24.18
CA GLN B 472 7.43 -14.67 -23.64
C GLN B 472 6.43 -15.04 -24.72
N GLU B 473 6.35 -16.34 -25.03
CA GLU B 473 5.43 -16.86 -26.04
C GLU B 473 4.42 -17.77 -25.37
N ARG B 474 3.15 -17.68 -25.78
CA ARG B 474 2.15 -18.61 -25.26
C ARG B 474 1.18 -19.03 -26.35
N THR B 475 0.63 -20.23 -26.18
CA THR B 475 -0.58 -20.71 -26.84
C THR B 475 -1.61 -20.86 -25.72
N ILE B 476 -2.78 -20.24 -25.89
CA ILE B 476 -3.86 -20.41 -24.92
C ILE B 476 -5.06 -20.99 -25.69
N SER B 477 -5.45 -22.22 -25.35
CA SER B 477 -6.60 -22.87 -25.97
C SER B 477 -7.81 -22.80 -25.05
N PHE B 478 -8.88 -22.14 -25.51
CA PHE B 478 -10.14 -22.13 -24.80
C PHE B 478 -10.97 -23.35 -25.22
N LYS B 479 -11.43 -24.14 -24.23
CA LYS B 479 -12.19 -25.34 -24.49
C LYS B 479 -13.36 -24.99 -25.40
N ASP B 480 -13.45 -25.72 -26.53
CA ASP B 480 -14.60 -25.67 -27.43
C ASP B 480 -14.71 -24.28 -28.07
N ASP B 481 -13.55 -23.62 -28.25
CA ASP B 481 -13.57 -22.27 -28.81
C ASP B 481 -12.17 -22.02 -29.39
N GLY B 482 -11.78 -20.76 -29.56
CA GLY B 482 -10.57 -20.48 -30.30
C GLY B 482 -9.30 -20.50 -29.44
N THR B 483 -8.21 -20.05 -30.06
CA THR B 483 -6.88 -20.07 -29.51
C THR B 483 -6.27 -18.68 -29.58
N TYR B 484 -5.61 -18.25 -28.49
CA TYR B 484 -4.71 -17.10 -28.53
C TYR B 484 -3.29 -17.58 -28.75
N LYS B 485 -2.57 -16.89 -29.64
CA LYS B 485 -1.13 -17.05 -29.84
C LYS B 485 -0.51 -15.69 -29.52
N THR B 486 0.45 -15.66 -28.59
CA THR B 486 0.95 -14.41 -28.04
C THR B 486 2.48 -14.42 -28.08
N ARG B 487 3.06 -13.26 -28.41
CA ARG B 487 4.50 -13.06 -28.32
C ARG B 487 4.75 -11.71 -27.66
N ALA B 488 5.49 -11.73 -26.55
CA ALA B 488 5.74 -10.51 -25.77
C ALA B 488 7.23 -10.33 -25.50
N GLU B 489 7.69 -9.07 -25.51
CA GLU B 489 9.01 -8.72 -25.04
C GLU B 489 8.86 -7.98 -23.71
N VAL B 490 9.54 -8.49 -22.69
CA VAL B 490 9.51 -7.91 -21.35
C VAL B 490 10.93 -7.48 -21.04
N LYS B 491 11.13 -6.15 -20.92
CA LYS B 491 12.45 -5.56 -20.79
C LYS B 491 12.33 -4.20 -20.14
N PHE B 492 13.43 -3.68 -19.59
CA PHE B 492 13.50 -2.30 -19.11
C PHE B 492 13.70 -1.34 -20.28
N GLU B 493 12.93 -0.26 -20.26
CA GLU B 493 13.20 0.92 -21.08
C GLU B 493 13.32 2.08 -20.11
N GLY B 494 14.58 2.48 -19.85
CA GLY B 494 14.89 3.41 -18.76
C GLY B 494 14.55 2.77 -17.43
N ASP B 495 13.66 3.41 -16.68
CA ASP B 495 13.29 2.95 -15.34
C ASP B 495 12.02 2.10 -15.38
N THR B 496 11.39 2.02 -16.56
CA THR B 496 10.11 1.34 -16.64
C THR B 496 10.30 -0.10 -17.12
N LEU B 497 9.62 -1.03 -16.45
CA LEU B 497 9.52 -2.37 -16.98
C LEU B 497 8.41 -2.38 -18.03
N VAL B 498 8.75 -2.79 -19.25
CA VAL B 498 7.80 -2.73 -20.35
C VAL B 498 7.48 -4.14 -20.84
N ASN B 499 6.18 -4.40 -20.99
CA ASN B 499 5.66 -5.64 -21.55
C ASN B 499 4.91 -5.28 -22.82
N ARG B 500 5.52 -5.56 -23.98
CA ARG B 500 4.94 -5.23 -25.28
C ARG B 500 4.50 -6.52 -25.95
N ILE B 501 3.22 -6.61 -26.36
CA ILE B 501 2.62 -7.89 -26.74
C ILE B 501 1.95 -7.78 -28.09
N GLU B 502 2.18 -8.78 -28.96
CA GLU B 502 1.35 -9.04 -30.14
C GLU B 502 0.51 -10.28 -29.85
N LEU B 503 -0.81 -10.20 -30.03
CA LEU B 503 -1.68 -11.35 -29.85
C LEU B 503 -2.49 -11.61 -31.12
N LYS B 504 -2.52 -12.88 -31.57
CA LYS B 504 -3.38 -13.32 -32.68
C LYS B 504 -4.31 -14.42 -32.15
N GLY B 505 -5.63 -14.21 -32.29
CA GLY B 505 -6.63 -15.19 -31.94
C GLY B 505 -7.30 -15.73 -33.20
N ILE B 506 -7.52 -17.05 -33.25
CA ILE B 506 -8.09 -17.72 -34.41
C ILE B 506 -9.15 -18.71 -33.95
N ASP B 507 -10.18 -18.94 -34.81
CA ASP B 507 -11.15 -20.01 -34.69
C ASP B 507 -12.14 -19.75 -33.55
N PHE B 508 -12.46 -18.49 -33.25
CA PHE B 508 -13.43 -18.23 -32.19
C PHE B 508 -14.83 -18.20 -32.79
N LYS B 509 -15.82 -18.61 -31.99
CA LYS B 509 -17.22 -18.51 -32.41
C LYS B 509 -17.71 -17.11 -32.07
N GLU B 510 -18.30 -16.43 -33.06
CA GLU B 510 -18.89 -15.11 -32.88
C GLU B 510 -19.91 -15.08 -31.76
N ASP B 511 -20.59 -16.20 -31.54
CA ASP B 511 -21.65 -16.33 -30.56
C ASP B 511 -21.17 -17.12 -29.35
N GLY B 512 -19.86 -17.40 -29.26
CA GLY B 512 -19.29 -18.14 -28.15
C GLY B 512 -19.06 -17.26 -26.91
N ASN B 513 -18.45 -17.88 -25.88
CA ASN B 513 -18.30 -17.22 -24.59
C ASN B 513 -17.35 -16.03 -24.69
N ILE B 514 -16.42 -16.06 -25.64
CA ILE B 514 -15.39 -15.04 -25.75
C ILE B 514 -15.90 -13.89 -26.62
N LEU B 515 -16.16 -14.15 -27.90
CA LEU B 515 -16.55 -13.06 -28.79
C LEU B 515 -17.95 -12.52 -28.44
N GLY B 516 -18.75 -13.30 -27.70
CA GLY B 516 -20.10 -12.91 -27.31
C GLY B 516 -20.21 -12.48 -25.86
N HIS B 517 -19.07 -12.28 -25.19
CA HIS B 517 -18.97 -11.70 -23.86
C HIS B 517 -19.91 -12.39 -22.86
N LYS B 518 -19.64 -13.67 -22.57
CA LYS B 518 -20.49 -14.42 -21.65
C LYS B 518 -19.70 -14.81 -20.39
N LEU B 519 -18.56 -14.16 -20.14
CA LEU B 519 -17.72 -14.48 -19.00
C LEU B 519 -17.90 -13.44 -17.90
N GLU B 520 -18.01 -13.91 -16.66
CA GLU B 520 -18.15 -13.03 -15.51
C GLU B 520 -16.89 -12.20 -15.36
N TYR B 521 -17.05 -11.01 -14.77
CA TYR B 521 -15.93 -10.13 -14.56
C TYR B 521 -15.34 -10.41 -13.19
N ASN B 522 -14.59 -11.53 -13.10
CA ASN B 522 -13.91 -11.89 -11.87
C ASN B 522 -12.89 -13.00 -12.15
N TRP B 523 -12.35 -13.58 -11.07
CA TRP B 523 -11.34 -14.63 -11.11
C TRP B 523 -11.76 -15.79 -10.19
N ASN B 524 -13.07 -15.89 -9.93
CA ASN B 524 -13.64 -16.75 -8.89
C ASN B 524 -13.39 -18.23 -9.17
N ALA B 525 -13.45 -18.62 -10.46
CA ALA B 525 -13.28 -20.02 -10.84
C ALA B 525 -11.91 -20.54 -10.41
N ASN B 526 -10.98 -19.65 -10.09
CA ASN B 526 -9.62 -20.07 -9.76
C ASN B 526 -9.45 -20.29 -8.26
N LEU B 527 -10.48 -20.01 -7.47
CA LEU B 527 -10.42 -20.14 -6.02
C LEU B 527 -10.43 -21.61 -5.55
N ALA B 528 -11.39 -22.43 -6.01
CA ALA B 528 -11.55 -23.79 -5.45
C ALA B 528 -10.56 -24.81 -6.04
N PRO B 529 -9.56 -25.29 -5.27
CA PRO B 529 -8.45 -26.04 -5.87
C PRO B 529 -8.97 -27.38 -6.39
N ASN B 530 -8.22 -28.02 -7.30
CA ASN B 530 -8.76 -29.18 -8.00
C ASN B 530 -7.81 -30.37 -7.95
N LEU B 531 -6.68 -30.23 -7.22
CA LEU B 531 -5.78 -31.35 -6.99
C LEU B 531 -5.99 -31.92 -5.59
N PRO B 532 -5.81 -33.26 -5.41
CA PRO B 532 -5.93 -33.89 -4.09
C PRO B 532 -5.01 -33.31 -3.02
N THR B 533 -3.89 -32.74 -3.45
CA THR B 533 -2.88 -32.28 -2.49
C THR B 533 -3.36 -31.02 -1.78
N ALA B 534 -4.46 -30.42 -2.23
CA ALA B 534 -4.99 -29.22 -1.59
C ALA B 534 -5.96 -29.56 -0.45
N TYR B 535 -6.23 -30.85 -0.27
CA TYR B 535 -7.25 -31.26 0.70
C TYR B 535 -6.66 -32.30 1.65
N VAL B 536 -5.38 -32.12 2.03
CA VAL B 536 -4.72 -33.01 2.96
C VAL B 536 -5.53 -33.08 4.26
N LYS B 537 -6.02 -31.91 4.71
CA LYS B 537 -6.77 -31.80 5.95
C LYS B 537 -7.96 -32.77 5.94
N ASP B 538 -8.54 -33.01 4.77
CA ASP B 538 -9.75 -33.80 4.65
C ASP B 538 -9.47 -35.24 4.23
N GLN B 539 -8.20 -35.58 3.96
CA GLN B 539 -7.85 -36.90 3.45
C GLN B 539 -8.00 -37.95 4.54
N ILE B 540 -8.36 -39.17 4.15
CA ILE B 540 -8.30 -40.35 4.99
C ILE B 540 -7.57 -41.43 4.21
N THR B 541 -6.50 -41.99 4.80
CA THR B 541 -5.63 -42.92 4.12
C THR B 541 -6.25 -44.32 4.15
N LEU B 542 -6.55 -44.88 2.98
CA LEU B 542 -7.06 -46.24 2.90
C LEU B 542 -5.93 -47.24 3.19
N ASP B 543 -6.22 -48.26 3.98
CA ASP B 543 -5.13 -49.08 4.48
C ASP B 543 -4.87 -50.25 3.53
N PHE B 544 -3.89 -50.06 2.64
CA PHE B 544 -3.73 -51.01 1.55
C PHE B 544 -3.00 -52.26 2.04
N ALA B 545 -2.29 -52.15 3.17
CA ALA B 545 -1.64 -53.32 3.76
C ALA B 545 -2.71 -54.23 4.37
N TYR B 546 -3.70 -53.60 5.04
CA TYR B 546 -4.85 -54.33 5.54
C TYR B 546 -5.54 -55.06 4.40
N TRP B 547 -5.71 -54.38 3.26
CA TRP B 547 -6.42 -54.99 2.15
C TRP B 547 -5.57 -56.06 1.47
N ALA B 548 -4.25 -55.88 1.49
CA ALA B 548 -3.42 -56.94 0.93
C ALA B 548 -3.67 -58.25 1.70
N LYS B 549 -3.69 -58.20 3.04
CA LYS B 549 -3.85 -59.39 3.86
C LYS B 549 -5.30 -59.90 3.81
N ASN B 550 -6.29 -59.02 3.89
CA ASN B 550 -7.66 -59.44 4.19
C ASN B 550 -8.59 -59.44 2.98
N GLY B 551 -8.12 -58.87 1.85
CA GLY B 551 -8.85 -58.78 0.60
C GLY B 551 -9.64 -60.03 0.25
N PRO B 552 -8.99 -61.21 0.05
CA PRO B 552 -9.71 -62.44 -0.28
C PRO B 552 -10.90 -62.75 0.64
N ALA B 553 -10.73 -62.60 1.95
CA ALA B 553 -11.80 -62.90 2.89
C ALA B 553 -12.95 -61.89 2.76
N ILE B 554 -12.61 -60.62 2.53
CA ILE B 554 -13.62 -59.59 2.37
C ILE B 554 -14.40 -59.87 1.08
N ALA B 555 -13.67 -60.18 0.00
CA ALA B 555 -14.27 -60.50 -1.28
C ALA B 555 -15.37 -61.55 -1.11
N THR B 556 -15.03 -62.68 -0.45
CA THR B 556 -15.99 -63.74 -0.17
C THR B 556 -17.24 -63.13 0.50
N ARG B 557 -17.04 -62.36 1.58
CA ARG B 557 -18.16 -61.79 2.32
C ARG B 557 -18.96 -60.84 1.42
N TRP B 558 -18.26 -60.07 0.58
CA TRP B 558 -18.85 -59.04 -0.27
C TRP B 558 -19.73 -59.66 -1.34
N ASN B 559 -19.20 -60.71 -1.99
CA ASN B 559 -19.89 -61.44 -3.04
C ASN B 559 -21.17 -62.08 -2.49
N GLU B 560 -21.06 -62.71 -1.32
CA GLU B 560 -22.20 -63.32 -0.64
C GLU B 560 -23.28 -62.26 -0.40
N TRP B 561 -22.86 -61.08 0.06
CA TRP B 561 -23.80 -60.03 0.45
C TRP B 561 -24.50 -59.46 -0.78
N LEU B 562 -23.96 -59.73 -1.97
CA LEU B 562 -24.27 -58.89 -3.11
C LEU B 562 -25.57 -59.36 -3.78
N HIS C 6 48.27 -41.48 21.43
CA HIS C 6 48.06 -40.01 21.25
C HIS C 6 46.59 -39.62 21.42
N HIS C 7 46.32 -38.87 22.49
CA HIS C 7 44.99 -38.62 23.01
C HIS C 7 44.41 -37.38 22.34
N GLU C 8 43.11 -37.43 22.02
CA GLU C 8 42.44 -36.33 21.34
C GLU C 8 41.33 -35.74 22.19
N SER C 9 41.10 -34.43 21.99
CA SER C 9 40.08 -33.71 22.74
C SER C 9 39.45 -32.64 21.85
N ILE C 10 38.12 -32.49 21.98
CA ILE C 10 37.41 -31.44 21.27
C ILE C 10 36.72 -30.53 22.29
N ASN C 11 36.59 -29.26 21.92
CA ASN C 11 35.81 -28.29 22.65
C ASN C 11 34.44 -28.13 21.98
N PHE C 12 33.35 -28.44 22.71
CA PHE C 12 31.98 -28.28 22.21
C PHE C 12 31.31 -27.07 22.85
N VAL C 13 30.74 -26.20 22.00
CA VAL C 13 30.25 -24.91 22.46
C VAL C 13 28.75 -24.82 22.16
N SER C 14 27.97 -24.53 23.21
CA SER C 14 26.53 -24.43 23.02
C SER C 14 25.97 -23.34 23.92
N TRP C 15 24.68 -23.48 24.28
CA TRP C 15 23.94 -22.37 24.86
C TRP C 15 23.85 -22.49 26.37
N GLY C 16 24.58 -23.43 26.97
CA GLY C 16 24.65 -23.57 28.42
C GLY C 16 23.36 -24.12 29.02
N GLY C 17 23.39 -24.29 30.35
CA GLY C 17 22.22 -24.63 31.14
C GLY C 17 21.70 -26.03 30.82
N SER C 18 20.39 -26.22 31.01
CA SER C 18 19.73 -27.50 30.83
C SER C 18 19.90 -28.04 29.41
N THR C 19 19.97 -27.15 28.40
CA THR C 19 20.09 -27.67 27.04
C THR C 19 21.49 -28.28 26.84
N GLN C 20 22.50 -27.62 27.40
CA GLN C 20 23.86 -28.06 27.16
C GLN C 20 24.15 -29.31 27.99
N ASP C 21 23.55 -29.36 29.18
CA ASP C 21 23.57 -30.55 30.03
C ASP C 21 23.04 -31.75 29.25
N ALA C 22 21.88 -31.57 28.62
CA ALA C 22 21.29 -32.61 27.78
C ALA C 22 22.23 -32.99 26.63
N GLN C 23 22.89 -32.01 26.01
CA GLN C 23 23.77 -32.33 24.91
C GLN C 23 24.97 -33.12 25.40
N LYS C 24 25.48 -32.76 26.58
CA LYS C 24 26.59 -33.52 27.15
C LYS C 24 26.15 -34.97 27.40
N GLN C 25 24.96 -35.13 28.00
CA GLN C 25 24.49 -36.44 28.39
C GLN C 25 24.18 -37.29 27.16
N ALA C 26 23.53 -36.71 26.15
CA ALA C 26 23.06 -37.49 25.02
C ALA C 26 24.09 -37.63 23.89
N TRP C 27 25.01 -36.65 23.77
CA TRP C 27 25.98 -36.67 22.66
C TRP C 27 27.39 -36.93 23.15
N ALA C 28 27.88 -36.14 24.13
CA ALA C 28 29.30 -36.18 24.47
C ALA C 28 29.69 -37.50 25.15
N ASP C 29 28.91 -37.89 26.15
CA ASP C 29 29.22 -39.07 26.94
C ASP C 29 29.24 -40.34 26.07
N PRO C 30 28.18 -40.67 25.31
CA PRO C 30 28.21 -41.82 24.41
C PRO C 30 29.35 -41.78 23.40
N PHE C 31 29.64 -40.59 22.89
CA PHE C 31 30.69 -40.44 21.87
C PHE C 31 32.06 -40.71 22.48
N SER C 32 32.30 -40.23 23.72
CA SER C 32 33.56 -40.46 24.41
C SER C 32 33.74 -41.95 24.71
N LYS C 33 32.70 -42.56 25.27
CA LYS C 33 32.68 -43.99 25.56
C LYS C 33 33.13 -44.74 24.31
N ALA C 34 32.53 -44.45 23.15
CA ALA C 34 32.81 -45.18 21.92
C ALA C 34 34.20 -44.87 21.35
N SER C 35 34.67 -43.62 21.45
CA SER C 35 35.77 -43.21 20.59
C SER C 35 37.04 -42.90 21.40
N GLY C 36 36.90 -42.70 22.71
CA GLY C 36 38.01 -42.34 23.57
C GLY C 36 38.46 -40.88 23.42
N ILE C 37 37.69 -40.08 22.64
CA ILE C 37 37.96 -38.66 22.47
C ILE C 37 37.23 -37.87 23.57
N THR C 38 37.99 -37.02 24.28
CA THR C 38 37.44 -36.20 25.34
C THR C 38 36.61 -35.06 24.74
N VAL C 39 35.49 -34.73 25.41
CA VAL C 39 34.74 -33.56 24.99
C VAL C 39 34.67 -32.60 26.16
N VAL C 40 35.23 -31.40 25.98
CA VAL C 40 35.13 -30.37 27.01
C VAL C 40 33.98 -29.43 26.67
N GLN C 41 33.17 -29.12 27.69
CA GLN C 41 32.01 -28.25 27.49
C GLN C 41 32.38 -26.79 27.66
N ASP C 42 32.08 -25.96 26.66
CA ASP C 42 32.41 -24.55 26.74
C ASP C 42 31.24 -23.71 26.22
N GLY C 43 31.41 -22.37 26.26
CA GLY C 43 30.44 -21.46 25.70
C GLY C 43 30.21 -20.29 26.64
N PRO C 44 29.14 -19.49 26.46
CA PRO C 44 28.07 -19.81 25.49
C PRO C 44 28.40 -19.40 24.06
N THR C 45 27.69 -19.97 23.09
CA THR C 45 27.78 -19.54 21.71
C THR C 45 27.69 -18.01 21.66
N ASP C 46 28.62 -17.43 20.92
CA ASP C 46 28.76 -16.00 20.76
C ASP C 46 29.35 -15.82 19.37
N TYR C 47 28.57 -15.22 18.49
CA TYR C 47 28.95 -15.13 17.09
C TYR C 47 30.17 -14.24 16.89
N GLY C 48 30.27 -13.16 17.69
CA GLY C 48 31.44 -12.29 17.69
C GLY C 48 32.72 -13.07 17.98
N LYS C 49 32.71 -13.82 19.10
CA LYS C 49 33.91 -14.54 19.54
C LYS C 49 34.31 -15.57 18.46
N LEU C 50 33.32 -16.14 17.77
CA LEU C 50 33.56 -17.15 16.73
C LEU C 50 34.25 -16.49 15.53
N LYS C 51 33.71 -15.38 15.04
CA LYS C 51 34.29 -14.64 13.93
C LYS C 51 35.71 -14.25 14.28
N ALA C 52 35.90 -13.70 15.49
CA ALA C 52 37.21 -13.20 15.91
C ALA C 52 38.27 -14.30 15.89
N MET C 53 37.99 -15.46 16.50
CA MET C 53 39.00 -16.50 16.58
C MET C 53 39.29 -17.08 15.21
N VAL C 54 38.29 -17.05 14.31
CA VAL C 54 38.47 -17.61 12.98
C VAL C 54 39.38 -16.67 12.19
N GLU C 55 39.13 -15.37 12.31
CA GLU C 55 39.88 -14.34 11.61
C GLU C 55 41.33 -14.28 12.12
N SER C 56 41.53 -14.51 13.42
CA SER C 56 42.86 -14.47 14.01
C SER C 56 43.66 -15.73 13.67
N GLY C 57 42.99 -16.80 13.22
CA GLY C 57 43.65 -18.06 12.93
C GLY C 57 43.96 -18.88 14.18
N ASN C 58 43.56 -18.41 15.38
CA ASN C 58 43.75 -19.16 16.61
C ASN C 58 42.39 -19.61 17.16
N VAL C 59 41.90 -20.74 16.66
CA VAL C 59 40.57 -21.26 16.98
C VAL C 59 40.62 -22.14 18.21
N GLN C 60 39.80 -21.81 19.22
CA GLN C 60 39.71 -22.60 20.46
C GLN C 60 38.46 -23.50 20.48
N TRP C 61 37.53 -23.27 19.54
CA TRP C 61 36.23 -23.93 19.49
C TRP C 61 36.16 -24.92 18.33
N ASP C 62 35.81 -26.19 18.63
CA ASP C 62 35.90 -27.23 17.62
C ASP C 62 34.53 -27.53 17.00
N VAL C 63 33.50 -27.61 17.87
CA VAL C 63 32.15 -27.84 17.42
C VAL C 63 31.27 -26.80 18.09
N VAL C 64 30.45 -26.11 17.30
CA VAL C 64 29.61 -25.04 17.82
C VAL C 64 28.18 -25.26 17.37
N ASP C 65 27.26 -25.12 18.32
CA ASP C 65 25.83 -25.09 18.11
C ASP C 65 25.39 -23.65 17.79
N VAL C 66 24.80 -23.42 16.61
CA VAL C 66 24.41 -22.08 16.19
C VAL C 66 22.99 -22.11 15.63
N GLU C 67 22.34 -20.94 15.54
CA GLU C 67 21.04 -20.83 14.87
C GLU C 67 21.23 -20.91 13.35
N ALA C 68 20.20 -21.45 12.66
CA ALA C 68 20.30 -21.69 11.23
C ALA C 68 20.66 -20.41 10.45
N ASP C 69 20.10 -19.28 10.85
CA ASP C 69 20.36 -18.05 10.11
C ASP C 69 21.86 -17.75 10.14
N PHE C 70 22.48 -17.90 11.31
CA PHE C 70 23.91 -17.66 11.43
C PHE C 70 24.71 -18.71 10.64
N ALA C 71 24.25 -19.96 10.63
CA ALA C 71 24.98 -20.99 9.92
C ALA C 71 25.10 -20.64 8.43
N LEU C 72 24.03 -20.10 7.85
CA LEU C 72 24.05 -19.73 6.45
C LEU C 72 25.00 -18.55 6.22
N ARG C 73 24.89 -17.53 7.07
CA ARG C 73 25.69 -16.31 6.94
C ARG C 73 27.16 -16.69 7.08
N ALA C 74 27.50 -17.48 8.11
CA ALA C 74 28.87 -17.86 8.39
C ALA C 74 29.45 -18.70 7.25
N ALA C 75 28.64 -19.57 6.65
CA ALA C 75 29.12 -20.33 5.51
C ALA C 75 29.45 -19.37 4.36
N ALA C 76 28.59 -18.38 4.14
CA ALA C 76 28.79 -17.40 3.07
C ALA C 76 30.03 -16.53 3.32
N GLU C 77 30.34 -16.25 4.60
CA GLU C 77 31.44 -15.37 4.97
C GLU C 77 32.76 -16.17 5.07
N GLY C 78 32.72 -17.46 4.75
CA GLY C 78 33.90 -18.33 4.71
C GLY C 78 34.43 -18.71 6.10
N LEU C 79 33.58 -18.72 7.14
CA LEU C 79 34.00 -18.90 8.53
C LEU C 79 34.02 -20.36 8.95
N LEU C 80 33.53 -21.29 8.11
CA LEU C 80 33.29 -22.65 8.56
C LEU C 80 34.07 -23.67 7.72
N GLU C 81 34.46 -24.78 8.33
CA GLU C 81 35.03 -25.94 7.64
C GLU C 81 33.94 -26.61 6.81
N PRO C 82 34.23 -27.04 5.56
CA PRO C 82 33.29 -27.88 4.82
C PRO C 82 33.24 -29.21 5.57
N LEU C 83 32.04 -29.79 5.69
CA LEU C 83 31.86 -31.01 6.44
C LEU C 83 32.35 -32.19 5.62
N ASP C 84 32.76 -33.25 6.33
CA ASP C 84 33.25 -34.47 5.69
C ASP C 84 32.15 -35.53 5.64
N PHE C 85 31.55 -35.68 4.47
CA PHE C 85 30.43 -36.60 4.29
C PHE C 85 30.92 -38.03 4.00
N SER C 86 32.23 -38.27 4.12
CA SER C 86 32.69 -39.65 4.18
C SER C 86 32.43 -40.23 5.59
N VAL C 87 32.20 -39.34 6.56
CA VAL C 87 32.11 -39.73 7.96
C VAL C 87 30.70 -39.46 8.47
N ILE C 88 30.15 -38.29 8.09
CA ILE C 88 28.77 -37.97 8.46
C ILE C 88 27.85 -38.56 7.39
N GLN C 89 26.85 -39.32 7.84
CA GLN C 89 25.94 -40.00 6.91
C GLN C 89 24.86 -39.00 6.45
N ARG C 90 25.15 -38.33 5.33
CA ARG C 90 24.34 -37.21 4.86
C ARG C 90 22.90 -37.63 4.57
N ASP C 91 22.73 -38.87 4.09
CA ASP C 91 21.46 -39.39 3.59
C ASP C 91 20.45 -39.53 4.73
N LYS C 92 20.92 -39.52 6.00
CA LYS C 92 20.06 -39.84 7.12
C LYS C 92 19.51 -38.57 7.76
N ILE C 93 19.98 -37.42 7.28
CA ILE C 93 19.65 -36.16 7.93
C ILE C 93 18.49 -35.50 7.18
N ASP C 94 17.53 -34.96 7.95
CA ASP C 94 16.44 -34.23 7.34
C ASP C 94 17.01 -33.34 6.25
N PRO C 95 16.55 -33.47 4.99
CA PRO C 95 17.16 -32.72 3.87
C PRO C 95 17.13 -31.20 4.07
N ARG C 96 16.19 -30.72 4.91
CA ARG C 96 16.04 -29.29 5.12
C ARG C 96 17.20 -28.73 5.95
N PHE C 97 17.83 -29.57 6.79
CA PHE C 97 18.78 -29.07 7.77
C PHE C 97 20.17 -29.70 7.60
N VAL C 98 20.63 -29.86 6.37
CA VAL C 98 22.01 -30.26 6.11
C VAL C 98 22.53 -29.42 4.94
N SER C 99 23.81 -29.11 4.94
CA SER C 99 24.44 -28.36 3.86
C SER C 99 25.93 -28.71 3.86
N ASP C 100 26.71 -28.08 2.99
CA ASP C 100 28.13 -28.36 2.92
C ASP C 100 28.85 -27.93 4.21
N HIS C 101 28.27 -27.01 4.98
CA HIS C 101 28.98 -26.45 6.11
C HIS C 101 28.27 -26.64 7.46
N GLY C 102 27.23 -27.50 7.50
CA GLY C 102 26.45 -27.61 8.73
C GLY C 102 25.55 -28.83 8.73
N VAL C 103 25.34 -29.40 9.93
CA VAL C 103 24.34 -30.45 10.10
C VAL C 103 23.35 -30.01 11.16
N GLY C 104 22.08 -30.39 11.01
CA GLY C 104 21.05 -30.07 11.98
C GLY C 104 21.42 -30.60 13.37
N ALA C 105 21.21 -29.75 14.37
CA ALA C 105 21.38 -30.18 15.75
C ALA C 105 20.03 -30.64 16.30
N PHE C 106 18.99 -29.83 16.06
CA PHE C 106 17.65 -30.13 16.56
C PHE C 106 16.69 -29.04 16.08
N LEU C 107 15.39 -29.37 16.16
CA LEU C 107 14.33 -28.46 15.78
C LEU C 107 13.67 -27.97 17.06
N TYR C 108 13.31 -26.69 17.10
CA TYR C 108 12.59 -26.21 18.27
C TYR C 108 11.59 -25.11 17.87
N SER C 109 10.84 -24.62 18.86
CA SER C 109 9.84 -23.58 18.66
C SER C 109 10.03 -22.52 19.74
N TYR C 110 9.82 -21.26 19.37
CA TYR C 110 9.38 -20.28 20.34
C TYR C 110 7.91 -20.55 20.64
N VAL C 111 7.60 -20.64 21.94
CA VAL C 111 6.25 -20.87 22.44
C VAL C 111 5.97 -19.80 23.48
N LEU C 112 4.69 -19.64 23.82
CA LEU C 112 4.27 -18.68 24.81
C LEU C 112 4.21 -19.38 26.17
N GLY C 113 5.11 -18.97 27.07
CA GLY C 113 5.16 -19.45 28.44
C GLY C 113 4.51 -18.44 29.38
N TYR C 114 3.86 -18.97 30.44
CA TYR C 114 3.21 -18.14 31.45
C TYR C 114 3.25 -18.83 32.82
N ASN C 115 3.18 -18.02 33.88
CA ASN C 115 2.95 -18.47 35.25
C ASN C 115 1.47 -18.33 35.63
N GLU C 116 1.06 -19.14 36.62
CA GLU C 116 -0.20 -18.94 37.37
C GLU C 116 -0.09 -17.70 38.29
N LYS C 123 -6.19 -18.00 31.38
CA LYS C 123 -5.04 -18.71 30.74
C LYS C 123 -4.82 -18.13 29.33
N PRO C 124 -3.58 -17.65 29.01
CA PRO C 124 -3.26 -17.03 27.72
C PRO C 124 -3.17 -18.00 26.54
N GLN C 125 -3.49 -17.51 25.35
CA GLN C 125 -3.77 -18.38 24.21
C GLN C 125 -2.77 -18.15 23.09
N ASP C 126 -2.56 -16.88 22.71
CA ASP C 126 -1.89 -16.47 21.47
C ASP C 126 -0.85 -15.43 21.85
N TRP C 127 0.00 -15.03 20.89
CA TRP C 127 0.89 -13.91 21.08
C TRP C 127 0.13 -12.63 21.44
N THR C 128 -1.16 -12.51 21.08
CA THR C 128 -1.92 -11.31 21.38
C THR C 128 -1.93 -11.07 22.90
N ALA C 129 -1.81 -12.16 23.68
CA ALA C 129 -1.81 -12.07 25.13
C ALA C 129 -0.64 -11.23 25.66
N LEU C 130 0.50 -11.23 24.96
CA LEU C 130 1.63 -10.41 25.35
C LEU C 130 1.26 -8.93 25.27
N PHE C 131 0.19 -8.61 24.50
CA PHE C 131 -0.06 -7.20 24.23
C PHE C 131 -1.27 -6.69 25.00
N ASP C 132 -1.87 -7.56 25.83
CA ASP C 132 -3.02 -7.17 26.64
C ASP C 132 -2.60 -7.11 28.11
N THR C 133 -2.04 -5.95 28.51
CA THR C 133 -1.59 -5.74 29.88
C THR C 133 -2.79 -5.58 30.83
N LYS C 134 -3.97 -5.24 30.28
CA LYS C 134 -5.17 -5.05 31.07
C LYS C 134 -5.66 -6.43 31.58
N THR C 135 -5.83 -7.38 30.66
CA THR C 135 -6.33 -8.71 31.01
C THR C 135 -5.28 -9.50 31.78
N TYR C 136 -4.01 -9.42 31.33
CA TYR C 136 -2.95 -10.22 31.93
C TYR C 136 -1.86 -9.27 32.41
N PRO C 137 -1.80 -8.92 33.71
CA PRO C 137 -0.76 -8.00 34.21
C PRO C 137 0.60 -8.68 34.26
N GLY C 138 1.66 -7.86 34.33
CA GLY C 138 3.00 -8.36 34.58
C GLY C 138 3.96 -7.98 33.46
N LYS C 139 5.25 -8.13 33.75
CA LYS C 139 6.30 -7.91 32.77
C LYS C 139 6.26 -9.04 31.74
N ARG C 140 6.77 -8.76 30.53
CA ARG C 140 6.78 -9.75 29.45
C ARG C 140 8.22 -10.02 29.02
N ALA C 141 8.57 -11.31 28.88
CA ALA C 141 9.94 -11.73 28.57
C ALA C 141 10.08 -11.94 27.07
N LEU C 142 11.09 -11.27 26.48
CA LEU C 142 11.36 -11.40 25.05
C LEU C 142 12.87 -11.46 24.83
N TYR C 143 13.27 -12.07 23.71
CA TYR C 143 14.68 -12.29 23.44
C TYR C 143 15.33 -10.97 23.00
N LYS C 144 16.49 -10.68 23.59
CA LYS C 144 17.17 -9.39 23.49
C LYS C 144 17.84 -9.18 22.13
N TRP C 145 18.33 -10.27 21.52
CA TRP C 145 19.19 -10.20 20.36
C TRP C 145 18.39 -10.13 19.07
N PRO C 146 18.79 -9.27 18.10
CA PRO C 146 18.06 -9.17 16.83
C PRO C 146 18.23 -10.51 16.11
N SER C 147 17.14 -11.22 15.88
CA SER C 147 17.20 -12.65 15.61
C SER C 147 15.77 -13.12 15.36
N PRO C 148 15.53 -14.15 14.51
CA PRO C 148 14.14 -14.53 14.20
C PRO C 148 13.35 -14.74 15.50
N GLY C 149 12.14 -14.21 15.54
CA GLY C 149 11.24 -14.47 16.65
C GLY C 149 10.36 -13.27 17.02
N VAL C 150 10.97 -12.27 17.69
CA VAL C 150 10.21 -11.17 18.29
C VAL C 150 9.44 -10.39 17.23
N LEU C 151 10.14 -9.91 16.20
CA LEU C 151 9.49 -9.14 15.14
C LEU C 151 8.34 -9.94 14.53
N GLU C 152 8.57 -11.23 14.25
CA GLU C 152 7.52 -12.05 13.66
C GLU C 152 6.30 -12.14 14.58
N LEU C 153 6.52 -12.38 15.87
CA LEU C 153 5.40 -12.63 16.77
C LEU C 153 4.66 -11.32 17.02
N ALA C 154 5.38 -10.18 16.90
CA ALA C 154 4.74 -8.89 17.00
C ALA C 154 3.77 -8.70 15.83
N LEU C 155 4.24 -9.06 14.63
CA LEU C 155 3.43 -8.90 13.44
C LEU C 155 2.21 -9.80 13.51
N LEU C 156 2.40 -11.03 13.97
CA LEU C 156 1.29 -11.98 14.14
C LEU C 156 0.26 -11.43 15.11
N ALA C 157 0.72 -10.84 16.21
CA ALA C 157 -0.20 -10.31 17.22
C ALA C 157 -0.94 -9.10 16.65
N ASP C 158 -0.37 -8.48 15.62
CA ASP C 158 -0.97 -7.29 15.05
C ASP C 158 -1.85 -7.66 13.85
N GLY C 159 -2.07 -8.97 13.63
CA GLY C 159 -3.06 -9.44 12.68
C GLY C 159 -2.48 -9.89 11.33
N VAL C 160 -1.16 -9.75 11.11
CA VAL C 160 -0.52 -10.19 9.88
C VAL C 160 -0.64 -11.71 9.80
N PRO C 161 -1.17 -12.27 8.68
CA PRO C 161 -1.30 -13.73 8.53
C PRO C 161 0.06 -14.37 8.28
N ALA C 162 0.20 -15.63 8.74
CA ALA C 162 1.44 -16.40 8.69
C ALA C 162 2.16 -16.27 7.34
N ASP C 163 1.43 -16.42 6.23
CA ASP C 163 2.07 -16.55 4.92
C ASP C 163 2.52 -15.18 4.37
N LYS C 164 2.29 -14.11 5.14
CA LYS C 164 2.60 -12.77 4.65
C LYS C 164 3.53 -12.02 5.59
N LEU C 165 4.29 -12.77 6.42
CA LEU C 165 5.24 -12.21 7.38
C LEU C 165 6.42 -11.58 6.65
N TYR C 166 6.85 -12.22 5.55
CA TYR C 166 8.08 -11.83 4.89
C TYR C 166 7.78 -11.12 3.57
N PRO C 167 8.50 -10.03 3.24
CA PRO C 167 9.52 -9.47 4.15
C PRO C 167 8.94 -8.70 5.32
N LEU C 168 9.70 -8.59 6.42
CA LEU C 168 9.18 -8.06 7.66
C LEU C 168 8.87 -6.58 7.47
N ASP C 169 7.63 -6.19 7.78
CA ASP C 169 7.24 -4.80 7.89
C ASP C 169 7.68 -4.28 9.26
N LEU C 170 8.91 -3.75 9.28
CA LEU C 170 9.58 -3.36 10.51
C LEU C 170 8.87 -2.23 11.24
N ASP C 171 8.42 -1.20 10.51
CA ASP C 171 7.72 -0.07 11.12
C ASP C 171 6.51 -0.55 11.91
N ARG C 172 5.74 -1.46 11.31
CA ARG C 172 4.55 -2.01 11.93
C ARG C 172 4.91 -2.83 13.16
N ALA C 173 6.01 -3.60 13.09
CA ALA C 173 6.44 -4.46 14.18
C ALA C 173 6.88 -3.64 15.39
N PHE C 174 7.66 -2.57 15.15
CA PHE C 174 8.11 -1.69 16.22
C PHE C 174 6.94 -0.95 16.84
N LYS C 175 5.98 -0.50 16.02
CA LYS C 175 4.79 0.18 16.50
C LYS C 175 4.05 -0.72 17.49
N LYS C 176 3.97 -2.02 17.17
CA LYS C 176 3.24 -2.95 18.00
C LYS C 176 3.98 -3.20 19.32
N LEU C 177 5.31 -3.26 19.24
CA LEU C 177 6.17 -3.49 20.39
C LEU C 177 6.12 -2.26 21.31
N ASP C 178 6.04 -1.06 20.73
CA ASP C 178 5.96 0.19 21.45
C ASP C 178 4.84 0.14 22.49
N THR C 179 3.71 -0.47 22.14
CA THR C 179 2.56 -0.50 23.03
C THR C 179 2.90 -1.18 24.37
N ILE C 180 4.06 -1.83 24.48
CA ILE C 180 4.41 -2.54 25.70
C ILE C 180 5.86 -2.31 26.09
N LYS C 181 6.55 -1.34 25.46
CA LYS C 181 7.99 -1.23 25.60
C LYS C 181 8.38 -1.18 27.07
N LYS C 182 7.56 -0.49 27.88
CA LYS C 182 7.81 -0.25 29.30
C LYS C 182 7.77 -1.56 30.07
N ASP C 183 7.05 -2.56 29.55
CA ASP C 183 6.78 -3.79 30.29
C ASP C 183 7.67 -4.93 29.83
N ILE C 184 8.66 -4.66 28.96
CA ILE C 184 9.44 -5.75 28.40
C ILE C 184 10.69 -5.95 29.23
N VAL C 185 10.97 -7.22 29.57
CA VAL C 185 12.25 -7.57 30.16
C VAL C 185 12.96 -8.45 29.14
N TRP C 186 14.12 -7.98 28.68
CA TRP C 186 14.90 -8.70 27.69
C TRP C 186 15.64 -9.86 28.33
N TRP C 187 15.59 -11.05 27.72
CA TRP C 187 16.50 -12.14 28.08
C TRP C 187 17.56 -12.34 27.00
N GLY C 188 18.82 -12.52 27.44
CA GLY C 188 19.95 -12.67 26.55
C GLY C 188 20.37 -14.13 26.37
N GLY C 189 19.87 -15.01 27.26
CA GLY C 189 20.36 -16.38 27.34
C GLY C 189 19.27 -17.28 27.91
N GLY C 190 19.41 -18.60 27.70
CA GLY C 190 18.38 -19.56 28.06
C GLY C 190 18.11 -19.54 29.57
N ALA C 191 19.21 -19.59 30.33
CA ALA C 191 19.16 -19.67 31.78
C ALA C 191 18.41 -18.47 32.35
N GLN C 192 18.72 -17.27 31.85
CA GLN C 192 18.10 -16.07 32.35
C GLN C 192 16.59 -16.13 32.04
N SER C 193 16.24 -16.61 30.85
CA SER C 193 14.84 -16.66 30.51
C SER C 193 14.09 -17.56 31.51
N GLN C 194 14.74 -18.67 31.90
CA GLN C 194 14.14 -19.60 32.82
C GLN C 194 13.99 -18.98 34.21
N GLN C 195 15.01 -18.21 34.63
CA GLN C 195 14.97 -17.56 35.93
C GLN C 195 13.85 -16.52 35.93
N LEU C 196 13.72 -15.77 34.82
CA LEU C 196 12.74 -14.70 34.77
C LEU C 196 11.34 -15.29 34.95
N LEU C 197 11.10 -16.46 34.38
CA LEU C 197 9.76 -17.04 34.43
C LEU C 197 9.55 -17.82 35.72
N ALA C 198 10.56 -18.59 36.16
CA ALA C 198 10.42 -19.46 37.31
C ALA C 198 10.18 -18.67 38.57
N SER C 199 10.89 -17.54 38.75
CA SER C 199 10.48 -16.55 39.73
C SER C 199 9.35 -15.76 39.09
N GLY C 200 8.70 -14.88 39.83
CA GLY C 200 7.59 -14.27 39.12
C GLY C 200 8.00 -12.97 38.44
N GLU C 201 9.26 -12.85 38.01
CA GLU C 201 9.77 -11.57 37.55
C GLU C 201 9.02 -11.13 36.30
N VAL C 202 8.67 -12.09 35.43
CA VAL C 202 7.75 -11.87 34.34
C VAL C 202 6.57 -12.81 34.52
N SER C 203 5.43 -12.48 33.92
CA SER C 203 4.25 -13.35 34.06
C SER C 203 4.06 -14.24 32.82
N MET C 204 4.79 -13.92 31.75
CA MET C 204 4.49 -14.37 30.41
C MET C 204 5.70 -14.07 29.52
N GLY C 205 5.85 -14.82 28.41
CA GLY C 205 6.79 -14.38 27.40
C GLY C 205 7.01 -15.41 26.28
N GLN C 206 8.02 -15.12 25.44
CA GLN C 206 8.49 -15.95 24.35
C GLN C 206 9.70 -16.75 24.83
N PHE C 207 9.65 -18.08 24.67
CA PHE C 207 10.72 -18.93 25.21
C PHE C 207 10.99 -20.06 24.24
N TRP C 208 12.23 -20.54 24.21
CA TRP C 208 12.59 -21.79 23.58
C TRP C 208 11.84 -22.91 24.32
N ASN C 209 11.15 -23.78 23.58
CA ASN C 209 10.22 -24.72 24.18
C ASN C 209 10.92 -25.60 25.20
N GLY C 210 12.10 -26.10 24.86
CA GLY C 210 12.87 -27.01 25.71
C GLY C 210 13.18 -26.41 27.07
N ARG C 211 13.34 -25.08 27.11
CA ARG C 211 13.65 -24.42 28.36
C ARG C 211 12.42 -24.48 29.27
N ILE C 212 11.22 -24.37 28.68
CA ILE C 212 9.99 -24.44 29.44
C ILE C 212 9.78 -25.88 29.92
N HIS C 213 10.02 -26.83 29.02
CA HIS C 213 9.99 -28.23 29.41
C HIS C 213 10.87 -28.47 30.64
N ALA C 214 12.13 -28.02 30.60
CA ALA C 214 13.04 -28.18 31.73
C ALA C 214 12.42 -27.66 33.03
N LEU C 215 11.83 -26.45 32.98
CA LEU C 215 11.18 -25.88 34.16
C LEU C 215 10.05 -26.77 34.66
N GLN C 216 9.19 -27.24 33.75
CA GLN C 216 8.03 -28.04 34.14
C GLN C 216 8.49 -29.33 34.85
N GLU C 217 9.52 -29.99 34.33
CA GLU C 217 10.00 -31.22 34.94
C GLU C 217 10.60 -30.97 36.33
N ASP C 218 10.96 -29.72 36.63
CA ASP C 218 11.56 -29.34 37.90
C ASP C 218 10.46 -28.86 38.86
N GLY C 219 9.21 -28.99 38.42
CA GLY C 219 8.07 -28.74 39.29
C GLY C 219 7.65 -27.28 39.31
N ALA C 220 8.30 -26.44 38.51
CA ALA C 220 7.90 -25.04 38.42
C ALA C 220 6.50 -24.93 37.82
N PRO C 221 5.67 -23.95 38.27
CA PRO C 221 4.26 -23.89 37.87
C PRO C 221 4.05 -23.07 36.61
N VAL C 222 4.43 -23.64 35.46
CA VAL C 222 4.48 -22.86 34.23
C VAL C 222 3.63 -23.56 33.18
N GLY C 223 2.93 -22.75 32.39
CA GLY C 223 2.15 -23.30 31.29
C GLY C 223 2.70 -22.83 29.95
N VAL C 224 2.24 -23.50 28.89
CA VAL C 224 2.67 -23.23 27.54
C VAL C 224 1.43 -23.26 26.65
N SER C 225 1.35 -22.32 25.72
CA SER C 225 0.44 -22.48 24.59
C SER C 225 1.27 -22.68 23.32
N TRP C 226 0.84 -23.67 22.52
CA TRP C 226 1.51 -23.98 21.27
C TRP C 226 0.88 -23.26 20.08
N LYS C 227 -0.11 -22.40 20.33
CA LYS C 227 -0.73 -21.65 19.24
C LYS C 227 0.34 -20.76 18.62
N GLN C 228 0.45 -20.82 17.29
CA GLN C 228 1.37 -19.99 16.52
C GLN C 228 2.81 -20.19 17.00
N ASN C 229 3.17 -21.45 17.27
CA ASN C 229 4.53 -21.73 17.73
C ASN C 229 5.47 -21.49 16.55
N LEU C 230 6.63 -20.88 16.82
CA LEU C 230 7.54 -20.44 15.77
C LEU C 230 8.72 -21.40 15.66
N VAL C 231 8.79 -22.13 14.54
CA VAL C 231 9.76 -23.20 14.36
C VAL C 231 11.08 -22.65 13.80
N MET C 232 12.18 -23.17 14.35
CA MET C 232 13.54 -22.81 13.96
C MET C 232 14.41 -24.03 14.16
N ALA C 233 15.61 -24.02 13.57
CA ALA C 233 16.53 -25.14 13.78
C ALA C 233 17.89 -24.59 14.24
N ASP C 234 18.58 -25.37 15.05
CA ASP C 234 19.98 -25.13 15.37
C ASP C 234 20.85 -26.09 14.53
N ILE C 235 22.06 -25.62 14.21
CA ILE C 235 22.98 -26.33 13.33
C ILE C 235 24.32 -26.49 14.06
N LEU C 236 24.90 -27.69 13.94
CA LEU C 236 26.27 -27.93 14.37
C LEU C 236 27.21 -27.52 13.27
N VAL C 237 28.18 -26.66 13.58
CA VAL C 237 29.19 -26.23 12.62
C VAL C 237 30.58 -26.42 13.22
N VAL C 238 31.58 -26.44 12.35
CA VAL C 238 32.96 -26.61 12.76
C VAL C 238 33.73 -25.38 12.31
N PRO C 239 34.16 -24.46 13.22
CA PRO C 239 34.84 -23.22 12.82
C PRO C 239 36.08 -23.46 11.95
N LYS C 240 36.26 -22.65 10.88
CA LYS C 240 37.43 -22.80 10.03
C LYS C 240 38.70 -22.57 10.84
N GLY C 241 39.65 -23.52 10.73
CA GLY C 241 40.94 -23.42 11.37
C GLY C 241 41.03 -24.28 12.63
N THR C 242 39.98 -25.08 12.89
CA THR C 242 39.96 -25.92 14.07
C THR C 242 41.18 -26.83 14.05
N LYS C 243 41.78 -27.05 15.23
CA LYS C 243 42.96 -27.87 15.33
C LYS C 243 42.55 -29.34 15.56
N ASN C 244 41.26 -29.64 15.48
CA ASN C 244 40.78 -31.00 15.73
C ASN C 244 39.74 -31.42 14.70
N LYS C 245 39.95 -31.05 13.43
CA LYS C 245 38.97 -31.25 12.37
C LYS C 245 38.41 -32.67 12.40
N ALA C 246 39.29 -33.68 12.29
CA ALA C 246 38.86 -35.06 12.16
C ALA C 246 37.94 -35.47 13.31
N ALA C 247 38.33 -35.11 14.53
CA ALA C 247 37.57 -35.48 15.72
C ALA C 247 36.21 -34.76 15.77
N ALA C 248 36.20 -33.48 15.37
CA ALA C 248 34.96 -32.72 15.27
C ALA C 248 33.96 -33.44 14.35
N MET C 249 34.44 -33.89 13.19
CA MET C 249 33.56 -34.54 12.22
C MET C 249 32.97 -35.81 12.82
N LYS C 250 33.79 -36.58 13.58
CA LYS C 250 33.32 -37.82 14.17
C LYS C 250 32.19 -37.50 15.16
N PHE C 251 32.32 -36.33 15.82
CA PHE C 251 31.34 -35.87 16.79
C PHE C 251 30.03 -35.52 16.09
N LEU C 252 30.11 -34.73 15.03
CA LEU C 252 28.94 -34.40 14.22
C LEU C 252 28.23 -35.69 13.78
N ALA C 253 29.01 -36.71 13.39
CA ALA C 253 28.41 -37.97 12.94
C ALA C 253 27.57 -38.57 14.04
N SER C 254 28.11 -38.52 15.27
CA SER C 254 27.51 -39.16 16.41
C SER C 254 26.26 -38.37 16.84
N ALA C 255 26.39 -37.05 16.92
CA ALA C 255 25.31 -36.22 17.44
C ALA C 255 24.12 -36.20 16.45
N SER C 256 24.40 -36.41 15.16
CA SER C 256 23.33 -36.27 14.18
C SER C 256 22.73 -37.65 13.82
N SER C 257 23.24 -38.71 14.44
CA SER C 257 22.71 -40.06 14.23
C SER C 257 21.33 -40.21 14.89
N ALA C 258 20.60 -41.26 14.50
CA ALA C 258 19.24 -41.50 15.00
C ALA C 258 19.27 -41.59 16.52
N LYS C 259 20.26 -42.31 17.05
CA LYS C 259 20.33 -42.54 18.50
C LYS C 259 20.61 -41.24 19.24
N GLY C 260 21.62 -40.48 18.78
CA GLY C 260 21.94 -39.20 19.40
C GLY C 260 20.76 -38.24 19.39
N GLN C 261 20.05 -38.19 18.26
CA GLN C 261 18.90 -37.32 18.09
C GLN C 261 17.76 -37.74 19.02
N ASP C 262 17.52 -39.05 19.10
CA ASP C 262 16.45 -39.59 19.92
C ASP C 262 16.76 -39.27 21.38
N ASP C 263 18.00 -39.51 21.80
CA ASP C 263 18.34 -39.33 23.20
C ASP C 263 18.24 -37.88 23.60
N PHE C 264 18.73 -36.99 22.72
CA PHE C 264 18.67 -35.57 23.01
C PHE C 264 17.21 -35.11 23.09
N SER C 265 16.38 -35.61 22.17
CA SER C 265 14.97 -35.26 22.15
C SER C 265 14.30 -35.65 23.46
N ALA C 266 14.59 -36.88 23.92
CA ALA C 266 13.97 -37.45 25.11
C ALA C 266 14.35 -36.64 26.35
N LEU C 267 15.52 -35.97 26.34
CA LEU C 267 15.96 -35.22 27.52
C LEU C 267 15.43 -33.77 27.52
N THR C 268 14.96 -33.25 26.37
CA THR C 268 14.71 -31.81 26.28
C THR C 268 13.32 -31.47 25.75
N ALA C 269 12.72 -32.37 24.95
CA ALA C 269 11.47 -32.08 24.27
C ALA C 269 11.74 -31.19 23.05
N TYR C 270 12.99 -31.16 22.58
CA TYR C 270 13.28 -30.67 21.23
C TYR C 270 12.98 -31.78 20.23
N ALA C 271 12.88 -31.41 18.94
CA ALA C 271 12.53 -32.39 17.91
C ALA C 271 13.78 -32.87 17.16
N PRO C 272 13.88 -34.19 16.90
CA PRO C 272 15.06 -34.75 16.22
C PRO C 272 15.06 -34.47 14.73
N VAL C 273 16.25 -34.54 14.10
CA VAL C 273 16.40 -34.13 12.73
C VAL C 273 16.98 -35.26 11.90
N ASN C 274 16.91 -36.48 12.40
CA ASN C 274 17.32 -37.64 11.61
C ASN C 274 16.07 -38.36 11.10
N ILE C 275 16.06 -38.74 9.82
CA ILE C 275 14.86 -39.35 9.25
C ILE C 275 14.57 -40.71 9.92
N ASP C 276 15.56 -41.33 10.55
CA ASP C 276 15.34 -42.62 11.23
C ASP C 276 14.94 -42.43 12.69
N SER C 277 14.81 -41.19 13.15
CA SER C 277 14.42 -40.98 14.53
C SER C 277 12.93 -41.30 14.68
N VAL C 278 12.54 -41.88 15.83
CA VAL C 278 11.12 -42.15 16.06
C VAL C 278 10.42 -40.81 16.25
N GLN C 279 9.34 -40.57 15.53
CA GLN C 279 8.74 -39.25 15.60
C GLN C 279 7.51 -39.32 16.51
N ARG C 280 7.76 -39.38 17.82
CA ARG C 280 6.69 -39.43 18.80
C ARG C 280 6.02 -38.06 18.93
N LEU C 281 4.81 -38.04 19.50
CA LEU C 281 4.07 -36.82 19.73
C LEU C 281 4.26 -36.36 21.19
N ASP C 282 4.65 -37.27 22.06
CA ASP C 282 4.71 -36.98 23.48
C ASP C 282 5.71 -37.91 24.14
N LEU C 283 6.42 -37.38 25.16
CA LEU C 283 7.48 -38.14 25.81
C LEU C 283 6.89 -39.29 26.64
N ALA C 284 5.58 -39.24 26.91
CA ALA C 284 4.93 -40.31 27.64
C ALA C 284 4.65 -41.54 26.75
N GLN C 285 4.80 -41.41 25.43
CA GLN C 285 4.64 -42.56 24.55
C GLN C 285 5.88 -43.46 24.59
N VAL C 286 5.64 -44.77 24.69
CA VAL C 286 6.70 -45.74 24.84
C VAL C 286 7.49 -45.84 23.55
N ARG C 287 8.76 -45.44 23.58
CA ARG C 287 9.65 -45.57 22.42
C ARG C 287 10.33 -46.92 22.51
N ILE C 288 10.20 -47.72 21.45
CA ILE C 288 10.65 -49.09 21.45
C ILE C 288 11.79 -49.23 20.45
N THR C 289 12.85 -49.93 20.87
CA THR C 289 14.03 -50.18 20.05
C THR C 289 14.48 -51.60 20.29
N ALA C 290 15.13 -52.19 19.29
CA ALA C 290 15.61 -53.57 19.36
C ALA C 290 16.85 -53.62 20.24
N ASP C 291 16.98 -54.73 20.97
CA ASP C 291 18.19 -55.09 21.70
C ASP C 291 18.73 -56.38 21.11
N LYS C 292 19.53 -56.24 20.04
CA LYS C 292 20.05 -57.35 19.28
C LYS C 292 20.77 -58.35 20.19
N GLN C 293 21.64 -57.81 21.06
CA GLN C 293 22.53 -58.61 21.89
C GLN C 293 21.76 -59.55 22.81
N LYS C 294 20.61 -59.10 23.35
CA LYS C 294 19.84 -59.90 24.29
C LYS C 294 18.66 -60.56 23.60
N ASN C 295 18.52 -60.32 22.28
CA ASN C 295 17.47 -60.93 21.48
C ASN C 295 16.09 -60.45 21.97
N GLY C 296 16.02 -59.16 22.31
CA GLY C 296 14.82 -58.59 22.91
C GLY C 296 14.65 -57.13 22.50
N ILE C 297 14.05 -56.33 23.39
CA ILE C 297 13.81 -54.93 23.08
C ILE C 297 14.11 -54.12 24.33
N MET C 298 14.30 -52.82 24.11
CA MET C 298 14.39 -51.83 25.18
C MET C 298 13.37 -50.72 24.90
N ALA C 299 12.91 -50.07 25.96
CA ALA C 299 11.99 -48.96 25.77
C ALA C 299 12.28 -47.87 26.80
N ASN C 300 11.88 -46.64 26.47
CA ASN C 300 12.07 -45.47 27.30
C ASN C 300 10.83 -44.61 27.17
N PHE C 301 10.40 -43.98 28.26
CA PHE C 301 9.33 -43.00 28.19
C PHE C 301 9.24 -42.30 29.53
N LYS C 302 8.56 -41.14 29.56
CA LYS C 302 8.43 -40.34 30.75
C LYS C 302 6.95 -40.11 31.00
N ILE C 303 6.41 -40.80 32.00
CA ILE C 303 5.02 -40.65 32.40
C ILE C 303 4.89 -39.42 33.28
N ARG C 304 3.75 -38.73 33.19
CA ARG C 304 3.48 -37.58 34.04
C ARG C 304 2.24 -37.88 34.90
N HIS C 305 2.27 -37.40 36.15
CA HIS C 305 1.19 -37.56 37.10
C HIS C 305 0.82 -36.20 37.69
N ASN C 306 -0.46 -35.86 37.67
CA ASN C 306 -0.95 -34.65 38.32
C ASN C 306 -0.84 -34.81 39.84
N VAL C 307 -0.24 -33.80 40.49
CA VAL C 307 -0.14 -33.70 41.94
C VAL C 307 -1.31 -32.82 42.40
N GLU C 308 -1.81 -33.08 43.61
CA GLU C 308 -2.98 -32.39 44.17
C GLU C 308 -2.73 -30.89 44.32
N ASP C 309 -1.46 -30.50 44.53
CA ASP C 309 -1.10 -29.11 44.74
C ASP C 309 -1.14 -28.33 43.42
N GLY C 310 -1.35 -29.05 42.30
CA GLY C 310 -1.48 -28.42 41.00
C GLY C 310 -0.27 -28.65 40.10
N SER C 311 0.83 -29.18 40.64
CA SER C 311 2.01 -29.43 39.83
C SER C 311 1.92 -30.77 39.10
N VAL C 312 3.03 -31.18 38.49
CA VAL C 312 3.11 -32.40 37.72
C VAL C 312 4.38 -33.14 38.13
N GLN C 313 4.24 -34.41 38.47
CA GLN C 313 5.39 -35.21 38.85
C GLN C 313 5.73 -36.21 37.74
N SER C 314 7.02 -36.24 37.38
CA SER C 314 7.53 -37.04 36.29
C SER C 314 7.93 -38.41 36.82
N ALA C 315 7.79 -39.42 35.95
CA ALA C 315 8.24 -40.78 36.26
C ALA C 315 9.00 -41.30 35.05
N ASP C 316 10.33 -41.36 35.18
CA ASP C 316 11.17 -41.70 34.06
C ASP C 316 11.27 -43.23 33.99
N HIS C 317 10.86 -43.81 32.86
CA HIS C 317 10.82 -45.24 32.72
C HIS C 317 11.94 -45.73 31.79
N TYR C 318 12.67 -46.76 32.25
CA TYR C 318 13.61 -47.53 31.44
C TYR C 318 13.18 -48.98 31.51
N GLN C 319 13.02 -49.60 30.34
CA GLN C 319 12.46 -50.92 30.23
C GLN C 319 13.34 -51.81 29.35
N GLN C 320 13.42 -53.09 29.72
CA GLN C 320 14.11 -54.13 28.99
C GLN C 320 13.21 -55.36 28.97
N ASN C 321 12.98 -55.93 27.78
CA ASN C 321 12.20 -57.17 27.66
C ASN C 321 13.07 -58.23 26.99
N THR C 322 13.11 -59.43 27.60
CA THR C 322 13.84 -60.59 27.11
C THR C 322 12.89 -61.77 27.00
N PRO C 323 12.93 -62.54 25.89
CA PRO C 323 12.09 -63.74 25.77
C PRO C 323 12.44 -64.78 26.82
N ILE C 324 11.43 -65.50 27.31
CA ILE C 324 11.63 -66.64 28.20
C ILE C 324 12.05 -67.86 27.38
N GLY C 325 11.37 -68.09 26.25
CA GLY C 325 11.60 -69.24 25.38
C GLY C 325 12.90 -69.12 24.58
N ASP C 326 13.33 -70.23 23.95
CA ASP C 326 14.54 -70.23 23.12
C ASP C 326 14.15 -70.00 21.66
N GLY C 327 12.84 -69.96 21.39
CA GLY C 327 12.34 -69.89 20.02
C GLY C 327 12.69 -68.57 19.34
N PRO C 328 12.48 -68.44 18.02
CA PRO C 328 12.84 -67.20 17.31
C PRO C 328 11.78 -66.12 17.57
N VAL C 329 12.21 -64.87 17.64
CA VAL C 329 11.31 -63.77 17.98
C VAL C 329 11.47 -62.67 16.94
N LEU C 330 10.49 -61.77 16.87
CA LEU C 330 10.55 -60.61 15.99
C LEU C 330 11.29 -59.48 16.71
N LEU C 331 12.41 -59.05 16.11
CA LEU C 331 13.14 -57.89 16.59
C LEU C 331 12.71 -56.69 15.76
N PRO C 332 12.04 -55.68 16.36
CA PRO C 332 11.44 -54.57 15.61
C PRO C 332 12.39 -53.49 15.13
N ASP C 333 11.94 -52.76 14.11
CA ASP C 333 12.45 -51.44 13.81
C ASP C 333 11.91 -50.48 14.85
N ASN C 334 12.56 -49.32 14.98
CA ASN C 334 12.16 -48.35 16.00
C ASN C 334 10.73 -47.91 15.73
N HIS C 335 9.93 -47.79 16.79
CA HIS C 335 8.57 -47.28 16.70
C HIS C 335 8.11 -46.88 18.09
N TYR C 336 6.82 -46.56 18.26
CA TYR C 336 6.31 -46.21 19.59
C TYR C 336 4.91 -46.77 19.81
N LEU C 337 4.44 -46.71 21.06
CA LEU C 337 3.08 -47.10 21.42
C LEU C 337 2.33 -45.86 21.91
N SER C 338 1.09 -45.72 21.48
CA SER C 338 0.22 -44.64 21.92
C SER C 338 -0.86 -45.22 22.84
N THR C 339 -0.97 -44.70 24.05
CA THR C 339 -1.87 -45.27 25.04
C THR C 339 -2.86 -44.22 25.55
N GLN C 340 -4.14 -44.56 25.62
CA GLN C 340 -5.11 -43.73 26.31
C GLN C 340 -5.60 -44.57 27.49
N SER C 341 -5.61 -44.00 28.70
CA SER C 341 -6.02 -44.77 29.88
C SER C 341 -7.12 -44.06 30.64
N VAL C 342 -8.09 -44.80 31.18
CA VAL C 342 -9.12 -44.22 32.05
C VAL C 342 -9.19 -45.01 33.35
N LEU C 343 -8.98 -44.31 34.46
CA LEU C 343 -9.06 -44.87 35.79
C LEU C 343 -10.42 -44.55 36.38
N SER C 344 -11.02 -45.53 37.07
CA SER C 344 -12.34 -45.32 37.68
C SER C 344 -12.50 -46.23 38.88
N LYS C 345 -13.66 -46.17 39.55
CA LYS C 345 -13.97 -47.01 40.70
C LYS C 345 -15.21 -47.85 40.41
N ASP C 346 -15.23 -49.05 40.98
CA ASP C 346 -16.41 -49.91 41.04
C ASP C 346 -17.23 -49.53 42.27
N PRO C 347 -18.45 -48.98 42.11
CA PRO C 347 -19.21 -48.47 43.26
C PRO C 347 -19.60 -49.57 44.26
N ASN C 348 -19.51 -50.83 43.84
CA ASN C 348 -19.89 -51.96 44.67
C ASN C 348 -18.69 -52.58 45.38
N GLU C 349 -17.49 -52.00 45.18
CA GLU C 349 -16.26 -52.58 45.70
C GLU C 349 -15.78 -51.80 46.91
N LYS C 350 -15.69 -52.49 48.05
CA LYS C 350 -15.42 -51.88 49.35
C LYS C 350 -13.90 -51.81 49.58
N ARG C 351 -13.14 -52.66 48.88
CA ARG C 351 -11.71 -52.70 49.04
C ARG C 351 -11.04 -51.60 48.20
N ASP C 352 -9.80 -51.25 48.55
CA ASP C 352 -8.92 -50.38 47.78
C ASP C 352 -8.66 -51.01 46.42
N HIS C 353 -9.01 -50.31 45.34
CA HIS C 353 -9.06 -50.97 44.04
C HIS C 353 -8.96 -49.92 42.91
N MET C 354 -8.72 -50.44 41.69
CA MET C 354 -8.63 -49.60 40.52
C MET C 354 -9.29 -50.31 39.35
N VAL C 355 -10.24 -49.63 38.69
CA VAL C 355 -10.78 -50.08 37.43
C VAL C 355 -10.05 -49.31 36.34
N LEU C 356 -9.50 -50.05 35.37
CA LEU C 356 -8.72 -49.47 34.30
C LEU C 356 -9.28 -49.88 32.95
N LEU C 357 -9.45 -48.92 32.05
CA LEU C 357 -9.74 -49.18 30.65
C LEU C 357 -8.62 -48.53 29.81
N GLU C 358 -8.04 -49.29 28.88
CA GLU C 358 -6.92 -48.79 28.10
C GLU C 358 -7.09 -49.12 26.63
N PHE C 359 -6.59 -48.22 25.78
CA PHE C 359 -6.39 -48.48 24.36
C PHE C 359 -4.91 -48.26 24.03
N VAL C 360 -4.29 -49.27 23.41
CA VAL C 360 -2.88 -49.19 23.03
C VAL C 360 -2.77 -49.45 21.53
N THR C 361 -2.07 -48.55 20.83
CA THR C 361 -1.85 -48.69 19.40
C THR C 361 -0.38 -48.45 19.09
N ALA C 362 0.20 -49.27 18.21
CA ALA C 362 1.55 -49.07 17.72
C ALA C 362 1.52 -48.05 16.58
N ALA C 363 2.57 -47.24 16.49
CA ALA C 363 2.64 -46.19 15.49
C ALA C 363 4.10 -45.82 15.21
N GLY C 364 4.30 -44.80 14.35
CA GLY C 364 5.61 -44.21 14.09
C GLY C 364 6.35 -44.87 12.94
N ILE C 365 5.73 -45.81 12.23
CA ILE C 365 6.21 -46.16 10.92
C ILE C 365 5.08 -45.86 9.93
N THR C 366 5.41 -45.09 8.89
CA THR C 366 4.44 -44.61 7.92
C THR C 366 3.98 -45.78 7.06
N LEU C 367 2.67 -45.82 6.78
CA LEU C 367 2.15 -46.86 5.89
C LEU C 367 2.80 -46.70 4.50
N GLY C 368 3.45 -47.78 4.05
CA GLY C 368 4.28 -47.76 2.84
C GLY C 368 4.40 -49.14 2.22
N MET C 369 4.72 -49.20 0.91
CA MET C 369 4.75 -50.42 0.13
C MET C 369 5.88 -51.35 0.57
N ASP C 370 6.98 -50.81 1.11
CA ASP C 370 8.00 -51.68 1.71
C ASP C 370 7.55 -52.10 3.13
N LYS C 383 3.59 -66.67 14.77
CA LYS C 383 2.86 -67.89 15.25
C LYS C 383 2.14 -67.56 16.56
N GLY C 384 2.85 -66.88 17.46
CA GLY C 384 2.27 -66.34 18.69
C GLY C 384 1.20 -65.27 18.44
N GLU C 385 1.35 -64.53 17.34
CA GLU C 385 0.36 -63.56 16.92
C GLU C 385 -1.04 -64.20 16.90
N GLU C 386 -1.14 -65.49 16.56
CA GLU C 386 -2.43 -66.16 16.34
C GLU C 386 -3.19 -66.36 17.65
N LEU C 387 -2.50 -66.25 18.79
CA LEU C 387 -3.09 -66.42 20.11
C LEU C 387 -3.96 -65.24 20.52
N PHE C 388 -3.88 -64.14 19.76
CA PHE C 388 -4.47 -62.87 20.18
C PHE C 388 -5.58 -62.41 19.25
N THR C 389 -6.02 -63.27 18.31
CA THR C 389 -7.04 -62.88 17.35
C THR C 389 -8.41 -62.68 18.02
N GLY C 390 -8.64 -63.31 19.18
CA GLY C 390 -9.89 -63.10 19.90
C GLY C 390 -9.65 -62.44 21.26
N VAL C 391 -10.70 -62.40 22.08
CA VAL C 391 -10.62 -61.85 23.42
C VAL C 391 -9.91 -62.85 24.31
N VAL C 392 -8.96 -62.35 25.13
CA VAL C 392 -8.09 -63.20 25.94
C VAL C 392 -8.18 -62.77 27.40
N PRO C 393 -8.51 -63.68 28.34
CA PRO C 393 -8.53 -63.35 29.76
C PRO C 393 -7.12 -63.08 30.30
N ILE C 394 -7.04 -62.14 31.25
CA ILE C 394 -5.80 -61.67 31.83
C ILE C 394 -5.85 -61.89 33.33
N LEU C 395 -4.69 -62.23 33.92
CA LEU C 395 -4.48 -62.28 35.35
C LEU C 395 -3.18 -61.56 35.68
N VAL C 396 -3.27 -60.61 36.62
CA VAL C 396 -2.13 -59.83 37.08
C VAL C 396 -1.99 -60.06 38.58
N GLU C 397 -0.80 -60.50 39.00
CA GLU C 397 -0.46 -60.64 40.42
C GLU C 397 0.83 -59.85 40.66
N LEU C 398 0.82 -58.97 41.65
CA LEU C 398 1.97 -58.13 41.95
C LEU C 398 2.27 -58.17 43.43
N ASP C 399 3.51 -58.48 43.79
CA ASP C 399 4.01 -58.40 45.17
C ASP C 399 4.98 -57.22 45.25
N GLY C 400 4.66 -56.28 46.15
CA GLY C 400 5.41 -55.05 46.23
C GLY C 400 6.00 -54.81 47.62
N ASP C 401 7.06 -53.99 47.65
CA ASP C 401 7.71 -53.49 48.85
C ASP C 401 8.26 -52.08 48.56
N VAL C 402 7.68 -51.06 49.20
CA VAL C 402 8.16 -49.70 49.00
C VAL C 402 8.56 -49.14 50.36
N ASN C 403 9.86 -48.86 50.52
CA ASN C 403 10.43 -48.35 51.77
C ASN C 403 10.04 -49.26 52.92
N GLY C 404 9.89 -50.55 52.66
CA GLY C 404 9.59 -51.49 53.72
C GLY C 404 8.08 -51.74 53.91
N HIS C 405 7.21 -50.92 53.30
CA HIS C 405 5.78 -51.18 53.32
C HIS C 405 5.44 -52.26 52.30
N LYS C 406 5.00 -53.44 52.79
CA LYS C 406 4.65 -54.57 51.94
C LYS C 406 3.17 -54.48 51.52
N PHE C 407 2.88 -54.98 50.31
CA PHE C 407 1.52 -54.98 49.81
C PHE C 407 1.41 -55.91 48.62
N SER C 408 0.19 -56.35 48.30
CA SER C 408 -0.07 -57.23 47.18
C SER C 408 -1.24 -56.71 46.38
N VAL C 409 -1.19 -56.91 45.06
CA VAL C 409 -2.26 -56.52 44.16
C VAL C 409 -2.59 -57.69 43.26
N ARG C 410 -3.89 -57.96 43.08
CA ARG C 410 -4.37 -58.94 42.12
C ARG C 410 -5.35 -58.24 41.17
N GLY C 411 -5.19 -58.48 39.88
CA GLY C 411 -6.16 -57.96 38.92
C GLY C 411 -6.61 -59.06 37.95
N GLU C 412 -7.82 -58.88 37.40
CA GLU C 412 -8.44 -59.78 36.44
C GLU C 412 -9.18 -58.92 35.41
N GLY C 413 -9.28 -59.44 34.19
CA GLY C 413 -10.10 -58.83 33.14
C GLY C 413 -9.75 -59.44 31.78
N GLU C 414 -9.93 -58.68 30.69
CA GLU C 414 -9.75 -59.21 29.35
C GLU C 414 -8.95 -58.24 28.48
N GLY C 415 -8.24 -58.80 27.50
CA GLY C 415 -7.53 -58.05 26.50
C GLY C 415 -7.98 -58.43 25.09
N ASP C 416 -8.05 -57.43 24.22
CA ASP C 416 -8.48 -57.61 22.84
C ASP C 416 -7.48 -56.93 21.91
N ALA C 417 -6.48 -57.68 21.45
CA ALA C 417 -5.39 -57.12 20.67
C ALA C 417 -5.88 -56.53 19.35
N THR C 418 -7.01 -57.02 18.84
CA THR C 418 -7.53 -56.58 17.55
C THR C 418 -7.85 -55.10 17.63
N ASN C 419 -8.40 -54.66 18.77
CA ASN C 419 -8.79 -53.27 18.99
C ASN C 419 -7.80 -52.58 19.92
N GLY C 420 -6.85 -53.35 20.46
CA GLY C 420 -5.93 -52.89 21.49
C GLY C 420 -6.63 -52.45 22.78
N LYS C 421 -7.73 -53.14 23.16
CA LYS C 421 -8.56 -52.74 24.30
C LYS C 421 -8.27 -53.63 25.52
N LEU C 422 -7.98 -53.00 26.67
CA LEU C 422 -7.74 -53.67 27.93
C LEU C 422 -8.81 -53.22 28.92
N THR C 423 -9.42 -54.17 29.64
CA THR C 423 -10.36 -53.84 30.70
C THR C 423 -10.01 -54.69 31.92
N LEU C 424 -9.68 -54.03 33.04
CA LEU C 424 -9.10 -54.70 34.20
C LEU C 424 -9.62 -54.10 35.50
N LYS C 425 -9.80 -54.95 36.51
CA LYS C 425 -10.04 -54.51 37.87
C LYS C 425 -8.91 -55.05 38.75
N PHE C 426 -8.30 -54.14 39.53
CA PHE C 426 -7.22 -54.48 40.42
C PHE C 426 -7.69 -54.26 41.85
N ILE C 427 -7.40 -55.26 42.71
CA ILE C 427 -7.65 -55.18 44.14
C ILE C 427 -6.30 -55.16 44.85
N CYS C 428 -6.15 -54.28 45.85
CA CYS C 428 -5.09 -54.47 46.83
C CYS C 428 -5.56 -55.49 47.87
N THR C 429 -4.90 -56.65 47.90
CA THR C 429 -5.36 -57.77 48.69
C THR C 429 -4.91 -57.65 50.15
N THR C 430 -4.04 -56.66 50.47
CA THR C 430 -3.39 -56.61 51.77
C THR C 430 -3.99 -55.51 52.64
N GLY C 431 -5.02 -54.80 52.17
CA GLY C 431 -5.52 -53.67 52.92
C GLY C 431 -5.41 -52.37 52.11
N LYS C 432 -4.87 -51.30 52.72
CA LYS C 432 -4.68 -50.01 52.06
C LYS C 432 -3.42 -50.07 51.20
N LEU C 433 -3.52 -49.57 49.97
CA LEU C 433 -2.37 -49.49 49.07
C LEU C 433 -1.47 -48.35 49.56
N PRO C 434 -0.19 -48.62 49.90
CA PRO C 434 0.67 -47.60 50.47
C PRO C 434 1.22 -46.57 49.47
N VAL C 435 0.92 -46.78 48.18
CA VAL C 435 1.28 -45.86 47.11
C VAL C 435 0.00 -45.49 46.36
N PRO C 436 0.00 -44.40 45.56
CA PRO C 436 -1.14 -44.09 44.70
C PRO C 436 -1.27 -45.05 43.52
N TRP C 437 -2.51 -45.44 43.22
CA TRP C 437 -2.79 -46.32 42.11
C TRP C 437 -2.13 -45.86 40.82
N PRO C 438 -2.24 -44.58 40.41
CA PRO C 438 -1.58 -44.12 39.18
C PRO C 438 -0.13 -44.58 38.99
N THR C 439 0.61 -44.70 40.10
CA THR C 439 2.04 -44.99 39.97
C THR C 439 2.24 -46.48 39.66
N LEU C 440 1.15 -47.28 39.69
CA LEU C 440 1.27 -48.72 39.47
C LEU C 440 0.75 -49.10 38.07
N VAL C 441 0.04 -48.16 37.42
CA VAL C 441 -0.58 -48.43 36.13
C VAL C 441 0.43 -49.11 35.17
N THR C 442 1.61 -48.51 34.96
CA THR C 442 2.50 -48.99 33.91
C THR C 442 3.11 -50.35 34.27
N THR C 443 3.22 -50.64 35.57
CA THR C 443 3.74 -51.93 36.02
C THR C 443 2.69 -53.01 35.82
N LEU C 444 1.46 -52.70 36.27
CA LEU C 444 0.33 -53.61 36.20
C LEU C 444 -0.02 -53.86 34.73
N VAL C 446 0.88 -55.20 29.92
CA VAL C 446 0.73 -56.39 29.02
C VAL C 446 0.73 -55.89 27.58
N GLN C 447 1.92 -55.52 27.12
CA GLN C 447 2.03 -54.78 25.86
C GLN C 447 1.76 -55.72 24.69
N CYS C 448 1.61 -57.00 25.00
CA CYS C 448 1.24 -57.98 23.99
C CYS C 448 -0.19 -57.72 23.50
N PHE C 449 -0.91 -56.81 24.16
CA PHE C 449 -2.27 -56.49 23.74
C PHE C 449 -2.38 -55.24 22.87
N SER C 450 -1.24 -54.65 22.44
CA SER C 450 -1.32 -53.48 21.58
C SER C 450 -1.86 -53.88 20.21
N ARG C 451 -2.64 -52.99 19.59
CA ARG C 451 -2.98 -53.14 18.19
C ARG C 451 -1.77 -52.75 17.35
N TYR C 452 -1.16 -53.72 16.67
CA TYR C 452 -0.20 -53.41 15.62
C TYR C 452 -0.93 -53.36 14.28
N PRO C 453 -0.91 -52.21 13.56
CA PRO C 453 -1.46 -52.13 12.20
C PRO C 453 -0.78 -53.19 11.32
N ASP C 454 -1.48 -53.58 10.25
CA ASP C 454 -1.03 -54.68 9.39
C ASP C 454 0.40 -54.46 8.90
N HIS C 455 0.73 -53.21 8.48
CA HIS C 455 2.03 -52.93 7.91
C HIS C 455 3.13 -52.96 8.97
N MET C 456 2.76 -53.20 10.25
CA MET C 456 3.74 -53.18 11.32
C MET C 456 3.80 -54.51 12.07
N LYS C 457 3.03 -55.52 11.62
CA LYS C 457 2.93 -56.77 12.36
C LYS C 457 4.30 -57.45 12.50
N GLN C 458 5.21 -57.11 11.57
CA GLN C 458 6.59 -57.56 11.53
C GLN C 458 7.37 -57.09 12.76
N HIS C 459 6.84 -56.10 13.50
CA HIS C 459 7.56 -55.40 14.55
C HIS C 459 6.95 -55.67 15.92
N ASP C 460 6.13 -56.73 16.02
CA ASP C 460 5.45 -57.03 17.26
C ASP C 460 6.23 -58.08 18.03
N PHE C 461 7.21 -57.61 18.81
CA PHE C 461 8.02 -58.50 19.63
C PHE C 461 7.13 -59.20 20.65
N PHE C 462 6.21 -58.45 21.28
CA PHE C 462 5.47 -58.92 22.44
C PHE C 462 4.71 -60.20 22.11
N LYS C 463 3.94 -60.19 21.02
CA LYS C 463 3.17 -61.37 20.62
C LYS C 463 4.10 -62.49 20.14
N SER C 464 5.25 -62.13 19.55
CA SER C 464 6.11 -63.13 18.94
C SER C 464 6.70 -64.07 20.01
N ALA C 465 6.90 -63.56 21.23
CA ALA C 465 7.50 -64.35 22.27
C ALA C 465 6.49 -65.27 22.96
N MET C 466 5.21 -65.18 22.59
CA MET C 466 4.20 -66.02 23.20
C MET C 466 4.21 -67.40 22.53
N PRO C 467 3.81 -68.49 23.22
CA PRO C 467 3.23 -68.42 24.57
C PRO C 467 4.25 -68.55 25.69
N GLU C 468 5.50 -68.85 25.34
CA GLU C 468 6.52 -69.07 26.36
C GLU C 468 6.61 -67.82 27.24
N GLY C 469 6.51 -66.65 26.59
CA GLY C 469 6.41 -65.36 27.27
C GLY C 469 7.73 -64.58 27.26
N TYR C 470 7.76 -63.50 28.04
CA TYR C 470 8.95 -62.66 28.18
C TYR C 470 9.06 -62.17 29.61
N VAL C 471 10.28 -61.75 29.97
CA VAL C 471 10.56 -61.06 31.23
C VAL C 471 10.56 -59.56 30.92
N GLN C 472 9.90 -58.79 31.79
CA GLN C 472 9.86 -57.34 31.63
C GLN C 472 10.45 -56.70 32.89
N GLU C 473 11.55 -55.96 32.71
CA GLU C 473 12.24 -55.29 33.80
C GLU C 473 12.14 -53.79 33.59
N ARG C 474 11.94 -53.03 34.68
CA ARG C 474 11.97 -51.58 34.55
C ARG C 474 12.63 -50.96 35.76
N THR C 475 13.19 -49.77 35.54
CA THR C 475 13.50 -48.78 36.56
C THR C 475 12.54 -47.62 36.32
N ILE C 476 11.81 -47.19 37.35
CA ILE C 476 10.98 -46.01 37.24
C ILE C 476 11.45 -45.01 38.29
N SER C 477 11.99 -43.87 37.84
CA SER C 477 12.51 -42.84 38.73
C SER C 477 11.51 -41.68 38.82
N PHE C 478 11.01 -41.40 40.03
CA PHE C 478 10.14 -40.27 40.25
C PHE C 478 10.99 -39.04 40.58
N LYS C 479 10.81 -37.94 39.83
CA LYS C 479 11.59 -36.74 40.05
C LYS C 479 11.48 -36.33 41.52
N ASP C 480 12.62 -36.16 42.19
CA ASP C 480 12.71 -35.60 43.53
C ASP C 480 12.03 -36.55 44.52
N ASP C 481 12.11 -37.86 44.24
CA ASP C 481 11.53 -38.86 45.12
C ASP C 481 12.22 -40.19 44.81
N GLY C 482 11.60 -41.31 45.17
CA GLY C 482 12.27 -42.60 45.06
C GLY C 482 12.16 -43.27 43.69
N THR C 483 12.56 -44.53 43.66
CA THR C 483 12.63 -45.34 42.45
C THR C 483 11.89 -46.66 42.67
N TYR C 484 11.13 -47.08 41.64
CA TYR C 484 10.65 -48.46 41.57
C TYR C 484 11.61 -49.27 40.71
N LYS C 485 11.90 -50.49 41.15
CA LYS C 485 12.53 -51.54 40.36
C LYS C 485 11.54 -52.68 40.23
N THR C 486 11.32 -53.14 39.00
CA THR C 486 10.22 -54.06 38.67
C THR C 486 10.79 -55.22 37.86
N ARG C 487 10.30 -56.42 38.13
CA ARG C 487 10.63 -57.60 37.35
C ARG C 487 9.35 -58.41 37.19
N ALA C 488 8.93 -58.61 35.94
CA ALA C 488 7.68 -59.30 35.65
C ALA C 488 7.89 -60.42 34.63
N GLU C 489 7.13 -61.50 34.78
CA GLU C 489 7.03 -62.54 33.76
C GLU C 489 5.63 -62.45 33.16
N VAL C 490 5.59 -62.32 31.84
CA VAL C 490 4.34 -62.26 31.09
C VAL C 490 4.32 -63.48 30.18
N LYS C 491 3.37 -64.40 30.44
CA LYS C 491 3.31 -65.66 29.74
C LYS C 491 1.87 -66.20 29.82
N PHE C 492 1.54 -67.13 28.92
CA PHE C 492 0.29 -67.88 29.02
C PHE C 492 0.39 -68.98 30.08
N GLU C 493 -0.65 -69.08 30.91
CA GLU C 493 -0.88 -70.25 31.75
C GLU C 493 -2.27 -70.75 31.39
N GLY C 494 -2.32 -71.84 30.62
CA GLY C 494 -3.56 -72.27 29.98
C GLY C 494 -4.00 -71.21 28.96
N ASP C 495 -5.23 -70.70 29.15
CA ASP C 495 -5.82 -69.74 28.23
C ASP C 495 -5.61 -68.31 28.73
N THR C 496 -5.04 -68.17 29.92
CA THR C 496 -4.93 -66.86 30.53
C THR C 496 -3.55 -66.27 30.26
N LEU C 497 -3.53 -64.99 29.86
CA LEU C 497 -2.26 -64.25 29.83
C LEU C 497 -2.00 -63.77 31.24
N VAL C 498 -0.84 -64.13 31.78
CA VAL C 498 -0.54 -63.84 33.17
C VAL C 498 0.66 -62.91 33.24
N ASN C 499 0.51 -61.86 34.05
CA ASN C 499 1.55 -60.90 34.35
C ASN C 499 1.82 -60.98 35.84
N ARG C 500 2.95 -61.62 36.21
CA ARG C 500 3.34 -61.78 37.61
C ARG C 500 4.53 -60.87 37.91
N ILE C 501 4.42 -60.02 38.94
CA ILE C 501 5.36 -58.92 39.12
C ILE C 501 5.90 -58.89 40.55
N GLU C 502 7.23 -58.72 40.69
CA GLU C 502 7.87 -58.33 41.94
C GLU C 502 8.31 -56.88 41.81
N LEU C 503 7.95 -56.03 42.77
CA LEU C 503 8.30 -54.62 42.74
C LEU C 503 9.02 -54.23 44.04
N LYS C 504 10.18 -53.55 43.92
CA LYS C 504 10.89 -53.00 45.08
C LYS C 504 11.05 -51.50 44.86
N GLY C 505 10.56 -50.69 45.82
CA GLY C 505 10.76 -49.26 45.82
C GLY C 505 11.71 -48.84 46.95
N ILE C 506 12.62 -47.90 46.66
CA ILE C 506 13.60 -47.43 47.63
C ILE C 506 13.73 -45.91 47.53
N ASP C 507 14.06 -45.29 48.67
CA ASP C 507 14.46 -43.89 48.76
C ASP C 507 13.28 -42.93 48.59
N PHE C 508 12.09 -43.36 49.02
CA PHE C 508 10.94 -42.47 48.93
C PHE C 508 10.86 -41.63 50.19
N LYS C 509 10.34 -40.41 50.05
CA LYS C 509 10.06 -39.52 51.17
C LYS C 509 8.70 -39.92 51.76
N GLU C 510 8.70 -40.17 53.08
CA GLU C 510 7.49 -40.62 53.77
C GLU C 510 6.36 -39.59 53.65
N ASP C 511 6.74 -38.32 53.47
CA ASP C 511 5.79 -37.22 53.37
C ASP C 511 5.71 -36.71 51.95
N GLY C 512 6.29 -37.46 50.98
CA GLY C 512 6.30 -37.06 49.58
C GLY C 512 4.99 -37.34 48.84
N ASN C 513 5.00 -37.11 47.52
CA ASN C 513 3.81 -37.25 46.70
C ASN C 513 3.34 -38.69 46.66
N ILE C 514 4.27 -39.65 46.81
CA ILE C 514 3.97 -41.06 46.66
C ILE C 514 3.50 -41.63 48.00
N LEU C 515 4.40 -41.64 48.99
CA LEU C 515 4.05 -42.32 50.24
C LEU C 515 3.01 -41.52 51.03
N GLY C 516 2.85 -40.22 50.70
CA GLY C 516 1.87 -39.36 51.36
C GLY C 516 0.61 -39.10 50.51
N HIS C 517 0.44 -39.86 49.42
CA HIS C 517 -0.77 -39.89 48.60
C HIS C 517 -1.21 -38.50 48.16
N LYS C 518 -0.41 -37.83 47.34
CA LYS C 518 -0.73 -36.47 46.90
C LYS C 518 -0.98 -36.43 45.40
N LEU C 519 -1.21 -37.58 44.77
CA LEU C 519 -1.41 -37.65 43.33
C LEU C 519 -2.89 -37.83 43.01
N GLU C 520 -3.37 -37.09 42.02
CA GLU C 520 -4.75 -37.18 41.60
C GLU C 520 -5.02 -38.57 41.04
N TYR C 521 -6.27 -39.01 41.17
CA TYR C 521 -6.64 -40.33 40.70
C TYR C 521 -7.11 -40.20 39.24
N ASN C 522 -6.15 -40.03 38.32
CA ASN C 522 -6.46 -39.93 36.90
C ASN C 522 -5.19 -40.10 36.07
N TRP C 523 -5.31 -39.84 34.75
CA TRP C 523 -4.22 -39.94 33.80
C TRP C 523 -4.15 -38.68 32.93
N ASN C 524 -4.68 -37.58 33.47
CA ASN C 524 -4.91 -36.34 32.72
C ASN C 524 -3.62 -35.73 32.20
N ALA C 525 -2.55 -35.80 33.02
CA ALA C 525 -1.26 -35.21 32.70
C ALA C 525 -0.72 -35.77 31.38
N ASN C 526 -1.24 -36.91 30.93
CA ASN C 526 -0.68 -37.58 29.78
C ASN C 526 -1.41 -37.19 28.49
N LEU C 527 -2.47 -36.36 28.60
CA LEU C 527 -3.29 -36.00 27.45
C LEU C 527 -2.59 -34.98 26.54
N ALA C 528 -2.11 -33.86 27.12
CA ALA C 528 -1.60 -32.74 26.32
C ALA C 528 -0.15 -32.97 25.87
N PRO C 529 0.09 -33.15 24.56
CA PRO C 529 1.41 -33.61 24.08
C PRO C 529 2.46 -32.53 24.34
N ASN C 530 3.74 -32.93 24.38
CA ASN C 530 4.77 -32.01 24.84
C ASN C 530 5.94 -31.93 23.85
N LEU C 531 5.84 -32.61 22.70
CA LEU C 531 6.80 -32.45 21.62
C LEU C 531 6.29 -31.51 20.52
N PRO C 532 7.19 -30.73 19.87
CA PRO C 532 6.79 -29.83 18.78
C PRO C 532 6.06 -30.51 17.63
N THR C 533 6.34 -31.80 17.44
CA THR C 533 5.84 -32.53 16.29
C THR C 533 4.35 -32.76 16.43
N ALA C 534 3.77 -32.52 17.61
CA ALA C 534 2.36 -32.76 17.83
C ALA C 534 1.54 -31.51 17.48
N TYR C 535 2.20 -30.42 17.10
CA TYR C 535 1.51 -29.16 16.89
C TYR C 535 1.86 -28.58 15.51
N VAL C 536 1.98 -29.47 14.51
CA VAL C 536 2.29 -29.04 13.15
C VAL C 536 1.23 -28.04 12.69
N LYS C 537 -0.03 -28.32 13.00
CA LYS C 537 -1.15 -27.48 12.57
C LYS C 537 -0.94 -26.04 13.06
N ASP C 538 -0.27 -25.85 14.21
CA ASP C 538 -0.12 -24.53 14.80
C ASP C 538 1.25 -23.91 14.48
N GLN C 539 2.12 -24.64 13.77
CA GLN C 539 3.48 -24.18 13.54
C GLN C 539 3.48 -23.04 12.52
N ILE C 540 4.43 -22.13 12.67
CA ILE C 540 4.78 -21.13 11.67
C ILE C 540 6.28 -21.19 11.45
N THR C 541 6.71 -21.36 10.19
CA THR C 541 8.11 -21.55 9.87
C THR C 541 8.80 -20.20 9.82
N LEU C 542 9.79 -19.99 10.68
CA LEU C 542 10.59 -18.78 10.64
C LEU C 542 11.56 -18.84 9.46
N ASP C 543 11.70 -17.72 8.75
CA ASP C 543 12.43 -17.77 7.50
C ASP C 543 13.91 -17.48 7.74
N PHE C 544 14.69 -18.54 7.88
CA PHE C 544 16.08 -18.35 8.30
C PHE C 544 16.94 -17.90 7.11
N ALA C 545 16.46 -18.15 5.89
CA ALA C 545 17.19 -17.68 4.72
C ALA C 545 17.03 -16.16 4.60
N TYR C 546 15.82 -15.67 4.89
CA TYR C 546 15.56 -14.24 4.98
C TYR C 546 16.47 -13.61 6.02
N TRP C 547 16.62 -14.27 7.17
CA TRP C 547 17.44 -13.71 8.24
C TRP C 547 18.93 -13.80 7.92
N ALA C 548 19.32 -14.83 7.17
CA ALA C 548 20.71 -14.89 6.76
C ALA C 548 21.05 -13.64 5.94
N LYS C 549 20.20 -13.26 4.98
CA LYS C 549 20.47 -12.13 4.08
C LYS C 549 20.30 -10.80 4.84
N ASN C 550 19.24 -10.66 5.65
CA ASN C 550 18.80 -9.34 6.08
C ASN C 550 19.15 -9.05 7.53
N GLY C 551 19.63 -10.06 8.28
CA GLY C 551 20.05 -9.92 9.67
C GLY C 551 20.77 -8.60 9.99
N PRO C 552 21.95 -8.32 9.39
CA PRO C 552 22.66 -7.06 9.64
C PRO C 552 21.80 -5.79 9.55
N ALA C 553 20.96 -5.70 8.51
CA ALA C 553 20.13 -4.51 8.32
C ALA C 553 19.05 -4.41 9.40
N ILE C 554 18.49 -5.56 9.77
CA ILE C 554 17.46 -5.57 10.81
C ILE C 554 18.10 -5.17 12.14
N ALA C 555 19.28 -5.74 12.44
CA ALA C 555 20.02 -5.41 13.65
C ALA C 555 20.16 -3.90 13.80
N THR C 556 20.64 -3.21 12.74
CA THR C 556 20.76 -1.76 12.74
C THR C 556 19.42 -1.14 13.16
N ARG C 557 18.33 -1.51 12.49
CA ARG C 557 17.02 -0.97 12.79
C ARG C 557 16.61 -1.27 14.24
N TRP C 558 16.92 -2.48 14.71
CA TRP C 558 16.53 -2.97 16.03
C TRP C 558 17.25 -2.20 17.13
N ASN C 559 18.57 -2.02 16.96
CA ASN C 559 19.42 -1.29 17.89
C ASN C 559 18.97 0.16 17.99
N GLU C 560 18.68 0.80 16.86
CA GLU C 560 18.16 2.17 16.81
C GLU C 560 16.87 2.25 17.64
N TRP C 561 15.98 1.27 17.46
CA TRP C 561 14.70 1.28 18.13
C TRP C 561 14.84 1.06 19.64
N LEU C 562 16.00 0.58 20.07
CA LEU C 562 16.12 0.01 21.40
C LEU C 562 16.40 1.13 22.41
N VAL C 563 16.73 2.32 21.89
CA VAL C 563 16.83 3.52 22.70
C VAL C 563 15.89 4.60 22.13
N GLU D 8 15.58 -15.13 -45.80
CA GLU D 8 14.64 -14.38 -46.68
C GLU D 8 13.23 -14.38 -46.07
N SER D 9 12.53 -13.25 -46.24
CA SER D 9 11.24 -13.06 -45.61
C SER D 9 10.31 -12.24 -46.52
N ILE D 10 9.04 -12.64 -46.58
CA ILE D 10 8.00 -12.01 -47.38
C ILE D 10 6.91 -11.50 -46.42
N ASN D 11 6.32 -10.34 -46.77
CA ASN D 11 5.11 -9.85 -46.14
C ASN D 11 3.91 -10.16 -47.02
N PHE D 12 2.95 -10.97 -46.52
CA PHE D 12 1.73 -11.34 -47.24
C PHE D 12 0.52 -10.59 -46.67
N VAL D 13 -0.23 -9.92 -47.56
CA VAL D 13 -1.27 -8.99 -47.14
C VAL D 13 -2.62 -9.48 -47.67
N SER D 14 -3.60 -9.65 -46.78
CA SER D 14 -4.90 -10.10 -47.21
C SER D 14 -6.00 -9.46 -46.37
N TRP D 15 -7.15 -10.13 -46.26
CA TRP D 15 -8.37 -9.51 -45.77
C TRP D 15 -8.63 -9.87 -44.32
N GLY D 16 -7.66 -10.50 -43.65
CA GLY D 16 -7.76 -10.77 -42.22
C GLY D 16 -8.77 -11.86 -41.88
N GLY D 17 -8.86 -12.17 -40.58
CA GLY D 17 -9.88 -13.06 -40.04
C GLY D 17 -9.71 -14.49 -40.54
N SER D 18 -10.85 -15.20 -40.62
CA SER D 18 -10.88 -16.60 -41.01
C SER D 18 -10.26 -16.82 -42.39
N THR D 19 -10.41 -15.86 -43.30
CA THR D 19 -9.90 -16.09 -44.65
C THR D 19 -8.38 -16.05 -44.64
N GLN D 20 -7.82 -15.12 -43.87
CA GLN D 20 -6.38 -14.96 -43.90
C GLN D 20 -5.72 -16.07 -43.10
N ASP D 21 -6.40 -16.49 -42.02
CA ASP D 21 -5.97 -17.65 -41.24
C ASP D 21 -5.86 -18.87 -42.17
N ALA D 22 -6.91 -19.09 -42.97
CA ALA D 22 -6.90 -20.19 -43.93
C ALA D 22 -5.75 -20.01 -44.94
N GLN D 23 -5.47 -18.77 -45.39
CA GLN D 23 -4.39 -18.59 -46.34
C GLN D 23 -3.04 -18.87 -45.67
N LYS D 24 -2.89 -18.50 -44.39
CA LYS D 24 -1.68 -18.83 -43.66
C LYS D 24 -1.51 -20.35 -43.60
N GLN D 25 -2.60 -21.06 -43.24
CA GLN D 25 -2.54 -22.48 -43.01
C GLN D 25 -2.31 -23.21 -44.32
N ALA D 26 -2.99 -22.79 -45.40
CA ALA D 26 -2.96 -23.56 -46.64
C ALA D 26 -1.83 -23.12 -47.57
N TRP D 27 -1.38 -21.85 -47.47
CA TRP D 27 -0.35 -21.34 -48.38
C TRP D 27 0.98 -21.09 -47.67
N ALA D 28 0.96 -20.32 -46.58
CA ALA D 28 2.21 -19.82 -46.00
C ALA D 28 3.00 -20.95 -45.33
N ASP D 29 2.32 -21.75 -44.50
CA ASP D 29 2.98 -22.80 -43.75
C ASP D 29 3.66 -23.82 -44.68
N PRO D 30 2.93 -24.45 -45.64
CA PRO D 30 3.57 -25.37 -46.60
C PRO D 30 4.73 -24.73 -47.37
N PHE D 31 4.57 -23.46 -47.74
CA PHE D 31 5.59 -22.78 -48.51
C PHE D 31 6.85 -22.55 -47.69
N SER D 32 6.70 -22.18 -46.41
CA SER D 32 7.83 -21.99 -45.51
C SER D 32 8.55 -23.31 -45.27
N LYS D 33 7.78 -24.35 -44.94
CA LYS D 33 8.32 -25.69 -44.76
C LYS D 33 9.23 -26.05 -45.94
N ALA D 34 8.72 -25.87 -47.17
CA ALA D 34 9.44 -26.26 -48.36
C ALA D 34 10.64 -25.36 -48.66
N SER D 35 10.54 -24.05 -48.40
CA SER D 35 11.48 -23.12 -49.01
C SER D 35 12.38 -22.45 -47.97
N GLY D 36 11.97 -22.49 -46.70
CA GLY D 36 12.70 -21.84 -45.62
C GLY D 36 12.53 -20.33 -45.60
N ILE D 37 11.65 -19.79 -46.45
CA ILE D 37 11.33 -18.37 -46.50
C ILE D 37 10.21 -18.07 -45.51
N THR D 38 10.45 -17.09 -44.64
CA THR D 38 9.49 -16.69 -43.63
C THR D 38 8.36 -15.90 -44.28
N VAL D 39 7.12 -16.14 -43.82
CA VAL D 39 6.01 -15.33 -44.31
C VAL D 39 5.39 -14.66 -43.10
N VAL D 40 5.39 -13.32 -43.10
CA VAL D 40 4.73 -12.58 -42.05
C VAL D 40 3.35 -12.17 -42.55
N GLN D 41 2.32 -12.34 -41.71
CA GLN D 41 0.96 -11.97 -42.07
C GLN D 41 0.70 -10.50 -41.74
N ASP D 42 0.25 -9.75 -42.74
CA ASP D 42 -0.04 -8.34 -42.54
C ASP D 42 -1.34 -7.98 -43.23
N GLY D 43 -1.77 -6.72 -43.03
CA GLY D 43 -2.98 -6.24 -43.65
C GLY D 43 -3.85 -5.47 -42.66
N PRO D 44 -5.12 -5.17 -43.00
CA PRO D 44 -5.78 -5.71 -44.19
C PRO D 44 -5.43 -4.96 -45.48
N THR D 45 -5.69 -5.61 -46.62
CA THR D 45 -5.57 -4.99 -47.91
C THR D 45 -6.26 -3.63 -47.88
N ASP D 46 -5.52 -2.64 -48.37
CA ASP D 46 -5.95 -1.26 -48.44
C ASP D 46 -5.30 -0.71 -49.70
N TYR D 47 -6.12 -0.34 -50.68
CA TYR D 47 -5.60 0.06 -51.99
C TYR D 47 -4.82 1.38 -51.89
N GLY D 48 -5.28 2.30 -51.03
CA GLY D 48 -4.61 3.55 -50.78
C GLY D 48 -3.19 3.30 -50.27
N LYS D 49 -3.06 2.48 -49.22
CA LYS D 49 -1.76 2.22 -48.61
C LYS D 49 -0.80 1.60 -49.64
N LEU D 50 -1.36 0.77 -50.55
CA LEU D 50 -0.56 0.10 -51.56
C LEU D 50 -0.02 1.13 -52.58
N LYS D 51 -0.89 1.99 -53.10
CA LYS D 51 -0.51 3.03 -54.03
C LYS D 51 0.56 3.91 -53.38
N ALA D 52 0.32 4.32 -52.13
CA ALA D 52 1.23 5.23 -51.43
C ALA D 52 2.65 4.64 -51.32
N MET D 53 2.76 3.39 -50.85
CA MET D 53 4.08 2.82 -50.64
C MET D 53 4.79 2.58 -51.98
N VAL D 54 4.02 2.34 -53.04
CA VAL D 54 4.60 2.11 -54.36
C VAL D 54 5.17 3.41 -54.87
N GLU D 55 4.41 4.50 -54.70
CA GLU D 55 4.79 5.83 -55.17
C GLU D 55 5.98 6.36 -54.38
N SER D 56 6.05 6.07 -53.08
CA SER D 56 7.14 6.53 -52.24
C SER D 56 8.43 5.74 -52.49
N GLY D 57 8.32 4.58 -53.14
CA GLY D 57 9.47 3.72 -53.40
C GLY D 57 9.90 2.91 -52.18
N ASN D 58 9.17 3.01 -51.05
CA ASN D 58 9.47 2.22 -49.86
C ASN D 58 8.34 1.21 -49.64
N VAL D 59 8.42 0.07 -50.31
CA VAL D 59 7.39 -0.95 -50.35
C VAL D 59 7.65 -1.94 -49.22
N GLN D 60 6.64 -2.09 -48.33
CA GLN D 60 6.71 -2.97 -47.18
C GLN D 60 5.90 -4.24 -47.46
N TRP D 61 5.07 -4.25 -48.53
CA TRP D 61 4.18 -5.35 -48.86
C TRP D 61 4.69 -6.12 -50.09
N ASP D 62 4.85 -7.44 -49.95
CA ASP D 62 5.49 -8.22 -50.99
C ASP D 62 4.46 -8.95 -51.86
N VAL D 63 3.44 -9.52 -51.21
CA VAL D 63 2.38 -10.24 -51.90
C VAL D 63 1.07 -9.75 -51.32
N VAL D 64 0.14 -9.36 -52.20
CA VAL D 64 -1.11 -8.77 -51.76
C VAL D 64 -2.25 -9.46 -52.49
N ASP D 65 -3.27 -9.82 -51.72
CA ASP D 65 -4.55 -10.32 -52.19
C ASP D 65 -5.48 -9.13 -52.47
N VAL D 66 -5.93 -8.99 -53.72
CA VAL D 66 -6.76 -7.86 -54.13
C VAL D 66 -7.93 -8.38 -54.94
N GLU D 67 -8.97 -7.56 -55.09
CA GLU D 67 -10.10 -7.88 -55.97
C GLU D 67 -9.66 -7.71 -57.43
N ALA D 68 -10.26 -8.52 -58.31
CA ALA D 68 -9.84 -8.55 -59.71
C ALA D 68 -9.92 -7.16 -60.36
N ASP D 69 -10.95 -6.38 -60.03
CA ASP D 69 -11.09 -5.06 -60.65
C ASP D 69 -9.86 -4.21 -60.35
N PHE D 70 -9.41 -4.24 -59.09
CA PHE D 70 -8.25 -3.46 -58.66
C PHE D 70 -7.01 -4.00 -59.34
N ALA D 71 -6.89 -5.33 -59.48
CA ALA D 71 -5.69 -5.88 -60.09
C ALA D 71 -5.50 -5.34 -61.51
N LEU D 72 -6.59 -5.21 -62.26
CA LEU D 72 -6.51 -4.73 -63.62
C LEU D 72 -6.14 -3.23 -63.62
N ARG D 73 -6.79 -2.45 -62.75
CA ARG D 73 -6.56 -1.01 -62.68
C ARG D 73 -5.11 -0.77 -62.28
N ALA D 74 -4.64 -1.46 -61.24
CA ALA D 74 -3.28 -1.30 -60.73
C ALA D 74 -2.25 -1.67 -61.79
N ALA D 75 -2.52 -2.73 -62.58
CA ALA D 75 -1.61 -3.08 -63.66
C ALA D 75 -1.55 -1.94 -64.67
N ALA D 76 -2.71 -1.34 -64.99
CA ALA D 76 -2.77 -0.26 -65.96
C ALA D 76 -2.06 0.99 -65.45
N GLU D 77 -2.09 1.24 -64.13
CA GLU D 77 -1.53 2.43 -63.53
C GLU D 77 -0.04 2.25 -63.20
N GLY D 78 0.52 1.08 -63.58
CA GLY D 78 1.95 0.79 -63.40
C GLY D 78 2.36 0.53 -61.96
N LEU D 79 1.44 0.06 -61.10
CA LEU D 79 1.67 -0.17 -59.68
C LEU D 79 2.26 -1.56 -59.39
N LEU D 80 2.32 -2.46 -60.39
CA LEU D 80 2.61 -3.85 -60.09
C LEU D 80 3.84 -4.37 -60.83
N GLU D 81 4.53 -5.34 -60.21
CA GLU D 81 5.59 -6.10 -60.87
C GLU D 81 5.00 -7.02 -61.93
N PRO D 82 5.58 -7.14 -63.13
CA PRO D 82 5.16 -8.19 -64.08
C PRO D 82 5.57 -9.53 -63.44
N LEU D 83 4.71 -10.53 -63.56
CA LEU D 83 4.93 -11.82 -62.93
C LEU D 83 5.95 -12.60 -63.74
N ASP D 84 6.68 -13.51 -63.07
CA ASP D 84 7.67 -14.35 -63.70
C ASP D 84 7.08 -15.74 -64.02
N PHE D 85 6.73 -15.93 -65.29
CA PHE D 85 6.09 -17.17 -65.70
C PHE D 85 7.12 -18.25 -66.04
N SER D 86 8.40 -18.02 -65.73
CA SER D 86 9.34 -19.14 -65.72
C SER D 86 9.20 -19.92 -64.42
N VAL D 87 8.52 -19.34 -63.42
CA VAL D 87 8.42 -19.92 -62.09
C VAL D 87 6.97 -20.26 -61.79
N ILE D 88 6.06 -19.36 -62.15
CA ILE D 88 4.63 -19.62 -62.01
C ILE D 88 4.16 -20.36 -63.27
N GLN D 89 3.49 -21.51 -63.07
CA GLN D 89 3.01 -22.30 -64.20
C GLN D 89 1.70 -21.69 -64.71
N ARG D 90 1.82 -20.80 -65.69
CA ARG D 90 0.71 -20.02 -66.22
C ARG D 90 -0.38 -20.92 -66.80
N ASP D 91 0.02 -22.04 -67.39
CA ASP D 91 -0.91 -22.89 -68.13
C ASP D 91 -1.87 -23.62 -67.19
N LYS D 92 -1.60 -23.60 -65.89
CA LYS D 92 -2.42 -24.34 -64.93
C LYS D 92 -3.50 -23.45 -64.32
N ILE D 93 -3.49 -22.16 -64.66
CA ILE D 93 -4.38 -21.23 -64.00
C ILE D 93 -5.58 -20.97 -64.90
N ASP D 94 -6.78 -20.97 -64.29
CA ASP D 94 -7.98 -20.65 -65.05
C ASP D 94 -7.66 -19.43 -65.93
N PRO D 95 -7.83 -19.53 -67.27
CA PRO D 95 -7.46 -18.45 -68.18
C PRO D 95 -8.13 -17.11 -67.87
N ARG D 96 -9.28 -17.15 -67.18
CA ARG D 96 -10.02 -15.94 -66.87
C ARG D 96 -9.32 -15.10 -65.81
N PHE D 97 -8.52 -15.75 -64.94
CA PHE D 97 -7.98 -15.05 -63.77
C PHE D 97 -6.45 -15.05 -63.74
N VAL D 98 -5.80 -14.86 -64.89
CA VAL D 98 -4.35 -14.72 -64.94
C VAL D 98 -4.05 -13.62 -65.95
N SER D 99 -2.98 -12.86 -65.70
CA SER D 99 -2.56 -11.79 -66.59
C SER D 99 -1.07 -11.58 -66.38
N ASP D 100 -0.48 -10.58 -67.06
CA ASP D 100 0.94 -10.32 -66.89
C ASP D 100 1.28 -9.89 -65.45
N HIS D 101 0.29 -9.35 -64.73
CA HIS D 101 0.57 -8.73 -63.45
C HIS D 101 -0.20 -9.34 -62.28
N GLY D 102 -0.83 -10.52 -62.49
CA GLY D 102 -1.64 -11.10 -61.43
C GLY D 102 -1.96 -12.57 -61.67
N VAL D 103 -2.08 -13.36 -60.61
CA VAL D 103 -2.59 -14.71 -60.69
C VAL D 103 -3.79 -14.86 -59.77
N GLY D 104 -4.77 -15.67 -60.18
CA GLY D 104 -5.97 -15.92 -59.40
C GLY D 104 -5.65 -16.42 -57.99
N ALA D 105 -6.34 -15.87 -57.01
CA ALA D 105 -6.20 -16.32 -55.64
C ALA D 105 -7.30 -17.33 -55.33
N PHE D 106 -8.55 -16.96 -55.69
CA PHE D 106 -9.69 -17.84 -55.46
C PHE D 106 -10.95 -17.19 -56.01
N LEU D 107 -12.00 -18.00 -56.18
CA LEU D 107 -13.28 -17.55 -56.68
C LEU D 107 -14.24 -17.54 -55.50
N TYR D 108 -15.10 -16.53 -55.45
CA TYR D 108 -16.13 -16.51 -54.42
C TYR D 108 -17.40 -15.84 -54.94
N SER D 109 -18.43 -15.82 -54.10
CA SER D 109 -19.71 -15.22 -54.43
C SER D 109 -20.14 -14.30 -53.29
N TYR D 110 -20.77 -13.18 -53.67
CA TYR D 110 -21.71 -12.54 -52.76
C TYR D 110 -22.98 -13.39 -52.74
N VAL D 111 -23.43 -13.76 -51.54
CA VAL D 111 -24.63 -14.52 -51.30
C VAL D 111 -25.48 -13.78 -50.28
N LEU D 112 -26.76 -14.14 -50.19
CA LEU D 112 -27.68 -13.52 -49.25
C LEU D 112 -27.68 -14.34 -47.96
N GLY D 113 -27.13 -13.74 -46.89
CA GLY D 113 -27.15 -14.35 -45.57
C GLY D 113 -28.27 -13.74 -44.71
N TYR D 114 -28.82 -14.57 -43.82
CA TYR D 114 -29.89 -14.14 -42.92
C TYR D 114 -29.76 -14.89 -41.59
N ASN D 115 -30.21 -14.22 -40.53
CA ASN D 115 -30.17 -14.69 -39.16
C ASN D 115 -31.51 -15.37 -38.94
N GLU D 116 -31.48 -16.66 -38.55
CA GLU D 116 -32.69 -17.46 -38.39
C GLU D 116 -33.57 -17.00 -37.22
N GLY D 117 -32.93 -16.56 -36.12
CA GLY D 117 -33.52 -15.98 -34.91
C GLY D 117 -34.57 -14.89 -35.15
N SER D 122 -40.18 -17.91 -42.18
CA SER D 122 -40.16 -17.93 -43.67
C SER D 122 -38.85 -17.34 -44.20
N LYS D 123 -38.10 -18.18 -44.92
CA LYS D 123 -36.73 -17.91 -45.34
C LYS D 123 -36.71 -16.95 -46.55
N PRO D 124 -35.80 -15.95 -46.57
CA PRO D 124 -35.57 -15.11 -47.74
C PRO D 124 -34.89 -15.81 -48.92
N GLN D 125 -35.24 -15.39 -50.14
CA GLN D 125 -34.91 -16.14 -51.34
C GLN D 125 -33.93 -15.40 -52.24
N ASP D 126 -34.20 -14.13 -52.53
CA ASP D 126 -33.58 -13.35 -53.59
C ASP D 126 -33.09 -12.03 -52.99
N TRP D 127 -32.30 -11.27 -53.74
CA TRP D 127 -31.96 -9.91 -53.37
C TRP D 127 -33.19 -9.04 -53.10
N THR D 128 -34.35 -9.38 -53.70
CA THR D 128 -35.55 -8.57 -53.50
C THR D 128 -35.86 -8.49 -52.00
N ALA D 129 -35.48 -9.53 -51.25
CA ALA D 129 -35.75 -9.60 -49.81
C ALA D 129 -35.11 -8.45 -49.05
N LEU D 130 -33.97 -7.93 -49.53
CA LEU D 130 -33.35 -6.77 -48.90
C LEU D 130 -34.27 -5.55 -48.98
N PHE D 131 -35.22 -5.59 -49.93
CA PHE D 131 -35.99 -4.37 -50.19
C PHE D 131 -37.41 -4.48 -49.64
N ASP D 132 -37.73 -5.61 -48.99
CA ASP D 132 -39.05 -5.80 -48.42
C ASP D 132 -38.99 -5.75 -46.89
N THR D 133 -39.05 -4.52 -46.37
CA THR D 133 -38.96 -4.27 -44.93
C THR D 133 -40.27 -4.72 -44.25
N LYS D 134 -41.35 -4.82 -45.03
CA LYS D 134 -42.67 -5.21 -44.52
C LYS D 134 -42.63 -6.69 -44.13
N THR D 135 -42.19 -7.56 -45.06
CA THR D 135 -42.14 -8.99 -44.79
C THR D 135 -41.01 -9.33 -43.82
N TYR D 136 -39.83 -8.72 -44.03
CA TYR D 136 -38.65 -9.07 -43.27
C TYR D 136 -38.14 -7.83 -42.56
N PRO D 137 -38.41 -7.67 -41.23
CA PRO D 137 -37.86 -6.56 -40.44
C PRO D 137 -36.35 -6.69 -40.24
N GLY D 138 -35.71 -5.57 -39.90
CA GLY D 138 -34.34 -5.57 -39.43
C GLY D 138 -33.41 -4.74 -40.32
N LYS D 139 -32.21 -4.50 -39.79
CA LYS D 139 -31.18 -3.79 -40.54
C LYS D 139 -30.63 -4.73 -41.62
N ARG D 140 -30.12 -4.15 -42.72
CA ARG D 140 -29.58 -4.93 -43.83
C ARG D 140 -28.10 -4.61 -43.96
N ALA D 141 -27.25 -5.65 -44.06
CA ALA D 141 -25.82 -5.50 -44.15
C ALA D 141 -25.39 -5.44 -45.63
N LEU D 142 -24.63 -4.40 -45.98
CA LEU D 142 -24.08 -4.27 -47.32
C LEU D 142 -22.63 -3.77 -47.23
N TYR D 143 -21.86 -4.08 -48.28
CA TYR D 143 -20.45 -3.74 -48.26
C TYR D 143 -20.26 -2.23 -48.50
N LYS D 144 -19.42 -1.60 -47.69
CA LYS D 144 -19.22 -0.16 -47.60
C LYS D 144 -18.45 0.41 -48.80
N TRP D 145 -17.49 -0.35 -49.33
CA TRP D 145 -16.53 0.17 -50.31
C TRP D 145 -17.06 0.10 -51.74
N PRO D 146 -16.84 1.15 -52.57
CA PRO D 146 -17.33 1.16 -53.94
C PRO D 146 -16.59 0.06 -54.71
N SER D 147 -17.35 -0.91 -55.22
CA SER D 147 -16.76 -2.19 -55.58
C SER D 147 -17.88 -3.07 -56.14
N PRO D 148 -17.59 -3.99 -57.08
CA PRO D 148 -18.65 -4.81 -57.68
C PRO D 148 -19.47 -5.45 -56.57
N GLY D 149 -20.80 -5.42 -56.72
CA GLY D 149 -21.65 -6.11 -55.76
C GLY D 149 -22.97 -5.38 -55.48
N VAL D 150 -22.90 -4.31 -54.69
CA VAL D 150 -24.09 -3.66 -54.17
C VAL D 150 -24.94 -3.09 -55.32
N LEU D 151 -24.31 -2.28 -56.18
CA LEU D 151 -25.02 -1.68 -57.30
C LEU D 151 -25.66 -2.78 -58.16
N GLU D 152 -24.91 -3.86 -58.46
CA GLU D 152 -25.46 -4.93 -59.28
C GLU D 152 -26.68 -5.57 -58.61
N LEU D 153 -26.59 -5.85 -57.30
CA LEU D 153 -27.68 -6.58 -56.66
C LEU D 153 -28.89 -5.67 -56.50
N ALA D 154 -28.66 -4.36 -56.43
CA ALA D 154 -29.74 -3.38 -56.41
C ALA D 154 -30.51 -3.44 -57.73
N LEU D 155 -29.76 -3.48 -58.84
CA LEU D 155 -30.36 -3.50 -60.16
C LEU D 155 -31.13 -4.81 -60.34
N LEU D 156 -30.55 -5.93 -59.90
CA LEU D 156 -31.22 -7.23 -59.98
C LEU D 156 -32.54 -7.20 -59.21
N ALA D 157 -32.53 -6.59 -58.02
CA ALA D 157 -33.71 -6.55 -57.18
C ALA D 157 -34.76 -5.64 -57.81
N ASP D 158 -34.32 -4.76 -58.71
CA ASP D 158 -35.23 -3.82 -59.35
C ASP D 158 -35.71 -4.36 -60.69
N GLY D 159 -35.39 -5.64 -60.99
CA GLY D 159 -35.93 -6.32 -62.16
C GLY D 159 -35.02 -6.33 -63.40
N VAL D 160 -33.80 -5.76 -63.31
CA VAL D 160 -32.85 -5.82 -64.42
C VAL D 160 -32.43 -7.28 -64.59
N PRO D 161 -32.53 -7.87 -65.80
CA PRO D 161 -32.09 -9.25 -66.03
C PRO D 161 -30.57 -9.37 -65.98
N ALA D 162 -30.09 -10.55 -65.54
CA ALA D 162 -28.68 -10.89 -65.39
C ALA D 162 -27.82 -10.40 -66.55
N ASP D 163 -28.28 -10.71 -67.76
CA ASP D 163 -27.47 -10.54 -68.96
C ASP D 163 -27.41 -9.07 -69.38
N LYS D 164 -28.13 -8.19 -68.68
CA LYS D 164 -28.24 -6.80 -69.13
C LYS D 164 -27.79 -5.80 -68.06
N LEU D 165 -26.92 -6.25 -67.13
CA LEU D 165 -26.45 -5.42 -66.03
C LEU D 165 -25.57 -4.25 -66.51
N TYR D 166 -24.73 -4.51 -67.50
CA TYR D 166 -23.66 -3.59 -67.88
C TYR D 166 -23.98 -2.86 -69.18
N PRO D 167 -23.66 -1.56 -69.29
CA PRO D 167 -23.14 -0.77 -68.17
C PRO D 167 -24.18 -0.46 -67.09
N LEU D 168 -23.69 -0.24 -65.87
CA LEU D 168 -24.58 -0.05 -64.73
C LEU D 168 -25.37 1.23 -64.93
N ASP D 169 -26.70 1.10 -64.82
CA ASP D 169 -27.60 2.25 -64.76
C ASP D 169 -27.59 2.79 -63.33
N LEU D 170 -26.67 3.72 -63.07
CA LEU D 170 -26.37 4.18 -61.72
C LEU D 170 -27.56 4.92 -61.10
N ASP D 171 -28.26 5.77 -61.89
CA ASP D 171 -29.40 6.51 -61.37
C ASP D 171 -30.44 5.55 -60.81
N ARG D 172 -30.73 4.49 -61.58
CA ARG D 172 -31.70 3.48 -61.19
C ARG D 172 -31.24 2.72 -59.94
N ALA D 173 -29.94 2.42 -59.87
CA ALA D 173 -29.40 1.66 -58.74
C ALA D 173 -29.48 2.46 -57.45
N PHE D 174 -29.10 3.75 -57.49
CA PHE D 174 -29.16 4.60 -56.31
C PHE D 174 -30.63 4.80 -55.88
N LYS D 175 -31.54 4.97 -56.85
CA LYS D 175 -32.95 5.14 -56.56
C LYS D 175 -33.46 3.93 -55.77
N LYS D 176 -33.00 2.73 -56.15
CA LYS D 176 -33.47 1.51 -55.52
C LYS D 176 -32.89 1.40 -54.10
N LEU D 177 -31.64 1.81 -53.94
CA LEU D 177 -30.96 1.78 -52.65
C LEU D 177 -31.59 2.80 -51.70
N ASP D 178 -32.02 3.95 -52.25
CA ASP D 178 -32.68 5.01 -51.50
C ASP D 178 -33.84 4.45 -50.67
N THR D 179 -34.61 3.52 -51.27
CA THR D 179 -35.80 2.98 -50.63
C THR D 179 -35.47 2.30 -49.31
N ILE D 180 -34.16 2.08 -49.01
CA ILE D 180 -33.83 1.40 -47.78
C ILE D 180 -32.65 2.06 -47.06
N LYS D 181 -32.25 3.27 -47.50
CA LYS D 181 -31.02 3.87 -47.01
C LYS D 181 -30.96 3.86 -45.48
N LYS D 182 -32.12 4.13 -44.86
CA LYS D 182 -32.29 4.22 -43.41
C LYS D 182 -31.92 2.90 -42.73
N ASP D 183 -32.11 1.77 -43.44
CA ASP D 183 -32.03 0.46 -42.84
C ASP D 183 -30.71 -0.24 -43.14
N ILE D 184 -29.77 0.46 -43.79
CA ILE D 184 -28.52 -0.18 -44.18
C ILE D 184 -27.46 0.00 -43.09
N VAL D 185 -26.79 -1.09 -42.75
CA VAL D 185 -25.58 -1.02 -41.93
C VAL D 185 -24.42 -1.45 -42.82
N TRP D 186 -23.48 -0.53 -43.03
CA TRP D 186 -22.32 -0.82 -43.87
C TRP D 186 -21.32 -1.71 -43.14
N TRP D 187 -20.83 -2.76 -43.81
CA TRP D 187 -19.66 -3.48 -43.32
C TRP D 187 -18.44 -3.15 -44.17
N GLY D 188 -17.30 -2.93 -43.50
CA GLY D 188 -16.06 -2.54 -44.19
C GLY D 188 -15.10 -3.70 -44.35
N GLY D 189 -15.33 -4.78 -43.59
CA GLY D 189 -14.40 -5.90 -43.48
C GLY D 189 -15.15 -7.20 -43.15
N GLY D 190 -14.50 -8.33 -43.42
CA GLY D 190 -15.11 -9.64 -43.33
C GLY D 190 -15.55 -9.94 -41.90
N ALA D 191 -14.65 -9.70 -40.94
CA ALA D 191 -14.88 -10.00 -39.54
C ALA D 191 -16.10 -9.25 -39.03
N GLN D 192 -16.19 -7.95 -39.39
CA GLN D 192 -17.30 -7.14 -38.94
C GLN D 192 -18.59 -7.72 -39.51
N SER D 193 -18.56 -8.11 -40.79
CA SER D 193 -19.78 -8.60 -41.39
C SER D 193 -20.25 -9.85 -40.63
N GLN D 194 -19.30 -10.69 -40.20
CA GLN D 194 -19.61 -11.92 -39.48
C GLN D 194 -20.26 -11.58 -38.13
N GLN D 195 -19.70 -10.58 -37.46
CA GLN D 195 -20.19 -10.16 -36.16
C GLN D 195 -21.60 -9.59 -36.31
N LEU D 196 -21.80 -8.76 -37.34
CA LEU D 196 -23.07 -8.10 -37.55
C LEU D 196 -24.17 -9.14 -37.72
N LEU D 197 -23.87 -10.24 -38.41
CA LEU D 197 -24.89 -11.22 -38.69
C LEU D 197 -25.03 -12.21 -37.54
N ALA D 198 -23.90 -12.64 -36.97
CA ALA D 198 -23.91 -13.67 -35.93
C ALA D 198 -24.66 -13.18 -34.69
N SER D 199 -24.45 -11.92 -34.31
CA SER D 199 -25.34 -11.28 -33.36
C SER D 199 -26.55 -10.83 -34.17
N GLY D 200 -27.60 -10.33 -33.51
CA GLY D 200 -28.72 -10.04 -34.40
C GLY D 200 -28.69 -8.60 -34.91
N GLU D 201 -27.51 -8.01 -35.05
CA GLU D 201 -27.44 -6.57 -35.31
C GLU D 201 -28.05 -6.25 -36.67
N VAL D 202 -27.88 -7.16 -37.64
CA VAL D 202 -28.63 -7.12 -38.90
C VAL D 202 -29.40 -8.43 -39.01
N SER D 203 -30.46 -8.44 -39.84
CA SER D 203 -31.25 -9.66 -39.97
C SER D 203 -30.92 -10.39 -41.27
N MET D 204 -30.17 -9.73 -42.16
CA MET D 204 -30.06 -10.11 -43.55
C MET D 204 -28.92 -9.30 -44.17
N GLY D 205 -28.31 -9.81 -45.24
CA GLY D 205 -27.47 -8.93 -46.05
C GLY D 205 -26.69 -9.68 -47.14
N GLN D 206 -25.72 -8.95 -47.70
CA GLN D 206 -24.83 -9.40 -48.76
C GLN D 206 -23.50 -9.75 -48.10
N PHE D 207 -22.99 -10.96 -48.33
CA PHE D 207 -21.80 -11.44 -47.63
C PHE D 207 -20.94 -12.24 -48.59
N TRP D 208 -19.64 -12.24 -48.30
CA TRP D 208 -18.73 -13.18 -48.94
C TRP D 208 -19.08 -14.57 -48.43
N ASN D 209 -19.26 -15.53 -49.36
CA ASN D 209 -19.80 -16.83 -48.99
C ASN D 209 -18.96 -17.50 -47.91
N GLY D 210 -17.63 -17.44 -48.04
CA GLY D 210 -16.70 -18.08 -47.11
C GLY D 210 -16.91 -17.62 -45.66
N ARG D 211 -17.31 -16.35 -45.52
CA ARG D 211 -17.49 -15.81 -44.19
C ARG D 211 -18.72 -16.46 -43.55
N ILE D 212 -19.75 -16.71 -44.37
CA ILE D 212 -20.98 -17.31 -43.89
C ILE D 212 -20.69 -18.78 -43.58
N HIS D 213 -19.96 -19.46 -44.48
CA HIS D 213 -19.50 -20.81 -44.21
C HIS D 213 -18.86 -20.88 -42.81
N ALA D 214 -17.90 -19.99 -42.51
CA ALA D 214 -17.23 -20.00 -41.22
C ALA D 214 -18.24 -19.95 -40.06
N LEU D 215 -19.23 -19.04 -40.17
CA LEU D 215 -20.27 -18.93 -39.16
C LEU D 215 -21.06 -20.24 -39.01
N GLN D 216 -21.50 -20.82 -40.15
CA GLN D 216 -22.33 -22.00 -40.12
C GLN D 216 -21.57 -23.16 -39.46
N GLU D 217 -20.28 -23.32 -39.77
CA GLU D 217 -19.56 -24.45 -39.20
C GLU D 217 -19.33 -24.26 -37.70
N ASP D 218 -19.53 -23.03 -37.20
CA ASP D 218 -19.38 -22.71 -35.79
C ASP D 218 -20.71 -22.86 -35.07
N GLY D 219 -21.74 -23.25 -35.81
CA GLY D 219 -23.05 -23.50 -35.25
C GLY D 219 -23.87 -22.23 -34.99
N ALA D 220 -23.40 -21.10 -35.54
CA ALA D 220 -24.21 -19.91 -35.55
C ALA D 220 -25.50 -20.15 -36.34
N PRO D 221 -26.64 -19.52 -35.97
CA PRO D 221 -27.91 -19.76 -36.65
C PRO D 221 -28.09 -18.84 -37.85
N VAL D 222 -27.40 -19.16 -38.94
CA VAL D 222 -27.40 -18.35 -40.13
C VAL D 222 -27.80 -19.23 -41.31
N GLY D 223 -28.59 -18.64 -42.21
CA GLY D 223 -28.89 -19.29 -43.47
C GLY D 223 -28.34 -18.49 -44.64
N VAL D 224 -28.34 -19.14 -45.81
CA VAL D 224 -27.83 -18.57 -47.03
C VAL D 224 -28.78 -18.98 -48.14
N SER D 225 -29.08 -18.04 -49.06
CA SER D 225 -29.63 -18.42 -50.34
C SER D 225 -28.62 -18.13 -51.44
N TRP D 226 -28.45 -19.09 -52.36
CA TRP D 226 -27.51 -18.96 -53.47
C TRP D 226 -28.20 -18.40 -54.73
N LYS D 227 -29.49 -18.04 -54.63
CA LYS D 227 -30.18 -17.44 -55.77
C LYS D 227 -29.44 -16.15 -56.16
N GLN D 228 -29.11 -16.02 -57.45
CA GLN D 228 -28.49 -14.84 -58.00
C GLN D 228 -27.18 -14.53 -57.29
N ASN D 229 -26.39 -15.57 -57.00
CA ASN D 229 -25.14 -15.37 -56.30
C ASN D 229 -24.18 -14.68 -57.26
N LEU D 230 -23.40 -13.72 -56.75
CA LEU D 230 -22.57 -12.88 -57.60
C LEU D 230 -21.11 -13.33 -57.52
N VAL D 231 -20.58 -13.83 -58.64
CA VAL D 231 -19.24 -14.40 -58.69
C VAL D 231 -18.20 -13.31 -58.97
N MET D 232 -17.10 -13.41 -58.20
CA MET D 232 -16.00 -12.48 -58.26
C MET D 232 -14.74 -13.28 -57.95
N ALA D 233 -13.59 -12.73 -58.32
CA ALA D 233 -12.33 -13.40 -58.04
C ALA D 233 -11.40 -12.43 -57.34
N ASP D 234 -10.54 -12.99 -56.48
CA ASP D 234 -9.40 -12.27 -55.93
C ASP D 234 -8.14 -12.67 -56.71
N ILE D 235 -7.18 -11.75 -56.76
CA ILE D 235 -5.93 -11.93 -57.46
C ILE D 235 -4.77 -11.67 -56.50
N LEU D 236 -3.72 -12.51 -56.61
CA LEU D 236 -2.46 -12.25 -55.94
C LEU D 236 -1.64 -11.33 -56.85
N VAL D 237 -1.16 -10.21 -56.29
CA VAL D 237 -0.28 -9.30 -57.02
C VAL D 237 0.97 -9.03 -56.19
N VAL D 238 2.01 -8.55 -56.88
CA VAL D 238 3.26 -8.20 -56.24
C VAL D 238 3.52 -6.71 -56.48
N PRO D 239 3.39 -5.83 -55.45
CA PRO D 239 3.56 -4.37 -55.66
C PRO D 239 4.91 -3.99 -56.26
N LYS D 240 4.91 -3.04 -57.22
CA LYS D 240 6.15 -2.62 -57.84
C LYS D 240 7.08 -2.01 -56.79
N GLY D 241 8.33 -2.48 -56.80
CA GLY D 241 9.40 -1.96 -55.95
C GLY D 241 9.67 -2.89 -54.77
N THR D 242 8.99 -4.05 -54.74
CA THR D 242 9.17 -5.00 -53.65
C THR D 242 10.65 -5.33 -53.53
N LYS D 243 11.12 -5.47 -52.28
CA LYS D 243 12.52 -5.78 -52.05
C LYS D 243 12.71 -7.30 -52.01
N ASN D 244 11.65 -8.08 -52.32
CA ASN D 244 11.74 -9.52 -52.25
C ASN D 244 11.09 -10.20 -53.47
N LYS D 245 11.28 -9.60 -54.66
CA LYS D 245 10.63 -10.05 -55.89
C LYS D 245 10.72 -11.57 -56.05
N ALA D 246 11.93 -12.13 -56.07
CA ALA D 246 12.10 -13.54 -56.37
C ALA D 246 11.29 -14.42 -55.41
N ALA D 247 11.34 -14.08 -54.11
CA ALA D 247 10.65 -14.87 -53.11
C ALA D 247 9.12 -14.74 -53.25
N ALA D 248 8.65 -13.52 -53.56
CA ALA D 248 7.24 -13.29 -53.82
C ALA D 248 6.74 -14.22 -54.94
N MET D 249 7.51 -14.30 -56.03
CA MET D 249 7.10 -15.11 -57.16
C MET D 249 6.98 -16.58 -56.76
N LYS D 250 7.92 -17.06 -55.93
CA LYS D 250 7.89 -18.46 -55.51
C LYS D 250 6.63 -18.72 -54.70
N PHE D 251 6.19 -17.68 -53.97
CA PHE D 251 4.99 -17.76 -53.15
C PHE D 251 3.75 -17.86 -54.05
N LEU D 252 3.65 -16.97 -55.03
CA LEU D 252 2.58 -17.03 -56.01
C LEU D 252 2.51 -18.42 -56.64
N ALA D 253 3.68 -19.00 -56.96
CA ALA D 253 3.72 -20.32 -57.58
C ALA D 253 3.04 -21.34 -56.67
N SER D 254 3.35 -21.23 -55.38
CA SER D 254 2.89 -22.19 -54.40
C SER D 254 1.39 -22.02 -54.17
N ALA D 255 0.95 -20.76 -53.97
CA ALA D 255 -0.43 -20.51 -53.59
C ALA D 255 -1.37 -20.81 -54.75
N SER D 256 -0.86 -20.71 -55.99
CA SER D 256 -1.75 -20.87 -57.14
C SER D 256 -1.72 -22.31 -57.67
N SER D 257 -0.90 -23.18 -57.05
CA SER D 257 -0.81 -24.58 -57.44
C SER D 257 -2.09 -25.33 -57.04
N ALA D 258 -2.28 -26.51 -57.65
CA ALA D 258 -3.46 -27.33 -57.40
C ALA D 258 -3.60 -27.62 -55.89
N LYS D 259 -2.49 -27.95 -55.24
CA LYS D 259 -2.51 -28.33 -53.83
C LYS D 259 -2.92 -27.14 -52.95
N GLY D 260 -2.27 -25.98 -53.20
CA GLY D 260 -2.57 -24.78 -52.45
C GLY D 260 -4.04 -24.38 -52.58
N GLN D 261 -4.54 -24.46 -53.81
CA GLN D 261 -5.91 -24.09 -54.13
C GLN D 261 -6.89 -25.05 -53.46
N ASP D 262 -6.59 -26.35 -53.50
CA ASP D 262 -7.44 -27.38 -52.92
C ASP D 262 -7.52 -27.16 -51.40
N ASP D 263 -6.35 -26.94 -50.79
CA ASP D 263 -6.32 -26.85 -49.34
C ASP D 263 -7.05 -25.61 -48.86
N PHE D 264 -6.84 -24.50 -49.58
CA PHE D 264 -7.50 -23.26 -49.21
C PHE D 264 -9.02 -23.43 -49.36
N SER D 265 -9.43 -24.10 -50.45
CA SER D 265 -10.85 -24.31 -50.71
C SER D 265 -11.49 -25.09 -49.57
N ALA D 266 -10.79 -26.16 -49.12
CA ALA D 266 -11.28 -27.07 -48.09
C ALA D 266 -11.48 -26.33 -46.77
N LEU D 267 -10.69 -25.26 -46.52
CA LEU D 267 -10.79 -24.55 -45.26
C LEU D 267 -11.84 -23.44 -45.27
N THR D 268 -12.31 -23.00 -46.44
CA THR D 268 -13.10 -21.77 -46.52
C THR D 268 -14.42 -21.95 -47.27
N ALA D 269 -14.47 -22.91 -48.21
CA ALA D 269 -15.62 -23.05 -49.11
C ALA D 269 -15.55 -21.99 -50.21
N TYR D 270 -14.37 -21.39 -50.42
CA TYR D 270 -14.14 -20.66 -51.65
C TYR D 270 -13.77 -21.64 -52.76
N ALA D 271 -13.85 -21.21 -54.02
CA ALA D 271 -13.60 -22.10 -55.14
C ALA D 271 -12.17 -21.93 -55.68
N PRO D 272 -11.49 -23.04 -55.99
CA PRO D 272 -10.12 -22.98 -56.52
C PRO D 272 -10.05 -22.51 -57.97
N VAL D 273 -8.89 -22.02 -58.38
CA VAL D 273 -8.75 -21.39 -59.68
C VAL D 273 -7.66 -22.07 -60.52
N ASN D 274 -7.27 -23.27 -60.10
CA ASN D 274 -6.30 -24.06 -60.83
C ASN D 274 -7.07 -25.14 -61.59
N ILE D 275 -6.74 -25.34 -62.88
CA ILE D 275 -7.50 -26.28 -63.69
C ILE D 275 -7.29 -27.72 -63.18
N ASP D 276 -6.23 -27.98 -62.41
CA ASP D 276 -5.99 -29.31 -61.86
C ASP D 276 -6.65 -29.51 -60.50
N SER D 277 -7.30 -28.48 -59.97
CA SER D 277 -7.95 -28.63 -58.68
C SER D 277 -9.22 -29.46 -58.83
N VAL D 278 -9.53 -30.28 -57.82
CA VAL D 278 -10.78 -31.03 -57.88
C VAL D 278 -11.95 -30.05 -57.77
N GLN D 279 -12.91 -30.12 -58.69
CA GLN D 279 -13.99 -29.16 -58.64
C GLN D 279 -15.22 -29.81 -58.00
N ARG D 280 -15.17 -29.99 -56.68
CA ARG D 280 -16.26 -30.66 -55.95
C ARG D 280 -17.45 -29.71 -55.83
N LEU D 281 -18.62 -30.25 -55.51
CA LEU D 281 -19.83 -29.47 -55.32
C LEU D 281 -20.07 -29.23 -53.82
N ASP D 282 -19.46 -30.06 -52.97
CA ASP D 282 -19.73 -30.00 -51.54
C ASP D 282 -18.52 -30.54 -50.78
N LEU D 283 -18.24 -29.94 -49.61
CA LEU D 283 -17.09 -30.34 -48.83
C LEU D 283 -17.26 -31.76 -48.27
N ALA D 284 -18.49 -32.30 -48.28
CA ALA D 284 -18.74 -33.66 -47.83
C ALA D 284 -18.29 -34.70 -48.86
N GLN D 285 -18.03 -34.29 -50.10
CA GLN D 285 -17.57 -35.23 -51.11
C GLN D 285 -16.08 -35.52 -50.94
N VAL D 286 -15.72 -36.80 -51.05
CA VAL D 286 -14.37 -37.27 -50.79
C VAL D 286 -13.45 -36.75 -51.89
N ARG D 287 -12.50 -35.89 -51.52
CA ARG D 287 -11.51 -35.40 -52.47
C ARG D 287 -10.32 -36.35 -52.41
N ILE D 288 -9.93 -36.88 -53.56
CA ILE D 288 -8.91 -37.91 -53.61
C ILE D 288 -7.70 -37.35 -54.37
N THR D 289 -6.51 -37.59 -53.82
CA THR D 289 -5.27 -37.13 -54.39
C THR D 289 -4.25 -38.24 -54.20
N ALA D 290 -3.26 -38.29 -55.12
CA ALA D 290 -2.25 -39.34 -55.08
C ALA D 290 -1.25 -39.04 -53.96
N ASP D 291 -0.76 -40.12 -53.34
CA ASP D 291 0.36 -40.08 -52.41
C ASP D 291 1.50 -40.88 -53.01
N LYS D 292 2.31 -40.20 -53.83
CA LYS D 292 3.39 -40.85 -54.59
C LYS D 292 4.33 -41.59 -53.65
N GLN D 293 4.71 -40.95 -52.54
CA GLN D 293 5.73 -41.45 -51.64
C GLN D 293 5.32 -42.79 -51.01
N LYS D 294 4.03 -42.96 -50.70
CA LYS D 294 3.56 -44.19 -50.07
C LYS D 294 2.91 -45.12 -51.09
N ASN D 295 2.90 -44.70 -52.37
CA ASN D 295 2.40 -45.52 -53.46
C ASN D 295 0.89 -45.74 -53.27
N GLY D 296 0.16 -44.71 -52.78
CA GLY D 296 -1.23 -44.84 -52.43
C GLY D 296 -1.98 -43.52 -52.66
N ILE D 297 -2.98 -43.24 -51.83
CA ILE D 297 -3.78 -42.04 -52.00
C ILE D 297 -4.02 -41.42 -50.63
N MET D 298 -4.40 -40.15 -50.66
CA MET D 298 -4.91 -39.42 -49.50
C MET D 298 -6.25 -38.81 -49.85
N ALA D 299 -7.09 -38.65 -48.84
CA ALA D 299 -8.37 -38.01 -49.08
C ALA D 299 -8.74 -37.13 -47.90
N ASN D 300 -9.60 -36.14 -48.19
CA ASN D 300 -10.10 -35.22 -47.19
C ASN D 300 -11.58 -34.98 -47.50
N PHE D 301 -12.39 -34.86 -46.45
CA PHE D 301 -13.77 -34.42 -46.63
C PHE D 301 -14.36 -34.07 -45.28
N LYS D 302 -15.46 -33.33 -45.28
CA LYS D 302 -16.12 -32.91 -44.05
C LYS D 302 -17.57 -33.36 -44.12
N ILE D 303 -17.91 -34.41 -43.36
CA ILE D 303 -19.25 -34.93 -43.29
C ILE D 303 -20.05 -34.06 -42.33
N ARG D 304 -21.35 -33.90 -42.60
CA ARG D 304 -22.22 -33.16 -41.70
C ARG D 304 -23.33 -34.09 -41.20
N HIS D 305 -23.70 -33.92 -39.92
CA HIS D 305 -24.73 -34.72 -39.28
C HIS D 305 -25.76 -33.80 -38.63
N ASN D 306 -27.04 -34.06 -38.92
CA ASN D 306 -28.13 -33.37 -38.25
C ASN D 306 -28.18 -33.79 -36.78
N VAL D 307 -28.22 -32.77 -35.90
CA VAL D 307 -28.44 -32.93 -34.47
C VAL D 307 -29.94 -32.78 -34.23
N GLU D 308 -30.46 -33.46 -33.20
CA GLU D 308 -31.89 -33.51 -32.88
C GLU D 308 -32.42 -32.11 -32.55
N ASP D 309 -31.58 -31.23 -32.01
CA ASP D 309 -31.99 -29.89 -31.60
C ASP D 309 -32.16 -28.99 -32.83
N GLY D 310 -31.79 -29.49 -34.02
CA GLY D 310 -31.96 -28.76 -35.26
C GLY D 310 -30.64 -28.23 -35.85
N SER D 311 -29.54 -28.33 -35.10
CA SER D 311 -28.27 -27.85 -35.59
C SER D 311 -27.56 -28.91 -36.45
N VAL D 312 -26.29 -28.61 -36.78
CA VAL D 312 -25.51 -29.47 -37.65
C VAL D 312 -24.14 -29.66 -37.01
N GLN D 313 -23.72 -30.93 -36.87
CA GLN D 313 -22.39 -31.21 -36.35
C GLN D 313 -21.48 -31.70 -37.45
N SER D 314 -20.28 -31.13 -37.51
CA SER D 314 -19.28 -31.43 -38.53
C SER D 314 -18.40 -32.59 -38.10
N ALA D 315 -17.90 -33.35 -39.08
CA ALA D 315 -16.94 -34.42 -38.83
C ALA D 315 -15.83 -34.34 -39.89
N ASP D 316 -14.66 -33.85 -39.49
CA ASP D 316 -13.60 -33.57 -40.43
C ASP D 316 -12.81 -34.87 -40.64
N HIS D 317 -12.72 -35.33 -41.90
CA HIS D 317 -12.09 -36.60 -42.19
C HIS D 317 -10.75 -36.40 -42.90
N TYR D 318 -9.71 -37.07 -42.41
CA TYR D 318 -8.40 -37.16 -43.06
C TYR D 318 -8.07 -38.64 -43.25
N GLN D 319 -7.73 -39.01 -44.48
CA GLN D 319 -7.65 -40.40 -44.85
C GLN D 319 -6.37 -40.66 -45.64
N GLN D 320 -5.75 -41.82 -45.39
CA GLN D 320 -4.56 -42.28 -46.08
C GLN D 320 -4.78 -43.76 -46.41
N ASN D 321 -4.56 -44.14 -47.67
CA ASN D 321 -4.67 -45.53 -48.10
C ASN D 321 -3.35 -45.98 -48.69
N THR D 322 -2.86 -47.14 -48.24
CA THR D 322 -1.61 -47.73 -48.68
C THR D 322 -1.87 -49.17 -49.12
N PRO D 323 -1.34 -49.61 -50.29
CA PRO D 323 -1.50 -51.00 -50.71
C PRO D 323 -0.83 -51.97 -49.73
N ILE D 324 -1.45 -53.14 -49.53
CA ILE D 324 -0.86 -54.20 -48.74
C ILE D 324 0.17 -54.95 -49.58
N GLY D 325 -0.19 -55.27 -50.82
CA GLY D 325 0.68 -56.07 -51.69
C GLY D 325 1.81 -55.23 -52.29
N ASP D 326 2.63 -55.90 -53.11
CA ASP D 326 3.69 -55.23 -53.87
C ASP D 326 3.16 -54.94 -55.27
N GLY D 327 4.07 -54.61 -56.19
CA GLY D 327 3.72 -54.54 -57.60
C GLY D 327 2.84 -53.33 -57.90
N PRO D 328 2.32 -53.20 -59.14
CA PRO D 328 1.84 -51.91 -59.63
C PRO D 328 0.44 -51.63 -59.10
N VAL D 329 0.16 -50.35 -58.82
CA VAL D 329 -1.18 -49.88 -58.54
C VAL D 329 -1.41 -48.67 -59.44
N LEU D 330 -2.69 -48.28 -59.59
CA LEU D 330 -3.06 -47.05 -60.28
C LEU D 330 -3.01 -45.88 -59.30
N LEU D 331 -2.14 -44.90 -59.57
CA LEU D 331 -2.09 -43.67 -58.79
C LEU D 331 -2.90 -42.62 -59.56
N PRO D 332 -4.04 -42.14 -59.01
CA PRO D 332 -4.96 -41.26 -59.73
C PRO D 332 -4.56 -39.79 -59.88
N ASP D 333 -5.14 -39.14 -60.88
CA ASP D 333 -5.24 -37.69 -60.90
C ASP D 333 -6.28 -37.28 -59.88
N ASN D 334 -6.25 -36.01 -59.47
CA ASN D 334 -7.21 -35.53 -58.49
C ASN D 334 -8.63 -35.73 -59.01
N HIS D 335 -9.53 -36.19 -58.13
CA HIS D 335 -10.95 -36.28 -58.47
C HIS D 335 -11.70 -36.43 -57.16
N TYR D 336 -13.01 -36.71 -57.25
CA TYR D 336 -13.80 -36.85 -56.03
C TYR D 336 -14.83 -37.97 -56.17
N LEU D 337 -15.45 -38.34 -55.03
CA LEU D 337 -16.49 -39.34 -55.02
C LEU D 337 -17.79 -38.68 -54.57
N SER D 338 -18.87 -39.01 -55.25
CA SER D 338 -20.20 -38.55 -54.91
C SER D 338 -20.99 -39.71 -54.31
N THR D 339 -21.50 -39.54 -53.09
CA THR D 339 -22.14 -40.64 -52.37
C THR D 339 -23.56 -40.24 -51.98
N GLN D 340 -24.51 -41.14 -52.23
CA GLN D 340 -25.85 -40.99 -51.67
C GLN D 340 -26.03 -42.16 -50.71
N SER D 341 -26.46 -41.88 -49.48
CA SER D 341 -26.61 -42.95 -48.50
C SER D 341 -28.02 -42.92 -47.93
N VAL D 342 -28.63 -44.11 -47.74
CA VAL D 342 -29.93 -44.18 -47.08
C VAL D 342 -29.87 -45.17 -45.92
N LEU D 343 -30.21 -44.65 -44.74
CA LEU D 343 -30.20 -45.44 -43.52
C LEU D 343 -31.63 -45.88 -43.24
N SER D 344 -31.79 -47.13 -42.78
CA SER D 344 -33.11 -47.62 -42.46
C SER D 344 -33.01 -48.72 -41.42
N LYS D 345 -34.18 -49.24 -40.98
CA LYS D 345 -34.23 -50.32 -40.00
C LYS D 345 -34.93 -51.52 -40.63
N ASP D 346 -34.47 -52.72 -40.26
CA ASP D 346 -35.12 -53.98 -40.58
C ASP D 346 -36.15 -54.27 -39.49
N PRO D 347 -37.46 -54.27 -39.81
CA PRO D 347 -38.50 -54.40 -38.78
C PRO D 347 -38.43 -55.74 -38.03
N ASN D 348 -37.76 -56.73 -38.62
CA ASN D 348 -37.69 -58.06 -38.06
C ASN D 348 -36.41 -58.27 -37.24
N GLU D 349 -35.58 -57.22 -37.12
CA GLU D 349 -34.28 -57.33 -36.46
C GLU D 349 -34.33 -56.73 -35.05
N LYS D 350 -34.05 -57.57 -34.05
CA LYS D 350 -34.33 -57.25 -32.65
C LYS D 350 -33.12 -56.54 -32.02
N ARG D 351 -31.94 -56.76 -32.60
CA ARG D 351 -30.72 -56.17 -32.06
C ARG D 351 -30.55 -54.74 -32.58
N ASP D 352 -29.69 -53.96 -31.93
CA ASP D 352 -29.24 -52.64 -32.39
C ASP D 352 -28.51 -52.79 -33.73
N HIS D 353 -29.00 -52.11 -34.79
CA HIS D 353 -28.56 -52.44 -36.13
C HIS D 353 -28.78 -51.28 -37.10
N MET D 354 -28.17 -51.39 -38.29
CA MET D 354 -28.32 -50.37 -39.32
C MET D 354 -28.39 -51.05 -40.68
N VAL D 355 -29.43 -50.74 -41.44
CA VAL D 355 -29.51 -51.13 -42.84
C VAL D 355 -29.08 -49.92 -43.66
N LEU D 356 -28.12 -50.15 -44.56
CA LEU D 356 -27.51 -49.08 -45.32
C LEU D 356 -27.58 -49.43 -46.81
N LEU D 357 -28.05 -48.46 -47.61
CA LEU D 357 -27.98 -48.56 -49.06
C LEU D 357 -27.20 -47.36 -49.57
N GLU D 358 -26.18 -47.61 -50.41
CA GLU D 358 -25.30 -46.54 -50.86
C GLU D 358 -25.07 -46.62 -52.36
N PHE D 359 -24.95 -45.46 -52.98
CA PHE D 359 -24.46 -45.32 -54.34
C PHE D 359 -23.25 -44.39 -54.34
N VAL D 360 -22.15 -44.87 -54.91
CA VAL D 360 -20.90 -44.13 -54.94
C VAL D 360 -20.47 -44.03 -56.40
N THR D 361 -20.24 -42.80 -56.86
CA THR D 361 -19.79 -42.57 -58.22
C THR D 361 -18.60 -41.61 -58.18
N ALA D 362 -17.58 -41.93 -58.99
CA ALA D 362 -16.42 -41.09 -59.15
C ALA D 362 -16.75 -39.99 -60.16
N ALA D 363 -16.18 -38.80 -59.94
CA ALA D 363 -16.50 -37.66 -60.78
C ALA D 363 -15.35 -36.65 -60.72
N GLY D 364 -15.56 -35.52 -61.42
CA GLY D 364 -14.70 -34.35 -61.37
C GLY D 364 -13.59 -34.37 -62.41
N ILE D 365 -13.63 -35.33 -63.32
CA ILE D 365 -12.84 -35.20 -64.53
C ILE D 365 -13.79 -35.19 -65.72
N THR D 366 -13.63 -34.19 -66.60
CA THR D 366 -14.56 -33.93 -67.69
C THR D 366 -14.46 -35.05 -68.73
N LEU D 367 -15.64 -35.51 -69.17
CA LEU D 367 -15.70 -36.51 -70.21
C LEU D 367 -15.07 -35.93 -71.48
N GLY D 368 -14.07 -36.65 -72.00
CA GLY D 368 -13.44 -36.36 -73.28
C GLY D 368 -13.09 -37.65 -74.03
N MET D 369 -12.99 -37.56 -75.36
CA MET D 369 -12.77 -38.69 -76.24
C MET D 369 -11.38 -39.31 -76.02
N ASP D 370 -10.40 -38.49 -75.60
CA ASP D 370 -9.08 -39.00 -75.26
C ASP D 370 -9.10 -39.68 -73.87
N GLY D 384 -7.15 -56.58 -61.20
CA GLY D 384 -7.87 -56.21 -59.95
C GLY D 384 -9.29 -55.72 -60.26
N GLU D 385 -9.35 -54.83 -61.26
CA GLU D 385 -10.62 -54.33 -61.76
C GLU D 385 -11.56 -55.49 -62.09
N GLU D 386 -11.01 -56.63 -62.57
CA GLU D 386 -11.82 -57.71 -63.12
C GLU D 386 -12.54 -58.47 -62.00
N LEU D 387 -12.12 -58.27 -60.74
CA LEU D 387 -12.71 -58.93 -59.58
C LEU D 387 -14.08 -58.34 -59.23
N PHE D 388 -14.42 -57.20 -59.82
CA PHE D 388 -15.59 -56.44 -59.40
C PHE D 388 -16.63 -56.33 -60.53
N THR D 389 -16.50 -57.11 -61.60
CA THR D 389 -17.42 -57.02 -62.72
C THR D 389 -18.81 -57.55 -62.35
N GLY D 390 -18.88 -58.43 -61.33
CA GLY D 390 -20.16 -58.95 -60.89
C GLY D 390 -20.45 -58.50 -59.46
N VAL D 391 -21.52 -59.05 -58.88
CA VAL D 391 -21.90 -58.78 -57.51
C VAL D 391 -20.96 -59.54 -56.60
N VAL D 392 -20.46 -58.87 -55.55
CA VAL D 392 -19.42 -59.40 -54.68
C VAL D 392 -19.90 -59.33 -53.23
N PRO D 393 -19.87 -60.45 -52.48
CA PRO D 393 -20.25 -60.44 -51.07
C PRO D 393 -19.23 -59.68 -50.23
N ILE D 394 -19.73 -58.98 -49.20
CA ILE D 394 -18.94 -58.13 -48.34
C ILE D 394 -19.11 -58.59 -46.89
N LEU D 395 -18.00 -58.49 -46.12
CA LEU D 395 -18.02 -58.68 -44.68
C LEU D 395 -17.25 -57.53 -44.04
N VAL D 396 -17.91 -56.88 -43.07
CA VAL D 396 -17.32 -55.79 -42.31
C VAL D 396 -17.35 -56.19 -40.84
N GLU D 397 -16.17 -56.15 -40.20
CA GLU D 397 -16.01 -56.43 -38.78
C GLU D 397 -15.27 -55.24 -38.19
N LEU D 398 -15.83 -54.67 -37.11
CA LEU D 398 -15.25 -53.51 -36.46
C LEU D 398 -15.16 -53.77 -34.95
N ASP D 399 -13.98 -53.52 -34.38
CA ASP D 399 -13.78 -53.48 -32.93
C ASP D 399 -13.52 -52.03 -32.53
N GLY D 400 -14.35 -51.52 -31.63
CA GLY D 400 -14.31 -50.11 -31.27
C GLY D 400 -14.13 -49.91 -29.77
N ASP D 401 -13.58 -48.73 -29.43
CA ASP D 401 -13.41 -48.26 -28.07
C ASP D 401 -13.53 -46.74 -28.07
N VAL D 402 -14.60 -46.22 -27.47
CA VAL D 402 -14.78 -44.77 -27.42
C VAL D 402 -14.89 -44.38 -25.95
N ASN D 403 -13.92 -43.58 -25.48
CA ASN D 403 -13.87 -43.12 -24.10
C ASN D 403 -13.94 -44.32 -23.15
N GLY D 404 -13.43 -45.47 -23.58
CA GLY D 404 -13.43 -46.64 -22.72
C GLY D 404 -14.67 -47.54 -22.90
N HIS D 405 -15.72 -47.06 -23.58
CA HIS D 405 -16.88 -47.89 -23.89
C HIS D 405 -16.55 -48.81 -25.08
N LYS D 406 -16.47 -50.13 -24.82
CA LYS D 406 -16.11 -51.11 -25.84
C LYS D 406 -17.35 -51.58 -26.57
N PHE D 407 -17.21 -51.90 -27.85
CA PHE D 407 -18.31 -52.41 -28.64
C PHE D 407 -17.77 -53.06 -29.91
N SER D 408 -18.58 -53.92 -30.52
CA SER D 408 -18.23 -54.59 -31.76
C SER D 408 -19.38 -54.46 -32.75
N VAL D 409 -19.02 -54.38 -34.03
CA VAL D 409 -20.00 -54.36 -35.11
C VAL D 409 -19.62 -55.40 -36.16
N ARG D 410 -20.60 -56.13 -36.67
CA ARG D 410 -20.44 -57.01 -37.81
C ARG D 410 -21.49 -56.64 -38.85
N GLY D 411 -21.06 -56.49 -40.11
CA GLY D 411 -22.02 -56.29 -41.17
C GLY D 411 -21.75 -57.23 -42.34
N GLU D 412 -22.80 -57.50 -43.12
CA GLU D 412 -22.77 -58.39 -44.28
C GLU D 412 -23.71 -57.82 -45.33
N GLY D 413 -23.40 -58.12 -46.60
CA GLY D 413 -24.26 -57.78 -47.74
C GLY D 413 -23.45 -57.89 -49.03
N GLU D 414 -23.77 -57.05 -50.02
CA GLU D 414 -23.19 -57.20 -51.34
C GLU D 414 -22.79 -55.82 -51.88
N GLY D 415 -21.78 -55.86 -52.76
CA GLY D 415 -21.35 -54.69 -53.49
C GLY D 415 -21.37 -54.96 -54.99
N ASP D 416 -21.81 -53.94 -55.74
CA ASP D 416 -21.89 -54.02 -57.18
C ASP D 416 -21.20 -52.80 -57.78
N ALA D 417 -19.90 -52.96 -58.10
CA ALA D 417 -19.11 -51.83 -58.56
C ALA D 417 -19.63 -51.25 -59.88
N THR D 418 -20.34 -52.08 -60.67
CA THR D 418 -20.81 -51.67 -61.98
C THR D 418 -21.81 -50.52 -61.82
N ASN D 419 -22.63 -50.59 -60.77
CA ASN D 419 -23.62 -49.55 -60.49
C ASN D 419 -23.18 -48.68 -59.31
N GLY D 420 -22.08 -49.08 -58.67
CA GLY D 420 -21.60 -48.46 -57.45
C GLY D 420 -22.58 -48.60 -56.30
N LYS D 421 -23.28 -49.76 -56.22
CA LYS D 421 -24.33 -50.00 -55.25
C LYS D 421 -23.79 -50.87 -54.10
N LEU D 422 -24.03 -50.41 -52.86
CA LEU D 422 -23.73 -51.16 -51.66
C LEU D 422 -25.05 -51.41 -50.92
N THR D 423 -25.24 -52.64 -50.45
CA THR D 423 -26.41 -52.97 -49.65
C THR D 423 -25.93 -53.81 -48.48
N LEU D 424 -26.10 -53.30 -47.26
CA LEU D 424 -25.45 -53.87 -46.08
C LEU D 424 -26.38 -53.80 -44.87
N LYS D 425 -26.29 -54.84 -44.03
CA LYS D 425 -26.87 -54.79 -42.69
C LYS D 425 -25.76 -54.92 -41.65
N PHE D 426 -25.75 -54.01 -40.68
CA PHE D 426 -24.76 -54.00 -39.61
C PHE D 426 -25.45 -54.28 -38.27
N ILE D 427 -24.85 -55.18 -37.48
CA ILE D 427 -25.33 -55.52 -36.16
C ILE D 427 -24.26 -55.06 -35.16
N CYS D 428 -24.71 -54.44 -34.06
CA CYS D 428 -23.85 -54.34 -32.88
C CYS D 428 -23.92 -55.67 -32.12
N THR D 429 -22.79 -56.37 -32.08
CA THR D 429 -22.74 -57.72 -31.54
C THR D 429 -22.58 -57.68 -30.02
N THR D 430 -22.37 -56.51 -29.41
CA THR D 430 -22.03 -56.40 -28.00
C THR D 430 -23.21 -55.89 -27.17
N GLY D 431 -24.36 -55.62 -27.79
CA GLY D 431 -25.43 -54.99 -27.03
C GLY D 431 -25.87 -53.67 -27.64
N LYS D 432 -25.98 -52.62 -26.81
CA LYS D 432 -26.34 -51.28 -27.29
C LYS D 432 -25.10 -50.59 -27.86
N LEU D 433 -25.23 -49.97 -29.03
CA LEU D 433 -24.15 -49.21 -29.63
C LEU D 433 -23.98 -47.90 -28.86
N PRO D 434 -22.79 -47.64 -28.27
CA PRO D 434 -22.61 -46.45 -27.43
C PRO D 434 -22.46 -45.12 -28.18
N VAL D 435 -22.44 -45.19 -29.52
CA VAL D 435 -22.38 -44.01 -30.39
C VAL D 435 -23.55 -44.11 -31.36
N PRO D 436 -23.93 -43.01 -32.05
CA PRO D 436 -24.95 -43.08 -33.10
C PRO D 436 -24.43 -43.73 -34.37
N TRP D 437 -25.28 -44.58 -34.98
CA TRP D 437 -24.94 -45.27 -36.21
C TRP D 437 -24.39 -44.30 -37.27
N PRO D 438 -25.02 -43.15 -37.57
CA PRO D 438 -24.45 -42.22 -38.56
C PRO D 438 -22.95 -41.95 -38.45
N THR D 439 -22.42 -41.94 -37.23
CA THR D 439 -21.03 -41.57 -37.04
C THR D 439 -20.11 -42.72 -37.45
N LEU D 440 -20.69 -43.90 -37.77
CA LEU D 440 -19.89 -45.07 -38.09
C LEU D 440 -19.91 -45.35 -39.59
N VAL D 441 -20.85 -44.70 -40.29
CA VAL D 441 -21.07 -44.95 -41.71
C VAL D 441 -19.74 -44.95 -42.46
N THR D 442 -18.93 -43.87 -42.33
CA THR D 442 -17.79 -43.71 -43.24
C THR D 442 -16.69 -44.72 -42.90
N THR D 443 -16.63 -45.16 -41.64
CA THR D 443 -15.65 -46.15 -41.22
C THR D 443 -16.05 -47.52 -41.75
N LEU D 444 -17.33 -47.87 -41.55
CA LEU D 444 -17.88 -49.15 -41.96
C LEU D 444 -17.82 -49.22 -43.49
N VAL D 446 -15.78 -49.17 -48.06
CA VAL D 446 -15.23 -50.10 -49.09
C VAL D 446 -15.30 -49.38 -50.43
N GLN D 447 -14.38 -48.43 -50.60
CA GLN D 447 -14.45 -47.51 -51.73
C GLN D 447 -14.06 -48.24 -53.01
N CYS D 448 -13.63 -49.50 -52.87
CA CYS D 448 -13.36 -50.35 -54.02
C CYS D 448 -14.67 -50.66 -54.76
N PHE D 449 -15.81 -50.29 -54.18
CA PHE D 449 -17.10 -50.51 -54.84
C PHE D 449 -17.64 -49.29 -55.58
N SER D 450 -16.88 -48.20 -55.67
CA SER D 450 -17.38 -47.03 -56.40
C SER D 450 -17.44 -47.36 -57.88
N ARG D 451 -18.44 -46.78 -58.56
CA ARG D 451 -18.49 -46.80 -60.00
C ARG D 451 -17.52 -45.75 -60.51
N TYR D 452 -16.45 -46.22 -61.16
CA TYR D 452 -15.63 -45.33 -61.98
C TYR D 452 -16.16 -45.36 -63.41
N PRO D 453 -16.59 -44.20 -63.97
CA PRO D 453 -16.98 -44.10 -65.37
C PRO D 453 -15.81 -44.54 -66.24
N ASP D 454 -16.15 -44.98 -67.46
CA ASP D 454 -15.17 -45.56 -68.38
C ASP D 454 -13.98 -44.63 -68.59
N HIS D 455 -14.25 -43.31 -68.77
CA HIS D 455 -13.20 -42.36 -69.07
C HIS D 455 -12.30 -42.12 -67.85
N MET D 456 -12.61 -42.75 -66.70
CA MET D 456 -11.84 -42.49 -65.49
C MET D 456 -11.26 -43.77 -64.87
N LYS D 457 -11.40 -44.90 -65.59
CA LYS D 457 -11.02 -46.19 -65.02
C LYS D 457 -9.54 -46.22 -64.64
N GLN D 458 -8.75 -45.36 -65.28
CA GLN D 458 -7.33 -45.18 -65.07
C GLN D 458 -7.03 -44.66 -63.66
N HIS D 459 -8.07 -44.15 -62.95
CA HIS D 459 -7.89 -43.46 -61.69
C HIS D 459 -8.46 -44.25 -60.52
N ASP D 460 -8.71 -45.55 -60.72
CA ASP D 460 -9.32 -46.37 -59.68
C ASP D 460 -8.25 -47.09 -58.87
N PHE D 461 -7.72 -46.40 -57.85
CA PHE D 461 -6.71 -46.97 -57.00
C PHE D 461 -7.27 -48.20 -56.26
N PHE D 462 -8.49 -48.06 -55.75
CA PHE D 462 -9.05 -49.02 -54.79
C PHE D 462 -9.08 -50.42 -55.40
N LYS D 463 -9.63 -50.53 -56.62
CA LYS D 463 -9.71 -51.84 -57.28
C LYS D 463 -8.32 -52.33 -57.68
N SER D 464 -7.41 -51.42 -58.00
CA SER D 464 -6.12 -51.80 -58.52
C SER D 464 -5.30 -52.55 -57.46
N ALA D 465 -5.51 -52.24 -56.19
CA ALA D 465 -4.73 -52.87 -55.13
C ALA D 465 -5.26 -54.27 -54.76
N MET D 466 -6.38 -54.68 -55.37
CA MET D 466 -6.96 -55.97 -55.03
C MET D 466 -6.23 -57.06 -55.85
N PRO D 467 -6.16 -58.33 -55.38
CA PRO D 467 -6.87 -58.77 -54.18
C PRO D 467 -6.08 -58.66 -52.89
N GLU D 468 -4.79 -58.31 -53.00
CA GLU D 468 -3.95 -58.26 -51.81
C GLU D 468 -4.57 -57.26 -50.82
N GLY D 469 -5.11 -56.16 -51.35
CA GLY D 469 -5.87 -55.21 -50.55
C GLY D 469 -5.10 -53.93 -50.22
N TYR D 470 -5.69 -53.10 -49.34
CA TYR D 470 -5.06 -51.88 -48.89
C TYR D 470 -5.38 -51.65 -47.40
N VAL D 471 -4.57 -50.82 -46.76
CA VAL D 471 -4.80 -50.33 -45.41
C VAL D 471 -5.48 -48.97 -45.53
N GLN D 472 -6.53 -48.73 -44.74
CA GLN D 472 -7.20 -47.44 -44.74
C GLN D 472 -7.14 -46.87 -43.32
N GLU D 473 -6.50 -45.70 -43.19
CA GLU D 473 -6.36 -45.01 -41.90
C GLU D 473 -7.10 -43.69 -41.96
N ARG D 474 -7.77 -43.31 -40.86
CA ARG D 474 -8.41 -42.01 -40.84
C ARG D 474 -8.30 -41.42 -39.44
N THR D 475 -8.32 -40.08 -39.40
CA THR D 475 -8.70 -39.30 -38.23
C THR D 475 -10.04 -38.66 -38.56
N ILE D 476 -11.01 -38.80 -37.66
CA ILE D 476 -12.26 -38.08 -37.82
C ILE D 476 -12.46 -37.20 -36.60
N SER D 477 -12.46 -35.87 -36.79
CA SER D 477 -12.64 -34.92 -35.71
C SER D 477 -14.06 -34.37 -35.73
N PHE D 478 -14.82 -34.59 -34.65
CA PHE D 478 -16.15 -34.00 -34.52
C PHE D 478 -16.02 -32.61 -33.86
N LYS D 479 -16.55 -31.58 -34.51
CA LYS D 479 -16.47 -30.22 -34.01
C LYS D 479 -16.96 -30.19 -32.56
N ASP D 480 -16.11 -29.67 -31.66
CA ASP D 480 -16.46 -29.39 -30.27
C ASP D 480 -16.76 -30.70 -29.54
N ASP D 481 -16.08 -31.77 -29.95
CA ASP D 481 -16.29 -33.08 -29.34
C ASP D 481 -15.05 -33.91 -29.64
N GLY D 482 -15.16 -35.24 -29.57
CA GLY D 482 -13.96 -36.05 -29.63
C GLY D 482 -13.53 -36.42 -31.05
N THR D 483 -12.56 -37.33 -31.12
CA THR D 483 -11.92 -37.76 -32.34
C THR D 483 -11.98 -39.29 -32.45
N TYR D 484 -12.32 -39.80 -33.65
CA TYR D 484 -12.09 -41.20 -33.98
C TYR D 484 -10.74 -41.35 -34.68
N LYS D 485 -9.97 -42.37 -34.29
CA LYS D 485 -8.80 -42.85 -35.03
C LYS D 485 -9.10 -44.27 -35.49
N THR D 486 -8.97 -44.53 -36.79
CA THR D 486 -9.40 -45.78 -37.39
C THR D 486 -8.27 -46.36 -38.24
N ARG D 487 -8.11 -47.69 -38.16
CA ARG D 487 -7.21 -48.42 -39.03
C ARG D 487 -7.94 -49.67 -39.55
N ALA D 488 -8.02 -49.78 -40.87
CA ALA D 488 -8.74 -50.89 -41.49
C ALA D 488 -7.90 -51.58 -42.55
N GLU D 489 -8.08 -52.90 -42.68
CA GLU D 489 -7.56 -53.65 -43.80
C GLU D 489 -8.74 -54.06 -44.67
N VAL D 490 -8.65 -53.74 -45.97
CA VAL D 490 -9.66 -54.08 -46.95
C VAL D 490 -8.98 -55.00 -47.95
N LYS D 491 -9.43 -56.27 -47.98
CA LYS D 491 -8.79 -57.29 -48.78
C LYS D 491 -9.81 -58.38 -49.09
N PHE D 492 -9.54 -59.19 -50.13
CA PHE D 492 -10.31 -60.39 -50.39
C PHE D 492 -9.87 -61.52 -49.45
N GLU D 493 -10.86 -62.19 -48.84
CA GLU D 493 -10.65 -63.43 -48.12
C GLU D 493 -11.58 -64.45 -48.77
N GLY D 494 -10.99 -65.31 -49.62
CA GLY D 494 -11.75 -66.11 -50.56
C GLY D 494 -12.50 -65.21 -51.54
N ASP D 495 -13.82 -65.34 -51.56
CA ASP D 495 -14.67 -64.63 -52.51
C ASP D 495 -15.24 -63.37 -51.88
N THR D 496 -14.98 -63.18 -50.58
CA THR D 496 -15.59 -62.07 -49.88
C THR D 496 -14.62 -60.90 -49.81
N LEU D 497 -15.13 -59.68 -50.08
CA LEU D 497 -14.36 -58.49 -49.76
C LEU D 497 -14.55 -58.21 -48.29
N VAL D 498 -13.43 -58.12 -47.56
CA VAL D 498 -13.52 -57.98 -46.12
C VAL D 498 -12.89 -56.66 -45.69
N ASN D 499 -13.61 -55.95 -44.82
CA ASN D 499 -13.18 -54.70 -44.23
C ASN D 499 -13.13 -54.91 -42.72
N ARG D 500 -11.90 -55.04 -42.19
CA ARG D 500 -11.70 -55.30 -40.76
C ARG D 500 -11.11 -54.04 -40.12
N ILE D 501 -11.76 -53.54 -39.06
CA ILE D 501 -11.47 -52.20 -38.56
C ILE D 501 -11.22 -52.23 -37.06
N GLU D 502 -10.16 -51.53 -36.62
CA GLU D 502 -9.97 -51.13 -35.22
C GLU D 502 -10.26 -49.63 -35.11
N LEU D 503 -11.13 -49.23 -34.17
CA LEU D 503 -11.45 -47.81 -33.98
C LEU D 503 -11.21 -47.42 -32.52
N LYS D 504 -10.48 -46.31 -32.30
CA LYS D 504 -10.29 -45.72 -30.97
C LYS D 504 -10.82 -44.28 -30.97
N GLY D 505 -11.75 -43.98 -30.09
CA GLY D 505 -12.27 -42.64 -29.90
C GLY D 505 -11.81 -42.06 -28.56
N ILE D 506 -11.42 -40.77 -28.55
CA ILE D 506 -10.94 -40.10 -27.34
C ILE D 506 -11.54 -38.70 -27.26
N ASP D 507 -11.74 -38.23 -26.02
CA ASP D 507 -12.05 -36.85 -25.67
C ASP D 507 -13.50 -36.52 -26.01
N PHE D 508 -14.40 -37.49 -25.91
CA PHE D 508 -15.82 -37.21 -26.17
C PHE D 508 -16.49 -36.77 -24.88
N LYS D 509 -17.48 -35.89 -25.00
CA LYS D 509 -18.30 -35.45 -23.89
C LYS D 509 -19.41 -36.48 -23.67
N GLU D 510 -19.52 -36.97 -22.43
CA GLU D 510 -20.50 -37.99 -22.07
C GLU D 510 -21.91 -37.52 -22.36
N ASP D 511 -22.13 -36.20 -22.28
CA ASP D 511 -23.46 -35.63 -22.51
C ASP D 511 -23.50 -34.88 -23.83
N GLY D 512 -22.50 -35.11 -24.69
CA GLY D 512 -22.44 -34.49 -26.01
C GLY D 512 -23.33 -35.22 -27.04
N ASN D 513 -23.23 -34.77 -28.29
CA ASN D 513 -24.09 -35.25 -29.36
C ASN D 513 -23.82 -36.71 -29.68
N ILE D 514 -22.58 -37.16 -29.46
CA ILE D 514 -22.17 -38.51 -29.83
C ILE D 514 -22.49 -39.47 -28.67
N LEU D 515 -21.86 -39.30 -27.52
CA LEU D 515 -22.03 -40.28 -26.45
C LEU D 515 -23.43 -40.19 -25.85
N GLY D 516 -24.13 -39.05 -26.08
CA GLY D 516 -25.47 -38.85 -25.56
C GLY D 516 -26.56 -39.00 -26.60
N HIS D 517 -26.20 -39.54 -27.79
CA HIS D 517 -27.14 -39.94 -28.84
C HIS D 517 -28.11 -38.81 -29.19
N LYS D 518 -27.60 -37.71 -29.74
CA LYS D 518 -28.45 -36.58 -30.09
C LYS D 518 -28.42 -36.35 -31.60
N LEU D 519 -28.01 -37.34 -32.38
CA LEU D 519 -27.94 -37.20 -33.83
C LEU D 519 -29.11 -37.92 -34.49
N GLU D 520 -29.71 -37.27 -35.50
CA GLU D 520 -30.83 -37.86 -36.20
C GLU D 520 -30.35 -39.11 -36.95
N TYR D 521 -31.28 -40.05 -37.15
CA TYR D 521 -30.93 -41.28 -37.83
C TYR D 521 -31.14 -41.11 -39.34
N ASN D 522 -30.24 -40.35 -39.99
CA ASN D 522 -30.32 -40.12 -41.43
C ASN D 522 -29.00 -39.53 -41.94
N TRP D 523 -29.01 -39.07 -43.21
CA TRP D 523 -27.86 -38.52 -43.89
C TRP D 523 -28.20 -37.16 -44.52
N ASN D 524 -29.26 -36.53 -44.00
CA ASN D 524 -29.93 -35.41 -44.67
C ASN D 524 -29.00 -34.19 -44.83
N ALA D 525 -28.17 -33.95 -43.80
CA ALA D 525 -27.27 -32.80 -43.76
C ALA D 525 -26.33 -32.80 -44.96
N ASN D 526 -26.21 -33.93 -45.66
CA ASN D 526 -25.26 -34.05 -46.76
C ASN D 526 -25.88 -33.64 -48.10
N LEU D 527 -27.18 -33.30 -48.10
CA LEU D 527 -27.88 -32.89 -49.31
C LEU D 527 -27.46 -31.50 -49.83
N ALA D 528 -27.51 -30.45 -49.00
CA ALA D 528 -27.49 -29.07 -49.54
C ALA D 528 -26.05 -28.55 -49.75
N PRO D 529 -25.57 -28.40 -51.00
CA PRO D 529 -24.14 -28.25 -51.24
C PRO D 529 -23.66 -26.90 -50.71
N ASN D 530 -22.35 -26.77 -50.46
CA ASN D 530 -21.84 -25.61 -49.77
C ASN D 530 -20.68 -24.94 -50.51
N LEU D 531 -20.33 -25.44 -51.72
CA LEU D 531 -19.36 -24.78 -52.58
C LEU D 531 -20.04 -23.99 -53.71
N PRO D 532 -19.44 -22.87 -54.15
CA PRO D 532 -20.00 -22.06 -55.24
C PRO D 532 -20.22 -22.82 -56.54
N THR D 533 -19.42 -23.85 -56.76
CA THR D 533 -19.46 -24.57 -58.03
C THR D 533 -20.73 -25.40 -58.15
N ALA D 534 -21.49 -25.54 -57.07
CA ALA D 534 -22.74 -26.31 -57.10
C ALA D 534 -23.92 -25.45 -57.51
N TYR D 535 -23.69 -24.16 -57.71
CA TYR D 535 -24.80 -23.24 -57.97
C TYR D 535 -24.51 -22.45 -59.24
N VAL D 536 -23.91 -23.09 -60.23
CA VAL D 536 -23.63 -22.48 -61.51
C VAL D 536 -24.91 -21.92 -62.12
N LYS D 537 -26.01 -22.69 -62.02
CA LYS D 537 -27.29 -22.29 -62.58
C LYS D 537 -27.70 -20.90 -62.05
N ASP D 538 -27.32 -20.58 -60.81
CA ASP D 538 -27.77 -19.37 -60.15
C ASP D 538 -26.71 -18.27 -60.17
N GLN D 539 -25.52 -18.57 -60.71
CA GLN D 539 -24.41 -17.63 -60.68
C GLN D 539 -24.66 -16.48 -61.64
N ILE D 540 -24.16 -15.29 -61.29
CA ILE D 540 -24.10 -14.15 -62.19
C ILE D 540 -22.67 -13.61 -62.15
N THR D 541 -22.04 -13.49 -63.33
CA THR D 541 -20.65 -13.11 -63.40
C THR D 541 -20.52 -11.60 -63.31
N LEU D 542 -19.86 -11.08 -62.27
CA LEU D 542 -19.62 -9.65 -62.16
C LEU D 542 -18.53 -9.22 -63.16
N ASP D 543 -18.72 -8.08 -63.79
CA ASP D 543 -17.83 -7.66 -64.85
C ASP D 543 -16.68 -6.82 -64.29
N PHE D 544 -15.56 -7.50 -64.01
CA PHE D 544 -14.49 -6.82 -63.31
C PHE D 544 -13.66 -5.96 -64.26
N ALA D 545 -13.76 -6.23 -65.56
CA ALA D 545 -13.11 -5.38 -66.54
C ALA D 545 -13.83 -4.04 -66.63
N TYR D 546 -15.18 -4.09 -66.58
CA TYR D 546 -15.99 -2.89 -66.51
C TYR D 546 -15.59 -2.07 -65.27
N TRP D 547 -15.41 -2.76 -64.13
CA TRP D 547 -15.07 -2.04 -62.91
C TRP D 547 -13.64 -1.53 -62.95
N ALA D 548 -12.74 -2.24 -63.64
CA ALA D 548 -11.40 -1.71 -63.78
C ALA D 548 -11.43 -0.34 -64.44
N LYS D 549 -12.17 -0.21 -65.55
CA LYS D 549 -12.19 1.02 -66.35
C LYS D 549 -13.00 2.10 -65.61
N ASN D 550 -14.17 1.75 -65.05
CA ASN D 550 -15.15 2.75 -64.70
C ASN D 550 -15.25 2.97 -63.19
N GLY D 551 -14.56 2.11 -62.41
CA GLY D 551 -14.45 2.17 -60.96
C GLY D 551 -14.24 3.58 -60.43
N PRO D 552 -13.18 4.33 -60.81
CA PRO D 552 -13.01 5.70 -60.30
C PRO D 552 -14.24 6.58 -60.40
N ALA D 553 -14.91 6.56 -61.56
CA ALA D 553 -16.09 7.40 -61.77
C ALA D 553 -17.26 6.96 -60.88
N ILE D 554 -17.42 5.64 -60.73
CA ILE D 554 -18.47 5.10 -59.89
C ILE D 554 -18.20 5.48 -58.43
N ALA D 555 -16.94 5.31 -58.01
CA ALA D 555 -16.53 5.64 -56.65
C ALA D 555 -16.95 7.08 -56.31
N THR D 556 -16.60 8.04 -57.19
CA THR D 556 -17.00 9.44 -57.02
C THR D 556 -18.51 9.52 -56.77
N ARG D 557 -19.31 8.88 -57.66
CA ARG D 557 -20.76 8.94 -57.54
C ARG D 557 -21.21 8.28 -56.24
N TRP D 558 -20.56 7.18 -55.84
CA TRP D 558 -20.92 6.40 -54.66
C TRP D 558 -20.68 7.19 -53.38
N ASN D 559 -19.49 7.81 -53.30
CA ASN D 559 -19.06 8.63 -52.17
C ASN D 559 -20.00 9.82 -51.99
N GLU D 560 -20.35 10.50 -53.09
CA GLU D 560 -21.29 11.62 -53.09
C GLU D 560 -22.62 11.15 -52.51
N TRP D 561 -23.09 9.98 -52.97
CA TRP D 561 -24.40 9.47 -52.58
C TRP D 561 -24.42 9.07 -51.10
N LEU D 562 -23.24 8.94 -50.49
CA LEU D 562 -23.13 9.09 -49.04
C LEU D 562 -23.23 7.67 -48.50
N HIS E 6 -0.16 4.44 -4.65
CA HIS E 6 0.76 5.38 -5.36
C HIS E 6 0.02 6.65 -5.78
N HIS E 7 0.45 7.76 -5.16
CA HIS E 7 -0.18 9.06 -5.24
C HIS E 7 0.35 9.78 -6.47
N GLU E 8 -0.56 10.46 -7.18
CA GLU E 8 -0.20 11.18 -8.39
C GLU E 8 -0.38 12.68 -8.20
N SER E 9 0.44 13.46 -8.92
CA SER E 9 0.42 14.91 -8.81
C SER E 9 0.77 15.53 -10.16
N ILE E 10 0.10 16.64 -10.49
CA ILE E 10 0.32 17.39 -11.70
C ILE E 10 0.72 18.81 -11.30
N ASN E 11 1.58 19.44 -12.11
CA ASN E 11 1.93 20.84 -12.02
C ASN E 11 1.14 21.61 -13.08
N PHE E 12 0.29 22.56 -12.65
CA PHE E 12 -0.49 23.42 -13.55
C PHE E 12 0.09 24.84 -13.58
N VAL E 13 0.35 25.34 -14.78
CA VAL E 13 1.09 26.59 -14.95
C VAL E 13 0.20 27.61 -15.68
N SER E 14 0.02 28.78 -15.08
CA SER E 14 -0.84 29.78 -15.70
C SER E 14 -0.30 31.17 -15.41
N TRP E 15 -1.19 32.18 -15.43
CA TRP E 15 -0.77 33.57 -15.50
C TRP E 15 -0.82 34.24 -14.13
N GLY E 16 -1.06 33.45 -13.07
CA GLY E 16 -1.02 33.97 -11.71
C GLY E 16 -2.21 34.89 -11.37
N GLY E 17 -2.23 35.36 -10.13
CA GLY E 17 -3.18 36.35 -9.65
C GLY E 17 -4.60 35.80 -9.63
N SER E 18 -5.57 36.73 -9.80
CA SER E 18 -6.98 36.42 -9.75
C SER E 18 -7.38 35.35 -10.77
N THR E 19 -6.73 35.34 -11.93
CA THR E 19 -7.14 34.38 -12.95
C THR E 19 -6.73 32.98 -12.51
N GLN E 20 -5.53 32.84 -11.93
CA GLN E 20 -5.04 31.52 -11.60
C GLN E 20 -5.76 31.01 -10.35
N ASP E 21 -6.08 31.93 -9.43
CA ASP E 21 -6.93 31.64 -8.28
C ASP E 21 -8.25 31.02 -8.74
N ALA E 22 -8.88 31.68 -9.73
CA ALA E 22 -10.11 31.17 -10.30
C ALA E 22 -9.90 29.79 -10.94
N GLN E 23 -8.75 29.58 -11.60
CA GLN E 23 -8.53 28.29 -12.24
C GLN E 23 -8.33 27.20 -11.17
N LYS E 24 -7.65 27.54 -10.08
CA LYS E 24 -7.52 26.61 -8.97
C LYS E 24 -8.92 26.24 -8.43
N GLN E 25 -9.75 27.27 -8.20
CA GLN E 25 -11.03 27.07 -7.55
C GLN E 25 -11.99 26.31 -8.47
N ALA E 26 -11.99 26.65 -9.78
CA ALA E 26 -12.98 26.07 -10.67
C ALA E 26 -12.51 24.78 -11.35
N TRP E 27 -11.18 24.58 -11.49
CA TRP E 27 -10.66 23.41 -12.18
C TRP E 27 -9.95 22.43 -11.25
N ALA E 28 -8.99 22.92 -10.47
CA ALA E 28 -8.11 22.03 -9.72
C ALA E 28 -8.84 21.35 -8.58
N ASP E 29 -9.58 22.13 -7.79
CA ASP E 29 -10.25 21.63 -6.61
C ASP E 29 -11.24 20.53 -6.98
N PRO E 30 -12.22 20.77 -7.89
CA PRO E 30 -13.16 19.72 -8.31
C PRO E 30 -12.45 18.47 -8.83
N PHE E 31 -11.38 18.68 -9.59
CA PHE E 31 -10.67 17.58 -10.19
C PHE E 31 -9.99 16.70 -9.14
N SER E 32 -9.37 17.35 -8.13
CA SER E 32 -8.70 16.64 -7.06
C SER E 32 -9.72 15.85 -6.22
N LYS E 33 -10.81 16.53 -5.84
CA LYS E 33 -11.88 15.92 -5.09
C LYS E 33 -12.31 14.62 -5.78
N ALA E 34 -12.56 14.69 -7.10
CA ALA E 34 -13.02 13.52 -7.84
C ALA E 34 -11.95 12.44 -8.01
N SER E 35 -10.68 12.81 -8.21
CA SER E 35 -9.74 11.85 -8.78
C SER E 35 -8.63 11.48 -7.81
N GLY E 36 -8.44 12.30 -6.77
CA GLY E 36 -7.38 12.06 -5.80
C GLY E 36 -6.01 12.48 -6.30
N ILE E 37 -5.95 13.12 -7.48
CA ILE E 37 -4.69 13.61 -8.04
C ILE E 37 -4.46 15.04 -7.57
N THR E 38 -3.29 15.28 -6.97
CA THR E 38 -2.91 16.59 -6.46
C THR E 38 -2.60 17.54 -7.61
N VAL E 39 -3.00 18.82 -7.46
CA VAL E 39 -2.63 19.80 -8.47
C VAL E 39 -1.85 20.89 -7.77
N VAL E 40 -0.59 21.08 -8.16
CA VAL E 40 0.20 22.17 -7.61
C VAL E 40 0.16 23.35 -8.58
N GLN E 41 -0.02 24.54 -8.04
CA GLN E 41 -0.11 25.75 -8.84
C GLN E 41 1.27 26.37 -9.04
N ASP E 42 1.66 26.58 -10.29
CA ASP E 42 2.98 27.14 -10.58
C ASP E 42 2.86 28.20 -11.67
N GLY E 43 3.98 28.85 -12.00
CA GLY E 43 4.04 29.78 -13.13
C GLY E 43 4.83 31.02 -12.74
N PRO E 44 4.82 32.12 -13.53
CA PRO E 44 3.87 32.27 -14.64
C PRO E 44 4.29 31.58 -15.93
N THR E 45 3.32 31.38 -16.81
CA THR E 45 3.61 30.92 -18.15
C THR E 45 4.76 31.73 -18.74
N ASP E 46 5.71 31.01 -19.31
CA ASP E 46 6.91 31.58 -19.89
C ASP E 46 7.30 30.66 -21.03
N TYR E 47 7.21 31.17 -22.26
CA TYR E 47 7.41 30.35 -23.45
C TYR E 47 8.85 29.86 -23.56
N GLY E 48 9.80 30.73 -23.16
CA GLY E 48 11.21 30.33 -23.11
C GLY E 48 11.42 29.12 -22.21
N LYS E 49 10.92 29.21 -20.96
CA LYS E 49 11.14 28.15 -19.98
C LYS E 49 10.51 26.85 -20.47
N LEU E 50 9.39 26.95 -21.20
CA LEU E 50 8.70 25.78 -21.74
C LEU E 50 9.55 25.09 -22.80
N LYS E 51 10.06 25.88 -23.77
CA LYS E 51 10.91 25.36 -24.83
C LYS E 51 12.13 24.69 -24.19
N ALA E 52 12.75 25.40 -23.23
CA ALA E 52 13.98 24.91 -22.61
C ALA E 52 13.78 23.54 -21.93
N MET E 53 12.75 23.40 -21.10
CA MET E 53 12.58 22.15 -20.37
C MET E 53 12.20 21.02 -21.32
N VAL E 54 11.54 21.35 -22.44
CA VAL E 54 11.13 20.34 -23.39
C VAL E 54 12.38 19.82 -24.10
N GLU E 55 13.25 20.75 -24.50
CA GLU E 55 14.46 20.45 -25.24
C GLU E 55 15.43 19.66 -24.35
N SER E 56 15.48 19.98 -23.05
CA SER E 56 16.39 19.30 -22.13
C SER E 56 15.88 17.91 -21.77
N GLY E 57 14.59 17.63 -22.02
CA GLY E 57 14.00 16.34 -21.68
C GLY E 57 13.63 16.25 -20.18
N ASN E 58 13.85 17.31 -19.41
CA ASN E 58 13.47 17.31 -18.00
C ASN E 58 12.35 18.33 -17.78
N VAL E 59 11.11 17.86 -18.00
CA VAL E 59 9.92 18.68 -17.99
C VAL E 59 9.34 18.69 -16.57
N GLN E 60 9.15 19.90 -16.01
CA GLN E 60 8.63 20.09 -14.67
C GLN E 60 7.15 20.51 -14.73
N TRP E 61 6.67 20.91 -15.93
CA TRP E 61 5.34 21.47 -16.14
C TRP E 61 4.43 20.48 -16.87
N ASP E 62 3.26 20.18 -16.29
CA ASP E 62 2.41 19.13 -16.84
C ASP E 62 1.29 19.71 -17.70
N VAL E 63 0.67 20.79 -17.22
CA VAL E 63 -0.40 21.45 -17.95
C VAL E 63 -0.09 22.92 -17.93
N VAL E 64 -0.10 23.55 -19.12
CA VAL E 64 0.26 24.95 -19.24
C VAL E 64 -0.84 25.68 -20.01
N ASP E 65 -1.20 26.85 -19.47
CA ASP E 65 -2.13 27.77 -20.10
C ASP E 65 -1.33 28.73 -20.99
N VAL E 66 -1.60 28.74 -22.30
CA VAL E 66 -0.83 29.56 -23.24
C VAL E 66 -1.81 30.30 -24.17
N GLU E 67 -1.32 31.35 -24.84
CA GLU E 67 -2.09 32.04 -25.87
C GLU E 67 -2.16 31.18 -27.12
N ALA E 68 -3.26 31.32 -27.88
CA ALA E 68 -3.52 30.48 -29.05
C ALA E 68 -2.38 30.54 -30.06
N ASP E 69 -1.79 31.73 -30.27
CA ASP E 69 -0.73 31.84 -31.27
C ASP E 69 0.44 30.94 -30.88
N PHE E 70 0.79 30.93 -29.58
CA PHE E 70 1.87 30.09 -29.11
C PHE E 70 1.50 28.61 -29.23
N ALA E 71 0.25 28.27 -28.95
CA ALA E 71 -0.16 26.89 -29.02
C ALA E 71 0.09 26.32 -30.42
N LEU E 72 -0.23 27.11 -31.44
CA LEU E 72 -0.03 26.68 -32.82
C LEU E 72 1.47 26.53 -33.14
N ARG E 73 2.26 27.53 -32.74
CA ARG E 73 3.70 27.55 -32.99
C ARG E 73 4.35 26.35 -32.30
N ALA E 74 4.02 26.15 -31.03
CA ALA E 74 4.61 25.07 -30.24
C ALA E 74 4.24 23.70 -30.82
N ALA E 75 3.01 23.55 -31.31
CA ALA E 75 2.63 22.30 -31.94
C ALA E 75 3.49 22.07 -33.18
N ALA E 76 3.70 23.14 -33.97
CA ALA E 76 4.49 23.03 -35.19
C ALA E 76 5.96 22.72 -34.90
N GLU E 77 6.49 23.22 -33.76
CA GLU E 77 7.89 23.06 -33.41
C GLU E 77 8.11 21.74 -32.65
N GLY E 78 7.06 20.92 -32.50
CA GLY E 78 7.15 19.59 -31.88
C GLY E 78 7.35 19.63 -30.35
N LEU E 79 6.85 20.70 -29.70
CA LEU E 79 7.03 20.93 -28.27
C LEU E 79 5.95 20.28 -27.43
N LEU E 80 4.86 19.77 -28.04
CA LEU E 80 3.67 19.41 -27.25
C LEU E 80 3.28 17.95 -27.45
N GLU E 81 2.70 17.35 -26.40
CA GLU E 81 2.09 16.03 -26.48
C GLU E 81 0.81 16.11 -27.31
N PRO E 82 0.53 15.14 -28.20
CA PRO E 82 -0.79 15.08 -28.86
C PRO E 82 -1.78 14.75 -27.75
N LEU E 83 -2.97 15.37 -27.79
CA LEU E 83 -3.94 15.19 -26.74
C LEU E 83 -4.65 13.84 -26.91
N ASP E 84 -5.14 13.29 -25.79
CA ASP E 84 -5.84 12.02 -25.83
C ASP E 84 -7.35 12.24 -25.83
N PHE E 85 -7.93 12.09 -27.02
CA PHE E 85 -9.35 12.38 -27.20
C PHE E 85 -10.21 11.17 -26.86
N SER E 86 -9.62 10.11 -26.28
CA SER E 86 -10.43 9.09 -25.67
C SER E 86 -10.90 9.56 -24.28
N VAL E 87 -10.26 10.62 -23.75
CA VAL E 87 -10.60 11.11 -22.42
C VAL E 87 -11.20 12.52 -22.51
N ILE E 88 -10.60 13.36 -23.36
CA ILE E 88 -11.14 14.69 -23.63
C ILE E 88 -12.24 14.59 -24.70
N GLN E 89 -13.42 15.15 -24.40
CA GLN E 89 -14.54 15.09 -25.33
C GLN E 89 -14.36 16.16 -26.41
N ARG E 90 -13.71 15.80 -27.51
CA ARG E 90 -13.36 16.74 -28.57
C ARG E 90 -14.59 17.40 -29.19
N ASP E 91 -15.69 16.65 -29.27
CA ASP E 91 -16.88 17.10 -29.99
C ASP E 91 -17.59 18.21 -29.22
N LYS E 92 -17.25 18.39 -27.94
CA LYS E 92 -17.98 19.31 -27.08
C LYS E 92 -17.25 20.65 -27.01
N ILE E 93 -16.08 20.73 -27.66
CA ILE E 93 -15.28 21.94 -27.58
C ILE E 93 -15.54 22.82 -28.78
N ASP E 94 -15.67 24.13 -28.52
CA ASP E 94 -15.85 25.08 -29.60
C ASP E 94 -14.89 24.69 -30.72
N PRO E 95 -15.37 24.45 -31.95
CA PRO E 95 -14.53 23.96 -33.04
C PRO E 95 -13.34 24.87 -33.34
N ARG E 96 -13.47 26.17 -32.98
CA ARG E 96 -12.43 27.13 -33.29
C ARG E 96 -11.21 26.92 -32.39
N PHE E 97 -11.40 26.37 -31.18
CA PHE E 97 -10.35 26.35 -30.19
C PHE E 97 -9.98 24.94 -29.73
N VAL E 98 -9.92 23.99 -30.67
CA VAL E 98 -9.42 22.65 -30.36
C VAL E 98 -8.53 22.22 -31.52
N SER E 99 -7.50 21.43 -31.23
CA SER E 99 -6.61 20.92 -32.26
C SER E 99 -5.99 19.63 -31.71
N ASP E 100 -5.07 19.01 -32.45
CA ASP E 100 -4.47 17.77 -32.01
C ASP E 100 -3.63 17.98 -30.75
N HIS E 101 -3.17 19.23 -30.52
CA HIS E 101 -2.21 19.48 -29.46
C HIS E 101 -2.68 20.49 -28.42
N GLY E 102 -3.99 20.82 -28.40
CA GLY E 102 -4.46 21.88 -27.53
C GLY E 102 -5.98 21.89 -27.40
N VAL E 103 -6.47 22.30 -26.23
CA VAL E 103 -7.90 22.48 -26.02
C VAL E 103 -8.10 23.88 -25.47
N GLY E 104 -9.21 24.52 -25.85
CA GLY E 104 -9.52 25.87 -25.38
C GLY E 104 -9.57 25.93 -23.86
N ALA E 105 -8.95 26.96 -23.29
CA ALA E 105 -9.05 27.22 -21.88
C ALA E 105 -10.18 28.20 -21.60
N PHE E 106 -10.24 29.27 -22.39
CA PHE E 106 -11.28 30.28 -22.25
C PHE E 106 -11.08 31.35 -23.34
N LEU E 107 -12.14 32.13 -23.55
CA LEU E 107 -12.14 33.20 -24.54
C LEU E 107 -12.08 34.50 -23.75
N TYR E 108 -11.32 35.47 -24.28
CA TYR E 108 -11.30 36.76 -23.63
C TYR E 108 -11.10 37.87 -24.66
N SER E 109 -11.15 39.11 -24.17
CA SER E 109 -10.94 40.26 -25.02
C SER E 109 -9.93 41.20 -24.35
N TYR E 110 -9.10 41.83 -25.19
CA TYR E 110 -8.52 43.10 -24.79
C TYR E 110 -9.62 44.16 -24.90
N VAL E 111 -9.83 44.90 -23.82
CA VAL E 111 -10.80 45.97 -23.73
C VAL E 111 -10.09 47.22 -23.24
N LEU E 112 -10.74 48.36 -23.41
CA LEU E 112 -10.20 49.63 -22.97
C LEU E 112 -10.71 49.90 -21.56
N GLY E 113 -9.78 49.86 -20.60
CA GLY E 113 -10.07 50.14 -19.21
C GLY E 113 -9.61 51.55 -18.84
N TYR E 114 -10.37 52.19 -17.92
CA TYR E 114 -10.08 53.55 -17.49
C TYR E 114 -10.52 53.74 -16.03
N ASN E 115 -9.89 54.72 -15.35
CA ASN E 115 -10.31 55.17 -14.01
C ASN E 115 -11.50 56.12 -14.09
N GLU E 116 -12.64 55.73 -13.48
CA GLU E 116 -13.92 56.39 -13.74
C GLU E 116 -14.04 57.74 -12.99
N PRO E 124 -14.10 57.52 -22.07
CA PRO E 124 -13.48 57.06 -23.33
C PRO E 124 -14.27 55.96 -24.06
N GLN E 125 -14.21 55.96 -25.39
CA GLN E 125 -15.10 55.12 -26.19
C GLN E 125 -14.34 54.05 -26.98
N ASP E 126 -13.29 54.50 -27.70
CA ASP E 126 -12.59 53.70 -28.73
C ASP E 126 -11.10 53.68 -28.42
N TRP E 127 -10.33 52.83 -29.11
CA TRP E 127 -8.88 52.88 -29.00
C TRP E 127 -8.30 54.25 -29.31
N THR E 128 -9.02 55.09 -30.08
CA THR E 128 -8.50 56.42 -30.41
C THR E 128 -8.20 57.20 -29.13
N ALA E 129 -8.93 56.90 -28.05
CA ALA E 129 -8.77 57.57 -26.77
C ALA E 129 -7.37 57.40 -26.20
N LEU E 130 -6.73 56.26 -26.46
CA LEU E 130 -5.36 56.03 -26.02
C LEU E 130 -4.42 57.03 -26.68
N PHE E 131 -4.85 57.64 -27.79
CA PHE E 131 -3.92 58.46 -28.56
C PHE E 131 -4.23 59.95 -28.40
N ASP E 132 -5.22 60.29 -27.58
CA ASP E 132 -5.59 61.68 -27.38
C ASP E 132 -5.21 62.11 -25.96
N THR E 133 -3.94 62.51 -25.78
CA THR E 133 -3.43 62.93 -24.48
C THR E 133 -4.02 64.28 -24.07
N LYS E 134 -4.50 65.05 -25.06
CA LYS E 134 -5.08 66.36 -24.83
C LYS E 134 -6.42 66.20 -24.10
N THR E 135 -7.32 65.39 -24.65
CA THR E 135 -8.65 65.21 -24.09
C THR E 135 -8.57 64.38 -22.80
N TYR E 136 -7.76 63.32 -22.82
CA TYR E 136 -7.69 62.39 -21.70
C TYR E 136 -6.25 62.34 -21.20
N PRO E 137 -5.91 63.05 -20.11
CA PRO E 137 -4.54 63.05 -19.58
C PRO E 137 -4.18 61.72 -18.92
N GLY E 138 -2.88 61.45 -18.76
CA GLY E 138 -2.41 60.34 -17.95
C GLY E 138 -1.56 59.36 -18.75
N LYS E 139 -0.83 58.48 -18.04
CA LYS E 139 -0.07 57.42 -18.66
C LYS E 139 -1.05 56.36 -19.21
N ARG E 140 -0.61 55.65 -20.28
CA ARG E 140 -1.44 54.63 -20.91
C ARG E 140 -0.78 53.25 -20.73
N ALA E 141 -1.58 52.26 -20.31
CA ALA E 141 -1.08 50.90 -20.05
C ALA E 141 -1.23 50.03 -21.29
N LEU E 142 -0.12 49.40 -21.70
CA LEU E 142 -0.12 48.48 -22.83
C LEU E 142 0.74 47.25 -22.53
N TYR E 143 0.44 46.15 -23.20
CA TYR E 143 1.11 44.88 -22.92
C TYR E 143 2.51 44.89 -23.52
N LYS E 144 3.49 44.48 -22.72
CA LYS E 144 4.93 44.58 -23.01
C LYS E 144 5.38 43.57 -24.07
N TRP E 145 4.78 42.37 -24.07
CA TRP E 145 5.28 41.25 -24.84
C TRP E 145 4.76 41.25 -26.27
N PRO E 146 5.60 40.90 -27.26
CA PRO E 146 5.19 40.88 -28.67
C PRO E 146 4.17 39.77 -28.82
N SER E 147 2.95 40.14 -29.22
CA SER E 147 1.81 39.29 -28.99
C SER E 147 0.60 39.99 -29.57
N PRO E 148 -0.42 39.28 -30.10
CA PRO E 148 -1.56 39.96 -30.72
C PRO E 148 -2.12 40.98 -29.75
N GLY E 149 -2.43 42.18 -30.25
CA GLY E 149 -3.11 43.17 -29.42
C GLY E 149 -2.70 44.61 -29.73
N VAL E 150 -1.50 44.99 -29.27
CA VAL E 150 -1.05 46.38 -29.32
C VAL E 150 -0.97 46.87 -30.76
N LEU E 151 -0.23 46.13 -31.61
CA LEU E 151 -0.09 46.51 -33.01
C LEU E 151 -1.47 46.69 -33.67
N GLU E 152 -2.37 45.73 -33.42
CA GLU E 152 -3.69 45.80 -34.04
C GLU E 152 -4.44 47.05 -33.57
N LEU E 153 -4.41 47.35 -32.27
CA LEU E 153 -5.24 48.43 -31.75
C LEU E 153 -4.64 49.76 -32.19
N ALA E 154 -3.32 49.78 -32.43
CA ALA E 154 -2.66 50.96 -32.97
C ALA E 154 -3.19 51.24 -34.37
N LEU E 155 -3.26 50.18 -35.19
CA LEU E 155 -3.70 50.32 -36.57
C LEU E 155 -5.17 50.76 -36.60
N LEU E 156 -6.00 50.16 -35.73
CA LEU E 156 -7.41 50.54 -35.62
C LEU E 156 -7.56 52.02 -35.28
N ALA E 157 -6.74 52.49 -34.34
CA ALA E 157 -6.83 53.87 -33.90
C ALA E 157 -6.36 54.80 -35.01
N ASP E 158 -5.58 54.25 -35.96
CA ASP E 158 -5.04 55.06 -37.04
C ASP E 158 -5.94 54.99 -38.26
N GLY E 159 -7.13 54.37 -38.11
CA GLY E 159 -8.16 54.40 -39.13
C GLY E 159 -8.23 53.16 -40.02
N VAL E 160 -7.36 52.16 -39.80
CA VAL E 160 -7.43 50.90 -40.55
C VAL E 160 -8.74 50.20 -40.16
N PRO E 161 -9.59 49.80 -41.14
CA PRO E 161 -10.81 49.05 -40.85
C PRO E 161 -10.49 47.61 -40.41
N ALA E 162 -11.36 47.06 -39.55
CA ALA E 162 -11.21 45.73 -38.97
C ALA E 162 -10.78 44.68 -39.98
N ASP E 163 -11.44 44.65 -41.13
CA ASP E 163 -11.29 43.57 -42.11
C ASP E 163 -9.97 43.67 -42.87
N LYS E 164 -9.19 44.72 -42.63
CA LYS E 164 -8.00 44.97 -43.43
C LYS E 164 -6.74 45.09 -42.56
N LEU E 165 -6.78 44.53 -41.34
CA LEU E 165 -5.67 44.59 -40.39
C LEU E 165 -4.47 43.78 -40.89
N TYR E 166 -4.76 42.63 -41.51
CA TYR E 166 -3.74 41.65 -41.83
C TYR E 166 -3.44 41.65 -43.33
N PRO E 167 -2.15 41.54 -43.74
CA PRO E 167 -1.04 41.49 -42.79
C PRO E 167 -0.71 42.83 -42.14
N LEU E 168 -0.14 42.78 -40.93
CA LEU E 168 0.08 43.98 -40.13
C LEU E 168 1.06 44.88 -40.86
N ASP E 169 0.63 46.13 -41.08
CA ASP E 169 1.49 47.17 -41.60
C ASP E 169 2.29 47.74 -40.44
N LEU E 170 3.48 47.14 -40.21
CA LEU E 170 4.27 47.40 -39.03
C LEU E 170 4.79 48.85 -38.99
N ASP E 171 5.25 49.38 -40.13
CA ASP E 171 5.76 50.75 -40.17
C ASP E 171 4.68 51.73 -39.68
N ARG E 172 3.46 51.55 -40.17
CA ARG E 172 2.34 52.41 -39.80
C ARG E 172 2.00 52.26 -38.32
N ALA E 173 2.06 51.01 -37.81
CA ALA E 173 1.72 50.74 -36.41
C ALA E 173 2.72 51.38 -35.46
N PHE E 174 4.02 51.25 -35.77
CA PHE E 174 5.05 51.87 -34.95
C PHE E 174 4.94 53.39 -34.97
N LYS E 175 4.67 53.96 -36.16
CA LYS E 175 4.51 55.40 -36.32
C LYS E 175 3.40 55.89 -35.40
N LYS E 176 2.31 55.12 -35.30
CA LYS E 176 1.16 55.53 -34.50
C LYS E 176 1.50 55.45 -33.01
N LEU E 177 2.25 54.42 -32.63
CA LEU E 177 2.66 54.20 -31.25
C LEU E 177 3.64 55.30 -30.82
N ASP E 178 4.49 55.72 -31.75
CA ASP E 178 5.48 56.77 -31.52
C ASP E 178 4.81 58.02 -30.95
N THR E 179 3.62 58.35 -31.45
CA THR E 179 2.94 59.56 -31.03
C THR E 179 2.65 59.58 -29.53
N ILE E 180 2.86 58.44 -28.83
CA ILE E 180 2.59 58.40 -27.40
C ILE E 180 3.70 57.68 -26.64
N LYS E 181 4.84 57.39 -27.28
CA LYS E 181 5.83 56.47 -26.72
C LYS E 181 6.16 56.86 -25.29
N LYS E 182 6.31 58.17 -25.04
CA LYS E 182 6.73 58.71 -23.76
C LYS E 182 5.69 58.42 -22.67
N ASP E 183 4.43 58.25 -23.07
CA ASP E 183 3.32 58.15 -22.12
C ASP E 183 2.88 56.70 -21.90
N ILE E 184 3.60 55.73 -22.49
CA ILE E 184 3.20 54.33 -22.40
C ILE E 184 3.92 53.68 -21.22
N VAL E 185 3.14 52.99 -20.39
CA VAL E 185 3.71 52.18 -19.32
C VAL E 185 3.40 50.72 -19.66
N TRP E 186 4.46 49.93 -19.86
CA TRP E 186 4.32 48.54 -20.23
C TRP E 186 3.94 47.70 -19.03
N TRP E 187 2.95 46.81 -19.21
CA TRP E 187 2.68 45.77 -18.24
C TRP E 187 3.10 44.41 -18.80
N GLY E 188 3.75 43.59 -17.97
CA GLY E 188 4.26 42.30 -18.39
C GLY E 188 3.39 41.14 -17.89
N GLY E 189 2.50 41.43 -16.93
CA GLY E 189 1.74 40.42 -16.22
C GLY E 189 0.37 40.99 -15.83
N GLY E 190 -0.57 40.08 -15.54
CA GLY E 190 -1.93 40.48 -15.22
C GLY E 190 -1.97 41.33 -13.95
N ALA E 191 -1.27 40.85 -12.91
CA ALA E 191 -1.30 41.50 -11.61
C ALA E 191 -0.77 42.93 -11.72
N GLN E 192 0.32 43.10 -12.47
CA GLN E 192 0.91 44.44 -12.61
C GLN E 192 -0.10 45.35 -13.30
N SER E 193 -0.77 44.83 -14.33
CA SER E 193 -1.70 45.66 -15.05
C SER E 193 -2.80 46.14 -14.10
N GLN E 194 -3.23 45.26 -13.19
CA GLN E 194 -4.29 45.58 -12.25
C GLN E 194 -3.81 46.63 -11.26
N GLN E 195 -2.57 46.50 -10.80
CA GLN E 195 -2.01 47.46 -9.86
C GLN E 195 -1.88 48.83 -10.54
N LEU E 196 -1.45 48.83 -11.80
CA LEU E 196 -1.22 50.08 -12.51
C LEU E 196 -2.55 50.85 -12.60
N LEU E 197 -3.65 50.13 -12.81
CA LEU E 197 -4.93 50.79 -13.01
C LEU E 197 -5.60 51.11 -11.67
N ALA E 198 -5.53 50.17 -10.71
CA ALA E 198 -6.23 50.31 -9.45
C ALA E 198 -5.69 51.49 -8.65
N SER E 199 -4.37 51.67 -8.64
CA SER E 199 -3.79 52.93 -8.21
C SER E 199 -3.91 53.87 -9.41
N GLY E 200 -3.56 55.14 -9.28
CA GLY E 200 -3.81 55.95 -10.46
C GLY E 200 -2.60 56.03 -11.38
N GLU E 201 -1.74 54.99 -11.38
CA GLU E 201 -0.45 55.11 -12.05
C GLU E 201 -0.66 55.30 -13.56
N VAL E 202 -1.69 54.66 -14.12
CA VAL E 202 -2.14 54.93 -15.48
C VAL E 202 -3.61 55.37 -15.38
N SER E 203 -4.12 56.06 -16.41
CA SER E 203 -5.50 56.51 -16.37
C SER E 203 -6.42 55.63 -17.22
N MET E 204 -5.79 54.78 -18.05
CA MET E 204 -6.41 54.21 -19.23
C MET E 204 -5.46 53.13 -19.78
N GLY E 205 -6.02 52.15 -20.49
CA GLY E 205 -5.14 51.25 -21.23
C GLY E 205 -5.87 50.05 -21.85
N GLN E 206 -5.08 49.11 -22.35
CA GLN E 206 -5.50 47.84 -22.90
C GLN E 206 -5.32 46.77 -21.82
N PHE E 207 -6.40 46.03 -21.53
CA PHE E 207 -6.36 45.06 -20.44
C PHE E 207 -7.15 43.82 -20.84
N TRP E 208 -6.75 42.69 -20.25
CA TRP E 208 -7.55 41.49 -20.29
C TRP E 208 -8.82 41.76 -19.50
N ASN E 209 -9.98 41.46 -20.10
CA ASN E 209 -11.25 41.90 -19.54
C ASN E 209 -11.43 41.36 -18.12
N GLY E 210 -11.08 40.08 -17.91
CA GLY E 210 -11.26 39.42 -16.62
C GLY E 210 -10.52 40.14 -15.50
N ARG E 211 -9.40 40.78 -15.84
CA ARG E 211 -8.61 41.45 -14.83
C ARG E 211 -9.37 42.66 -14.37
N ILE E 212 -10.07 43.33 -15.31
CA ILE E 212 -10.86 44.51 -14.97
C ILE E 212 -12.06 44.08 -14.15
N HIS E 213 -12.72 42.99 -14.58
CA HIS E 213 -13.77 42.38 -13.76
C HIS E 213 -13.31 42.20 -12.31
N ALA E 214 -12.17 41.54 -12.10
CA ALA E 214 -11.65 41.29 -10.76
C ALA E 214 -11.56 42.60 -9.95
N LEU E 215 -11.03 43.66 -10.57
CA LEU E 215 -10.93 44.97 -9.92
C LEU E 215 -12.31 45.49 -9.53
N GLN E 216 -13.26 45.44 -10.47
CA GLN E 216 -14.60 46.00 -10.24
C GLN E 216 -15.27 45.27 -9.06
N GLU E 217 -15.14 43.95 -9.00
CA GLU E 217 -15.80 43.21 -7.92
C GLU E 217 -15.15 43.51 -6.56
N ASP E 218 -13.94 44.09 -6.57
CA ASP E 218 -13.22 44.46 -5.35
C ASP E 218 -13.52 45.93 -5.01
N GLY E 219 -14.45 46.52 -5.75
CA GLY E 219 -14.97 47.84 -5.42
C GLY E 219 -14.14 48.97 -6.03
N ALA E 220 -13.13 48.66 -6.81
CA ALA E 220 -12.37 49.70 -7.49
C ALA E 220 -13.27 50.46 -8.49
N PRO E 221 -13.06 51.78 -8.67
CA PRO E 221 -13.86 52.56 -9.62
C PRO E 221 -13.24 52.55 -11.02
N VAL E 222 -13.46 51.45 -11.74
CA VAL E 222 -12.87 51.31 -13.08
C VAL E 222 -13.97 51.04 -14.10
N GLY E 223 -13.80 51.63 -15.29
CA GLY E 223 -14.77 51.41 -16.35
C GLY E 223 -14.12 50.69 -17.54
N VAL E 224 -14.98 50.19 -18.42
CA VAL E 224 -14.56 49.44 -19.60
C VAL E 224 -15.42 49.90 -20.78
N SER E 225 -14.79 50.08 -21.94
CA SER E 225 -15.55 50.13 -23.17
C SER E 225 -15.23 48.89 -24.02
N TRP E 226 -16.29 48.26 -24.53
CA TRP E 226 -16.19 47.06 -25.33
C TRP E 226 -16.19 47.42 -26.81
N LYS E 227 -16.19 48.70 -27.18
CA LYS E 227 -16.09 49.07 -28.59
C LYS E 227 -14.75 48.53 -29.13
N GLN E 228 -14.80 47.80 -30.26
CA GLN E 228 -13.60 47.28 -30.91
C GLN E 228 -12.82 46.36 -29.95
N ASN E 229 -13.53 45.55 -29.18
CA ASN E 229 -12.86 44.66 -28.22
C ASN E 229 -12.15 43.58 -29.04
N LEU E 230 -10.93 43.21 -28.62
CA LEU E 230 -10.09 42.31 -29.40
C LEU E 230 -10.14 40.90 -28.80
N VAL E 231 -10.70 39.95 -29.55
CA VAL E 231 -10.93 38.61 -29.06
C VAL E 231 -9.71 37.72 -29.30
N MET E 232 -9.41 36.91 -28.27
CA MET E 232 -8.32 35.97 -28.29
C MET E 232 -8.74 34.79 -27.43
N ALA E 233 -8.03 33.66 -27.57
CA ALA E 233 -8.32 32.51 -26.73
C ALA E 233 -7.02 32.04 -26.10
N ASP E 234 -7.12 31.49 -24.87
CA ASP E 234 -6.04 30.74 -24.28
C ASP E 234 -6.32 29.25 -24.48
N ILE E 235 -5.22 28.49 -24.57
CA ILE E 235 -5.27 27.07 -24.83
C ILE E 235 -4.53 26.35 -23.70
N LEU E 236 -5.10 25.22 -23.25
CA LEU E 236 -4.39 24.30 -22.39
C LEU E 236 -3.54 23.38 -23.26
N VAL E 237 -2.25 23.28 -22.96
CA VAL E 237 -1.36 22.35 -23.66
C VAL E 237 -0.59 21.51 -22.65
N VAL E 238 -0.08 20.37 -23.11
CA VAL E 238 0.66 19.45 -22.27
C VAL E 238 2.07 19.30 -22.86
N PRO E 239 3.13 19.86 -22.22
CA PRO E 239 4.49 19.87 -22.81
C PRO E 239 5.01 18.46 -23.11
N LYS E 240 5.67 18.30 -24.28
CA LYS E 240 6.22 16.99 -24.64
C LYS E 240 7.26 16.56 -23.60
N GLY E 241 7.10 15.33 -23.11
CA GLY E 241 8.01 14.71 -22.17
C GLY E 241 7.49 14.76 -20.73
N THR E 242 6.25 15.23 -20.54
CA THR E 242 5.66 15.31 -19.21
C THR E 242 5.73 13.94 -18.55
N LYS E 243 6.01 13.93 -17.25
CA LYS E 243 6.14 12.69 -16.50
C LYS E 243 4.78 12.28 -15.95
N ASN E 244 3.71 13.02 -16.31
CA ASN E 244 2.39 12.72 -15.76
C ASN E 244 1.31 12.78 -16.84
N LYS E 245 1.63 12.27 -18.05
CA LYS E 245 0.78 12.39 -19.22
C LYS E 245 -0.66 12.05 -18.89
N ALA E 246 -0.93 10.84 -18.40
CA ALA E 246 -2.30 10.38 -18.25
C ALA E 246 -3.10 11.32 -17.33
N ALA E 247 -2.48 11.76 -16.22
CA ALA E 247 -3.15 12.62 -15.27
C ALA E 247 -3.40 14.01 -15.87
N ALA E 248 -2.44 14.53 -16.63
CA ALA E 248 -2.59 15.81 -17.31
C ALA E 248 -3.83 15.77 -18.22
N MET E 249 -3.97 14.68 -18.99
CA MET E 249 -5.10 14.57 -19.92
C MET E 249 -6.41 14.59 -19.17
N LYS E 250 -6.46 13.90 -18.01
CA LYS E 250 -7.70 13.82 -17.22
C LYS E 250 -8.05 15.23 -16.75
N PHE E 251 -7.03 16.04 -16.47
CA PHE E 251 -7.20 17.41 -16.01
C PHE E 251 -7.78 18.26 -17.14
N LEU E 252 -7.19 18.18 -18.34
CA LEU E 252 -7.72 18.87 -19.51
C LEU E 252 -9.19 18.50 -19.70
N ALA E 253 -9.54 17.23 -19.50
CA ALA E 253 -10.92 16.79 -19.68
C ALA E 253 -11.82 17.55 -18.74
N SER E 254 -11.37 17.70 -17.49
CA SER E 254 -12.15 18.29 -16.44
C SER E 254 -12.28 19.81 -16.68
N ALA E 255 -11.16 20.47 -16.99
CA ALA E 255 -11.16 21.90 -17.18
C ALA E 255 -11.95 22.33 -18.41
N SER E 256 -12.02 21.46 -19.42
CA SER E 256 -12.64 21.88 -20.68
C SER E 256 -14.10 21.42 -20.74
N SER E 257 -14.57 20.74 -19.68
CA SER E 257 -15.95 20.28 -19.61
C SER E 257 -16.89 21.47 -19.39
N ALA E 258 -18.18 21.25 -19.66
CA ALA E 258 -19.18 22.30 -19.53
C ALA E 258 -19.15 22.89 -18.13
N LYS E 259 -19.05 22.02 -17.11
CA LYS E 259 -19.10 22.49 -15.72
C LYS E 259 -17.85 23.33 -15.38
N GLY E 260 -16.66 22.82 -15.74
CA GLY E 260 -15.42 23.55 -15.46
C GLY E 260 -15.41 24.91 -16.15
N GLN E 261 -15.89 24.95 -17.40
CA GLN E 261 -15.93 26.18 -18.17
C GLN E 261 -16.90 27.17 -17.56
N ASP E 262 -18.07 26.66 -17.14
CA ASP E 262 -19.09 27.51 -16.53
C ASP E 262 -18.55 28.10 -15.24
N ASP E 263 -17.94 27.27 -14.41
CA ASP E 263 -17.50 27.71 -13.10
C ASP E 263 -16.41 28.75 -13.23
N PHE E 264 -15.46 28.50 -14.16
CA PHE E 264 -14.37 29.43 -14.36
C PHE E 264 -14.92 30.75 -14.90
N SER E 265 -15.88 30.67 -15.81
CA SER E 265 -16.51 31.87 -16.36
C SER E 265 -17.15 32.72 -15.26
N ALA E 266 -17.88 32.06 -14.36
CA ALA E 266 -18.61 32.69 -13.26
C ALA E 266 -17.66 33.43 -12.33
N LEU E 267 -16.41 32.96 -12.22
CA LEU E 267 -15.46 33.56 -11.28
C LEU E 267 -14.65 34.70 -11.93
N THR E 268 -14.64 34.81 -13.27
CA THR E 268 -13.68 35.71 -13.93
C THR E 268 -14.34 36.65 -14.93
N ALA E 269 -15.47 36.26 -15.52
CA ALA E 269 -16.09 37.00 -16.62
C ALA E 269 -15.30 36.77 -17.91
N TYR E 270 -14.53 35.68 -17.96
CA TYR E 270 -14.05 35.17 -19.24
C TYR E 270 -15.17 34.33 -19.84
N ALA E 271 -15.07 34.04 -21.13
CA ALA E 271 -16.13 33.31 -21.82
C ALA E 271 -15.77 31.83 -21.97
N PRO E 272 -16.75 30.94 -21.75
CA PRO E 272 -16.50 29.51 -21.84
C PRO E 272 -16.39 29.03 -23.28
N VAL E 273 -15.75 27.87 -23.47
CA VAL E 273 -15.43 27.41 -24.81
C VAL E 273 -15.98 26.00 -25.01
N ASN E 274 -16.93 25.59 -24.19
CA ASN E 274 -17.61 24.32 -24.39
C ASN E 274 -18.99 24.61 -24.97
N ILE E 275 -19.40 23.87 -26.00
CA ILE E 275 -20.67 24.16 -26.65
C ILE E 275 -21.84 23.91 -25.70
N ASP E 276 -21.65 23.11 -24.64
CA ASP E 276 -22.71 22.84 -23.68
C ASP E 276 -22.71 23.83 -22.52
N SER E 277 -21.80 24.80 -22.56
CA SER E 277 -21.80 25.81 -21.51
C SER E 277 -22.97 26.76 -21.73
N VAL E 278 -23.58 27.25 -20.65
CA VAL E 278 -24.67 28.22 -20.78
C VAL E 278 -24.07 29.50 -21.33
N GLN E 279 -24.66 30.04 -22.40
CA GLN E 279 -24.01 31.18 -23.02
C GLN E 279 -24.74 32.45 -22.59
N ARG E 280 -24.61 32.83 -21.32
CA ARG E 280 -25.19 34.05 -20.82
C ARG E 280 -24.38 35.25 -21.30
N LEU E 281 -25.02 36.42 -21.20
CA LEU E 281 -24.45 37.68 -21.63
C LEU E 281 -23.88 38.43 -20.43
N ASP E 282 -24.28 38.05 -19.21
CA ASP E 282 -23.88 38.82 -18.03
C ASP E 282 -23.94 37.90 -16.81
N LEU E 283 -23.01 38.14 -15.86
CA LEU E 283 -22.93 37.30 -14.68
C LEU E 283 -24.13 37.48 -13.77
N ALA E 284 -24.88 38.56 -13.96
CA ALA E 284 -26.08 38.83 -13.19
C ALA E 284 -27.27 37.98 -13.66
N GLN E 285 -27.16 37.34 -14.83
CA GLN E 285 -28.25 36.49 -15.29
C GLN E 285 -28.18 35.12 -14.61
N VAL E 286 -29.35 34.64 -14.20
CA VAL E 286 -29.47 33.43 -13.40
C VAL E 286 -29.12 32.23 -14.28
N ARG E 287 -28.02 31.54 -13.91
CA ARG E 287 -27.65 30.29 -14.55
C ARG E 287 -28.34 29.17 -13.81
N ILE E 288 -29.09 28.34 -14.54
CA ILE E 288 -29.91 27.31 -13.95
C ILE E 288 -29.37 25.95 -14.38
N THR E 289 -29.28 25.02 -13.42
CA THR E 289 -28.80 23.67 -13.66
C THR E 289 -29.66 22.72 -12.84
N ALA E 290 -29.79 21.48 -13.32
CA ALA E 290 -30.60 20.48 -12.64
C ALA E 290 -29.88 19.96 -11.41
N ASP E 291 -30.65 19.65 -10.36
CA ASP E 291 -30.17 18.96 -9.18
C ASP E 291 -30.91 17.62 -9.08
N LYS E 292 -30.36 16.61 -9.74
CA LYS E 292 -31.01 15.30 -9.85
C LYS E 292 -31.31 14.74 -8.45
N GLN E 293 -30.32 14.82 -7.55
CA GLN E 293 -30.38 14.19 -6.25
C GLN E 293 -31.53 14.76 -5.41
N LYS E 294 -31.83 16.06 -5.52
CA LYS E 294 -32.89 16.68 -4.72
C LYS E 294 -34.16 16.84 -5.55
N ASN E 295 -34.11 16.39 -6.82
CA ASN E 295 -35.28 16.42 -7.70
C ASN E 295 -35.70 17.87 -7.96
N GLY E 296 -34.70 18.74 -8.15
CA GLY E 296 -34.98 20.17 -8.30
C GLY E 296 -33.90 20.82 -9.13
N ILE E 297 -33.57 22.08 -8.80
CA ILE E 297 -32.61 22.82 -9.58
C ILE E 297 -31.74 23.61 -8.63
N MET E 298 -30.58 24.05 -9.15
CA MET E 298 -29.68 24.97 -8.48
C MET E 298 -29.39 26.12 -9.44
N ALA E 299 -29.08 27.29 -8.86
CA ALA E 299 -28.79 28.44 -9.70
C ALA E 299 -27.74 29.29 -9.03
N ASN E 300 -27.02 30.06 -9.86
CA ASN E 300 -25.91 30.87 -9.43
C ASN E 300 -25.96 32.15 -10.26
N PHE E 301 -25.68 33.29 -9.62
CA PHE E 301 -25.53 34.52 -10.38
C PHE E 301 -24.94 35.58 -9.45
N LYS E 302 -24.42 36.67 -10.04
CA LYS E 302 -23.81 37.73 -9.27
C LYS E 302 -24.48 39.05 -9.64
N ILE E 303 -25.30 39.56 -8.72
CA ILE E 303 -26.00 40.82 -8.92
C ILE E 303 -25.04 41.95 -8.56
N ARG E 304 -25.20 43.10 -9.22
CA ARG E 304 -24.39 44.28 -8.90
C ARG E 304 -25.30 45.43 -8.47
N HIS E 305 -24.83 46.24 -7.51
CA HIS E 305 -25.56 47.40 -6.99
C HIS E 305 -24.63 48.62 -6.99
N ASN E 306 -25.11 49.73 -7.55
CA ASN E 306 -24.36 50.99 -7.49
C ASN E 306 -24.36 51.52 -6.06
N VAL E 307 -23.17 51.87 -5.56
CA VAL E 307 -22.96 52.53 -4.29
C VAL E 307 -22.93 54.04 -4.56
N GLU E 308 -23.37 54.83 -3.57
CA GLU E 308 -23.50 56.29 -3.70
C GLU E 308 -22.15 56.94 -3.96
N ASP E 309 -21.06 56.33 -3.46
CA ASP E 309 -19.71 56.88 -3.58
C ASP E 309 -19.19 56.70 -5.01
N GLY E 310 -19.95 55.97 -5.84
CA GLY E 310 -19.60 55.79 -7.25
C GLY E 310 -19.08 54.39 -7.56
N SER E 311 -18.83 53.57 -6.55
CA SER E 311 -18.37 52.20 -6.80
C SER E 311 -19.54 51.26 -7.05
N VAL E 312 -19.25 49.96 -7.10
CA VAL E 312 -20.24 48.94 -7.40
C VAL E 312 -20.04 47.81 -6.38
N GLN E 313 -21.12 47.40 -5.71
CA GLN E 313 -21.02 46.32 -4.76
C GLN E 313 -21.68 45.06 -5.32
N SER E 314 -20.96 43.93 -5.22
CA SER E 314 -21.42 42.65 -5.72
C SER E 314 -22.24 41.91 -4.69
N ALA E 315 -23.20 41.10 -5.17
CA ALA E 315 -23.98 40.21 -4.33
C ALA E 315 -24.00 38.82 -4.96
N ASP E 316 -23.28 37.89 -4.36
CA ASP E 316 -23.09 36.60 -4.97
C ASP E 316 -24.25 35.71 -4.52
N HIS E 317 -25.00 35.16 -5.48
CA HIS E 317 -26.19 34.39 -5.14
C HIS E 317 -25.97 32.92 -5.43
N TYR E 318 -26.35 32.07 -4.45
CA TYR E 318 -26.41 30.63 -4.57
C TYR E 318 -27.82 30.21 -4.20
N GLN E 319 -28.46 29.44 -5.07
CA GLN E 319 -29.86 29.14 -4.95
C GLN E 319 -30.10 27.65 -5.16
N GLN E 320 -31.04 27.08 -4.39
CA GLN E 320 -31.48 25.70 -4.51
C GLN E 320 -33.01 25.69 -4.41
N ASN E 321 -33.67 25.03 -5.37
CA ASN E 321 -35.12 24.91 -5.37
C ASN E 321 -35.52 23.44 -5.35
N THR E 322 -36.45 23.09 -4.45
CA THR E 322 -36.93 21.73 -4.24
C THR E 322 -38.45 21.76 -4.29
N PRO E 323 -39.12 20.82 -5.00
CA PRO E 323 -40.58 20.77 -5.02
C PRO E 323 -41.14 20.46 -3.63
N ILE E 324 -42.28 21.06 -3.30
CA ILE E 324 -43.00 20.75 -2.07
C ILE E 324 -43.79 19.45 -2.27
N GLY E 325 -44.47 19.32 -3.42
CA GLY E 325 -45.34 18.20 -3.70
C GLY E 325 -44.56 16.94 -4.07
N ASP E 326 -45.30 15.83 -4.18
CA ASP E 326 -44.72 14.53 -4.50
C ASP E 326 -44.81 14.28 -6.00
N GLY E 327 -45.52 15.17 -6.71
CA GLY E 327 -45.81 14.94 -8.11
C GLY E 327 -44.55 15.03 -8.98
N PRO E 328 -44.63 14.67 -10.28
CA PRO E 328 -43.44 14.68 -11.14
C PRO E 328 -43.12 16.11 -11.57
N VAL E 329 -41.83 16.40 -11.74
CA VAL E 329 -41.41 17.75 -12.08
C VAL E 329 -40.51 17.68 -13.32
N LEU E 330 -40.40 18.80 -14.03
CA LEU E 330 -39.47 18.92 -15.15
C LEU E 330 -38.09 19.30 -14.63
N LEU E 331 -37.11 18.43 -14.89
CA LEU E 331 -35.72 18.72 -14.57
C LEU E 331 -35.05 19.24 -15.84
N PRO E 332 -34.62 20.53 -15.86
CA PRO E 332 -34.14 21.18 -17.08
C PRO E 332 -32.72 20.82 -17.52
N ASP E 333 -32.44 21.06 -18.80
CA ASP E 333 -31.09 21.22 -19.29
C ASP E 333 -30.60 22.58 -18.83
N ASN E 334 -29.27 22.78 -18.85
CA ASN E 334 -28.70 24.04 -18.44
C ASN E 334 -29.26 25.15 -19.33
N HIS E 335 -29.60 26.30 -18.72
CA HIS E 335 -30.00 27.48 -19.46
C HIS E 335 -29.90 28.68 -18.51
N TYR E 336 -30.42 29.84 -18.92
CA TYR E 336 -30.37 31.01 -18.06
C TYR E 336 -31.64 31.85 -18.18
N LEU E 337 -31.80 32.80 -17.25
CA LEU E 337 -32.92 33.73 -17.27
C LEU E 337 -32.37 35.13 -17.49
N SER E 338 -33.04 35.87 -18.36
CA SER E 338 -32.69 37.25 -18.67
C SER E 338 -33.73 38.18 -18.03
N THR E 339 -33.28 39.11 -17.20
CA THR E 339 -34.19 39.91 -16.39
C THR E 339 -33.94 41.40 -16.63
N GLN E 340 -35.01 42.16 -16.86
CA GLN E 340 -34.91 43.61 -16.84
C GLN E 340 -35.75 44.07 -15.66
N SER E 341 -35.19 44.90 -14.78
CA SER E 341 -35.96 45.34 -13.63
C SER E 341 -35.99 46.85 -13.56
N VAL E 342 -37.15 47.42 -13.19
CA VAL E 342 -37.24 48.87 -13.01
C VAL E 342 -37.84 49.15 -11.64
N LEU E 343 -37.08 49.89 -10.83
CA LEU E 343 -37.50 50.31 -9.51
C LEU E 343 -38.02 51.74 -9.60
N SER E 344 -39.13 52.00 -8.88
CA SER E 344 -39.70 53.34 -8.91
C SER E 344 -40.48 53.57 -7.62
N LYS E 345 -41.01 54.79 -7.49
CA LYS E 345 -41.81 55.19 -6.36
C LYS E 345 -43.20 55.56 -6.82
N ASP E 346 -44.18 55.25 -5.96
CA ASP E 346 -45.54 55.72 -6.12
C ASP E 346 -45.64 57.07 -5.42
N PRO E 347 -45.88 58.19 -6.15
CA PRO E 347 -45.85 59.53 -5.54
C PRO E 347 -46.91 59.70 -4.46
N ASN E 348 -47.94 58.84 -4.48
CA ASN E 348 -49.07 58.98 -3.58
C ASN E 348 -48.90 58.06 -2.36
N GLU E 349 -47.76 57.35 -2.26
CA GLU E 349 -47.52 56.38 -1.21
C GLU E 349 -46.55 57.00 -0.19
N LYS E 350 -47.02 57.11 1.06
CA LYS E 350 -46.32 57.84 2.10
C LYS E 350 -45.43 56.87 2.88
N ARG E 351 -45.72 55.56 2.79
CA ARG E 351 -44.92 54.57 3.51
C ARG E 351 -43.68 54.21 2.71
N ASP E 352 -42.67 53.66 3.40
CA ASP E 352 -41.46 53.09 2.81
C ASP E 352 -41.85 51.92 1.89
N HIS E 353 -41.49 52.02 0.60
CA HIS E 353 -42.08 51.13 -0.36
C HIS E 353 -41.22 51.01 -1.61
N MET E 354 -41.54 50.00 -2.43
CA MET E 354 -40.86 49.83 -3.70
C MET E 354 -41.90 49.42 -4.74
N VAL E 355 -41.93 50.16 -5.87
CA VAL E 355 -42.67 49.72 -7.04
C VAL E 355 -41.65 49.06 -7.96
N LEU E 356 -41.96 47.81 -8.36
CA LEU E 356 -41.06 47.02 -9.17
C LEU E 356 -41.81 46.53 -10.40
N LEU E 357 -41.18 46.73 -11.57
CA LEU E 357 -41.66 46.17 -12.81
C LEU E 357 -40.55 45.30 -13.40
N GLU E 358 -40.88 44.05 -13.72
CA GLU E 358 -39.86 43.10 -14.12
C GLU E 358 -40.28 42.28 -15.32
N PHE E 359 -39.32 42.01 -16.19
CA PHE E 359 -39.53 41.19 -17.38
C PHE E 359 -38.47 40.09 -17.34
N VAL E 360 -38.94 38.85 -17.37
CA VAL E 360 -38.09 37.68 -17.23
C VAL E 360 -38.32 36.79 -18.44
N THR E 361 -37.23 36.47 -19.17
CA THR E 361 -37.31 35.56 -20.29
C THR E 361 -36.22 34.49 -20.16
N ALA E 362 -36.59 33.24 -20.45
CA ALA E 362 -35.66 32.13 -20.43
C ALA E 362 -34.92 32.10 -21.77
N ALA E 363 -33.64 31.71 -21.74
CA ALA E 363 -32.84 31.70 -22.95
C ALA E 363 -31.70 30.70 -22.81
N GLY E 364 -30.80 30.72 -23.81
CA GLY E 364 -29.71 29.78 -23.93
C GLY E 364 -30.07 28.63 -24.86
N LYS E 383 -48.69 20.27 -16.57
CA LYS E 383 -50.09 20.47 -16.07
C LYS E 383 -50.14 21.79 -15.29
N GLY E 384 -49.10 22.04 -14.49
CA GLY E 384 -48.93 23.29 -13.77
C GLY E 384 -48.72 24.49 -14.72
N GLU E 385 -48.12 24.25 -15.89
CA GLU E 385 -47.96 25.30 -16.87
C GLU E 385 -49.30 25.98 -17.17
N GLU E 386 -50.40 25.22 -17.09
CA GLU E 386 -51.72 25.70 -17.51
C GLU E 386 -52.29 26.73 -16.53
N LEU E 387 -51.71 26.80 -15.33
CA LEU E 387 -52.15 27.73 -14.29
C LEU E 387 -51.70 29.15 -14.57
N PHE E 388 -50.83 29.35 -15.58
CA PHE E 388 -50.15 30.61 -15.80
C PHE E 388 -50.54 31.25 -17.13
N THR E 389 -51.54 30.70 -17.83
CA THR E 389 -51.86 31.16 -19.17
C THR E 389 -52.46 32.55 -19.17
N GLY E 390 -53.07 32.97 -18.04
CA GLY E 390 -53.61 34.32 -17.94
C GLY E 390 -52.87 35.13 -16.89
N VAL E 391 -53.43 36.29 -16.52
CA VAL E 391 -52.83 37.14 -15.50
C VAL E 391 -53.17 36.53 -14.14
N VAL E 392 -52.16 36.47 -13.25
CA VAL E 392 -52.28 35.76 -11.98
C VAL E 392 -51.89 36.70 -10.86
N PRO E 393 -52.76 36.92 -9.85
CA PRO E 393 -52.44 37.78 -8.71
C PRO E 393 -51.35 37.14 -7.84
N ILE E 394 -50.49 38.00 -7.27
CA ILE E 394 -49.33 37.59 -6.50
C ILE E 394 -49.42 38.23 -5.11
N LEU E 395 -48.97 37.46 -4.10
CA LEU E 395 -48.79 37.97 -2.75
C LEU E 395 -47.41 37.54 -2.25
N VAL E 396 -46.63 38.52 -1.78
CA VAL E 396 -45.30 38.31 -1.23
C VAL E 396 -45.31 38.79 0.21
N GLU E 397 -44.94 37.91 1.13
CA GLU E 397 -44.78 38.25 2.54
C GLU E 397 -43.38 37.82 2.95
N LEU E 398 -42.63 38.75 3.54
CA LEU E 398 -41.27 38.50 3.96
C LEU E 398 -41.09 38.95 5.41
N ASP E 399 -40.57 38.06 6.25
CA ASP E 399 -40.13 38.38 7.60
C ASP E 399 -38.60 38.33 7.62
N GLY E 400 -38.00 39.45 8.02
CA GLY E 400 -36.57 39.60 7.96
C GLY E 400 -35.96 39.94 9.32
N ASP E 401 -34.67 39.62 9.45
CA ASP E 401 -33.84 39.92 10.61
C ASP E 401 -32.40 40.10 10.12
N VAL E 402 -31.89 41.34 10.18
CA VAL E 402 -30.52 41.59 9.75
C VAL E 402 -29.78 42.20 10.94
N ASN E 403 -28.78 41.48 11.45
CA ASN E 403 -27.97 41.91 12.59
C ASN E 403 -28.90 42.29 13.75
N GLY E 404 -30.05 41.62 13.86
CA GLY E 404 -30.95 41.87 14.97
C GLY E 404 -32.02 42.93 14.66
N HIS E 405 -31.88 43.69 13.57
CA HIS E 405 -32.91 44.63 13.13
C HIS E 405 -34.05 43.87 12.44
N LYS E 406 -35.23 43.86 13.08
CA LYS E 406 -36.37 43.10 12.58
C LYS E 406 -37.20 43.98 11.65
N PHE E 407 -37.83 43.37 10.63
CA PHE E 407 -38.70 44.09 9.73
C PHE E 407 -39.58 43.13 8.96
N SER E 408 -40.69 43.65 8.43
CA SER E 408 -41.58 42.87 7.59
C SER E 408 -41.84 43.62 6.29
N VAL E 409 -42.05 42.84 5.21
CA VAL E 409 -42.42 43.39 3.92
C VAL E 409 -43.62 42.61 3.39
N ARG E 410 -44.61 43.35 2.86
CA ARG E 410 -45.74 42.74 2.17
C ARG E 410 -45.80 43.36 0.78
N GLY E 411 -45.93 42.51 -0.25
CA GLY E 411 -46.11 43.03 -1.60
C GLY E 411 -47.27 42.33 -2.31
N GLU E 412 -47.91 43.05 -3.22
CA GLU E 412 -49.05 42.58 -3.99
C GLU E 412 -48.94 43.12 -5.41
N GLY E 413 -49.50 42.38 -6.37
CA GLY E 413 -49.61 42.79 -7.76
C GLY E 413 -49.97 41.59 -8.63
N GLU E 414 -49.49 41.59 -9.89
CA GLU E 414 -49.87 40.55 -10.83
C GLU E 414 -48.66 40.05 -11.61
N GLY E 415 -48.75 38.79 -12.07
CA GLY E 415 -47.75 38.16 -12.90
C GLY E 415 -48.40 37.64 -14.18
N ASP E 416 -47.71 37.81 -15.31
CA ASP E 416 -48.17 37.39 -16.62
C ASP E 416 -47.09 36.58 -17.31
N ALA E 417 -47.10 35.25 -17.12
CA ALA E 417 -46.04 34.39 -17.62
C ALA E 417 -45.91 34.45 -19.14
N THR E 418 -47.01 34.77 -19.84
CA THR E 418 -47.02 34.75 -21.28
C THR E 418 -46.07 35.84 -21.80
N ASN E 419 -46.00 36.98 -21.11
CA ASN E 419 -45.13 38.08 -21.47
C ASN E 419 -43.91 38.15 -20.53
N GLY E 420 -43.92 37.31 -19.49
CA GLY E 420 -42.93 37.30 -18.44
C GLY E 420 -42.92 38.62 -17.65
N LYS E 421 -44.09 39.23 -17.43
CA LYS E 421 -44.22 40.55 -16.82
C LYS E 421 -44.67 40.40 -15.36
N LEU E 422 -43.95 41.09 -14.46
CA LEU E 422 -44.30 41.19 -13.04
C LEU E 422 -44.52 42.67 -12.73
N THR E 423 -45.63 42.99 -12.05
CA THR E 423 -45.85 44.34 -11.56
C THR E 423 -46.27 44.26 -10.10
N LEU E 424 -45.44 44.85 -9.21
CA LEU E 424 -45.58 44.62 -7.78
C LEU E 424 -45.31 45.90 -7.00
N LYS E 425 -46.10 46.10 -5.93
CA LYS E 425 -45.80 47.12 -4.95
C LYS E 425 -45.50 46.46 -3.61
N PHE E 426 -44.36 46.82 -3.02
CA PHE E 426 -43.95 46.28 -1.73
C PHE E 426 -43.99 47.40 -0.69
N ILE E 427 -44.58 47.08 0.47
CA ILE E 427 -44.62 47.97 1.62
C ILE E 427 -43.75 47.34 2.71
N CYS E 428 -42.94 48.19 3.38
CA CYS E 428 -42.40 47.79 4.66
C CYS E 428 -43.45 48.06 5.74
N THR E 429 -43.95 46.98 6.35
CA THR E 429 -45.08 46.99 7.27
C THR E 429 -44.66 47.50 8.65
N THR E 430 -43.34 47.52 8.93
CA THR E 430 -42.86 47.72 10.29
C THR E 430 -42.29 49.12 10.49
N GLY E 431 -42.36 49.99 9.47
CA GLY E 431 -41.80 51.32 9.58
C GLY E 431 -40.70 51.54 8.53
N LYS E 432 -39.50 51.96 8.95
CA LYS E 432 -38.39 52.19 8.02
C LYS E 432 -37.70 50.85 7.73
N LEU E 433 -37.41 50.61 6.43
CA LEU E 433 -36.70 49.42 6.02
C LEU E 433 -35.22 49.55 6.42
N PRO E 434 -34.68 48.65 7.26
CA PRO E 434 -33.31 48.79 7.75
C PRO E 434 -32.21 48.47 6.74
N VAL E 435 -32.61 47.98 5.56
CA VAL E 435 -31.69 47.68 4.47
C VAL E 435 -32.19 48.43 3.23
N PRO E 436 -31.36 48.60 2.19
CA PRO E 436 -31.82 49.18 0.92
C PRO E 436 -32.72 48.24 0.14
N TRP E 437 -33.80 48.79 -0.44
CA TRP E 437 -34.72 48.02 -1.24
C TRP E 437 -33.98 47.20 -2.30
N PRO E 438 -33.05 47.75 -3.10
CA PRO E 438 -32.34 46.94 -4.10
C PRO E 438 -31.85 45.57 -3.63
N THR E 439 -31.44 45.48 -2.36
CA THR E 439 -30.84 44.26 -1.88
C THR E 439 -31.90 43.19 -1.64
N LEU E 440 -33.20 43.59 -1.75
CA LEU E 440 -34.29 42.66 -1.46
C LEU E 440 -34.96 42.15 -2.74
N VAL E 441 -34.67 42.83 -3.85
CA VAL E 441 -35.34 42.54 -5.11
C VAL E 441 -35.34 41.03 -5.40
N THR E 442 -34.17 40.37 -5.38
CA THR E 442 -34.08 38.98 -5.86
C THR E 442 -34.78 38.03 -4.89
N THR E 443 -34.86 38.39 -3.60
CA THR E 443 -35.54 37.58 -2.62
C THR E 443 -37.06 37.69 -2.82
N LEU E 444 -37.52 38.95 -2.93
CA LEU E 444 -38.93 39.27 -3.10
C LEU E 444 -39.40 38.69 -4.44
N VAL E 446 -40.23 35.13 -7.94
CA VAL E 446 -41.31 34.21 -8.40
C VAL E 446 -41.01 33.82 -9.83
N GLN E 447 -40.01 32.93 -9.96
CA GLN E 447 -39.44 32.65 -11.27
C GLN E 447 -40.41 31.80 -12.08
N CYS E 448 -41.51 31.40 -11.45
CA CYS E 448 -42.58 30.70 -12.16
C CYS E 448 -43.26 31.64 -13.16
N PHE E 449 -42.93 32.94 -13.10
CA PHE E 449 -43.52 33.89 -14.04
C PHE E 449 -42.60 34.20 -15.23
N SER E 450 -41.48 33.48 -15.41
CA SER E 450 -40.65 33.72 -16.57
C SER E 450 -41.37 33.26 -17.83
N ARG E 451 -41.17 34.00 -18.93
CA ARG E 451 -41.59 33.52 -20.24
C ARG E 451 -40.58 32.47 -20.69
N TYR E 452 -41.02 31.22 -20.74
CA TYR E 452 -40.29 30.17 -21.43
C TYR E 452 -40.81 30.10 -22.86
N PRO E 453 -39.96 30.32 -23.89
CA PRO E 453 -40.40 30.14 -25.28
C PRO E 453 -40.88 28.70 -25.46
N ASP E 454 -41.76 28.48 -26.44
CA ASP E 454 -42.37 27.17 -26.63
C ASP E 454 -41.32 26.06 -26.76
N HIS E 455 -40.21 26.31 -27.46
CA HIS E 455 -39.18 25.29 -27.67
C HIS E 455 -38.40 25.02 -26.38
N MET E 456 -38.72 25.71 -25.28
CA MET E 456 -38.02 25.48 -24.02
C MET E 456 -38.97 25.07 -22.89
N LYS E 457 -40.25 24.87 -23.20
CA LYS E 457 -41.25 24.62 -22.17
C LYS E 457 -40.91 23.36 -21.38
N GLN E 458 -40.12 22.46 -21.99
CA GLN E 458 -39.64 21.22 -21.40
C GLN E 458 -38.71 21.49 -20.21
N HIS E 459 -38.23 22.74 -20.08
CA HIS E 459 -37.18 23.08 -19.13
C HIS E 459 -37.70 24.03 -18.05
N ASP E 460 -39.02 24.12 -17.89
CA ASP E 460 -39.60 25.05 -16.94
C ASP E 460 -39.93 24.29 -15.65
N PHE E 461 -38.93 24.20 -14.78
CA PHE E 461 -39.13 23.55 -13.50
C PHE E 461 -40.18 24.28 -12.67
N PHE E 462 -40.11 25.61 -12.67
CA PHE E 462 -40.86 26.44 -11.74
C PHE E 462 -42.35 26.18 -11.87
N LYS E 463 -42.86 26.22 -13.12
CA LYS E 463 -44.28 26.01 -13.34
C LYS E 463 -44.65 24.54 -13.08
N SER E 464 -43.71 23.63 -13.34
CA SER E 464 -44.02 22.21 -13.26
C SER E 464 -44.35 21.80 -11.83
N ALA E 465 -43.76 22.48 -10.84
CA ALA E 465 -43.97 22.12 -9.45
C ALA E 465 -45.28 22.69 -8.90
N MET E 466 -46.00 23.49 -9.70
CA MET E 466 -47.25 24.07 -9.22
C MET E 466 -48.38 23.06 -9.37
N PRO E 467 -49.46 23.12 -8.55
CA PRO E 467 -49.68 24.21 -7.60
C PRO E 467 -49.13 23.95 -6.20
N GLU E 468 -48.63 22.74 -5.97
CA GLU E 468 -48.15 22.37 -4.65
C GLU E 468 -47.03 23.34 -4.26
N GLY E 469 -46.20 23.69 -5.25
CA GLY E 469 -45.18 24.73 -5.11
C GLY E 469 -43.77 24.18 -4.91
N TYR E 470 -42.84 25.06 -4.56
CA TYR E 470 -41.46 24.69 -4.31
C TYR E 470 -40.92 25.54 -3.16
N VAL E 471 -39.82 25.05 -2.57
CA VAL E 471 -39.05 25.77 -1.58
C VAL E 471 -37.88 26.40 -2.32
N GLN E 472 -37.60 27.68 -2.03
CA GLN E 472 -36.46 28.36 -2.61
C GLN E 472 -35.53 28.83 -1.49
N GLU E 473 -34.29 28.33 -1.50
CA GLU E 473 -33.28 28.68 -0.51
C GLU E 473 -32.16 29.44 -1.20
N ARG E 474 -31.62 30.46 -0.54
CA ARG E 474 -30.47 31.16 -1.11
C ARG E 474 -29.52 31.57 0.00
N THR E 475 -28.24 31.68 -0.39
CA THR E 475 -27.23 32.45 0.31
C THR E 475 -26.88 33.61 -0.61
N ILE E 476 -26.92 34.84 -0.07
CA ILE E 476 -26.48 35.99 -0.83
C ILE E 476 -25.35 36.65 -0.04
N SER E 477 -24.13 36.61 -0.63
CA SER E 477 -22.95 37.18 0.00
C SER E 477 -22.62 38.53 -0.62
N PHE E 478 -22.63 39.60 0.20
CA PHE E 478 -22.23 40.91 -0.27
C PHE E 478 -20.73 41.06 -0.07
N LYS E 479 -20.00 41.43 -1.13
CA LYS E 479 -18.56 41.62 -1.06
C LYS E 479 -18.22 42.55 0.10
N ASP E 480 -17.36 42.08 1.03
CA ASP E 480 -16.79 42.90 2.10
C ASP E 480 -17.91 43.33 3.05
N ASP E 481 -18.94 42.49 3.20
CA ASP E 481 -20.05 42.80 4.09
C ASP E 481 -20.70 41.48 4.49
N GLY E 482 -21.94 41.53 4.97
CA GLY E 482 -22.58 40.35 5.52
C GLY E 482 -23.24 39.46 4.45
N THR E 483 -24.01 38.50 4.98
CA THR E 483 -24.67 37.51 4.16
C THR E 483 -26.17 37.46 4.50
N TYR E 484 -27.02 37.37 3.47
CA TYR E 484 -28.41 37.00 3.66
C TYR E 484 -28.57 35.50 3.46
N LYS E 485 -29.34 34.85 4.36
CA LYS E 485 -29.78 33.48 4.21
C LYS E 485 -31.31 33.51 4.14
N THR E 486 -31.87 32.91 3.08
CA THR E 486 -33.28 33.04 2.78
C THR E 486 -33.89 31.66 2.58
N ARG E 487 -35.13 31.49 3.05
CA ARG E 487 -35.92 30.30 2.80
C ARG E 487 -37.35 30.74 2.47
N ALA E 488 -37.82 30.35 1.29
CA ALA E 488 -39.12 30.79 0.80
C ALA E 488 -39.94 29.62 0.29
N GLU E 489 -41.26 29.70 0.50
CA GLU E 489 -42.21 28.76 -0.08
C GLU E 489 -42.99 29.54 -1.12
N VAL E 490 -42.99 29.01 -2.36
CA VAL E 490 -43.73 29.59 -3.47
C VAL E 490 -44.76 28.56 -3.88
N LYS E 491 -46.04 28.91 -3.69
CA LYS E 491 -47.14 27.98 -3.89
C LYS E 491 -48.40 28.78 -4.17
N PHE E 492 -49.41 28.14 -4.77
CA PHE E 492 -50.75 28.70 -4.90
C PHE E 492 -51.50 28.58 -3.57
N GLU E 493 -52.15 29.67 -3.15
CA GLU E 493 -53.19 29.63 -2.15
C GLU E 493 -54.43 30.19 -2.80
N GLY E 494 -55.35 29.29 -3.18
CA GLY E 494 -56.47 29.68 -4.00
C GLY E 494 -56.00 30.10 -5.38
N ASP E 495 -56.31 31.34 -5.76
CA ASP E 495 -55.99 31.88 -7.07
C ASP E 495 -54.68 32.67 -7.03
N THR E 496 -54.14 32.86 -5.83
CA THR E 496 -53.00 33.73 -5.68
C THR E 496 -51.71 32.89 -5.64
N LEU E 497 -50.70 33.34 -6.40
CA LEU E 497 -49.39 32.78 -6.21
C LEU E 497 -48.74 33.49 -5.04
N VAL E 498 -48.30 32.72 -4.05
CA VAL E 498 -47.80 33.29 -2.81
C VAL E 498 -46.33 32.93 -2.65
N ASN E 499 -45.53 33.96 -2.33
CA ASN E 499 -44.12 33.81 -2.00
C ASN E 499 -43.93 34.28 -0.56
N ARG E 500 -43.77 33.32 0.37
CA ARG E 500 -43.59 33.62 1.78
C ARG E 500 -42.13 33.35 2.15
N ILE E 501 -41.46 34.34 2.76
CA ILE E 501 -40.01 34.29 2.91
C ILE E 501 -39.62 34.59 4.36
N GLU E 502 -38.68 33.81 4.89
CA GLU E 502 -37.91 34.14 6.08
C GLU E 502 -36.51 34.51 5.63
N LEU E 503 -36.00 35.67 6.08
CA LEU E 503 -34.64 36.09 5.75
C LEU E 503 -33.86 36.38 7.04
N LYS E 504 -32.65 35.83 7.16
CA LYS E 504 -31.74 36.13 8.26
C LYS E 504 -30.44 36.66 7.67
N GLY E 505 -30.05 37.87 8.08
CA GLY E 505 -28.77 38.45 7.70
C GLY E 505 -27.83 38.51 8.90
N ILE E 506 -26.55 38.16 8.68
CA ILE E 506 -25.56 38.16 9.74
C ILE E 506 -24.27 38.78 9.22
N ASP E 507 -23.52 39.40 10.15
CA ASP E 507 -22.14 39.86 9.98
C ASP E 507 -22.08 41.10 9.10
N PHE E 508 -23.10 41.96 9.19
CA PHE E 508 -23.07 43.20 8.42
C PHE E 508 -22.36 44.26 9.26
N LYS E 509 -21.70 45.20 8.58
CA LYS E 509 -21.20 46.41 9.22
C LYS E 509 -22.35 47.41 9.38
N GLU E 510 -22.53 47.91 10.61
CA GLU E 510 -23.56 48.89 10.93
C GLU E 510 -23.35 50.15 10.10
N ASP E 511 -22.11 50.43 9.71
CA ASP E 511 -21.76 51.62 8.96
C ASP E 511 -21.46 51.26 7.50
N GLY E 512 -21.81 50.04 7.07
CA GLY E 512 -21.54 49.56 5.72
C GLY E 512 -22.56 50.03 4.70
N ASN E 513 -22.43 49.54 3.45
CA ASN E 513 -23.29 49.99 2.36
C ASN E 513 -24.74 49.57 2.60
N ILE E 514 -24.94 48.47 3.33
CA ILE E 514 -26.26 47.91 3.53
C ILE E 514 -26.93 48.58 4.74
N LEU E 515 -26.37 48.39 5.93
CA LEU E 515 -27.06 48.87 7.12
C LEU E 515 -26.99 50.40 7.21
N GLY E 516 -26.05 51.01 6.47
CA GLY E 516 -25.89 52.46 6.46
C GLY E 516 -26.47 53.13 5.20
N HIS E 517 -27.24 52.37 4.39
CA HIS E 517 -28.01 52.87 3.26
C HIS E 517 -27.16 53.71 2.32
N LYS E 518 -26.18 53.09 1.66
CA LYS E 518 -25.31 53.81 0.75
C LYS E 518 -25.50 53.34 -0.69
N LEU E 519 -26.60 52.63 -0.98
CA LEU E 519 -26.85 52.08 -2.30
C LEU E 519 -27.88 52.92 -3.04
N GLU E 520 -27.62 53.20 -4.31
CA GLU E 520 -28.54 53.96 -5.13
C GLU E 520 -29.85 53.18 -5.31
N TYR E 521 -30.94 53.91 -5.48
CA TYR E 521 -32.25 53.30 -5.63
C TYR E 521 -32.49 53.04 -7.12
N ASN E 522 -31.85 51.99 -7.65
CA ASN E 522 -32.02 51.63 -9.05
C ASN E 522 -31.42 50.23 -9.30
N TRP E 523 -31.33 49.86 -10.58
CA TRP E 523 -30.82 48.58 -11.04
C TRP E 523 -29.83 48.82 -12.18
N ASN E 524 -29.23 50.04 -12.21
CA ASN E 524 -28.40 50.52 -13.29
C ASN E 524 -27.13 49.67 -13.46
N ALA E 525 -26.56 49.17 -12.35
CA ALA E 525 -25.34 48.40 -12.39
C ALA E 525 -25.50 47.15 -13.26
N ASN E 526 -26.74 46.75 -13.50
CA ASN E 526 -27.02 45.50 -14.17
C ASN E 526 -27.29 45.73 -15.66
N LEU E 527 -27.26 46.99 -16.11
CA LEU E 527 -27.61 47.33 -17.49
C LEU E 527 -26.50 46.95 -18.47
N ALA E 528 -25.23 47.35 -18.21
CA ALA E 528 -24.12 46.97 -19.08
C ALA E 528 -23.64 45.54 -18.78
N PRO E 529 -23.81 44.60 -19.75
CA PRO E 529 -23.31 43.24 -19.59
C PRO E 529 -21.81 43.22 -19.39
N ASN E 530 -21.29 42.12 -18.83
CA ASN E 530 -19.89 42.08 -18.45
C ASN E 530 -19.18 40.84 -19.01
N LEU E 531 -19.87 40.04 -19.82
CA LEU E 531 -19.26 38.90 -20.49
C LEU E 531 -18.96 39.25 -21.95
N PRO E 532 -17.86 38.70 -22.51
CA PRO E 532 -17.49 38.96 -23.92
C PRO E 532 -18.56 38.54 -24.92
N THR E 533 -19.39 37.58 -24.54
CA THR E 533 -20.36 37.04 -25.48
C THR E 533 -21.47 38.05 -25.76
N ALA E 534 -21.54 39.13 -24.98
CA ALA E 534 -22.60 40.12 -25.18
C ALA E 534 -22.18 41.17 -26.19
N TYR E 535 -20.93 41.10 -26.66
CA TYR E 535 -20.40 42.18 -27.49
C TYR E 535 -19.81 41.60 -28.77
N VAL E 536 -20.43 40.55 -29.31
CA VAL E 536 -19.97 39.97 -30.56
C VAL E 536 -20.01 41.05 -31.65
N LYS E 537 -21.04 41.88 -31.68
CA LYS E 537 -21.19 42.97 -32.63
C LYS E 537 -19.94 43.86 -32.65
N ASP E 538 -19.28 44.04 -31.50
CA ASP E 538 -18.16 44.96 -31.40
C ASP E 538 -16.81 44.22 -31.46
N GLN E 539 -16.82 42.89 -31.56
CA GLN E 539 -15.61 42.09 -31.48
C GLN E 539 -14.81 42.26 -32.77
N ILE E 540 -13.48 42.19 -32.63
CA ILE E 540 -12.56 42.04 -33.73
C ILE E 540 -11.68 40.82 -33.44
N THR E 541 -11.68 39.86 -34.37
CA THR E 541 -10.99 38.60 -34.11
C THR E 541 -9.50 38.78 -34.42
N LEU E 542 -8.64 38.61 -33.39
CA LEU E 542 -7.21 38.64 -33.62
C LEU E 542 -6.77 37.38 -34.36
N ASP E 543 -5.87 37.56 -35.34
CA ASP E 543 -5.57 36.45 -36.21
C ASP E 543 -4.41 35.64 -35.65
N PHE E 544 -4.74 34.60 -34.91
CA PHE E 544 -3.72 33.89 -34.15
C PHE E 544 -2.95 32.96 -35.08
N ALA E 545 -3.53 32.61 -36.24
CA ALA E 545 -2.82 31.81 -37.22
C ALA E 545 -1.72 32.67 -37.88
N TYR E 546 -2.06 33.93 -38.18
CA TYR E 546 -1.09 34.90 -38.67
C TYR E 546 0.05 35.05 -37.66
N TRP E 547 -0.30 35.13 -36.37
CA TRP E 547 0.72 35.33 -35.35
C TRP E 547 1.53 34.05 -35.15
N ALA E 548 0.91 32.89 -35.34
CA ALA E 548 1.69 31.67 -35.21
C ALA E 548 2.83 31.69 -36.25
N LYS E 549 2.52 32.05 -37.51
CA LYS E 549 3.51 31.99 -38.58
C LYS E 549 4.50 33.15 -38.47
N ASN E 550 4.02 34.37 -38.15
CA ASN E 550 4.85 35.57 -38.34
C ASN E 550 5.40 36.12 -37.03
N GLY E 551 4.93 35.59 -35.89
CA GLY E 551 5.33 35.98 -34.55
C GLY E 551 6.83 36.19 -34.40
N PRO E 552 7.72 35.20 -34.65
CA PRO E 552 9.16 35.42 -34.51
C PRO E 552 9.68 36.67 -35.21
N ALA E 553 9.25 36.90 -36.46
CA ALA E 553 9.70 38.05 -37.22
C ALA E 553 9.19 39.36 -36.63
N ILE E 554 7.93 39.36 -36.16
CA ILE E 554 7.35 40.54 -35.55
C ILE E 554 8.08 40.84 -34.24
N ALA E 555 8.33 39.79 -33.44
CA ALA E 555 9.03 39.93 -32.18
C ALA E 555 10.35 40.68 -32.40
N THR E 556 11.15 40.22 -33.37
CA THR E 556 12.41 40.87 -33.66
C THR E 556 12.16 42.35 -33.98
N ARG E 557 11.19 42.68 -34.84
CA ARG E 557 10.92 44.06 -35.18
C ARG E 557 10.45 44.85 -33.95
N TRP E 558 9.67 44.21 -33.08
CA TRP E 558 9.09 44.83 -31.88
C TRP E 558 10.19 45.18 -30.87
N ASN E 559 11.08 44.21 -30.64
CA ASN E 559 12.21 44.34 -29.73
C ASN E 559 13.14 45.47 -30.20
N GLU E 560 13.45 45.51 -31.50
CA GLU E 560 14.25 46.56 -32.11
C GLU E 560 13.60 47.92 -31.82
N TRP E 561 12.28 48.02 -32.00
CA TRP E 561 11.58 49.28 -31.84
C TRP E 561 11.57 49.74 -30.37
N LEU E 562 11.87 48.83 -29.45
CA LEU E 562 12.47 49.28 -28.18
C LEU E 562 14.02 49.29 -28.34
N HIS F 6 20.17 63.94 56.39
CA HIS F 6 19.02 63.02 56.64
C HIS F 6 19.39 61.57 56.33
N HIS F 7 19.50 60.77 57.38
CA HIS F 7 19.95 59.41 57.21
C HIS F 7 18.72 58.51 57.19
N GLU F 8 18.71 57.53 56.27
CA GLU F 8 17.65 56.53 56.22
C GLU F 8 18.26 55.15 56.45
N SER F 9 17.45 54.22 57.01
CA SER F 9 17.88 52.86 57.27
C SER F 9 16.73 51.88 56.98
N ILE F 10 17.07 50.73 56.41
CA ILE F 10 16.14 49.66 56.09
C ILE F 10 16.55 48.42 56.89
N ASN F 11 15.54 47.66 57.34
CA ASN F 11 15.74 46.33 57.88
C ASN F 11 15.39 45.31 56.78
N PHE F 12 16.36 44.47 56.36
CA PHE F 12 16.19 43.46 55.34
C PHE F 12 16.15 42.07 55.96
N VAL F 13 15.09 41.31 55.65
CA VAL F 13 14.83 40.05 56.35
C VAL F 13 14.87 38.90 55.34
N SER F 14 15.69 37.89 55.60
CA SER F 14 15.82 36.78 54.67
C SER F 14 16.06 35.48 55.42
N TRP F 15 16.72 34.51 54.76
CA TRP F 15 16.73 33.15 55.25
C TRP F 15 18.01 32.82 56.01
N GLY F 16 18.87 33.82 56.25
CA GLY F 16 20.09 33.65 57.02
C GLY F 16 21.17 32.86 56.28
N GLY F 17 22.31 32.68 56.94
CA GLY F 17 23.40 31.84 56.47
C GLY F 17 24.04 32.37 55.19
N SER F 18 24.57 31.44 54.39
CA SER F 18 25.28 31.75 53.17
C SER F 18 24.40 32.53 52.18
N THR F 19 23.09 32.28 52.17
CA THR F 19 22.26 32.99 51.20
C THR F 19 22.14 34.46 51.60
N GLN F 20 22.01 34.71 52.89
CA GLN F 20 21.75 36.07 53.32
C GLN F 20 23.06 36.86 53.28
N ASP F 21 24.17 36.18 53.56
CA ASP F 21 25.51 36.74 53.38
C ASP F 21 25.67 37.22 51.95
N ALA F 22 25.31 36.35 50.99
CA ALA F 22 25.35 36.72 49.58
C ALA F 22 24.44 37.91 49.30
N GLN F 23 23.25 37.96 49.90
CA GLN F 23 22.35 39.08 49.63
C GLN F 23 22.94 40.38 50.20
N LYS F 24 23.58 40.29 51.38
CA LYS F 24 24.25 41.45 51.90
C LYS F 24 25.35 41.95 50.94
N GLN F 25 26.15 41.00 50.48
CA GLN F 25 27.31 41.32 49.65
C GLN F 25 26.87 41.83 48.28
N ALA F 26 25.85 41.20 47.67
CA ALA F 26 25.48 41.52 46.30
C ALA F 26 24.44 42.63 46.22
N TRP F 27 23.60 42.80 47.25
CA TRP F 27 22.53 43.79 47.20
C TRP F 27 22.79 44.96 48.16
N ALA F 28 23.03 44.68 49.44
CA ALA F 28 23.02 45.72 50.45
C ALA F 28 24.22 46.64 50.29
N ASP F 29 25.41 46.04 50.17
CA ASP F 29 26.65 46.81 50.12
C ASP F 29 26.66 47.77 48.92
N PRO F 30 26.47 47.31 47.68
CA PRO F 30 26.39 48.22 46.52
C PRO F 30 25.31 49.30 46.66
N PHE F 31 24.17 48.93 47.23
CA PHE F 31 23.06 49.86 47.37
C PHE F 31 23.40 50.96 48.37
N SER F 32 24.08 50.60 49.48
CA SER F 32 24.49 51.58 50.49
C SER F 32 25.53 52.52 49.90
N LYS F 33 26.55 51.94 49.26
CA LYS F 33 27.58 52.69 48.56
C LYS F 33 26.94 53.75 47.67
N ALA F 34 25.96 53.38 46.83
CA ALA F 34 25.32 54.29 45.90
C ALA F 34 24.41 55.32 46.59
N SER F 35 23.69 54.93 47.65
CA SER F 35 22.53 55.73 48.05
C SER F 35 22.72 56.33 49.44
N GLY F 36 23.67 55.81 50.21
CA GLY F 36 23.91 56.26 51.57
C GLY F 36 22.88 55.74 52.57
N ILE F 37 22.00 54.83 52.13
CA ILE F 37 20.97 54.25 53.01
C ILE F 37 21.54 52.99 53.69
N THR F 38 21.44 52.93 55.01
CA THR F 38 21.93 51.80 55.77
C THR F 38 21.02 50.60 55.60
N VAL F 39 21.60 49.39 55.49
CA VAL F 39 20.78 48.21 55.48
C VAL F 39 21.22 47.32 56.64
N VAL F 40 20.32 47.03 57.57
CA VAL F 40 20.62 46.08 58.63
C VAL F 40 20.04 44.73 58.25
N GLN F 41 20.81 43.66 58.45
CA GLN F 41 20.38 42.30 58.16
C GLN F 41 19.65 41.70 59.36
N ASP F 42 18.43 41.20 59.15
CA ASP F 42 17.67 40.56 60.20
C ASP F 42 17.02 39.27 59.69
N GLY F 43 16.30 38.56 60.56
CA GLY F 43 15.52 37.39 60.18
C GLY F 43 15.74 36.25 61.17
N PRO F 44 15.33 35.01 60.87
CA PRO F 44 14.89 34.63 59.52
C PRO F 44 13.44 34.98 59.20
N THR F 45 13.12 34.99 57.90
CA THR F 45 11.76 35.10 57.44
C THR F 45 10.88 34.14 58.22
N ASP F 46 9.76 34.69 58.70
CA ASP F 46 8.80 33.98 59.49
C ASP F 46 7.45 34.62 59.16
N TYR F 47 6.57 33.85 58.53
CA TYR F 47 5.32 34.38 58.03
C TYR F 47 4.40 34.83 59.17
N GLY F 48 4.42 34.07 60.27
CA GLY F 48 3.67 34.44 61.46
C GLY F 48 4.07 35.82 61.98
N LYS F 49 5.38 36.02 62.18
CA LYS F 49 5.88 37.26 62.76
C LYS F 49 5.53 38.44 61.83
N LEU F 50 5.52 38.19 60.52
CA LEU F 50 5.19 39.23 59.53
C LEU F 50 3.72 39.64 59.66
N LYS F 51 2.81 38.65 59.69
CA LYS F 51 1.39 38.91 59.84
C LYS F 51 1.17 39.69 61.15
N ALA F 52 1.80 39.22 62.23
CA ALA F 52 1.60 39.82 63.54
C ALA F 52 1.97 41.30 63.56
N MET F 53 3.17 41.64 63.07
CA MET F 53 3.62 43.02 63.15
C MET F 53 2.80 43.92 62.22
N VAL F 54 2.26 43.34 61.14
CA VAL F 54 1.47 44.11 60.19
C VAL F 54 0.13 44.45 60.84
N GLU F 55 -0.47 43.44 61.49
CA GLU F 55 -1.76 43.57 62.15
C GLU F 55 -1.67 44.53 63.34
N SER F 56 -0.53 44.50 64.06
CA SER F 56 -0.35 45.36 65.23
C SER F 56 -0.06 46.81 64.84
N GLY F 57 0.30 47.04 63.57
CA GLY F 57 0.63 48.37 63.08
C GLY F 57 2.03 48.83 63.49
N ASN F 58 2.81 47.96 64.17
CA ASN F 58 4.18 48.28 64.56
C ASN F 58 5.13 47.38 63.78
N VAL F 59 5.48 47.80 62.56
CA VAL F 59 6.27 46.99 61.63
C VAL F 59 7.75 47.29 61.84
N GLN F 60 8.54 46.24 62.08
CA GLN F 60 9.99 46.35 62.30
C GLN F 60 10.76 45.95 61.03
N TRP F 61 10.08 45.29 60.07
CA TRP F 61 10.68 44.70 58.87
C TRP F 61 10.32 45.49 57.61
N ASP F 62 11.35 45.92 56.84
CA ASP F 62 11.09 46.84 55.75
C ASP F 62 11.06 46.12 54.40
N VAL F 63 11.99 45.19 54.21
CA VAL F 63 12.06 44.40 53.00
C VAL F 63 12.21 42.96 53.44
N VAL F 64 11.36 42.07 52.91
CA VAL F 64 11.36 40.68 53.31
C VAL F 64 11.42 39.81 52.06
N ASP F 65 12.29 38.80 52.13
CA ASP F 65 12.41 37.73 51.14
C ASP F 65 11.44 36.61 51.50
N VAL F 66 10.48 36.29 50.61
CA VAL F 66 9.48 35.26 50.89
C VAL F 66 9.34 34.36 49.68
N GLU F 67 8.73 33.18 49.89
CA GLU F 67 8.40 32.27 48.79
C GLU F 67 7.20 32.83 47.99
N ALA F 68 7.17 32.54 46.69
CA ALA F 68 6.14 33.07 45.79
C ALA F 68 4.73 32.77 46.29
N ASP F 69 4.50 31.57 46.78
CA ASP F 69 3.15 31.20 47.22
C ASP F 69 2.70 32.15 48.34
N PHE F 70 3.58 32.42 49.29
CA PHE F 70 3.28 33.32 50.38
C PHE F 70 3.05 34.74 49.85
N ALA F 71 3.87 35.17 48.88
CA ALA F 71 3.74 36.52 48.36
C ALA F 71 2.32 36.74 47.80
N LEU F 72 1.77 35.75 47.10
CA LEU F 72 0.45 35.89 46.52
C LEU F 72 -0.60 35.93 47.63
N ARG F 73 -0.49 35.02 48.61
CA ARG F 73 -1.46 34.94 49.69
C ARG F 73 -1.44 36.24 50.48
N ALA F 74 -0.23 36.72 50.85
CA ALA F 74 -0.07 37.93 51.63
C ALA F 74 -0.61 39.15 50.88
N ALA F 75 -0.42 39.22 49.55
CA ALA F 75 -1.00 40.30 48.79
C ALA F 75 -2.53 40.26 48.88
N ALA F 76 -3.09 39.06 48.80
CA ALA F 76 -4.54 38.90 48.86
C ALA F 76 -5.09 39.26 50.26
N GLU F 77 -4.30 38.99 51.32
CA GLU F 77 -4.71 39.20 52.70
C GLU F 77 -4.44 40.65 53.14
N GLY F 78 -3.96 41.50 52.22
CA GLY F 78 -3.72 42.92 52.47
C GLY F 78 -2.51 43.21 53.37
N LEU F 79 -1.51 42.30 53.38
CA LEU F 79 -0.37 42.38 54.28
C LEU F 79 0.78 43.22 53.70
N LEU F 80 0.70 43.59 52.40
CA LEU F 80 1.85 44.15 51.73
C LEU F 80 1.57 45.53 51.16
N GLU F 81 2.61 46.37 51.10
CA GLU F 81 2.57 47.65 50.40
C GLU F 81 2.51 47.38 48.90
N PRO F 82 1.68 48.13 48.14
CA PRO F 82 1.75 48.05 46.68
C PRO F 82 3.08 48.66 46.28
N LEU F 83 3.75 48.06 45.29
CA LEU F 83 5.07 48.49 44.88
C LEU F 83 4.97 49.78 44.08
N ASP F 84 6.03 50.59 44.15
CA ASP F 84 6.08 51.85 43.41
C ASP F 84 6.88 51.65 42.12
N PHE F 85 6.16 51.56 41.01
CA PHE F 85 6.79 51.30 39.72
C PHE F 85 7.28 52.60 39.06
N SER F 86 7.22 53.73 39.78
CA SER F 86 7.94 54.90 39.32
C SER F 86 9.43 54.77 39.68
N VAL F 87 9.75 53.82 40.56
CA VAL F 87 11.12 53.65 41.05
C VAL F 87 11.65 52.29 40.58
N ILE F 88 10.82 51.24 40.70
CA ILE F 88 11.19 49.92 40.22
C ILE F 88 10.88 49.80 38.73
N GLN F 89 11.88 49.40 37.94
CA GLN F 89 11.70 49.27 36.50
C GLN F 89 11.02 47.93 36.21
N ARG F 90 9.69 47.97 36.15
CA ARG F 90 8.85 46.79 36.00
C ARG F 90 9.17 46.05 34.70
N ASP F 91 9.53 46.78 33.65
CA ASP F 91 9.67 46.22 32.30
C ASP F 91 10.89 45.30 32.23
N LYS F 92 11.80 45.40 33.21
CA LYS F 92 13.06 44.66 33.12
C LYS F 92 12.98 43.33 33.85
N ILE F 93 11.85 43.10 34.52
CA ILE F 93 11.74 41.93 35.38
C ILE F 93 11.02 40.82 34.62
N ASP F 94 11.54 39.59 34.75
CA ASP F 94 10.86 38.46 34.13
C ASP F 94 9.37 38.62 34.40
N PRO F 95 8.52 38.64 33.36
CA PRO F 95 7.08 38.90 33.53
C PRO F 95 6.40 37.93 34.50
N ARG F 96 6.97 36.74 34.66
CA ARG F 96 6.39 35.72 35.53
C ARG F 96 6.52 36.10 37.01
N PHE F 97 7.54 36.90 37.38
CA PHE F 97 7.84 37.10 38.79
C PHE F 97 7.75 38.56 39.21
N VAL F 98 6.78 39.31 38.69
CA VAL F 98 6.52 40.66 39.17
C VAL F 98 5.01 40.82 39.27
N SER F 99 4.56 41.59 40.25
CA SER F 99 3.14 41.83 40.45
C SER F 99 3.00 43.16 41.18
N ASP F 100 1.77 43.51 41.55
CA ASP F 100 1.52 44.78 42.21
C ASP F 100 2.18 44.83 43.58
N HIS F 101 2.43 43.66 44.19
CA HIS F 101 2.92 43.64 45.56
C HIS F 101 4.25 42.89 45.73
N GLY F 102 4.97 42.59 44.65
CA GLY F 102 6.20 41.83 44.78
C GLY F 102 7.11 41.92 43.55
N VAL F 103 8.42 41.83 43.75
CA VAL F 103 9.36 41.63 42.66
C VAL F 103 10.15 40.34 42.92
N GLY F 104 10.48 39.61 41.86
CA GLY F 104 11.35 38.45 41.92
C GLY F 104 12.65 38.75 42.65
N ALA F 105 13.01 37.86 43.60
CA ALA F 105 14.30 37.94 44.24
C ALA F 105 15.31 37.07 43.50
N PHE F 106 14.89 35.84 43.17
CA PHE F 106 15.76 34.90 42.47
C PHE F 106 14.96 33.64 42.20
N LEU F 107 15.49 32.82 41.30
CA LEU F 107 14.91 31.54 40.95
C LEU F 107 15.80 30.48 41.58
N TYR F 108 15.20 29.42 42.09
CA TYR F 108 15.99 28.31 42.58
C TYR F 108 15.27 26.99 42.33
N SER F 109 15.97 25.89 42.69
CA SER F 109 15.42 24.56 42.55
C SER F 109 15.64 23.80 43.84
N TYR F 110 14.65 22.98 44.21
CA TYR F 110 14.95 21.84 45.06
C TYR F 110 15.65 20.81 44.20
N VAL F 111 16.80 20.34 44.69
CA VAL F 111 17.60 19.32 44.03
C VAL F 111 17.88 18.24 45.05
N LEU F 112 18.31 17.07 44.53
CA LEU F 112 18.64 15.94 45.38
C LEU F 112 20.13 16.00 45.71
N GLY F 113 20.43 16.24 46.99
CA GLY F 113 21.79 16.26 47.49
C GLY F 113 22.12 14.95 48.21
N TYR F 114 23.41 14.56 48.16
CA TYR F 114 23.88 13.34 48.80
C TYR F 114 25.34 13.49 49.21
N ASN F 115 25.74 12.75 50.27
CA ASN F 115 27.10 12.75 50.79
C ASN F 115 27.87 11.67 50.04
N GLU F 116 28.92 12.06 49.29
CA GLU F 116 29.43 11.25 48.19
C GLU F 116 30.48 10.29 48.76
N LYS F 123 25.74 6.25 42.89
CA LYS F 123 25.28 7.67 42.92
C LYS F 123 23.77 7.73 42.70
N PRO F 124 22.99 8.42 43.57
CA PRO F 124 21.53 8.57 43.41
C PRO F 124 21.10 9.50 42.27
N GLN F 125 19.95 9.20 41.66
CA GLN F 125 19.60 9.80 40.37
C GLN F 125 18.35 10.68 40.48
N ASP F 126 17.29 10.13 41.08
CA ASP F 126 15.94 10.65 41.04
C ASP F 126 15.42 10.74 42.47
N TRP F 127 14.28 11.39 42.66
CA TRP F 127 13.60 11.37 43.95
C TRP F 127 13.29 9.96 44.43
N THR F 128 13.21 8.97 43.52
CA THR F 128 12.91 7.60 43.94
C THR F 128 13.97 7.13 44.94
N ALA F 129 15.19 7.68 44.85
CA ALA F 129 16.28 7.31 45.72
C ALA F 129 15.98 7.61 47.20
N LEU F 130 15.18 8.64 47.46
CA LEU F 130 14.77 8.97 48.83
C LEU F 130 13.91 7.84 49.38
N PHE F 131 13.35 6.98 48.51
CA PHE F 131 12.38 6.02 48.99
C PHE F 131 12.97 4.61 49.00
N ASP F 132 14.24 4.47 48.63
CA ASP F 132 14.87 3.16 48.57
C ASP F 132 15.93 3.08 49.67
N THR F 133 15.48 2.71 50.87
CA THR F 133 16.35 2.60 52.04
C THR F 133 17.26 1.38 51.91
N LYS F 134 16.87 0.40 51.08
CA LYS F 134 17.64 -0.81 50.87
C LYS F 134 18.92 -0.48 50.09
N THR F 135 18.77 0.20 48.94
CA THR F 135 19.91 0.52 48.10
C THR F 135 20.76 1.61 48.73
N TYR F 136 20.09 2.64 49.29
CA TYR F 136 20.80 3.79 49.84
C TYR F 136 20.43 3.95 51.32
N PRO F 137 21.28 3.48 52.26
CA PRO F 137 20.98 3.63 53.68
C PRO F 137 21.14 5.08 54.15
N GLY F 138 20.57 5.40 55.31
CA GLY F 138 20.82 6.67 55.98
C GLY F 138 19.52 7.46 56.17
N LYS F 139 19.59 8.52 57.00
CA LYS F 139 18.45 9.40 57.19
C LYS F 139 18.28 10.27 55.93
N ARG F 140 17.05 10.71 55.67
CA ARG F 140 16.77 11.57 54.52
C ARG F 140 16.29 12.94 55.01
N ALA F 141 16.87 14.00 54.44
CA ALA F 141 16.58 15.39 54.82
C ALA F 141 15.46 15.97 53.97
N LEU F 142 14.40 16.47 54.61
CA LEU F 142 13.29 17.11 53.93
C LEU F 142 12.86 18.38 54.68
N TYR F 143 12.25 19.29 53.94
CA TYR F 143 11.90 20.58 54.50
C TYR F 143 10.67 20.44 55.40
N LYS F 144 10.74 21.03 56.60
CA LYS F 144 9.79 20.85 57.69
C LYS F 144 8.49 21.63 57.44
N TRP F 145 8.58 22.79 56.76
CA TRP F 145 7.45 23.70 56.65
C TRP F 145 6.53 23.35 55.47
N PRO F 146 5.19 23.45 55.65
CA PRO F 146 4.24 23.08 54.61
C PRO F 146 4.39 24.11 53.49
N SER F 147 4.78 23.64 52.30
CA SER F 147 5.36 24.53 51.32
C SER F 147 5.68 23.70 50.07
N PRO F 148 5.62 24.26 48.85
CA PRO F 148 5.83 23.49 47.63
C PRO F 148 7.15 22.72 47.77
N GLY F 149 7.14 21.45 47.36
CA GLY F 149 8.36 20.66 47.34
C GLY F 149 8.15 19.19 47.74
N VAL F 150 7.95 18.93 49.05
CA VAL F 150 7.95 17.57 49.54
C VAL F 150 6.82 16.75 48.92
N LEU F 151 5.59 17.26 49.00
CA LEU F 151 4.43 16.57 48.44
C LEU F 151 4.65 16.30 46.95
N GLU F 152 5.15 17.29 46.20
CA GLU F 152 5.38 17.10 44.77
C GLU F 152 6.40 16.00 44.52
N LEU F 153 7.51 16.00 45.26
CA LEU F 153 8.58 15.06 44.97
C LEU F 153 8.15 13.65 45.38
N ALA F 154 7.25 13.57 46.37
CA ALA F 154 6.69 12.30 46.78
C ALA F 154 5.86 11.71 45.63
N LEU F 155 5.03 12.57 45.02
CA LEU F 155 4.17 12.13 43.94
C LEU F 155 5.01 11.68 42.75
N LEU F 156 6.08 12.46 42.44
CA LEU F 156 6.96 12.13 41.34
C LEU F 156 7.62 10.76 41.58
N ALA F 157 8.04 10.50 42.82
CA ALA F 157 8.71 9.27 43.15
C ALA F 157 7.72 8.10 43.08
N ASP F 158 6.43 8.42 43.17
CA ASP F 158 5.41 7.37 43.15
C ASP F 158 4.88 7.17 41.73
N GLY F 159 5.52 7.81 40.74
CA GLY F 159 5.23 7.54 39.34
C GLY F 159 4.29 8.55 38.67
N VAL F 160 3.81 9.58 39.40
CA VAL F 160 2.99 10.63 38.80
C VAL F 160 3.87 11.39 37.80
N PRO F 161 3.45 11.53 36.52
CA PRO F 161 4.23 12.31 35.54
C PRO F 161 4.13 13.81 35.81
N ALA F 162 5.20 14.53 35.46
CA ALA F 162 5.36 15.97 35.66
C ALA F 162 4.08 16.75 35.35
N ASP F 163 3.48 16.49 34.20
CA ASP F 163 2.42 17.34 33.66
C ASP F 163 1.09 17.04 34.36
N LYS F 164 1.07 16.09 35.30
CA LYS F 164 -0.18 15.69 35.92
C LYS F 164 -0.11 15.83 37.45
N LEU F 165 0.80 16.67 37.97
CA LEU F 165 0.95 16.88 39.40
C LEU F 165 -0.27 17.58 40.01
N TYR F 166 -0.81 18.57 39.30
CA TYR F 166 -1.77 19.48 39.90
C TYR F 166 -3.18 19.22 39.41
N PRO F 167 -4.21 19.26 40.29
CA PRO F 167 -4.00 19.50 41.73
C PRO F 167 -3.42 18.30 42.46
N LEU F 168 -2.75 18.55 43.58
CA LEU F 168 -2.03 17.51 44.30
C LEU F 168 -3.01 16.45 44.76
N ASP F 169 -2.69 15.19 44.44
CA ASP F 169 -3.32 14.05 45.10
C ASP F 169 -2.70 13.84 46.48
N LEU F 170 -3.28 14.50 47.48
CA LEU F 170 -2.72 14.58 48.83
C LEU F 170 -2.67 13.22 49.52
N ASP F 171 -3.76 12.41 49.37
CA ASP F 171 -3.82 11.09 49.98
C ASP F 171 -2.63 10.25 49.53
N ARG F 172 -2.38 10.27 48.21
CA ARG F 172 -1.31 9.49 47.61
C ARG F 172 0.06 9.99 48.08
N ALA F 173 0.20 11.32 48.21
CA ALA F 173 1.47 11.92 48.63
C ALA F 173 1.81 11.53 50.07
N PHE F 174 0.83 11.61 50.97
CA PHE F 174 1.05 11.24 52.38
C PHE F 174 1.37 9.75 52.50
N LYS F 175 0.65 8.92 51.74
CA LYS F 175 0.87 7.49 51.72
C LYS F 175 2.32 7.19 51.35
N LYS F 176 2.86 7.93 50.37
CA LYS F 176 4.21 7.69 49.88
C LYS F 176 5.24 8.12 50.91
N LEU F 177 4.95 9.23 51.60
CA LEU F 177 5.83 9.76 52.64
C LEU F 177 5.87 8.81 53.84
N ASP F 178 4.71 8.21 54.14
CA ASP F 178 4.57 7.25 55.24
C ASP F 178 5.64 6.16 55.14
N THR F 179 5.92 5.69 53.91
CA THR F 179 6.84 4.59 53.71
C THR F 179 8.25 4.91 54.23
N ILE F 180 8.50 6.16 54.60
CA ILE F 180 9.84 6.52 55.08
C ILE F 180 9.78 7.41 56.32
N LYS F 181 8.60 7.57 56.93
CA LYS F 181 8.41 8.59 57.95
C LYS F 181 9.51 8.51 59.01
N LYS F 182 9.86 7.28 59.40
CA LYS F 182 10.81 7.02 60.48
C LYS F 182 12.21 7.48 60.08
N ASP F 183 12.50 7.58 58.78
CA ASP F 183 13.85 7.86 58.30
C ASP F 183 14.04 9.33 57.89
N ILE F 184 13.01 10.16 58.16
CA ILE F 184 13.08 11.56 57.75
C ILE F 184 13.65 12.40 58.89
N VAL F 185 14.61 13.26 58.56
CA VAL F 185 15.03 14.32 59.45
C VAL F 185 14.58 15.63 58.84
N TRP F 186 13.72 16.35 59.55
CA TRP F 186 13.20 17.62 59.07
C TRP F 186 14.24 18.73 59.23
N TRP F 187 14.42 19.53 58.18
CA TRP F 187 15.16 20.78 58.31
C TRP F 187 14.20 21.96 58.23
N GLY F 188 14.41 22.93 59.13
CA GLY F 188 13.55 24.10 59.22
C GLY F 188 14.18 25.33 58.58
N GLY F 189 15.47 25.27 58.29
CA GLY F 189 16.23 26.41 57.81
C GLY F 189 17.39 25.94 56.94
N GLY F 190 17.95 26.86 56.17
CA GLY F 190 18.99 26.52 55.21
C GLY F 190 20.23 26.02 55.95
N ALA F 191 20.65 26.74 57.00
CA ALA F 191 21.86 26.41 57.73
C ALA F 191 21.78 25.00 58.30
N GLN F 192 20.61 24.65 58.87
CA GLN F 192 20.44 23.35 59.46
C GLN F 192 20.58 22.29 58.37
N SER F 193 19.97 22.55 57.21
CA SER F 193 20.04 21.56 56.15
C SER F 193 21.49 21.31 55.76
N GLN F 194 22.30 22.37 55.76
CA GLN F 194 23.70 22.28 55.38
C GLN F 194 24.46 21.49 56.42
N GLN F 195 24.16 21.72 57.70
CA GLN F 195 24.83 21.00 58.78
C GLN F 195 24.46 19.52 58.70
N LEU F 196 23.18 19.23 58.43
CA LEU F 196 22.71 17.85 58.42
C LEU F 196 23.48 17.08 57.34
N LEU F 197 23.75 17.72 56.21
CA LEU F 197 24.37 17.02 55.10
C LEU F 197 25.89 17.02 55.25
N ALA F 198 26.47 18.15 55.67
CA ALA F 198 27.92 18.30 55.75
C ALA F 198 28.52 17.33 56.76
N SER F 199 27.86 17.18 57.92
CA SER F 199 28.16 16.05 58.78
C SER F 199 27.42 14.85 58.20
N GLY F 200 27.61 13.67 58.72
CA GLY F 200 26.91 12.61 58.01
C GLY F 200 25.53 12.33 58.59
N GLU F 201 24.89 13.33 59.17
CA GLU F 201 23.68 13.07 59.94
C GLU F 201 22.58 12.54 59.02
N VAL F 202 22.53 13.03 57.78
CA VAL F 202 21.70 12.46 56.72
C VAL F 202 22.63 12.05 55.59
N SER F 203 22.17 11.13 54.72
CA SER F 203 23.02 10.70 53.62
C SER F 203 22.59 11.36 52.30
N MET F 204 21.41 12.01 52.31
CA MET F 204 20.65 12.31 51.11
C MET F 204 19.51 13.27 51.50
N GLY F 205 19.01 14.04 50.54
CA GLY F 205 17.76 14.75 50.80
C GLY F 205 17.40 15.78 49.72
N GLN F 206 16.38 16.57 50.02
CA GLN F 206 15.88 17.69 49.23
C GLN F 206 16.48 18.97 49.81
N PHE F 207 17.13 19.76 48.94
CA PHE F 207 17.83 20.96 49.39
C PHE F 207 17.63 22.06 48.35
N TRP F 208 17.66 23.30 48.83
CA TRP F 208 17.80 24.46 47.97
C TRP F 208 19.17 24.37 47.30
N ASN F 209 19.20 24.52 45.98
CA ASN F 209 20.41 24.24 45.21
C ASN F 209 21.59 25.07 45.71
N GLY F 210 21.33 26.35 45.97
CA GLY F 210 22.37 27.28 46.40
C GLY F 210 23.07 26.83 47.68
N ARG F 211 22.33 26.15 48.56
CA ARG F 211 22.91 25.73 49.82
C ARG F 211 23.90 24.62 49.54
N ILE F 212 23.60 23.76 48.55
CA ILE F 212 24.50 22.69 48.19
C ILE F 212 25.74 23.28 47.52
N HIS F 213 25.51 24.23 46.60
CA HIS F 213 26.61 24.98 46.02
C HIS F 213 27.57 25.50 47.11
N ALA F 214 27.03 26.19 48.12
CA ALA F 214 27.82 26.75 49.21
C ALA F 214 28.69 25.66 49.84
N LEU F 215 28.11 24.49 50.13
CA LEU F 215 28.85 23.39 50.72
C LEU F 215 29.98 22.94 49.81
N GLN F 216 29.70 22.76 48.51
CA GLN F 216 30.70 22.26 47.57
C GLN F 216 31.88 23.22 47.53
N GLU F 217 31.63 24.53 47.48
CA GLU F 217 32.71 25.49 47.39
C GLU F 217 33.55 25.53 48.67
N ASP F 218 33.01 24.98 49.77
CA ASP F 218 33.69 24.93 51.06
C ASP F 218 34.44 23.61 51.19
N GLY F 219 34.43 22.81 50.12
CA GLY F 219 35.24 21.61 50.06
C GLY F 219 34.53 20.39 50.66
N ALA F 220 33.27 20.54 51.07
CA ALA F 220 32.51 19.39 51.55
C ALA F 220 32.32 18.38 50.40
N PRO F 221 32.31 17.07 50.70
CA PRO F 221 32.18 16.05 49.65
C PRO F 221 30.71 15.71 49.36
N VAL F 222 30.03 16.61 48.64
CA VAL F 222 28.59 16.46 48.43
C VAL F 222 28.29 16.47 46.93
N GLY F 223 27.31 15.66 46.54
CA GLY F 223 26.89 15.66 45.15
C GLY F 223 25.44 16.09 45.00
N VAL F 224 25.06 16.34 43.74
CA VAL F 224 23.73 16.80 43.39
C VAL F 224 23.29 16.05 42.14
N SER F 225 22.01 15.65 42.08
CA SER F 225 21.41 15.34 40.80
C SER F 225 20.35 16.40 40.46
N TRP F 226 20.35 16.84 39.20
CA TRP F 226 19.40 17.82 38.70
C TRP F 226 18.17 17.17 38.07
N LYS F 227 18.09 15.84 38.10
CA LYS F 227 16.93 15.16 37.51
C LYS F 227 15.69 15.58 38.29
N GLN F 228 14.64 16.02 37.58
CA GLN F 228 13.38 16.40 38.19
C GLN F 228 13.58 17.51 39.22
N ASN F 229 14.44 18.48 38.90
CA ASN F 229 14.69 19.58 39.81
C ASN F 229 13.43 20.45 39.86
N LEU F 230 13.07 20.89 41.07
CA LEU F 230 11.79 21.59 41.28
C LEU F 230 12.01 23.10 41.38
N VAL F 231 11.49 23.82 40.40
CA VAL F 231 11.76 25.26 40.27
C VAL F 231 10.73 26.07 41.06
N MET F 232 11.23 27.09 41.74
CA MET F 232 10.41 27.99 42.55
C MET F 232 11.11 29.35 42.54
N ALA F 233 10.35 30.39 42.90
CA ALA F 233 10.93 31.73 42.99
C ALA F 233 10.70 32.30 44.39
N ASP F 234 11.66 33.10 44.85
CA ASP F 234 11.47 33.95 46.00
C ASP F 234 11.12 35.35 45.51
N ILE F 235 10.34 36.08 46.33
CA ILE F 235 9.86 37.40 46.02
C ILE F 235 10.25 38.35 47.14
N LEU F 236 10.73 39.54 46.74
CA LEU F 236 10.93 40.63 47.69
C LEU F 236 9.61 41.36 47.87
N VAL F 237 9.20 41.53 49.13
CA VAL F 237 7.96 42.22 49.47
C VAL F 237 8.24 43.25 50.55
N VAL F 238 7.36 44.24 50.66
CA VAL F 238 7.51 45.31 51.62
C VAL F 238 6.28 45.30 52.54
N PRO F 239 6.41 44.87 53.83
CA PRO F 239 5.23 44.73 54.73
C PRO F 239 4.42 46.01 54.86
N LYS F 240 3.08 45.91 54.84
CA LYS F 240 2.23 47.08 54.96
C LYS F 240 2.47 47.74 56.33
N GLY F 241 2.73 49.06 56.30
CA GLY F 241 2.93 49.86 57.50
C GLY F 241 4.40 50.14 57.75
N THR F 242 5.28 49.74 56.83
CA THR F 242 6.69 50.00 56.96
C THR F 242 6.91 51.49 57.18
N LYS F 243 7.88 51.83 58.06
CA LYS F 243 8.16 53.22 58.37
C LYS F 243 9.23 53.74 57.39
N ASN F 244 9.63 52.91 56.41
CA ASN F 244 10.69 53.33 55.49
C ASN F 244 10.34 52.97 54.04
N LYS F 245 9.07 53.17 53.67
CA LYS F 245 8.53 52.78 52.37
C LYS F 245 9.46 53.21 51.25
N ALA F 246 9.76 54.50 51.14
CA ALA F 246 10.49 55.02 49.99
C ALA F 246 11.85 54.30 49.85
N ALA F 247 12.55 54.11 50.97
CA ALA F 247 13.88 53.51 50.95
C ALA F 247 13.78 52.02 50.58
N ALA F 248 12.74 51.34 51.10
CA ALA F 248 12.50 49.95 50.76
C ALA F 248 12.37 49.81 49.23
N MET F 249 11.59 50.69 48.62
CA MET F 249 11.36 50.61 47.19
C MET F 249 12.66 50.79 46.43
N LYS F 250 13.53 51.71 46.91
CA LYS F 250 14.80 51.97 46.22
C LYS F 250 15.63 50.70 46.26
N PHE F 251 15.49 49.94 47.35
CA PHE F 251 16.23 48.71 47.58
C PHE F 251 15.72 47.65 46.61
N LEU F 252 14.40 47.46 46.53
CA LEU F 252 13.83 46.55 45.55
C LEU F 252 14.34 46.88 44.15
N ALA F 253 14.41 48.18 43.81
CA ALA F 253 14.88 48.57 42.49
C ALA F 253 16.30 48.04 42.26
N SER F 254 17.13 48.17 43.30
CA SER F 254 18.53 47.85 43.20
C SER F 254 18.69 46.33 43.15
N ALA F 255 18.00 45.60 44.03
CA ALA F 255 18.19 44.16 44.12
C ALA F 255 17.64 43.48 42.87
N SER F 256 16.65 44.08 42.20
CA SER F 256 16.01 43.41 41.08
C SER F 256 16.62 43.85 39.75
N SER F 257 17.61 44.74 39.80
CA SER F 257 18.29 45.22 38.60
C SER F 257 19.21 44.12 38.05
N ALA F 258 19.64 44.28 36.79
CA ALA F 258 20.48 43.30 36.12
C ALA F 258 21.74 43.05 36.95
N LYS F 259 22.36 44.12 37.45
CA LYS F 259 23.61 43.99 38.18
C LYS F 259 23.40 43.26 39.51
N GLY F 260 22.38 43.67 40.28
CA GLY F 260 22.12 42.99 41.54
C GLY F 260 21.81 41.50 41.34
N GLN F 261 21.03 41.19 40.30
CA GLN F 261 20.66 39.81 40.01
C GLN F 261 21.89 39.00 39.60
N ASP F 262 22.74 39.61 38.76
CA ASP F 262 23.95 38.95 38.29
C ASP F 262 24.88 38.69 39.46
N ASP F 263 25.07 39.68 40.33
CA ASP F 263 26.01 39.54 41.41
C ASP F 263 25.53 38.46 42.39
N PHE F 264 24.23 38.47 42.69
CA PHE F 264 23.68 37.51 43.61
C PHE F 264 23.80 36.11 43.04
N SER F 265 23.53 35.99 41.74
CA SER F 265 23.66 34.70 41.07
C SER F 265 25.08 34.15 41.16
N ALA F 266 26.06 35.03 40.91
CA ALA F 266 27.47 34.70 40.91
C ALA F 266 27.92 34.17 42.27
N LEU F 267 27.27 34.63 43.35
CA LEU F 267 27.72 34.26 44.70
C LEU F 267 27.05 32.99 45.19
N THR F 268 25.94 32.55 44.57
CA THR F 268 25.11 31.50 45.19
C THR F 268 24.78 30.37 44.23
N ALA F 269 24.76 30.63 42.92
CA ALA F 269 24.32 29.66 41.94
C ALA F 269 22.79 29.61 41.92
N TYR F 270 22.13 30.64 42.45
CA TYR F 270 20.72 30.84 42.17
C TYR F 270 20.59 31.55 40.82
N ALA F 271 19.39 31.54 40.24
CA ALA F 271 19.20 32.07 38.89
C ALA F 271 18.59 33.48 38.93
N PRO F 272 19.09 34.39 38.09
CA PRO F 272 18.57 35.76 38.07
C PRO F 272 17.21 35.90 37.41
N VAL F 273 16.49 36.98 37.71
CA VAL F 273 15.11 37.11 37.25
C VAL F 273 14.94 38.43 36.50
N ASN F 274 16.05 39.03 36.06
CA ASN F 274 15.98 40.24 35.23
C ASN F 274 16.26 39.82 33.78
N ILE F 275 15.47 40.33 32.84
CA ILE F 275 15.64 39.91 31.45
C ILE F 275 17.00 40.35 30.90
N ASP F 276 17.65 41.35 31.51
CA ASP F 276 18.95 41.82 31.05
C ASP F 276 20.09 41.11 31.74
N SER F 277 19.78 40.14 32.60
CA SER F 277 20.86 39.42 33.26
C SER F 277 21.52 38.47 32.26
N VAL F 278 22.82 38.28 32.38
CA VAL F 278 23.54 37.31 31.56
C VAL F 278 23.05 35.94 31.95
N GLN F 279 22.64 35.14 30.96
CA GLN F 279 22.15 33.81 31.30
C GLN F 279 23.26 32.81 31.02
N ARG F 280 24.27 32.77 31.89
CA ARG F 280 25.31 31.74 31.80
C ARG F 280 24.76 30.39 32.27
N LEU F 281 25.48 29.32 31.90
CA LEU F 281 25.11 27.97 32.27
C LEU F 281 25.93 27.51 33.48
N ASP F 282 27.06 28.19 33.73
CA ASP F 282 27.97 27.72 34.75
C ASP F 282 28.79 28.90 35.25
N LEU F 283 29.14 28.84 36.55
CA LEU F 283 29.84 29.94 37.18
C LEU F 283 31.28 30.06 36.66
N ALA F 284 31.78 29.00 36.01
CA ALA F 284 33.11 29.03 35.42
C ALA F 284 33.16 29.84 34.12
N GLN F 285 32.01 30.16 33.54
CA GLN F 285 32.00 30.97 32.32
C GLN F 285 32.22 32.45 32.65
N VAL F 286 33.07 33.10 31.86
CA VAL F 286 33.49 34.47 32.10
C VAL F 286 32.31 35.40 31.83
N ARG F 287 31.82 36.07 32.87
CA ARG F 287 30.78 37.11 32.71
C ARG F 287 31.49 38.43 32.48
N ILE F 288 31.13 39.09 31.39
CA ILE F 288 31.78 40.33 30.98
C ILE F 288 30.78 41.48 31.08
N THR F 289 31.24 42.61 31.63
CA THR F 289 30.44 43.82 31.76
C THR F 289 31.32 45.01 31.45
N ALA F 290 30.70 46.10 30.96
CA ALA F 290 31.44 47.30 30.60
C ALA F 290 31.87 48.06 31.85
N ASP F 291 33.04 48.68 31.78
CA ASP F 291 33.53 49.63 32.77
C ASP F 291 33.69 50.99 32.08
N LYS F 292 32.60 51.74 32.04
CA LYS F 292 32.53 53.03 31.36
C LYS F 292 33.66 53.96 31.83
N GLN F 293 33.85 54.03 33.15
CA GLN F 293 34.75 55.00 33.77
C GLN F 293 36.20 54.78 33.32
N LYS F 294 36.61 53.51 33.14
CA LYS F 294 37.99 53.22 32.75
C LYS F 294 38.07 52.94 31.25
N ASN F 295 36.93 53.02 30.55
CA ASN F 295 36.87 52.84 29.11
C ASN F 295 37.28 51.41 28.75
N GLY F 296 36.85 50.45 29.56
CA GLY F 296 37.25 49.06 29.40
C GLY F 296 36.14 48.13 29.88
N ILE F 297 36.53 46.98 30.43
CA ILE F 297 35.55 46.00 30.85
C ILE F 297 36.02 45.42 32.18
N MET F 298 35.08 44.77 32.88
CA MET F 298 35.36 43.96 34.05
C MET F 298 34.75 42.58 33.83
N ALA F 299 35.37 41.57 34.46
CA ALA F 299 34.80 40.23 34.35
C ALA F 299 34.94 39.49 35.67
N ASN F 300 34.12 38.47 35.85
CA ASN F 300 34.08 37.66 37.05
C ASN F 300 33.79 36.22 36.63
N PHE F 301 34.39 35.25 37.31
CA PHE F 301 34.02 33.86 37.11
C PHE F 301 34.70 33.02 38.19
N LYS F 302 34.22 31.78 38.38
CA LYS F 302 34.74 30.90 39.40
C LYS F 302 35.15 29.59 38.74
N ILE F 303 36.45 29.38 38.63
CA ILE F 303 37.00 28.17 38.05
C ILE F 303 37.03 27.10 39.14
N ARG F 304 36.87 25.84 38.76
CA ARG F 304 36.98 24.73 39.69
C ARG F 304 38.09 23.78 39.23
N HIS F 305 38.80 23.19 40.21
CA HIS F 305 39.90 22.28 39.96
C HIS F 305 39.70 21.01 40.80
N ASN F 306 39.77 19.84 40.17
CA ASN F 306 39.72 18.57 40.87
C ASN F 306 40.99 18.40 41.69
N VAL F 307 40.80 18.05 42.98
CA VAL F 307 41.87 17.71 43.90
C VAL F 307 42.02 16.19 43.86
N GLU F 308 43.25 15.70 44.05
CA GLU F 308 43.58 14.27 43.93
C GLU F 308 42.83 13.45 44.99
N ASP F 309 42.53 14.08 46.14
CA ASP F 309 41.85 13.39 47.24
C ASP F 309 40.36 13.19 46.92
N GLY F 310 39.90 13.77 45.81
CA GLY F 310 38.52 13.60 45.35
C GLY F 310 37.66 14.85 45.58
N SER F 311 38.19 15.88 46.25
CA SER F 311 37.45 17.12 46.42
C SER F 311 37.52 18.01 45.17
N VAL F 312 36.98 19.22 45.29
CA VAL F 312 37.03 20.21 44.24
C VAL F 312 37.43 21.54 44.89
N GLN F 313 38.45 22.20 44.33
CA GLN F 313 38.90 23.47 44.87
C GLN F 313 38.50 24.61 43.93
N SER F 314 37.91 25.66 44.51
CA SER F 314 37.44 26.83 43.79
C SER F 314 38.54 27.85 43.60
N ALA F 315 38.47 28.59 42.49
CA ALA F 315 39.35 29.72 42.23
C ALA F 315 38.52 30.90 41.75
N ASP F 316 38.34 31.90 42.62
CA ASP F 316 37.43 32.99 42.32
C ASP F 316 38.21 34.04 41.55
N HIS F 317 37.75 34.37 40.34
CA HIS F 317 38.48 35.32 39.50
C HIS F 317 37.75 36.67 39.45
N TYR F 318 38.49 37.77 39.66
CA TYR F 318 38.07 39.13 39.35
C TYR F 318 39.05 39.74 38.35
N GLN F 319 38.52 40.35 37.29
CA GLN F 319 39.32 40.79 36.17
C GLN F 319 38.91 42.21 35.78
N GLN F 320 39.90 43.01 35.36
CA GLN F 320 39.70 44.36 34.83
C GLN F 320 40.61 44.50 33.60
N ASN F 321 40.04 44.96 32.48
CA ASN F 321 40.82 45.19 31.26
C ASN F 321 40.68 46.63 30.84
N THR F 322 41.81 47.28 30.54
CA THR F 322 41.90 48.69 30.18
C THR F 322 42.72 48.80 28.89
N PRO F 323 42.28 49.60 27.89
CA PRO F 323 43.05 49.76 26.66
C PRO F 323 44.39 50.43 26.94
N ILE F 324 45.43 50.03 26.19
CA ILE F 324 46.73 50.69 26.24
C ILE F 324 46.69 51.98 25.42
N GLY F 325 46.11 51.90 24.21
CA GLY F 325 46.09 53.04 23.29
C GLY F 325 45.04 54.08 23.71
N ASP F 326 45.04 55.25 23.05
CA ASP F 326 43.94 56.20 23.18
C ASP F 326 42.90 55.94 22.09
N GLY F 327 41.95 56.85 21.95
CA GLY F 327 40.96 56.71 20.89
C GLY F 327 39.98 55.56 21.16
N PRO F 328 39.08 55.28 20.20
CA PRO F 328 37.81 54.64 20.56
C PRO F 328 37.99 53.14 20.66
N VAL F 329 37.23 52.52 21.57
CA VAL F 329 37.12 51.07 21.68
C VAL F 329 35.63 50.74 21.76
N LEU F 330 35.29 49.46 21.60
CA LEU F 330 33.93 48.97 21.75
C LEU F 330 33.69 48.65 23.23
N LEU F 331 32.70 49.33 23.82
CA LEU F 331 32.25 49.01 25.17
C LEU F 331 31.03 48.11 25.06
N PRO F 332 31.12 46.84 25.50
CA PRO F 332 30.06 45.86 25.27
C PRO F 332 28.83 45.96 26.16
N ASP F 333 27.72 45.39 25.68
CA ASP F 333 26.61 45.02 26.53
C ASP F 333 27.05 43.77 27.29
N ASN F 334 26.36 43.46 28.39
CA ASN F 334 26.71 42.31 29.20
C ASN F 334 26.59 41.05 28.35
N HIS F 335 27.54 40.13 28.50
CA HIS F 335 27.48 38.81 27.88
C HIS F 335 28.49 37.90 28.57
N TYR F 336 28.75 36.71 28.02
CA TYR F 336 29.69 35.78 28.63
C TYR F 336 30.52 35.06 27.59
N LEU F 337 31.57 34.37 28.04
CA LEU F 337 32.41 33.54 27.18
C LEU F 337 32.26 32.08 27.62
N SER F 338 32.11 31.18 26.65
CA SER F 338 32.05 29.75 26.88
C SER F 338 33.36 29.11 26.43
N THR F 339 34.03 28.40 27.33
CA THR F 339 35.36 27.90 27.04
C THR F 339 35.41 26.38 27.24
N GLN F 340 35.99 25.68 26.25
CA GLN F 340 36.29 24.28 26.43
C GLN F 340 37.81 24.18 26.41
N SER F 341 38.42 23.52 27.40
CA SER F 341 39.88 23.47 27.44
C SER F 341 40.31 22.02 27.58
N VAL F 342 41.40 21.65 26.87
CA VAL F 342 41.99 20.33 27.05
C VAL F 342 43.48 20.47 27.34
N LEU F 343 43.90 19.90 28.47
CA LEU F 343 45.30 19.91 28.86
C LEU F 343 45.90 18.56 28.47
N SER F 344 47.13 18.57 27.95
CA SER F 344 47.79 17.34 27.55
C SER F 344 49.30 17.50 27.62
N LYS F 345 50.02 16.40 27.37
CA LYS F 345 51.48 16.39 27.45
C LYS F 345 52.05 15.99 26.09
N ASP F 346 53.18 16.61 25.74
CA ASP F 346 53.94 16.27 24.55
C ASP F 346 54.94 15.18 24.94
N PRO F 347 54.82 13.94 24.42
CA PRO F 347 55.66 12.83 24.87
C PRO F 347 57.15 13.05 24.60
N ASN F 348 57.46 13.98 23.67
CA ASN F 348 58.82 14.22 23.24
C ASN F 348 59.44 15.40 24.02
N GLU F 349 58.68 15.99 24.96
CA GLU F 349 59.11 17.19 25.66
C GLU F 349 59.56 16.84 27.08
N LYS F 350 60.83 17.13 27.37
CA LYS F 350 61.51 16.62 28.54
C LYS F 350 61.34 17.62 29.70
N ARG F 351 61.04 18.87 29.36
CA ARG F 351 60.88 19.91 30.37
C ARG F 351 59.45 19.85 30.92
N ASP F 352 59.25 20.43 32.12
CA ASP F 352 57.93 20.66 32.72
C ASP F 352 57.12 21.59 31.80
N HIS F 353 55.95 21.12 31.35
CA HIS F 353 55.29 21.80 30.23
C HIS F 353 53.80 21.50 30.21
N MET F 354 53.08 22.31 29.41
CA MET F 354 51.65 22.09 29.24
C MET F 354 51.27 22.33 27.79
N VAL F 355 50.57 21.37 27.18
CA VAL F 355 49.92 21.57 25.89
C VAL F 355 48.46 21.89 26.19
N LEU F 356 47.99 23.02 25.64
CA LEU F 356 46.62 23.44 25.84
C LEU F 356 45.92 23.65 24.50
N LEU F 357 44.73 23.06 24.36
CA LEU F 357 43.85 23.32 23.24
C LEU F 357 42.52 23.89 23.73
N GLU F 358 42.10 25.02 23.17
CA GLU F 358 40.96 25.76 23.70
C GLU F 358 40.02 26.22 22.60
N PHE F 359 38.73 26.21 22.91
CA PHE F 359 37.70 26.83 22.10
C PHE F 359 36.96 27.84 22.94
N VAL F 360 36.90 29.10 22.45
CA VAL F 360 36.27 30.17 23.17
C VAL F 360 35.19 30.76 22.27
N THR F 361 33.96 30.85 22.80
CA THR F 361 32.85 31.42 22.06
C THR F 361 32.14 32.43 22.96
N ALA F 362 31.79 33.59 22.38
CA ALA F 362 30.98 34.57 23.07
C ALA F 362 29.51 34.19 22.93
N ALA F 363 28.73 34.45 23.99
CA ALA F 363 27.34 34.03 24.03
C ALA F 363 26.56 34.96 24.96
N GLY F 364 25.25 34.68 25.11
CA GLY F 364 24.40 35.34 26.09
C GLY F 364 23.65 36.56 25.55
N ILE F 365 23.78 36.82 24.25
CA ILE F 365 22.84 37.73 23.62
C ILE F 365 22.12 36.97 22.52
N THR F 366 20.77 36.99 22.54
CA THR F 366 19.96 36.19 21.64
C THR F 366 20.07 36.78 20.24
N LEU F 367 20.18 35.89 19.24
CA LEU F 367 20.20 36.34 17.86
C LEU F 367 18.87 37.03 17.56
N GLY F 368 18.95 38.29 17.13
CA GLY F 368 17.83 39.16 16.85
C GLY F 368 18.22 40.19 15.77
N MET F 369 17.22 40.78 15.12
CA MET F 369 17.48 41.62 13.96
C MET F 369 18.07 42.98 14.36
N ASP F 370 17.84 43.41 15.60
CA ASP F 370 18.38 44.69 16.06
C ASP F 370 19.85 44.55 16.46
N LYS F 383 38.31 48.18 13.40
CA LYS F 383 39.57 48.21 12.60
C LYS F 383 40.48 47.09 13.09
N GLY F 384 40.56 46.93 14.42
CA GLY F 384 41.32 45.87 15.05
C GLY F 384 40.74 44.48 14.78
N GLU F 385 39.42 44.40 14.58
CA GLU F 385 38.79 43.15 14.20
C GLU F 385 39.51 42.52 12.98
N GLU F 386 40.03 43.37 12.07
CA GLU F 386 40.56 42.91 10.79
C GLU F 386 41.89 42.17 10.97
N LEU F 387 42.54 42.34 12.14
CA LEU F 387 43.82 41.72 12.43
C LEU F 387 43.68 40.23 12.75
N PHE F 388 42.43 39.74 12.89
CA PHE F 388 42.17 38.40 13.41
C PHE F 388 41.47 37.52 12.36
N THR F 389 41.37 37.98 11.11
CA THR F 389 40.67 37.23 10.08
C THR F 389 41.42 35.95 9.70
N GLY F 390 42.73 35.91 9.94
CA GLY F 390 43.50 34.70 9.67
C GLY F 390 44.02 34.05 10.94
N VAL F 391 44.86 33.02 10.78
CA VAL F 391 45.55 32.39 11.90
C VAL F 391 46.68 33.32 12.33
N VAL F 392 46.81 33.54 13.64
CA VAL F 392 47.70 34.55 14.21
C VAL F 392 48.62 33.88 15.24
N PRO F 393 49.96 34.01 15.09
CA PRO F 393 50.90 33.48 16.08
C PRO F 393 50.79 34.21 17.42
N ILE F 394 50.98 33.46 18.51
CA ILE F 394 50.87 33.94 19.88
C ILE F 394 52.20 33.67 20.58
N LEU F 395 52.60 34.63 21.43
CA LEU F 395 53.70 34.46 22.36
C LEU F 395 53.24 34.88 23.75
N VAL F 396 53.44 33.97 24.72
CA VAL F 396 53.09 34.21 26.11
C VAL F 396 54.39 34.09 26.93
N GLU F 397 54.70 35.14 27.70
CA GLU F 397 55.79 35.14 28.65
C GLU F 397 55.22 35.53 30.01
N LEU F 398 55.49 34.70 31.03
CA LEU F 398 55.03 34.97 32.39
C LEU F 398 56.19 34.86 33.37
N ASP F 399 56.37 35.90 34.20
CA ASP F 399 57.28 35.89 35.34
C ASP F 399 56.47 35.83 36.62
N GLY F 400 56.72 34.81 37.42
CA GLY F 400 55.90 34.54 38.61
C GLY F 400 56.72 34.48 39.89
N ASP F 401 56.04 34.73 41.01
CA ASP F 401 56.57 34.64 42.36
C ASP F 401 55.45 34.21 43.31
N VAL F 402 55.51 33.00 43.83
CA VAL F 402 54.47 32.50 44.73
C VAL F 402 55.13 32.12 46.05
N ASN F 403 54.77 32.84 47.13
CA ASN F 403 55.32 32.61 48.45
C ASN F 403 56.85 32.61 48.38
N GLY F 404 57.42 33.41 47.47
CA GLY F 404 58.88 33.52 47.38
C GLY F 404 59.52 32.53 46.41
N HIS F 405 58.77 31.55 45.91
CA HIS F 405 59.25 30.65 44.88
C HIS F 405 59.15 31.33 43.51
N LYS F 406 60.30 31.63 42.89
CA LYS F 406 60.34 32.30 41.60
C LYS F 406 60.30 31.28 40.46
N PHE F 407 59.69 31.67 39.33
CA PHE F 407 59.62 30.80 38.17
C PHE F 407 59.20 31.59 36.94
N SER F 408 59.52 31.05 35.76
CA SER F 408 59.17 31.69 34.49
C SER F 408 58.52 30.66 33.57
N VAL F 409 57.56 31.14 32.76
CA VAL F 409 56.89 30.32 31.77
C VAL F 409 56.90 31.04 30.42
N ARG F 410 57.24 30.31 29.36
CA ARG F 410 57.16 30.82 28.00
C ARG F 410 56.27 29.86 27.19
N GLY F 411 55.33 30.42 26.43
CA GLY F 411 54.52 29.61 25.55
C GLY F 411 54.42 30.23 24.16
N GLU F 412 54.14 29.37 23.19
CA GLU F 412 54.03 29.73 21.78
C GLU F 412 52.92 28.86 21.17
N GLY F 413 52.27 29.37 20.12
CA GLY F 413 51.32 28.63 19.31
C GLY F 413 50.51 29.60 18.44
N GLU F 414 49.27 29.21 18.10
CA GLU F 414 48.48 30.00 17.17
C GLU F 414 47.04 30.15 17.67
N GLY F 415 46.43 31.26 17.25
CA GLY F 415 45.05 31.59 17.58
C GLY F 415 44.27 31.85 16.29
N ASP F 416 43.03 31.38 16.27
CA ASP F 416 42.16 31.53 15.12
C ASP F 416 40.81 32.05 15.60
N ALA F 417 40.64 33.38 15.58
CA ALA F 417 39.44 34.00 16.10
C ALA F 417 38.17 33.56 15.35
N THR F 418 38.31 33.18 14.09
CA THR F 418 37.15 32.85 13.28
C THR F 418 36.47 31.61 13.87
N ASN F 419 37.27 30.66 14.37
CA ASN F 419 36.78 29.42 14.95
C ASN F 419 36.88 29.47 16.48
N GLY F 420 37.50 30.53 17.00
CA GLY F 420 37.81 30.67 18.42
C GLY F 420 38.75 29.58 18.94
N LYS F 421 39.71 29.14 18.12
CA LYS F 421 40.60 28.01 18.42
C LYS F 421 41.97 28.51 18.86
N LEU F 422 42.46 27.99 19.99
CA LEU F 422 43.78 28.30 20.53
C LEU F 422 44.53 26.99 20.65
N THR F 423 45.79 26.96 20.21
CA THR F 423 46.65 25.81 20.39
C THR F 423 48.02 26.31 20.85
N LEU F 424 48.45 25.87 22.04
CA LEU F 424 49.61 26.46 22.70
C LEU F 424 50.44 25.40 23.42
N LYS F 425 51.77 25.56 23.41
CA LYS F 425 52.66 24.81 24.27
C LYS F 425 53.39 25.77 25.21
N PHE F 426 53.37 25.45 26.50
CA PHE F 426 54.00 26.26 27.53
C PHE F 426 55.14 25.45 28.16
N ILE F 427 56.29 26.11 28.33
CA ILE F 427 57.45 25.54 29.00
C ILE F 427 57.68 26.35 30.28
N CYS F 428 57.95 25.66 31.38
CA CYS F 428 58.59 26.31 32.53
C CYS F 428 60.09 26.39 32.28
N THR F 429 60.59 27.61 32.12
CA THR F 429 61.97 27.82 31.69
C THR F 429 62.93 27.76 32.86
N THR F 430 62.42 27.71 34.11
CA THR F 430 63.28 27.82 35.28
C THR F 430 63.45 26.47 36.00
N GLY F 431 62.91 25.40 35.42
CA GLY F 431 63.01 24.10 36.10
C GLY F 431 61.64 23.49 36.34
N LYS F 432 61.40 23.02 37.57
CA LYS F 432 60.10 22.47 37.98
C LYS F 432 59.16 23.64 38.33
N LEU F 433 57.92 23.56 37.85
CA LEU F 433 56.91 24.56 38.16
C LEU F 433 56.45 24.39 39.60
N PRO F 434 56.59 25.41 40.47
CA PRO F 434 56.23 25.28 41.88
C PRO F 434 54.74 25.24 42.20
N VAL F 435 53.91 25.47 41.18
CA VAL F 435 52.45 25.39 41.30
C VAL F 435 51.95 24.41 40.24
N PRO F 436 50.69 23.91 40.34
CA PRO F 436 50.12 23.07 39.30
C PRO F 436 49.74 23.86 38.04
N TRP F 437 50.04 23.27 36.87
CA TRP F 437 49.72 23.90 35.60
C TRP F 437 48.26 24.39 35.55
N PRO F 438 47.24 23.57 35.91
CA PRO F 438 45.86 24.06 35.86
C PRO F 438 45.61 25.45 36.45
N THR F 439 46.37 25.81 37.49
CA THR F 439 46.12 27.06 38.18
C THR F 439 46.64 28.24 37.36
N LEU F 440 47.37 27.96 36.26
CA LEU F 440 47.97 29.02 35.45
C LEU F 440 47.21 29.21 34.13
N VAL F 441 46.32 28.26 33.81
CA VAL F 441 45.62 28.25 32.53
C VAL F 441 45.03 29.63 32.24
N THR F 442 44.23 30.18 33.18
CA THR F 442 43.45 31.37 32.89
C THR F 442 44.35 32.60 32.77
N THR F 443 45.50 32.58 33.43
CA THR F 443 46.44 33.68 33.37
C THR F 443 47.15 33.66 32.02
N LEU F 444 47.66 32.47 31.65
CA LEU F 444 48.38 32.26 30.41
C LEU F 444 47.42 32.51 29.23
N VAL F 446 44.15 35.10 26.36
CA VAL F 446 44.15 35.95 25.13
C VAL F 446 42.73 35.97 24.56
N GLN F 447 41.86 36.70 25.25
CA GLN F 447 40.43 36.63 25.00
C GLN F 447 40.11 37.34 23.68
N CYS F 448 41.12 37.98 23.10
CA CYS F 448 40.97 38.58 21.79
C CYS F 448 40.76 37.48 20.72
N PHE F 449 40.94 36.21 21.10
CA PHE F 449 40.75 35.13 20.15
C PHE F 449 39.38 34.45 20.25
N SER F 450 38.44 35.00 21.03
CA SER F 450 37.13 34.39 21.12
C SER F 450 36.40 34.58 19.79
N ARG F 451 35.59 33.57 19.40
CA ARG F 451 34.67 33.74 18.30
C ARG F 451 33.49 34.57 18.80
N TYR F 452 33.37 35.79 18.29
CA TYR F 452 32.16 36.56 18.48
C TYR F 452 31.23 36.31 17.28
N PRO F 453 30.00 35.77 17.49
CA PRO F 453 29.02 35.64 16.41
C PRO F 453 28.75 37.00 15.78
N ASP F 454 28.34 37.01 14.51
CA ASP F 454 28.17 38.24 13.75
C ASP F 454 27.29 39.25 14.50
N HIS F 455 26.20 38.79 15.12
CA HIS F 455 25.28 39.71 15.78
C HIS F 455 25.87 40.28 17.06
N MET F 456 27.09 39.87 17.42
CA MET F 456 27.69 40.32 18.67
C MET F 456 29.02 41.02 18.43
N LYS F 457 29.41 41.21 17.16
CA LYS F 457 30.75 41.73 16.88
C LYS F 457 30.93 43.14 17.47
N GLN F 458 29.81 43.84 17.69
CA GLN F 458 29.75 45.17 18.29
C GLN F 458 30.17 45.14 19.77
N HIS F 459 30.30 43.94 20.35
CA HIS F 459 30.55 43.76 21.77
C HIS F 459 31.94 43.16 22.03
N ASP F 460 32.81 43.22 21.02
CA ASP F 460 34.13 42.62 21.13
C ASP F 460 35.13 43.68 21.53
N PHE F 461 35.25 43.91 22.84
CA PHE F 461 36.20 44.89 23.35
C PHE F 461 37.62 44.46 22.99
N PHE F 462 37.91 43.15 23.17
CA PHE F 462 39.27 42.66 23.11
C PHE F 462 39.91 42.99 21.77
N LYS F 463 39.23 42.67 20.66
CA LYS F 463 39.77 42.94 19.34
C LYS F 463 39.80 44.44 19.07
N SER F 464 38.85 45.19 19.63
CA SER F 464 38.74 46.61 19.30
C SER F 464 39.97 47.39 19.78
N ALA F 465 40.59 46.93 20.87
CA ALA F 465 41.73 47.63 21.43
C ALA F 465 43.02 47.32 20.69
N MET F 466 42.99 46.40 19.72
CA MET F 466 44.19 46.06 18.99
C MET F 466 44.43 47.08 17.87
N PRO F 467 45.69 47.33 17.44
CA PRO F 467 46.86 46.56 17.87
C PRO F 467 47.57 47.15 19.08
N GLU F 468 47.14 48.34 19.53
CA GLU F 468 47.83 48.98 20.63
C GLU F 468 47.80 48.04 21.84
N GLY F 469 46.66 47.35 22.03
CA GLY F 469 46.48 46.31 23.02
C GLY F 469 45.73 46.77 24.28
N TYR F 470 45.72 45.91 25.31
CA TYR F 470 45.07 46.22 26.58
C TYR F 470 45.89 45.65 27.73
N VAL F 471 45.65 46.17 28.94
CA VAL F 471 46.20 45.65 30.18
C VAL F 471 45.13 44.75 30.79
N GLN F 472 45.54 43.57 31.28
CA GLN F 472 44.62 42.65 31.94
C GLN F 472 45.11 42.38 33.36
N GLU F 473 44.29 42.75 34.35
CA GLU F 473 44.62 42.57 35.75
C GLU F 473 43.62 41.59 36.37
N ARG F 474 44.11 40.70 37.25
CA ARG F 474 43.21 39.80 37.94
C ARG F 474 43.65 39.59 39.38
N THR F 475 42.66 39.29 40.24
CA THR F 475 42.85 38.66 41.53
C THR F 475 42.22 37.26 41.42
N ILE F 476 42.97 36.22 41.77
CA ILE F 476 42.41 34.88 41.81
C ILE F 476 42.58 34.35 43.23
N SER F 477 41.45 34.12 43.91
CA SER F 477 41.44 33.62 45.28
C SER F 477 41.10 32.13 45.28
N PHE F 478 42.02 31.30 45.78
CA PHE F 478 41.76 29.89 45.98
C PHE F 478 41.12 29.66 47.36
N LYS F 479 39.96 29.01 47.39
CA LYS F 479 39.26 28.73 48.63
C LYS F 479 40.21 28.09 49.64
N ASP F 480 40.34 28.71 50.83
CA ASP F 480 41.07 28.16 51.96
C ASP F 480 42.55 28.06 51.63
N ASP F 481 43.05 28.98 50.80
CA ASP F 481 44.45 28.97 50.39
C ASP F 481 44.81 30.39 49.95
N GLY F 482 45.88 30.54 49.18
CA GLY F 482 46.37 31.87 48.86
C GLY F 482 45.70 32.51 47.63
N THR F 483 46.29 33.63 47.21
CA THR F 483 45.76 34.47 46.17
C THR F 483 46.86 34.74 45.12
N TYR F 484 46.47 34.67 43.83
CA TYR F 484 47.31 35.20 42.77
C TYR F 484 46.85 36.60 42.44
N LYS F 485 47.81 37.50 42.22
CA LYS F 485 47.59 38.83 41.64
C LYS F 485 48.39 38.89 40.34
N THR F 486 47.74 39.27 39.24
CA THR F 486 48.33 39.18 37.91
C THR F 486 48.13 40.50 37.18
N ARG F 487 49.16 40.90 36.40
CA ARG F 487 49.09 42.06 35.55
C ARG F 487 49.74 41.69 34.21
N ALA F 488 48.97 41.82 33.13
CA ALA F 488 49.43 41.43 31.80
C ALA F 488 49.19 42.53 30.77
N GLU F 489 50.10 42.61 29.80
CA GLU F 489 49.88 43.44 28.61
C GLU F 489 49.68 42.49 27.44
N VAL F 490 48.56 42.67 26.72
CA VAL F 490 48.25 41.91 25.54
C VAL F 490 48.20 42.88 24.37
N LYS F 491 49.16 42.72 23.44
CA LYS F 491 49.32 43.65 22.34
C LYS F 491 50.01 42.92 21.19
N PHE F 492 49.89 43.48 19.98
CA PHE F 492 50.65 43.01 18.84
C PHE F 492 52.08 43.57 18.92
N GLU F 493 53.06 42.68 18.71
CA GLU F 493 54.43 43.07 18.43
C GLU F 493 54.78 42.44 17.08
N GLY F 494 54.78 43.29 16.04
CA GLY F 494 54.80 42.83 14.67
C GLY F 494 53.53 42.03 14.35
N ASP F 495 53.71 40.76 13.97
CA ASP F 495 52.60 39.90 13.56
C ASP F 495 52.14 39.04 14.72
N THR F 496 52.85 39.10 15.85
CA THR F 496 52.57 38.18 16.94
C THR F 496 51.69 38.88 17.98
N LEU F 497 50.65 38.18 18.43
CA LEU F 497 49.92 38.64 19.60
C LEU F 497 50.70 38.19 20.83
N VAL F 498 51.07 39.16 21.67
CA VAL F 498 51.95 38.87 22.79
C VAL F 498 51.20 39.15 24.09
N ASN F 499 51.29 38.18 25.00
CA ASN F 499 50.71 38.25 26.34
C ASN F 499 51.87 38.14 27.34
N ARG F 500 52.27 39.28 27.92
CA ARG F 500 53.38 39.34 28.87
C ARG F 500 52.84 39.57 30.28
N ILE F 501 53.18 38.70 31.23
CA ILE F 501 52.49 38.65 32.51
C ILE F 501 53.47 38.68 33.67
N GLU F 502 53.17 39.49 34.70
CA GLU F 502 53.78 39.41 36.02
C GLU F 502 52.75 38.82 36.97
N LEU F 503 53.11 37.77 37.71
CA LEU F 503 52.20 37.16 38.69
C LEU F 503 52.85 37.14 40.09
N LYS F 504 52.12 37.61 41.11
CA LYS F 504 52.55 37.53 42.51
C LYS F 504 51.51 36.73 43.31
N GLY F 505 51.93 35.65 43.96
CA GLY F 505 51.07 34.84 44.81
C GLY F 505 51.49 34.97 46.27
N ILE F 506 50.52 35.10 47.18
CA ILE F 506 50.78 35.32 48.60
C ILE F 506 49.83 34.45 49.42
N ASP F 507 50.28 34.05 50.62
CA ASP F 507 49.49 33.43 51.68
C ASP F 507 49.10 32.00 51.34
N PHE F 508 49.96 31.28 50.61
CA PHE F 508 49.65 29.89 50.30
C PHE F 508 50.19 29.02 51.42
N LYS F 509 49.50 27.89 51.66
CA LYS F 509 50.00 26.85 52.55
C LYS F 509 51.00 25.98 51.78
N GLU F 510 52.20 25.81 52.35
CA GLU F 510 53.26 25.02 51.75
C GLU F 510 52.80 23.57 51.52
N ASP F 511 51.86 23.11 52.36
CA ASP F 511 51.36 21.75 52.31
C ASP F 511 49.95 21.72 51.72
N GLY F 512 49.50 22.84 51.13
CA GLY F 512 48.18 22.94 50.54
C GLY F 512 48.10 22.32 49.13
N ASN F 513 46.93 22.48 48.50
CA ASN F 513 46.66 21.86 47.21
C ASN F 513 47.54 22.44 46.13
N ILE F 514 47.96 23.69 46.28
CA ILE F 514 48.70 24.41 45.26
C ILE F 514 50.20 24.13 45.42
N LEU F 515 50.78 24.58 46.55
CA LEU F 515 52.23 24.46 46.67
C LEU F 515 52.65 23.01 46.89
N GLY F 516 51.70 22.14 47.28
CA GLY F 516 51.97 20.73 47.50
C GLY F 516 51.46 19.83 46.37
N HIS F 517 51.07 20.43 45.23
CA HIS F 517 50.75 19.73 43.99
C HIS F 517 49.75 18.61 44.21
N LYS F 518 48.51 18.95 44.58
CA LYS F 518 47.50 17.93 44.84
C LYS F 518 46.35 18.01 43.82
N LEU F 519 46.56 18.73 42.71
CA LEU F 519 45.50 18.96 41.74
C LEU F 519 45.68 18.07 40.52
N GLU F 520 44.58 17.48 40.05
CA GLU F 520 44.63 16.61 38.89
C GLU F 520 45.03 17.42 37.65
N TYR F 521 45.68 16.73 36.70
CA TYR F 521 46.12 17.40 35.49
C TYR F 521 45.01 17.31 34.44
N ASN F 522 43.96 18.12 34.61
CA ASN F 522 42.84 18.16 33.67
C ASN F 522 41.99 19.41 33.95
N TRP F 523 40.81 19.47 33.32
CA TRP F 523 39.86 20.58 33.44
C TRP F 523 38.46 20.05 33.72
N ASN F 524 38.40 18.82 34.29
CA ASN F 524 37.16 18.04 34.37
C ASN F 524 36.11 18.72 35.23
N ALA F 525 36.55 19.37 36.32
CA ALA F 525 35.67 20.02 37.26
C ALA F 525 34.81 21.08 36.59
N ASN F 526 35.20 21.51 35.39
CA ASN F 526 34.52 22.60 34.72
C ASN F 526 33.43 22.09 33.77
N LEU F 527 33.31 20.77 33.64
CA LEU F 527 32.39 20.18 32.67
C LEU F 527 30.93 20.26 33.13
N ALA F 528 30.62 19.81 34.35
CA ALA F 528 29.24 19.71 34.84
C ALA F 528 28.69 21.07 35.32
N PRO F 529 27.70 21.66 34.62
CA PRO F 529 27.28 23.02 34.91
C PRO F 529 26.62 23.08 36.29
N ASN F 530 26.56 24.28 36.90
CA ASN F 530 26.15 24.37 38.29
C ASN F 530 25.05 25.43 38.48
N LEU F 531 24.56 26.03 37.39
CA LEU F 531 23.40 26.91 37.46
C LEU F 531 22.11 26.20 37.04
N PRO F 532 20.95 26.56 37.63
CA PRO F 532 19.66 25.95 37.25
C PRO F 532 19.31 26.11 35.77
N THR F 533 19.83 27.15 35.13
CA THR F 533 19.50 27.47 33.76
C THR F 533 20.07 26.42 32.80
N ALA F 534 20.97 25.56 33.28
CA ALA F 534 21.58 24.56 32.42
C ALA F 534 20.76 23.28 32.42
N TYR F 535 19.68 23.23 33.21
CA TYR F 535 18.94 21.99 33.38
C TYR F 535 17.44 22.19 33.11
N VAL F 536 17.13 23.05 32.14
CA VAL F 536 15.74 23.36 31.83
C VAL F 536 15.00 22.07 31.47
N LYS F 537 15.65 21.20 30.70
CA LYS F 537 15.06 19.93 30.27
C LYS F 537 14.57 19.11 31.48
N ASP F 538 15.25 19.24 32.63
CA ASP F 538 14.95 18.43 33.79
C ASP F 538 14.07 19.19 34.81
N GLN F 539 13.76 20.47 34.54
CA GLN F 539 13.02 21.29 35.47
C GLN F 539 11.56 20.86 35.51
N ILE F 540 10.93 20.98 36.69
CA ILE F 540 9.50 20.86 36.87
C ILE F 540 9.02 22.08 37.65
N THR F 541 8.04 22.81 37.11
CA THR F 541 7.60 24.06 37.68
C THR F 541 6.65 23.80 38.84
N LEU F 542 7.03 24.27 40.03
CA LEU F 542 6.13 24.19 41.18
C LEU F 542 5.02 25.22 41.06
N ASP F 543 3.79 24.82 41.38
CA ASP F 543 2.67 25.68 41.05
C ASP F 543 2.33 26.53 42.26
N PHE F 544 2.86 27.74 42.26
CA PHE F 544 2.77 28.60 43.41
C PHE F 544 1.38 29.25 43.50
N ALA F 545 0.65 29.28 42.39
CA ALA F 545 -0.71 29.79 42.40
C ALA F 545 -1.61 28.76 43.12
N TYR F 546 -1.37 27.47 42.83
CA TYR F 546 -2.05 26.38 43.51
C TYR F 546 -1.79 26.49 45.01
N TRP F 547 -0.52 26.76 45.38
CA TRP F 547 -0.16 26.81 46.79
C TRP F 547 -0.70 28.09 47.44
N ALA F 548 -0.81 29.18 46.67
CA ALA F 548 -1.42 30.36 47.25
C ALA F 548 -2.83 30.04 47.73
N LYS F 549 -3.63 29.36 46.87
CA LYS F 549 -5.03 29.09 47.16
C LYS F 549 -5.16 28.00 48.21
N ASN F 550 -4.35 26.92 48.14
CA ASN F 550 -4.62 25.73 48.92
C ASN F 550 -3.73 25.59 50.15
N GLY F 551 -2.67 26.40 50.22
CA GLY F 551 -1.68 26.40 51.28
C GLY F 551 -2.28 26.26 52.68
N PRO F 552 -3.17 27.17 53.16
CA PRO F 552 -3.75 27.02 54.50
C PRO F 552 -4.31 25.63 54.81
N ALA F 553 -5.09 25.08 53.86
CA ALA F 553 -5.70 23.78 54.06
C ALA F 553 -4.67 22.66 54.11
N ILE F 554 -3.64 22.75 53.26
CA ILE F 554 -2.58 21.75 53.25
C ILE F 554 -1.83 21.84 54.57
N ALA F 555 -1.49 23.05 55.01
CA ALA F 555 -0.77 23.27 56.25
C ALA F 555 -1.44 22.54 57.39
N THR F 556 -2.76 22.76 57.56
CA THR F 556 -3.53 22.09 58.60
C THR F 556 -3.30 20.59 58.50
N ARG F 557 -3.52 20.02 57.30
CA ARG F 557 -3.40 18.59 57.12
C ARG F 557 -1.96 18.12 57.41
N TRP F 558 -0.97 18.92 57.00
CA TRP F 558 0.44 18.58 57.09
C TRP F 558 0.87 18.55 58.56
N ASN F 559 0.47 19.58 59.33
CA ASN F 559 0.81 19.73 60.74
C ASN F 559 0.21 18.56 61.53
N GLU F 560 -1.06 18.21 61.25
CA GLU F 560 -1.72 17.08 61.88
C GLU F 560 -0.91 15.80 61.60
N TRP F 561 -0.48 15.62 60.35
CA TRP F 561 0.18 14.41 59.91
C TRP F 561 1.56 14.29 60.54
N LEU F 562 2.06 15.39 61.09
CA LEU F 562 3.47 15.49 61.42
C LEU F 562 3.65 14.90 62.85
#